data_8DQX
#
_entry.id   8DQX
#
_cell.length_a   1.00
_cell.length_b   1.00
_cell.length_c   1.00
_cell.angle_alpha   90.00
_cell.angle_beta   90.00
_cell.angle_gamma   90.00
#
_symmetry.space_group_name_H-M   'P 1'
#
loop_
_entity.id
_entity.type
_entity.pdbx_description
1 polymer 'Replication factor C subunit 1'
2 polymer 'Replication factor C subunit 4'
3 polymer 'Replication factor C subunit 3'
4 polymer 'Replication factor C subunit 2'
5 polymer 'Replication factor C subunit 5'
6 polymer 'Proliferating cell nuclear antigen'
7 polymer "DNA (5'-D(*TP*TP*TP*TP*TP*T)-3')"
8 polymer "DNA (5'-D(P*TP*CP*CP*GP*AP*GP*CP*GP*AP*A)-3')"
9 polymer "DNA (5'-D(P*TP*TP*TP*GP*CP*CP*CP*GP*GP*A)-3')"
10 non-polymer 'PHOSPHOTHIOPHOSPHORIC ACID-ADENYLATE ESTER'
11 non-polymer 'MAGNESIUM ION'
12 non-polymer "GUANOSINE-5'-DIPHOSPHATE"
13 water water
#
loop_
_entity_poly.entity_id
_entity_poly.type
_entity_poly.pdbx_seq_one_letter_code
_entity_poly.pdbx_strand_id
1 'polypeptide(L)'
;MVNISDFFGKNKKSVRSSTSRPTRQVGSSKPEVIDLDTESDQESTNKTPKKMPVSNVIDVSETPEGEKKLPLPAKRKASS
PTVKPASSKKTKPSSKSSDSASNITAQDVLDKIPSLDLSNVHVKENAKFDFKSANSNADPDEIVSEIGSFPEGKPNCLLG
LTIVFTGVLPTLERGASEALAKRYGARVTKSISSKTSVVVLGDEAGPKKLEKIKQLKIKAIDEEGFKQLIAGMPAEGGDG
EAAEKARRKLEEQHNIATKEAELLVKKEEERSKKLAATRVSGGHLERDNVVREEDKLWTVKYAPTNLQQVCGNKGSVMKL
KNWLANWENSKKNSFKHAGKDGSGVFRAAMLYGPPGIGKTTAAHLVAQELGYDILEQNASDVRSKTLLNAGVKNALDNMS
VVGYFKHNEEAQNLNGKHFVIIMDEVDGMSGGDRGGVGQLAQFCRKTSTPLILICNERNLPKMRPFDRVCLDIQFRRPDA
NSIKSRLMTIAIREKFKLDPNVIDRLIQTTRGDIRQVINLLSTISTTTKTINHENINEISKAWEKNIALKPFDIAHKMLD
GQIYSDIGSRNFTLNDKIALYFDDFDFTPLMIQENYLSTRPSVLKPGQSHLEAVAEAANCISLGDIVEKKIRSSEQLWSL
LPLHAVLSSVYPASKVAGHMAGRINFTAWLGQNSKSAKYYRLLQEIHYHTRLGTSTDKIGLRLDYLPTFRKRLLDPFLKQ
GADAISSVIEVMDDYYLTKEDWDSIMEFFVGPDVTTAIIKKIPATVKSGFTRKYNSMTHPVAIYRTGSTIGGGGVGTSTS
TPDFEDVVDADDNPVPADDEETQDSSTDLKKDKLIKQKAKPTKRKTATSKPGGSKKRKTKA
;
A
2 'polypeptide(L)'
;MSKTLSLQLPWVEKYRPQVLSDIVGNKETIDRLQQIAKDGNMPHMIISGMPGIGKTTSVHCLAHELLGRSYADGVLELNA
SDDRGIDVVRNQIKHFAQKKLHLPPGKHKIVILDEADSMTAGAQQALRRTMELYSNSTRFAFACNQSNKIIEPLQSRCAI
LRYSKLSDEDVLKRLLQIIKLEDVKYTNDGLEAIIFTAEGDMRQAINNLQSTVAGHGLVNADNVFKIVDSPHPLIVKKML
LASNLEDSIQILRTDLWKKGYSSIDIVTTSFRVTKNLAQVKESVRLEMIKEIGLTHMRILEGVGTYLQLASMLAKIHKLN
NKA
;
B
3 'polypeptide(L)'
;MSTSTEKRSKENLPWVEKYRPETLDEVYGQNEVITTVRKFVDEGKLPHLLFYGPPGTGKTSTIVALAREIYGKNYSNMVL
ELNASDDRGIDVVRNQIKDFASTRQIFSKGFKLIILDEADAMTNAAQNALRRVIERYTKNTRFCVLANYAHKLTPALLSR
CTRFRFQPLPQEAIERRIANVLVHEKLKLSPNAEKALIELSNGDMRRVLNVLQSCKATLDNPDEDEISDDVIYECCGAPR
PSDLKAVLKSILEDDWGTAHYTLNKVRSAKGLALIDLIEGIVKILEDYELQNEETRVHLLTKLADIEYSISKGGNDQIQG
SAVIGAIKASFENETVKANV
;
C
4 'polypeptide(L)'
;MFEGFGPNKKRKISKLAAEQSLAQQPWVEKYRPKNLDEVTAQDHAVTVLKKTLKSANLPHMLFYGPPGTGKTSTILALTK
ELYGPDLMKSRILELNASDERGISIVREKVKNFARLTVSKPSKHDLENYPCPPYKIIILDEADSMTADAQSALRRTMETY
SGVTRFCLICNYVTRIIDPLASRCSKFRFKALDASNAIDRLRFISEQENVKCDDGVLERILDISAGDLRRGITLLQSASK
GAQYLGDGKNITSTQVEELAGVVPHDILIEIVEKVKSGDFDEIKKYVNTFMKSGWSAASVVNQLHEYYITNDNFDTNFKN
QISWLLFTTDSRLNNGTNEHIQLLNLLVKISQL
;
D
5 'polypeptide(L)'
;MSLWVDKYRPKSLNALSHNEELTNFLKSLSDQPRDLPHLLLYGPNGTGKKTRCMALLESIFGPGVYRLKIDVRQFVTASN
RKLELNVVSSPYHLEITPSDMGNNDRIVIQELLKEVAQMEQVDFQDSKDGLAHRYKCVIINEANSLTKDAQAALRRTMEK
YSKNIRLIMVCDSMSPIIAPIKSRCLLIRCPAPSDSEISTILSDVVTNERIQLETKDILKRIAQASNGNLRVSLLMLESM
ALNNELALKSSSPIIKPDWIIVIHKLTRKIVKERSVNSLIECRAVLYDLLAHCIPANIILKELTFSLLDVETLNTTNKSS
IIEYSSVFDERLSLGNKAIFHLEGFIAKVMCCLD
;
E
6 'polypeptide(L)'
;SMLEAKFEEASLFKRIIDGFKDCVQLVNFQCKEDGIIAQAVDDSRVLLVSLEIGVEAFQEYRCDHPVTLGMDLTSLSKIL
RCGNNTDTLTLIADNTPDSIILLFEDTKKDRIAEYSLKLMDIDADFLKIEELQYDSTLSLPSSEFSKIVRDLSQLSDSIN
IMITKETIKFVADGDIGSGSVIIKPFVDMEHPETSIKLEMDQPVDLTFGAKYLLDIIKGSSLSDRVGIRLSSEAPALFQF
DLKSGFLQFFLAPKFNDEE
;
F,G,H
7 'polydeoxyribonucleotide' (DT)(DT)(DT)(DT)(DT)(DT) I
8 'polydeoxyribonucleotide' (DT)(DC)(DC)(DG)(DA)(DG)(DC)(DG)(DA)(DA) J
9 'polydeoxyribonucleotide' (DT)(DT)(DT)(DG)(DC)(DC)(DC)(DG)(DG)(DA) K
#
loop_
_chem_comp.id
_chem_comp.type
_chem_comp.name
_chem_comp.formula
AGS non-polymer 'PHOSPHOTHIOPHOSPHORIC ACID-ADENYLATE ESTER' 'C10 H16 N5 O12 P3 S'
DA DNA linking 2'-DEOXYADENOSINE-5'-MONOPHOSPHATE 'C10 H14 N5 O6 P'
DC DNA linking 2'-DEOXYCYTIDINE-5'-MONOPHOSPHATE 'C9 H14 N3 O7 P'
DG DNA linking 2'-DEOXYGUANOSINE-5'-MONOPHOSPHATE 'C10 H14 N5 O7 P'
DT DNA linking THYMIDINE-5'-MONOPHOSPHATE 'C10 H15 N2 O8 P'
GDP RNA linking GUANOSINE-5'-DIPHOSPHATE 'C10 H15 N5 O11 P2'
MG non-polymer 'MAGNESIUM ION' 'Mg 2'
#
# COMPACT_ATOMS: atom_id res chain seq x y z
N VAL A 290 -16.50 -48.75 -19.52
CA VAL A 290 -15.06 -48.72 -19.66
C VAL A 290 -14.40 -48.64 -18.28
N VAL A 291 -14.94 -47.77 -17.43
CA VAL A 291 -14.38 -47.56 -16.10
C VAL A 291 -14.97 -48.61 -15.16
N ARG A 292 -14.09 -49.38 -14.53
CA ARG A 292 -14.54 -50.39 -13.57
C ARG A 292 -15.23 -49.73 -12.39
N GLU A 293 -16.08 -50.51 -11.71
CA GLU A 293 -16.78 -50.00 -10.55
C GLU A 293 -15.86 -49.88 -9.35
N GLU A 294 -14.83 -50.71 -9.28
CA GLU A 294 -13.85 -50.67 -8.21
C GLU A 294 -12.77 -49.62 -8.44
N ASP A 295 -12.93 -48.77 -9.45
CA ASP A 295 -12.06 -47.63 -9.68
C ASP A 295 -12.72 -46.31 -9.36
N LYS A 296 -13.98 -46.33 -8.94
CA LYS A 296 -14.77 -45.13 -8.73
C LYS A 296 -14.80 -44.76 -7.26
N LEU A 297 -14.85 -43.46 -6.99
CA LEU A 297 -15.10 -43.01 -5.63
C LEU A 297 -16.45 -43.52 -5.16
N TRP A 298 -16.54 -43.89 -3.89
CA TRP A 298 -17.80 -44.38 -3.34
C TRP A 298 -18.91 -43.35 -3.53
N THR A 299 -18.58 -42.07 -3.44
CA THR A 299 -19.60 -41.03 -3.62
C THR A 299 -20.17 -41.03 -5.03
N VAL A 300 -19.45 -41.59 -5.99
CA VAL A 300 -19.95 -41.67 -7.36
C VAL A 300 -20.74 -42.95 -7.59
N LYS A 301 -20.19 -44.10 -7.18
CA LYS A 301 -20.87 -45.37 -7.41
C LYS A 301 -22.15 -45.50 -6.60
N TYR A 302 -22.28 -44.75 -5.51
CA TYR A 302 -23.49 -44.78 -4.68
C TYR A 302 -24.29 -43.49 -4.79
N ALA A 303 -24.09 -42.73 -5.85
CA ALA A 303 -24.87 -41.51 -6.03
C ALA A 303 -26.34 -41.86 -6.26
N PRO A 304 -27.28 -41.05 -5.73
CA PRO A 304 -28.69 -41.29 -6.05
C PRO A 304 -28.93 -41.22 -7.56
N THR A 305 -29.77 -42.14 -8.04
CA THR A 305 -30.15 -42.16 -9.45
C THR A 305 -31.57 -41.64 -9.68
N ASN A 306 -32.34 -41.45 -8.62
CA ASN A 306 -33.69 -40.92 -8.75
C ASN A 306 -34.05 -40.23 -7.44
N LEU A 307 -35.10 -39.39 -7.50
CA LEU A 307 -35.42 -38.55 -6.34
C LEU A 307 -35.78 -39.40 -5.12
N GLN A 308 -36.24 -40.63 -5.31
CA GLN A 308 -36.52 -41.48 -4.16
C GLN A 308 -35.26 -41.79 -3.38
N GLN A 309 -34.15 -42.04 -4.08
CA GLN A 309 -32.90 -42.42 -3.42
C GLN A 309 -32.25 -41.29 -2.66
N VAL A 310 -32.72 -40.05 -2.81
CA VAL A 310 -32.18 -38.94 -2.04
C VAL A 310 -32.67 -39.04 -0.60
N CYS A 311 -31.75 -38.85 0.35
CA CYS A 311 -32.06 -38.96 1.76
C CYS A 311 -32.34 -37.59 2.35
N GLY A 312 -33.36 -37.53 3.22
CA GLY A 312 -33.69 -36.30 3.90
C GLY A 312 -34.28 -35.23 2.99
N ASN A 313 -34.75 -34.13 3.57
CA ASN A 313 -35.21 -32.97 2.81
C ASN A 313 -36.26 -33.36 1.78
N LYS A 314 -37.13 -34.30 2.14
CA LYS A 314 -38.15 -34.77 1.21
C LYS A 314 -39.11 -33.64 0.85
N GLY A 315 -39.49 -32.82 1.83
CA GLY A 315 -40.34 -31.68 1.54
C GLY A 315 -39.70 -30.69 0.59
N SER A 316 -38.41 -30.42 0.76
CA SER A 316 -37.71 -29.51 -0.14
C SER A 316 -37.66 -30.05 -1.56
N VAL A 317 -37.37 -31.35 -1.70
CA VAL A 317 -37.33 -31.96 -3.03
C VAL A 317 -38.71 -31.90 -3.67
N MET A 318 -39.76 -32.13 -2.89
CA MET A 318 -41.11 -32.06 -3.45
C MET A 318 -41.45 -30.64 -3.85
N LYS A 319 -41.04 -29.66 -3.05
CA LYS A 319 -41.22 -28.26 -3.43
C LYS A 319 -40.58 -27.97 -4.77
N LEU A 320 -39.32 -28.40 -4.94
CA LEU A 320 -38.62 -28.16 -6.21
C LEU A 320 -39.32 -28.84 -7.37
N LYS A 321 -39.73 -30.11 -7.17
CA LYS A 321 -40.39 -30.85 -8.24
C LYS A 321 -41.71 -30.22 -8.62
N ASN A 322 -42.51 -29.79 -7.64
CA ASN A 322 -43.76 -29.11 -7.94
C ASN A 322 -43.49 -27.82 -8.71
N TRP A 323 -42.51 -27.04 -8.27
CA TRP A 323 -42.19 -25.79 -8.96
C TRP A 323 -41.87 -26.05 -10.43
N LEU A 324 -41.01 -27.03 -10.70
CA LEU A 324 -40.58 -27.24 -12.08
C LEU A 324 -41.69 -27.88 -12.92
N ALA A 325 -42.52 -28.74 -12.32
CA ALA A 325 -43.54 -29.44 -13.10
C ALA A 325 -44.59 -28.49 -13.64
N ASN A 326 -44.95 -27.46 -12.87
CA ASN A 326 -45.97 -26.50 -13.26
C ASN A 326 -45.38 -25.24 -13.88
N TRP A 327 -44.10 -25.26 -14.24
CA TRP A 327 -43.46 -24.05 -14.74
C TRP A 327 -44.11 -23.54 -16.01
N GLU A 328 -44.44 -24.45 -16.94
CA GLU A 328 -45.07 -24.02 -18.19
C GLU A 328 -46.46 -23.44 -17.95
N ASN A 329 -47.25 -24.07 -17.07
CA ASN A 329 -48.56 -23.54 -16.77
C ASN A 329 -48.47 -22.15 -16.16
N SER A 330 -47.52 -21.96 -15.23
CA SER A 330 -47.34 -20.65 -14.60
C SER A 330 -46.81 -19.63 -15.59
N LYS A 331 -46.03 -20.08 -16.58
CA LYS A 331 -45.58 -19.20 -17.64
C LYS A 331 -46.75 -18.74 -18.50
N LYS A 332 -47.71 -19.63 -18.77
CA LYS A 332 -48.85 -19.24 -19.60
C LYS A 332 -49.63 -18.10 -18.98
N ASN A 333 -49.45 -17.83 -17.69
CA ASN A 333 -50.12 -16.73 -17.00
C ASN A 333 -49.15 -15.61 -16.61
N SER A 334 -48.07 -15.45 -17.38
CA SER A 334 -47.06 -14.44 -17.11
C SER A 334 -46.54 -14.51 -15.68
N PHE A 335 -46.66 -15.68 -15.05
CA PHE A 335 -46.22 -15.89 -13.67
C PHE A 335 -46.92 -14.91 -12.72
N LYS A 336 -48.18 -14.58 -13.02
CA LYS A 336 -48.94 -13.67 -12.17
C LYS A 336 -49.91 -14.40 -11.23
N HIS A 337 -50.18 -15.67 -11.48
CA HIS A 337 -51.07 -16.46 -10.64
C HIS A 337 -50.27 -17.52 -9.90
N ALA A 338 -50.39 -17.54 -8.58
CA ALA A 338 -49.71 -18.51 -7.73
C ALA A 338 -50.74 -19.41 -7.05
N GLY A 339 -50.45 -20.71 -7.02
CA GLY A 339 -51.34 -21.69 -6.45
C GLY A 339 -51.30 -21.72 -4.94
N LYS A 340 -51.63 -22.88 -4.37
CA LYS A 340 -51.62 -23.02 -2.92
C LYS A 340 -50.22 -22.83 -2.36
N ASP A 341 -49.21 -23.41 -3.00
CA ASP A 341 -47.84 -23.31 -2.52
C ASP A 341 -47.21 -21.96 -2.81
N GLY A 342 -47.83 -21.14 -3.65
CA GLY A 342 -47.27 -19.82 -3.94
C GLY A 342 -46.08 -19.83 -4.86
N SER A 343 -45.88 -20.90 -5.63
CA SER A 343 -44.69 -21.06 -6.46
C SER A 343 -44.90 -20.59 -7.89
N GLY A 344 -46.10 -20.14 -8.25
CA GLY A 344 -46.39 -19.79 -9.63
C GLY A 344 -45.96 -18.41 -10.07
N VAL A 345 -45.34 -17.63 -9.18
CA VAL A 345 -44.91 -16.27 -9.50
C VAL A 345 -43.39 -16.17 -9.54
N PHE A 346 -42.68 -17.29 -9.59
CA PHE A 346 -41.23 -17.31 -9.60
C PHE A 346 -40.77 -18.04 -10.85
N ARG A 347 -39.97 -17.37 -11.68
CA ARG A 347 -39.34 -18.03 -12.80
C ARG A 347 -38.06 -18.76 -12.39
N ALA A 348 -37.50 -18.42 -11.25
CA ALA A 348 -36.23 -18.98 -10.78
C ALA A 348 -36.41 -19.55 -9.39
N ALA A 349 -35.61 -20.56 -9.09
CA ALA A 349 -35.56 -21.17 -7.78
C ALA A 349 -34.13 -21.13 -7.25
N MET A 350 -33.98 -20.88 -5.95
CA MET A 350 -32.69 -20.79 -5.29
C MET A 350 -32.65 -21.84 -4.19
N LEU A 351 -31.80 -22.85 -4.34
CA LEU A 351 -31.60 -23.87 -3.33
C LEU A 351 -30.43 -23.48 -2.44
N TYR A 352 -30.56 -23.74 -1.14
CA TYR A 352 -29.45 -23.42 -0.25
C TYR A 352 -29.42 -24.38 0.94
N GLY A 353 -28.22 -24.50 1.52
CA GLY A 353 -27.97 -25.41 2.61
C GLY A 353 -26.50 -25.72 2.75
N PRO A 354 -26.12 -26.42 3.82
CA PRO A 354 -24.69 -26.68 4.09
C PRO A 354 -24.12 -27.73 3.17
N PRO A 355 -22.80 -27.96 3.23
CA PRO A 355 -22.13 -28.81 2.23
C PRO A 355 -22.56 -30.27 2.25
N GLY A 356 -22.53 -30.88 1.07
CA GLY A 356 -22.64 -32.31 0.92
C GLY A 356 -23.93 -32.91 1.44
N ILE A 357 -25.07 -32.27 1.16
CA ILE A 357 -26.36 -32.75 1.62
C ILE A 357 -27.31 -33.10 0.48
N GLY A 358 -26.99 -32.76 -0.76
CA GLY A 358 -27.76 -33.24 -1.90
C GLY A 358 -28.36 -32.18 -2.80
N LYS A 359 -27.82 -30.96 -2.77
CA LYS A 359 -28.39 -29.87 -3.54
C LYS A 359 -28.16 -30.07 -5.05
N THR A 360 -26.89 -30.17 -5.45
CA THR A 360 -26.59 -30.40 -6.86
C THR A 360 -27.25 -31.67 -7.37
N THR A 361 -27.22 -32.74 -6.57
CA THR A 361 -27.89 -33.98 -6.92
C THR A 361 -29.36 -33.73 -7.21
N ALA A 362 -30.03 -33.03 -6.30
CA ALA A 362 -31.46 -32.80 -6.44
C ALA A 362 -31.78 -32.00 -7.70
N ALA A 363 -31.01 -30.93 -7.94
CA ALA A 363 -31.28 -30.11 -9.12
C ALA A 363 -31.15 -30.91 -10.41
N HIS A 364 -30.04 -31.64 -10.55
CA HIS A 364 -29.85 -32.41 -11.77
C HIS A 364 -30.92 -33.48 -11.92
N LEU A 365 -31.28 -34.15 -10.82
CA LEU A 365 -32.25 -35.23 -10.90
C LEU A 365 -33.64 -34.72 -11.24
N VAL A 366 -34.05 -33.58 -10.67
CA VAL A 366 -35.36 -33.04 -11.00
C VAL A 366 -35.40 -32.63 -12.47
N ALA A 367 -34.35 -31.96 -12.95
CA ALA A 367 -34.31 -31.57 -14.36
C ALA A 367 -34.42 -32.79 -15.27
N GLN A 368 -33.72 -33.88 -14.93
CA GLN A 368 -33.79 -35.06 -15.77
C GLN A 368 -35.15 -35.74 -15.68
N GLU A 369 -35.72 -35.81 -14.47
CA GLU A 369 -37.00 -36.50 -14.29
C GLU A 369 -38.10 -35.81 -15.08
N LEU A 370 -38.10 -34.48 -15.10
CA LEU A 370 -39.10 -33.78 -15.90
C LEU A 370 -38.73 -33.69 -17.37
N GLY A 371 -37.60 -34.25 -17.78
CA GLY A 371 -37.27 -34.38 -19.20
C GLY A 371 -36.73 -33.14 -19.87
N TYR A 372 -36.07 -32.26 -19.12
CA TYR A 372 -35.46 -31.07 -19.68
C TYR A 372 -34.01 -31.36 -20.08
N ASP A 373 -33.50 -30.59 -21.03
CA ASP A 373 -32.06 -30.56 -21.27
C ASP A 373 -31.44 -29.57 -20.28
N ILE A 374 -30.22 -29.87 -19.85
CA ILE A 374 -29.55 -29.15 -18.76
C ILE A 374 -28.38 -28.35 -19.32
N LEU A 375 -28.33 -27.07 -18.99
CA LEU A 375 -27.16 -26.23 -19.21
C LEU A 375 -26.62 -25.82 -17.84
N GLU A 376 -25.36 -26.14 -17.58
CA GLU A 376 -24.76 -25.96 -16.27
C GLU A 376 -23.55 -25.04 -16.35
N GLN A 377 -23.44 -24.14 -15.38
CA GLN A 377 -22.20 -23.39 -15.13
C GLN A 377 -21.93 -23.36 -13.64
N ASN A 378 -20.67 -23.19 -13.28
CA ASN A 378 -20.24 -23.26 -11.89
C ASN A 378 -19.07 -22.31 -11.68
N ALA A 379 -18.41 -22.44 -10.52
CA ALA A 379 -17.33 -21.52 -10.16
C ALA A 379 -16.05 -21.77 -10.95
N SER A 380 -15.95 -22.89 -11.66
CA SER A 380 -14.84 -23.11 -12.56
C SER A 380 -15.00 -22.36 -13.88
N ASP A 381 -16.17 -21.78 -14.13
CA ASP A 381 -16.43 -20.95 -15.28
C ASP A 381 -16.29 -19.48 -14.92
N VAL A 382 -16.04 -18.67 -15.93
CA VAL A 382 -16.03 -17.21 -15.77
C VAL A 382 -17.46 -16.71 -15.92
N ARG A 383 -18.01 -16.16 -14.84
CA ARG A 383 -19.41 -15.74 -14.83
C ARG A 383 -19.50 -14.24 -14.55
N SER A 384 -18.66 -13.46 -15.21
CA SER A 384 -18.73 -12.01 -15.11
C SER A 384 -19.90 -11.48 -15.93
N LYS A 385 -20.20 -10.19 -15.75
CA LYS A 385 -21.31 -9.59 -16.49
C LYS A 385 -21.08 -9.70 -18.00
N THR A 386 -19.84 -9.43 -18.44
CA THR A 386 -19.52 -9.53 -19.85
C THR A 386 -19.73 -10.95 -20.38
N LEU A 387 -19.11 -11.93 -19.71
CA LEU A 387 -19.23 -13.31 -20.17
C LEU A 387 -20.66 -13.80 -20.09
N LEU A 388 -21.36 -13.47 -19.00
CA LEU A 388 -22.76 -13.88 -18.88
C LEU A 388 -23.59 -13.31 -20.02
N ASN A 389 -23.39 -12.04 -20.34
CA ASN A 389 -24.18 -11.40 -21.41
C ASN A 389 -23.82 -11.96 -22.78
N ALA A 390 -22.57 -12.36 -22.98
CA ALA A 390 -22.16 -12.91 -24.27
C ALA A 390 -22.41 -14.41 -24.39
N GLY A 391 -22.68 -15.10 -23.29
CA GLY A 391 -22.80 -16.54 -23.30
C GLY A 391 -24.19 -17.07 -23.01
N VAL A 392 -24.42 -17.45 -21.75
CA VAL A 392 -25.67 -18.10 -21.37
C VAL A 392 -26.90 -17.24 -21.65
N LYS A 393 -26.74 -15.92 -21.74
CA LYS A 393 -27.88 -15.06 -22.01
C LYS A 393 -28.66 -15.54 -23.24
N ASN A 394 -27.96 -15.91 -24.31
CA ASN A 394 -28.63 -16.28 -25.55
C ASN A 394 -29.47 -17.55 -25.40
N ALA A 395 -29.27 -18.32 -24.34
CA ALA A 395 -30.02 -19.55 -24.13
C ALA A 395 -31.27 -19.35 -23.29
N LEU A 396 -31.48 -18.16 -22.73
CA LEU A 396 -32.64 -17.94 -21.88
C LEU A 396 -33.95 -18.08 -22.66
N ASP A 397 -33.92 -17.88 -23.97
CA ASP A 397 -35.12 -17.95 -24.81
C ASP A 397 -34.82 -18.71 -26.10
N ASN A 398 -33.98 -19.73 -26.03
CA ASN A 398 -33.55 -20.50 -27.20
C ASN A 398 -33.80 -21.98 -26.98
N MET A 399 -34.23 -22.66 -28.03
CA MET A 399 -34.30 -24.11 -28.03
C MET A 399 -32.89 -24.70 -27.98
N SER A 400 -32.79 -25.94 -27.52
CA SER A 400 -31.53 -26.66 -27.44
C SER A 400 -31.40 -27.59 -28.63
N VAL A 401 -30.30 -27.46 -29.37
CA VAL A 401 -30.04 -28.34 -30.50
C VAL A 401 -29.76 -29.77 -30.02
N VAL A 402 -29.01 -29.90 -28.92
CA VAL A 402 -28.76 -31.21 -28.34
C VAL A 402 -30.06 -31.86 -27.91
N GLY A 403 -30.91 -31.10 -27.21
CA GLY A 403 -32.20 -31.63 -26.82
C GLY A 403 -33.05 -32.04 -28.01
N TYR A 404 -33.01 -31.23 -29.08
CA TYR A 404 -33.78 -31.56 -30.28
C TYR A 404 -33.31 -32.89 -30.86
N PHE A 405 -32.01 -33.04 -31.06
CA PHE A 405 -31.49 -34.23 -31.72
C PHE A 405 -31.49 -35.46 -30.82
N LYS A 406 -31.56 -35.29 -29.50
CA LYS A 406 -31.64 -36.45 -28.62
C LYS A 406 -33.01 -37.09 -28.70
N HIS A 407 -34.07 -36.29 -28.67
CA HIS A 407 -35.45 -36.79 -28.66
C HIS A 407 -36.19 -36.45 -29.95
N ASN A 408 -35.46 -36.36 -31.07
CA ASN A 408 -36.11 -36.12 -32.35
C ASN A 408 -37.03 -37.28 -32.72
N GLU A 409 -36.59 -38.51 -32.47
CA GLU A 409 -37.42 -39.67 -32.79
C GLU A 409 -38.58 -39.81 -31.82
N GLU A 410 -38.34 -39.51 -30.54
CA GLU A 410 -39.40 -39.64 -29.54
C GLU A 410 -40.58 -38.76 -29.89
N ALA A 411 -41.78 -39.33 -29.85
CA ALA A 411 -42.99 -38.59 -30.18
C ALA A 411 -43.58 -37.95 -28.94
N GLN A 412 -43.92 -36.67 -29.04
CA GLN A 412 -44.56 -35.93 -27.94
C GLN A 412 -43.65 -35.87 -26.72
N ASN A 413 -42.47 -35.28 -26.91
CA ASN A 413 -41.53 -35.00 -25.83
C ASN A 413 -41.42 -33.48 -25.73
N LEU A 414 -42.26 -32.89 -24.89
CA LEU A 414 -42.38 -31.43 -24.86
C LEU A 414 -41.18 -30.78 -24.20
N ASN A 415 -40.65 -31.40 -23.15
CA ASN A 415 -39.60 -30.78 -22.36
C ASN A 415 -38.20 -31.03 -22.91
N GLY A 416 -38.05 -31.99 -23.83
CA GLY A 416 -36.71 -32.38 -24.27
C GLY A 416 -35.97 -31.28 -24.98
N LYS A 417 -36.69 -30.35 -25.60
CA LYS A 417 -36.07 -29.28 -26.38
C LYS A 417 -35.84 -28.01 -25.57
N HIS A 418 -36.25 -27.97 -24.32
CA HIS A 418 -36.13 -26.79 -23.49
C HIS A 418 -35.01 -26.97 -22.47
N PHE A 419 -34.52 -25.85 -21.96
CA PHE A 419 -33.41 -25.82 -21.03
C PHE A 419 -33.89 -25.71 -19.59
N VAL A 420 -33.12 -26.31 -18.69
CA VAL A 420 -33.07 -25.92 -17.28
C VAL A 420 -31.65 -25.41 -17.04
N ILE A 421 -31.53 -24.12 -16.73
CA ILE A 421 -30.21 -23.52 -16.54
C ILE A 421 -29.86 -23.61 -15.07
N ILE A 422 -28.76 -24.30 -14.77
CA ILE A 422 -28.30 -24.48 -13.39
C ILE A 422 -27.06 -23.63 -13.20
N MET A 423 -27.13 -22.70 -12.26
CA MET A 423 -26.00 -21.86 -11.86
C MET A 423 -25.58 -22.33 -10.48
N ASP A 424 -24.61 -23.23 -10.44
CA ASP A 424 -24.12 -23.81 -9.21
C ASP A 424 -23.08 -22.90 -8.57
N GLU A 425 -23.01 -22.95 -7.24
CA GLU A 425 -21.94 -22.29 -6.49
C GLU A 425 -21.93 -20.78 -6.72
N VAL A 426 -23.11 -20.16 -6.54
CA VAL A 426 -23.20 -18.72 -6.68
C VAL A 426 -22.36 -18.01 -5.64
N ASP A 427 -22.27 -18.58 -4.44
CA ASP A 427 -21.47 -17.98 -3.37
C ASP A 427 -19.97 -18.01 -3.68
N GLY A 428 -19.55 -18.79 -4.67
CA GLY A 428 -18.16 -18.86 -5.05
C GLY A 428 -17.70 -17.84 -6.07
N MET A 429 -18.57 -16.91 -6.47
CA MET A 429 -18.25 -15.95 -7.51
C MET A 429 -17.44 -14.80 -6.93
N SER A 430 -16.12 -14.87 -7.09
CA SER A 430 -15.21 -13.86 -6.52
C SER A 430 -14.87 -12.84 -7.60
N GLY A 431 -13.83 -12.06 -7.35
CA GLY A 431 -13.42 -10.98 -8.23
C GLY A 431 -13.26 -11.34 -9.69
N GLY A 432 -13.12 -12.64 -9.97
CA GLY A 432 -13.11 -13.07 -11.36
C GLY A 432 -14.45 -13.04 -12.05
N ASP A 433 -15.49 -12.52 -11.39
CA ASP A 433 -16.85 -12.52 -11.91
C ASP A 433 -17.53 -11.18 -11.60
N ARG A 434 -16.84 -10.08 -11.88
CA ARG A 434 -17.38 -8.76 -11.56
C ARG A 434 -18.74 -8.54 -12.23
N GLY A 435 -19.71 -8.06 -11.45
CA GLY A 435 -21.04 -7.81 -11.94
C GLY A 435 -21.90 -9.05 -12.09
N GLY A 436 -21.37 -10.22 -11.73
CA GLY A 436 -22.08 -11.46 -12.03
C GLY A 436 -23.38 -11.62 -11.26
N VAL A 437 -23.36 -11.32 -9.96
CA VAL A 437 -24.53 -11.58 -9.12
C VAL A 437 -25.70 -10.69 -9.54
N GLY A 438 -25.44 -9.41 -9.80
CA GLY A 438 -26.50 -8.53 -10.28
C GLY A 438 -27.10 -9.00 -11.59
N GLN A 439 -26.23 -9.43 -12.53
CA GLN A 439 -26.73 -9.92 -13.81
C GLN A 439 -27.56 -11.18 -13.64
N LEU A 440 -27.15 -12.06 -12.72
CA LEU A 440 -27.94 -13.26 -12.45
C LEU A 440 -29.31 -12.90 -11.89
N ALA A 441 -29.38 -11.91 -11.00
CA ALA A 441 -30.68 -11.47 -10.52
C ALA A 441 -31.53 -10.94 -11.66
N GLN A 442 -30.94 -10.13 -12.54
CA GLN A 442 -31.65 -9.68 -13.72
C GLN A 442 -32.23 -10.87 -14.49
N PHE A 443 -31.40 -11.89 -14.74
CA PHE A 443 -31.89 -13.07 -15.45
C PHE A 443 -33.06 -13.71 -14.69
N CYS A 444 -32.94 -13.83 -13.38
CA CYS A 444 -34.03 -14.41 -12.59
C CYS A 444 -35.32 -13.67 -12.82
N ARG A 445 -35.25 -12.38 -13.15
CA ARG A 445 -36.48 -11.65 -13.48
C ARG A 445 -36.87 -11.78 -14.96
N LYS A 446 -35.90 -11.90 -15.86
CA LYS A 446 -36.16 -11.81 -17.30
C LYS A 446 -35.87 -13.09 -18.08
N THR A 447 -36.06 -14.26 -17.48
CA THR A 447 -35.79 -15.50 -18.18
C THR A 447 -37.09 -16.15 -18.66
N SER A 448 -37.03 -16.73 -19.86
CA SER A 448 -38.16 -17.47 -20.43
C SER A 448 -37.97 -18.97 -20.32
N THR A 449 -36.93 -19.44 -19.62
CA THR A 449 -36.71 -20.85 -19.36
C THR A 449 -36.38 -21.02 -17.88
N PRO A 450 -36.67 -22.18 -17.30
CA PRO A 450 -36.42 -22.37 -15.86
C PRO A 450 -34.95 -22.22 -15.50
N LEU A 451 -34.71 -21.58 -14.36
CA LEU A 451 -33.36 -21.33 -13.85
C LEU A 451 -33.30 -21.72 -12.38
N ILE A 452 -32.28 -22.50 -12.02
CA ILE A 452 -32.03 -22.92 -10.64
C ILE A 452 -30.65 -22.42 -10.24
N LEU A 453 -30.59 -21.68 -9.14
CA LEU A 453 -29.34 -21.23 -8.56
C LEU A 453 -29.05 -22.06 -7.31
N ILE A 454 -27.76 -22.22 -6.99
CA ILE A 454 -27.37 -22.95 -5.78
C ILE A 454 -26.29 -22.17 -5.04
N CYS A 455 -26.43 -22.11 -3.72
CA CYS A 455 -25.45 -21.45 -2.86
C CYS A 455 -25.40 -22.19 -1.53
N ASN A 456 -24.32 -21.98 -0.79
CA ASN A 456 -24.17 -22.54 0.55
C ASN A 456 -24.58 -21.57 1.65
N GLU A 457 -24.26 -20.28 1.50
CA GLU A 457 -24.51 -19.27 2.52
C GLU A 457 -25.54 -18.29 1.98
N ARG A 458 -26.82 -18.57 2.28
CA ARG A 458 -27.90 -17.75 1.75
C ARG A 458 -27.92 -16.37 2.39
N ASN A 459 -27.58 -16.28 3.67
CA ASN A 459 -27.70 -15.04 4.43
C ASN A 459 -26.56 -14.06 4.18
N LEU A 460 -25.61 -14.37 3.31
CA LEU A 460 -24.52 -13.46 3.05
C LEU A 460 -25.04 -12.16 2.46
N PRO A 461 -24.34 -11.04 2.67
CA PRO A 461 -24.82 -9.76 2.09
C PRO A 461 -24.86 -9.78 0.58
N LYS A 462 -23.85 -10.36 -0.07
CA LYS A 462 -23.80 -10.36 -1.53
C LYS A 462 -24.95 -11.14 -2.15
N MET A 463 -25.61 -12.01 -1.39
CA MET A 463 -26.76 -12.75 -1.91
C MET A 463 -28.06 -11.97 -1.77
N ARG A 464 -28.02 -10.75 -1.24
CA ARG A 464 -29.24 -9.96 -1.05
C ARG A 464 -30.01 -9.73 -2.35
N PRO A 465 -29.39 -9.41 -3.48
CA PRO A 465 -30.19 -9.08 -4.68
C PRO A 465 -31.21 -10.14 -5.05
N PHE A 466 -30.95 -11.42 -4.75
CA PHE A 466 -31.85 -12.51 -5.11
C PHE A 466 -33.13 -12.54 -4.27
N ASP A 467 -33.26 -11.66 -3.28
CA ASP A 467 -34.25 -11.86 -2.23
C ASP A 467 -35.66 -12.02 -2.77
N ARG A 468 -36.11 -11.08 -3.60
CA ARG A 468 -37.51 -11.02 -4.01
C ARG A 468 -37.78 -11.69 -5.34
N VAL A 469 -36.79 -12.30 -5.98
CA VAL A 469 -36.92 -12.80 -7.35
C VAL A 469 -36.67 -14.29 -7.47
N CYS A 470 -36.47 -14.99 -6.36
CA CYS A 470 -36.20 -16.43 -6.39
C CYS A 470 -37.13 -17.16 -5.43
N LEU A 471 -37.50 -18.38 -5.81
CA LEU A 471 -38.25 -19.27 -4.94
C LEU A 471 -37.24 -19.98 -4.05
N ASP A 472 -37.19 -19.58 -2.77
CA ASP A 472 -36.15 -20.08 -1.87
C ASP A 472 -36.52 -21.46 -1.35
N ILE A 473 -35.62 -22.42 -1.53
CA ILE A 473 -35.79 -23.78 -1.03
C ILE A 473 -34.61 -24.10 -0.13
N GLN A 474 -34.89 -24.30 1.16
CA GLN A 474 -33.89 -24.61 2.16
C GLN A 474 -33.65 -26.10 2.24
N PHE A 475 -32.38 -26.49 2.23
CA PHE A 475 -31.97 -27.86 2.53
C PHE A 475 -31.27 -27.85 3.87
N ARG A 476 -31.72 -28.71 4.78
CA ARG A 476 -31.15 -28.83 6.12
C ARG A 476 -30.30 -30.10 6.21
N ARG A 477 -29.53 -30.18 7.29
CA ARG A 477 -28.75 -31.37 7.55
C ARG A 477 -29.68 -32.58 7.71
N PRO A 478 -29.45 -33.67 6.99
CA PRO A 478 -30.29 -34.87 7.19
C PRO A 478 -29.98 -35.57 8.49
N ASP A 479 -31.00 -36.23 9.04
CA ASP A 479 -30.86 -36.96 10.29
C ASP A 479 -30.31 -38.36 10.03
N ALA A 480 -29.75 -38.95 11.09
CA ALA A 480 -29.11 -40.26 10.96
C ALA A 480 -30.09 -41.31 10.45
N ASN A 481 -31.36 -41.19 10.85
CA ASN A 481 -32.36 -42.18 10.42
C ASN A 481 -32.59 -42.12 8.92
N SER A 482 -32.53 -40.91 8.35
CA SER A 482 -32.78 -40.74 6.92
C SER A 482 -31.70 -41.37 6.05
N ILE A 483 -30.57 -41.75 6.64
CA ILE A 483 -29.44 -42.29 5.88
C ILE A 483 -28.88 -43.59 6.45
N LYS A 484 -29.50 -44.12 7.52
CA LYS A 484 -29.03 -45.37 8.12
C LYS A 484 -29.08 -46.50 7.12
N SER A 485 -30.22 -46.63 6.41
CA SER A 485 -30.39 -47.71 5.46
C SER A 485 -29.35 -47.63 4.35
N ARG A 486 -29.08 -46.42 3.86
CA ARG A 486 -28.09 -46.26 2.80
C ARG A 486 -26.71 -46.67 3.28
N LEU A 487 -26.31 -46.20 4.47
CA LEU A 487 -24.98 -46.52 4.98
C LEU A 487 -24.83 -48.02 5.21
N MET A 488 -25.87 -48.65 5.75
CA MET A 488 -25.79 -50.09 5.98
C MET A 488 -25.75 -50.86 4.67
N THR A 489 -26.50 -50.41 3.66
CA THR A 489 -26.42 -51.06 2.36
C THR A 489 -25.01 -50.95 1.80
N ILE A 490 -24.38 -49.79 1.95
CA ILE A 490 -22.99 -49.65 1.49
C ILE A 490 -22.11 -50.63 2.24
N ALA A 491 -22.30 -50.75 3.56
CA ALA A 491 -21.49 -51.68 4.33
C ALA A 491 -21.63 -53.10 3.82
N ILE A 492 -22.86 -53.53 3.51
CA ILE A 492 -23.05 -54.86 2.95
C ILE A 492 -22.32 -54.99 1.61
N ARG A 493 -22.50 -54.01 0.72
CA ARG A 493 -21.94 -54.13 -0.62
C ARG A 493 -20.41 -54.18 -0.59
N GLU A 494 -19.79 -53.38 0.27
CA GLU A 494 -18.33 -53.31 0.35
C GLU A 494 -17.75 -54.27 1.38
N LYS A 495 -18.59 -55.04 2.07
CA LYS A 495 -18.14 -56.15 2.92
C LYS A 495 -17.25 -55.66 4.07
N PHE A 496 -17.81 -54.78 4.90
CA PHE A 496 -17.21 -54.46 6.18
C PHE A 496 -18.33 -54.30 7.20
N LYS A 497 -17.99 -54.51 8.47
CA LYS A 497 -19.00 -54.55 9.53
C LYS A 497 -19.20 -53.16 10.11
N LEU A 498 -20.40 -52.62 9.94
CA LEU A 498 -20.80 -51.35 10.53
C LEU A 498 -21.86 -51.61 11.58
N ASP A 499 -21.57 -51.22 12.81
CA ASP A 499 -22.57 -51.28 13.87
C ASP A 499 -23.50 -50.09 13.74
N PRO A 500 -24.82 -50.30 13.57
CA PRO A 500 -25.70 -49.14 13.42
C PRO A 500 -25.65 -48.16 14.58
N ASN A 501 -25.40 -48.65 15.80
CA ASN A 501 -25.44 -47.78 16.97
C ASN A 501 -24.42 -46.65 16.91
N VAL A 502 -23.32 -46.83 16.17
CA VAL A 502 -22.32 -45.76 16.09
C VAL A 502 -22.62 -44.75 14.98
N ILE A 503 -23.56 -45.08 14.08
CA ILE A 503 -23.78 -44.21 12.92
C ILE A 503 -24.13 -42.80 13.38
N ASP A 504 -24.95 -42.67 14.42
CA ASP A 504 -25.29 -41.35 14.92
C ASP A 504 -24.04 -40.53 15.15
N ARG A 505 -23.07 -41.11 15.86
CA ARG A 505 -21.83 -40.39 16.14
C ARG A 505 -21.14 -39.98 14.84
N LEU A 506 -21.05 -40.91 13.89
CA LEU A 506 -20.49 -40.57 12.58
C LEU A 506 -21.21 -39.34 12.01
N ILE A 507 -22.54 -39.36 12.08
CA ILE A 507 -23.32 -38.24 11.56
C ILE A 507 -22.94 -36.96 12.28
N GLN A 508 -22.77 -37.04 13.60
CA GLN A 508 -22.32 -35.87 14.35
C GLN A 508 -20.91 -35.47 13.97
N THR A 509 -20.05 -36.45 13.70
CA THR A 509 -18.66 -36.15 13.36
C THR A 509 -18.58 -35.22 12.16
N THR A 510 -19.35 -35.52 11.12
CA THR A 510 -19.28 -34.78 9.87
C THR A 510 -20.33 -33.68 9.76
N ARG A 511 -21.11 -33.44 10.82
CA ARG A 511 -22.13 -32.39 10.82
C ARG A 511 -23.16 -32.60 9.72
N GLY A 512 -23.56 -33.86 9.52
CA GLY A 512 -24.58 -34.15 8.54
C GLY A 512 -24.13 -34.10 7.10
N ASP A 513 -22.81 -34.02 6.85
CA ASP A 513 -22.26 -34.04 5.50
C ASP A 513 -22.23 -35.48 5.00
N ILE A 514 -23.19 -35.83 4.13
CA ILE A 514 -23.29 -37.20 3.64
C ILE A 514 -22.10 -37.57 2.77
N ARG A 515 -21.67 -36.65 1.91
CA ARG A 515 -20.46 -36.90 1.11
C ARG A 515 -19.29 -37.22 2.03
N GLN A 516 -19.13 -36.48 3.12
CA GLN A 516 -18.01 -36.69 4.02
C GLN A 516 -18.14 -38.01 4.77
N VAL A 517 -19.35 -38.40 5.16
CA VAL A 517 -19.48 -39.67 5.86
C VAL A 517 -19.15 -40.84 4.93
N ILE A 518 -19.57 -40.75 3.67
CA ILE A 518 -19.20 -41.80 2.72
C ILE A 518 -17.70 -41.81 2.49
N ASN A 519 -17.08 -40.63 2.39
CA ASN A 519 -15.63 -40.58 2.25
C ASN A 519 -14.94 -41.21 3.45
N LEU A 520 -15.45 -40.93 4.65
CA LEU A 520 -14.88 -41.49 5.88
C LEU A 520 -14.96 -43.01 5.86
N LEU A 521 -16.11 -43.56 5.51
CA LEU A 521 -16.24 -45.02 5.46
C LEU A 521 -15.28 -45.60 4.43
N SER A 522 -15.22 -45.01 3.24
CA SER A 522 -14.30 -45.48 2.21
C SER A 522 -12.87 -45.52 2.73
N THR A 523 -12.42 -44.43 3.36
CA THR A 523 -11.02 -44.36 3.78
C THR A 523 -10.74 -45.32 4.93
N ILE A 524 -11.66 -45.39 5.90
CA ILE A 524 -11.40 -46.19 7.10
C ILE A 524 -11.42 -47.68 6.75
N SER A 525 -12.33 -48.10 5.88
CA SER A 525 -12.45 -49.53 5.58
C SER A 525 -11.25 -50.10 4.84
N THR A 526 -10.35 -49.26 4.34
CA THR A 526 -9.18 -49.78 3.64
C THR A 526 -8.43 -50.80 4.48
N THR A 527 -8.17 -50.46 5.75
CA THR A 527 -7.46 -51.36 6.65
C THR A 527 -8.29 -51.79 7.86
N THR A 528 -9.34 -51.06 8.22
CA THR A 528 -10.16 -51.36 9.39
C THR A 528 -11.52 -51.85 8.91
N LYS A 529 -11.77 -53.15 9.04
CA LYS A 529 -12.96 -53.76 8.48
C LYS A 529 -14.12 -53.85 9.47
N THR A 530 -14.02 -53.17 10.61
CA THR A 530 -15.11 -53.15 11.59
C THR A 530 -15.12 -51.80 12.29
N ILE A 531 -16.19 -51.05 12.11
CA ILE A 531 -16.39 -49.77 12.77
C ILE A 531 -17.46 -49.97 13.83
N ASN A 532 -17.08 -49.85 15.09
CA ASN A 532 -17.96 -50.20 16.20
C ASN A 532 -17.61 -49.33 17.41
N HIS A 533 -18.13 -49.73 18.58
CA HIS A 533 -17.92 -48.95 19.79
C HIS A 533 -16.47 -48.97 20.26
N GLU A 534 -15.66 -49.92 19.79
CA GLU A 534 -14.27 -49.98 20.23
C GLU A 534 -13.35 -49.04 19.47
N ASN A 535 -13.80 -48.46 18.35
CA ASN A 535 -12.97 -47.53 17.60
C ASN A 535 -13.67 -46.22 17.25
N ILE A 536 -14.95 -46.07 17.58
CA ILE A 536 -15.70 -44.91 17.10
C ILE A 536 -15.12 -43.62 17.68
N ASN A 537 -14.64 -43.67 18.93
CA ASN A 537 -14.17 -42.44 19.58
C ASN A 537 -13.01 -41.82 18.81
N GLU A 538 -11.98 -42.61 18.51
CA GLU A 538 -10.80 -42.03 17.87
C GLU A 538 -11.07 -41.68 16.41
N ILE A 539 -11.94 -42.45 15.74
CA ILE A 539 -12.35 -42.10 14.38
C ILE A 539 -13.05 -40.75 14.39
N SER A 540 -13.94 -40.55 15.35
CA SER A 540 -14.66 -39.28 15.45
C SER A 540 -13.71 -38.14 15.73
N LYS A 541 -12.75 -38.34 16.63
CA LYS A 541 -11.77 -37.30 16.90
C LYS A 541 -10.97 -36.94 15.65
N ALA A 542 -10.51 -37.97 14.92
CA ALA A 542 -9.61 -37.72 13.79
C ALA A 542 -10.32 -37.00 12.65
N TRP A 543 -11.63 -37.22 12.47
CA TRP A 543 -12.35 -36.74 11.30
C TRP A 543 -13.32 -35.60 11.64
N GLU A 544 -13.16 -34.97 12.79
CA GLU A 544 -14.13 -33.97 13.24
C GLU A 544 -14.12 -32.73 12.36
N LYS A 545 -15.31 -32.19 12.10
CA LYS A 545 -15.45 -31.01 11.26
C LYS A 545 -15.09 -29.77 12.06
N ASN A 546 -13.99 -29.13 11.68
CA ASN A 546 -13.55 -27.86 12.29
C ASN A 546 -13.91 -26.73 11.33
N ILE A 547 -15.16 -26.28 11.42
CA ILE A 547 -15.71 -25.28 10.53
C ILE A 547 -15.70 -23.94 11.22
N ALA A 548 -15.22 -22.91 10.52
CA ALA A 548 -15.30 -21.55 11.03
C ALA A 548 -16.76 -21.13 11.17
N LEU A 549 -17.02 -20.27 12.13
CA LEU A 549 -18.37 -19.77 12.39
C LEU A 549 -18.55 -18.40 11.77
N LYS A 550 -19.80 -18.04 11.54
CA LYS A 550 -20.16 -16.74 11.00
C LYS A 550 -20.39 -15.74 12.12
N PRO A 551 -20.41 -14.44 11.80
CA PRO A 551 -20.36 -13.43 12.87
C PRO A 551 -21.37 -13.60 13.99
N PHE A 552 -22.66 -13.75 13.69
CA PHE A 552 -23.62 -13.92 14.77
C PHE A 552 -23.30 -15.15 15.60
N ASP A 553 -22.87 -16.23 14.95
CA ASP A 553 -22.48 -17.44 15.68
C ASP A 553 -21.23 -17.20 16.51
N ILE A 554 -20.25 -16.48 15.97
CA ILE A 554 -19.05 -16.15 16.74
C ILE A 554 -19.43 -15.41 18.01
N ALA A 555 -20.31 -14.40 17.87
CA ALA A 555 -20.73 -13.63 19.03
C ALA A 555 -21.47 -14.51 20.03
N HIS A 556 -22.31 -15.42 19.55
CA HIS A 556 -23.05 -16.28 20.45
C HIS A 556 -22.12 -17.18 21.26
N LYS A 557 -21.17 -17.81 20.58
CA LYS A 557 -20.27 -18.74 21.27
C LYS A 557 -19.32 -17.99 22.20
N MET A 558 -18.79 -16.83 21.77
CA MET A 558 -17.84 -16.10 22.60
C MET A 558 -18.48 -15.62 23.89
N LEU A 559 -19.77 -15.33 23.89
CA LEU A 559 -20.46 -14.82 25.07
C LEU A 559 -21.14 -15.92 25.86
N ASP A 560 -20.93 -17.19 25.50
CA ASP A 560 -21.48 -18.31 26.26
C ASP A 560 -20.64 -18.54 27.51
N GLY A 561 -21.31 -18.66 28.66
CA GLY A 561 -20.60 -18.80 29.92
C GLY A 561 -19.95 -20.14 30.14
N GLN A 562 -20.39 -21.17 29.42
CA GLN A 562 -19.88 -22.52 29.64
C GLN A 562 -18.38 -22.60 29.34
N ILE A 563 -17.92 -21.96 28.26
CA ILE A 563 -16.53 -22.10 27.84
C ILE A 563 -15.55 -21.39 28.76
N TYR A 564 -16.02 -20.59 29.71
CA TYR A 564 -15.15 -19.85 30.61
C TYR A 564 -15.03 -20.49 31.98
N SER A 565 -15.71 -21.59 32.23
CA SER A 565 -15.58 -22.33 33.48
C SER A 565 -14.36 -23.25 33.42
N ASP A 566 -13.95 -23.74 34.60
CA ASP A 566 -12.79 -24.62 34.69
C ASP A 566 -12.83 -25.72 33.64
N ILE A 567 -13.88 -26.55 33.68
CA ILE A 567 -13.99 -27.65 32.74
C ILE A 567 -14.16 -27.13 31.31
N GLY A 568 -14.99 -26.10 31.12
CA GLY A 568 -15.18 -25.55 29.79
C GLY A 568 -13.89 -24.98 29.22
N SER A 569 -13.15 -24.24 30.05
CA SER A 569 -11.87 -23.70 29.60
C SER A 569 -10.91 -24.83 29.27
N ARG A 570 -10.94 -25.92 30.04
CA ARG A 570 -10.10 -27.07 29.72
C ARG A 570 -10.48 -27.66 28.36
N ASN A 571 -11.77 -27.66 28.04
CA ASN A 571 -12.22 -28.27 26.79
C ASN A 571 -12.12 -27.32 25.61
N PHE A 572 -12.58 -26.07 25.77
CA PHE A 572 -12.47 -25.05 24.74
C PHE A 572 -11.39 -24.07 25.21
N THR A 573 -10.22 -24.14 24.59
CA THR A 573 -9.04 -23.50 25.13
C THR A 573 -8.98 -22.02 24.73
N LEU A 574 -8.04 -21.30 25.36
CA LEU A 574 -7.80 -19.90 25.01
C LEU A 574 -7.42 -19.77 23.54
N ASN A 575 -6.61 -20.70 23.04
CA ASN A 575 -6.26 -20.70 21.62
C ASN A 575 -7.50 -20.80 20.74
N ASP A 576 -8.46 -21.65 21.14
CA ASP A 576 -9.69 -21.78 20.36
C ASP A 576 -10.49 -20.48 20.34
N LYS A 577 -10.56 -19.78 21.47
CA LYS A 577 -11.26 -18.50 21.50
C LYS A 577 -10.60 -17.46 20.59
N ILE A 578 -9.26 -17.40 20.63
CA ILE A 578 -8.57 -16.49 19.73
C ILE A 578 -8.82 -16.88 18.27
N ALA A 579 -8.87 -18.17 17.99
CA ALA A 579 -9.22 -18.62 16.64
C ALA A 579 -10.61 -18.15 16.24
N LEU A 580 -11.56 -18.17 17.18
CA LEU A 580 -12.87 -17.58 16.91
C LEU A 580 -12.72 -16.13 16.46
N TYR A 581 -11.87 -15.36 17.14
CA TYR A 581 -11.63 -14.00 16.66
C TYR A 581 -11.15 -14.01 15.22
N PHE A 582 -10.25 -14.93 14.87
CA PHE A 582 -9.70 -14.94 13.53
C PHE A 582 -10.65 -15.50 12.47
N ASP A 583 -11.77 -16.08 12.87
CA ASP A 583 -12.75 -16.52 11.88
C ASP A 583 -13.27 -15.35 11.05
N ASP A 584 -13.53 -14.20 11.70
CA ASP A 584 -13.93 -12.99 10.99
C ASP A 584 -13.44 -11.81 11.83
N PHE A 585 -12.24 -11.33 11.52
CA PHE A 585 -11.54 -10.39 12.39
C PHE A 585 -11.91 -8.94 12.10
N ASP A 586 -12.82 -8.71 11.16
CA ASP A 586 -13.38 -7.38 10.93
C ASP A 586 -14.71 -7.15 11.62
N PHE A 587 -15.45 -8.21 11.94
CA PHE A 587 -16.74 -8.08 12.60
C PHE A 587 -16.73 -8.53 14.05
N THR A 588 -15.84 -9.45 14.44
CA THR A 588 -15.87 -9.96 15.81
C THR A 588 -15.75 -8.86 16.85
N PRO A 589 -14.75 -7.96 16.79
CA PRO A 589 -14.72 -6.89 17.80
C PRO A 589 -15.97 -6.05 17.80
N LEU A 590 -16.51 -5.74 16.62
CA LEU A 590 -17.74 -4.96 16.54
C LEU A 590 -18.92 -5.74 17.11
N MET A 591 -19.00 -7.03 16.84
CA MET A 591 -20.10 -7.84 17.37
C MET A 591 -20.03 -7.91 18.90
N ILE A 592 -18.84 -8.14 19.45
CA ILE A 592 -18.70 -8.18 20.91
C ILE A 592 -19.08 -6.84 21.52
N GLN A 593 -18.58 -5.75 20.94
CA GLN A 593 -18.92 -4.43 21.50
C GLN A 593 -20.40 -4.14 21.38
N GLU A 594 -21.05 -4.65 20.33
CA GLU A 594 -22.49 -4.46 20.19
C GLU A 594 -23.25 -5.20 21.29
N ASN A 595 -22.87 -6.44 21.58
CA ASN A 595 -23.71 -7.34 22.35
C ASN A 595 -23.27 -7.58 23.79
N TYR A 596 -22.13 -7.03 24.23
CA TYR A 596 -21.63 -7.39 25.55
C TYR A 596 -22.47 -6.82 26.69
N LEU A 597 -23.39 -5.89 26.42
CA LEU A 597 -24.31 -5.41 27.45
C LEU A 597 -25.59 -6.23 27.53
N SER A 598 -25.79 -7.21 26.63
CA SER A 598 -27.08 -7.88 26.48
C SER A 598 -27.09 -9.29 27.05
N THR A 599 -26.38 -9.53 28.14
CA THR A 599 -26.31 -10.86 28.74
C THR A 599 -26.79 -10.82 30.19
N ARG A 600 -27.20 -12.00 30.66
CA ARG A 600 -27.28 -12.28 32.08
C ARG A 600 -26.06 -13.13 32.43
N PRO A 601 -25.07 -12.59 33.14
CA PRO A 601 -23.79 -13.30 33.28
C PRO A 601 -23.82 -14.39 34.33
N SER A 602 -23.11 -15.47 34.03
CA SER A 602 -22.94 -16.58 34.96
C SER A 602 -21.53 -16.66 35.53
N VAL A 603 -20.63 -15.77 35.12
CA VAL A 603 -19.23 -15.80 35.52
C VAL A 603 -18.89 -14.74 36.56
N LEU A 604 -19.89 -14.02 37.07
CA LEU A 604 -19.60 -12.91 37.97
C LEU A 604 -18.85 -13.38 39.20
N LYS A 605 -17.80 -12.63 39.56
CA LYS A 605 -17.02 -12.94 40.74
C LYS A 605 -17.82 -12.58 42.01
N PRO A 606 -17.42 -13.12 43.16
CA PRO A 606 -18.20 -12.88 44.38
C PRO A 606 -18.17 -11.42 44.80
N GLY A 607 -19.35 -10.83 44.98
CA GLY A 607 -19.47 -9.43 45.32
C GLY A 607 -19.39 -8.47 44.16
N GLN A 608 -19.19 -8.96 42.94
CA GLN A 608 -19.09 -8.11 41.77
C GLN A 608 -20.45 -8.07 41.09
N SER A 609 -21.05 -6.89 41.06
CA SER A 609 -22.34 -6.71 40.40
C SER A 609 -22.16 -6.72 38.88
N HIS A 610 -23.29 -6.80 38.18
CA HIS A 610 -23.28 -6.83 36.72
C HIS A 610 -22.64 -5.56 36.16
N LEU A 611 -22.99 -4.40 36.73
CA LEU A 611 -22.48 -3.14 36.22
C LEU A 611 -20.96 -3.03 36.32
N GLU A 612 -20.39 -3.50 37.44
CA GLU A 612 -18.94 -3.46 37.60
C GLU A 612 -18.24 -4.33 36.54
N ALA A 613 -18.78 -5.51 36.28
CA ALA A 613 -18.22 -6.35 35.23
C ALA A 613 -18.32 -5.66 33.87
N VAL A 614 -19.46 -5.02 33.60
CA VAL A 614 -19.62 -4.31 32.34
C VAL A 614 -18.60 -3.18 32.22
N ALA A 615 -18.32 -2.49 33.33
CA ALA A 615 -17.33 -1.41 33.29
C ALA A 615 -15.93 -1.95 33.00
N GLU A 616 -15.57 -3.08 33.61
CA GLU A 616 -14.28 -3.70 33.28
C GLU A 616 -14.20 -4.07 31.80
N ALA A 617 -15.26 -4.66 31.27
CA ALA A 617 -15.27 -5.00 29.85
C ALA A 617 -15.14 -3.76 28.98
N ALA A 618 -15.84 -2.68 29.34
CA ALA A 618 -15.78 -1.46 28.54
C ALA A 618 -14.38 -0.87 28.54
N ASN A 619 -13.71 -0.88 29.69
CA ASN A 619 -12.33 -0.42 29.76
C ASN A 619 -11.44 -1.22 28.82
N CYS A 620 -11.60 -2.55 28.84
CA CYS A 620 -10.77 -3.38 27.97
C CYS A 620 -11.07 -3.11 26.50
N ILE A 621 -12.35 -2.88 26.16
CA ILE A 621 -12.72 -2.59 24.78
C ILE A 621 -12.06 -1.30 24.30
N SER A 622 -12.02 -0.28 25.17
CA SER A 622 -11.33 0.96 24.83
C SER A 622 -9.84 0.73 24.54
N LEU A 623 -9.18 -0.02 25.42
CA LEU A 623 -7.77 -0.36 25.18
C LEU A 623 -7.61 -1.09 23.85
N GLY A 624 -8.53 -2.01 23.56
CA GLY A 624 -8.48 -2.73 22.29
C GLY A 624 -8.57 -1.79 21.10
N ASP A 625 -9.40 -0.76 21.21
CA ASP A 625 -9.48 0.23 20.13
C ASP A 625 -8.14 0.91 19.91
N ILE A 626 -7.43 1.23 21.00
CA ILE A 626 -6.11 1.85 20.84
C ILE A 626 -5.16 0.91 20.09
N VAL A 627 -5.16 -0.37 20.48
CA VAL A 627 -4.33 -1.34 19.76
C VAL A 627 -4.72 -1.41 18.29
N GLU A 628 -6.02 -1.42 18.02
CA GLU A 628 -6.51 -1.50 16.64
C GLU A 628 -5.99 -0.33 15.83
N LYS A 629 -6.05 0.88 16.39
CA LYS A 629 -5.50 2.04 15.71
C LYS A 629 -4.04 1.81 15.33
N LYS A 630 -3.25 1.30 16.28
CA LYS A 630 -1.85 1.05 15.96
C LYS A 630 -1.68 0.02 14.85
N ILE A 631 -2.55 -0.99 14.77
CA ILE A 631 -2.34 -2.04 13.77
C ILE A 631 -2.45 -1.49 12.36
N ARG A 632 -3.44 -0.62 12.11
CA ARG A 632 -3.75 -0.16 10.77
C ARG A 632 -3.12 1.19 10.44
N SER A 633 -2.08 1.58 11.15
CA SER A 633 -1.37 2.81 10.88
C SER A 633 -0.38 2.58 9.75
N SER A 634 0.49 3.56 9.48
CA SER A 634 1.53 3.34 8.48
C SER A 634 2.50 2.25 8.90
N GLU A 635 2.54 1.91 10.20
CA GLU A 635 3.47 0.89 10.66
C GLU A 635 3.06 -0.51 10.21
N GLN A 636 1.77 -0.76 10.06
CA GLN A 636 1.25 -2.07 9.65
C GLN A 636 1.72 -3.17 10.60
N LEU A 637 1.30 -3.06 11.86
CA LEU A 637 1.83 -3.92 12.92
C LEU A 637 0.89 -5.11 13.12
N TRP A 638 0.88 -5.99 12.11
CA TRP A 638 -0.01 -7.15 12.14
C TRP A 638 0.34 -8.13 13.25
N SER A 639 1.56 -8.07 13.76
CA SER A 639 1.97 -8.94 14.86
C SER A 639 1.21 -8.68 16.15
N LEU A 640 0.49 -7.56 16.25
CA LEU A 640 -0.36 -7.30 17.40
C LEU A 640 -1.75 -7.90 17.27
N LEU A 641 -2.06 -8.54 16.14
CA LEU A 641 -3.39 -9.09 15.94
C LEU A 641 -3.83 -10.02 17.05
N PRO A 642 -3.02 -10.96 17.53
CA PRO A 642 -3.46 -11.77 18.67
C PRO A 642 -3.79 -10.94 19.91
N LEU A 643 -2.95 -9.97 20.26
CA LEU A 643 -3.25 -9.08 21.37
C LEU A 643 -4.61 -8.43 21.18
N HIS A 644 -4.86 -7.88 20.00
CA HIS A 644 -6.15 -7.26 19.74
C HIS A 644 -7.28 -8.25 19.99
N ALA A 645 -7.11 -9.49 19.52
CA ALA A 645 -8.15 -10.49 19.73
C ALA A 645 -8.49 -10.60 21.21
N VAL A 646 -7.48 -10.58 22.08
CA VAL A 646 -7.73 -10.68 23.51
C VAL A 646 -8.40 -9.41 24.03
N LEU A 647 -7.91 -8.24 23.60
CA LEU A 647 -8.38 -7.01 24.23
C LEU A 647 -9.78 -6.62 23.74
N SER A 648 -10.08 -6.86 22.46
CA SER A 648 -11.33 -6.42 21.88
C SER A 648 -12.46 -7.42 22.09
N SER A 649 -12.16 -8.72 22.11
CA SER A 649 -13.20 -9.75 22.13
C SER A 649 -13.13 -10.67 23.34
N VAL A 650 -11.99 -11.33 23.59
CA VAL A 650 -11.97 -12.45 24.52
C VAL A 650 -12.09 -11.97 25.96
N TYR A 651 -11.30 -10.99 26.36
CA TYR A 651 -11.31 -10.55 27.76
C TYR A 651 -12.66 -9.95 28.18
N PRO A 652 -13.24 -8.99 27.45
CA PRO A 652 -14.56 -8.47 27.88
C PRO A 652 -15.64 -9.53 27.91
N ALA A 653 -15.67 -10.40 26.89
CA ALA A 653 -16.61 -11.51 26.89
C ALA A 653 -16.41 -12.38 28.12
N SER A 654 -15.17 -12.69 28.46
CA SER A 654 -14.89 -13.47 29.66
C SER A 654 -15.42 -12.76 30.89
N LYS A 655 -15.50 -11.43 30.85
CA LYS A 655 -16.05 -10.72 32.01
C LYS A 655 -17.57 -10.80 32.09
N VAL A 656 -18.29 -10.83 30.97
CA VAL A 656 -19.75 -10.75 31.03
C VAL A 656 -20.44 -12.02 30.52
N ALA A 657 -19.70 -13.10 30.29
CA ALA A 657 -20.29 -14.27 29.66
C ALA A 657 -21.39 -14.88 30.52
N GLY A 658 -22.39 -15.44 29.85
CA GLY A 658 -23.54 -16.04 30.52
C GLY A 658 -24.57 -16.50 29.50
N HIS A 659 -25.82 -16.11 29.67
CA HIS A 659 -26.87 -16.36 28.69
C HIS A 659 -27.29 -15.05 28.04
N MET A 660 -27.86 -15.15 26.85
CA MET A 660 -28.29 -13.97 26.11
C MET A 660 -29.68 -13.56 26.56
N ALA A 661 -29.84 -12.28 26.91
CA ALA A 661 -31.15 -11.73 27.28
C ALA A 661 -31.80 -11.09 26.05
N GLY A 662 -31.97 -11.91 25.01
CA GLY A 662 -32.50 -11.50 23.74
C GLY A 662 -31.64 -11.99 22.61
N ARG A 663 -31.98 -11.56 21.40
CA ARG A 663 -31.25 -12.00 20.22
C ARG A 663 -29.93 -11.26 20.08
N ILE A 664 -29.00 -11.89 19.38
CA ILE A 664 -27.73 -11.24 19.04
C ILE A 664 -27.98 -10.25 17.91
N ASN A 665 -27.53 -9.02 18.11
CA ASN A 665 -27.81 -7.92 17.19
C ASN A 665 -26.59 -7.58 16.34
N PHE A 666 -26.85 -7.20 15.10
CA PHE A 666 -25.80 -6.68 14.23
C PHE A 666 -25.26 -5.37 14.79
N THR A 667 -23.96 -5.14 14.63
CA THR A 667 -23.35 -3.92 15.14
C THR A 667 -24.03 -2.70 14.54
N ALA A 668 -24.33 -1.73 15.39
CA ALA A 668 -24.86 -0.44 14.94
C ALA A 668 -23.76 0.55 14.58
N TRP A 669 -22.50 0.24 14.89
CA TRP A 669 -21.43 1.21 14.66
C TRP A 669 -21.25 1.50 13.16
N LEU A 670 -21.38 0.49 12.31
CA LEU A 670 -21.15 0.69 10.87
C LEU A 670 -22.12 1.71 10.30
N GLY A 671 -23.42 1.54 10.56
CA GLY A 671 -24.40 2.46 10.02
C GLY A 671 -24.30 3.85 10.61
N GLN A 672 -24.06 3.94 11.92
CA GLN A 672 -23.90 5.24 12.56
C GLN A 672 -22.68 5.97 12.01
N ASN A 673 -21.59 5.23 11.76
CA ASN A 673 -20.40 5.83 11.15
C ASN A 673 -20.69 6.33 9.75
N SER A 674 -21.46 5.55 8.97
CA SER A 674 -21.86 6.00 7.64
C SER A 674 -22.67 7.30 7.71
N LYS A 675 -23.65 7.34 8.63
CA LYS A 675 -24.46 8.54 8.78
C LYS A 675 -23.63 9.74 9.20
N SER A 676 -22.72 9.55 10.15
CA SER A 676 -21.86 10.64 10.60
C SER A 676 -20.99 11.14 9.46
N ALA A 677 -20.47 10.24 8.64
CA ALA A 677 -19.67 10.65 7.49
C ALA A 677 -20.50 11.52 6.54
N LYS A 678 -21.72 11.09 6.25
CA LYS A 678 -22.59 11.91 5.39
C LYS A 678 -22.77 13.30 5.96
N TYR A 679 -23.07 13.38 7.26
CA TYR A 679 -23.37 14.69 7.84
C TYR A 679 -22.12 15.57 7.94
N TYR A 680 -20.95 14.98 8.11
CA TYR A 680 -19.72 15.78 8.08
C TYR A 680 -19.45 16.30 6.68
N ARG A 681 -19.73 15.50 5.65
CA ARG A 681 -19.63 16.02 4.29
C ARG A 681 -20.55 17.21 4.08
N LEU A 682 -21.82 17.08 4.50
CA LEU A 682 -22.75 18.19 4.35
C LEU A 682 -22.28 19.42 5.12
N LEU A 683 -21.75 19.22 6.33
CA LEU A 683 -21.26 20.34 7.12
C LEU A 683 -20.11 21.04 6.43
N GLN A 684 -19.19 20.27 5.82
CA GLN A 684 -18.11 20.88 5.08
C GLN A 684 -18.63 21.74 3.95
N GLU A 685 -19.62 21.23 3.20
CA GLU A 685 -20.19 22.00 2.10
C GLU A 685 -20.81 23.32 2.61
N ILE A 686 -21.66 23.23 3.63
CA ILE A 686 -22.28 24.44 4.16
C ILE A 686 -21.21 25.41 4.64
N HIS A 687 -20.17 24.89 5.29
CA HIS A 687 -19.12 25.74 5.84
C HIS A 687 -18.43 26.53 4.74
N TYR A 688 -18.09 25.86 3.64
CA TYR A 688 -17.37 26.60 2.60
C TYR A 688 -18.31 27.42 1.72
N HIS A 689 -19.62 27.25 1.81
CA HIS A 689 -20.51 28.23 1.21
C HIS A 689 -20.57 29.51 2.05
N THR A 690 -20.64 29.38 3.37
CA THR A 690 -20.76 30.52 4.27
C THR A 690 -19.41 31.09 4.71
N ARG A 691 -18.31 30.54 4.20
CA ARG A 691 -16.98 30.94 4.68
C ARG A 691 -16.73 32.43 4.52
N LEU A 692 -17.13 33.01 3.39
CA LEU A 692 -16.83 34.41 3.13
C LEU A 692 -17.52 35.36 4.09
N GLY A 693 -18.53 34.89 4.84
CA GLY A 693 -19.29 35.75 5.71
C GLY A 693 -19.06 35.55 7.19
N THR A 694 -18.72 34.33 7.60
CA THR A 694 -18.57 33.99 9.00
C THR A 694 -17.09 34.06 9.41
N SER A 695 -16.86 33.86 10.71
CA SER A 695 -15.52 33.74 11.29
C SER A 695 -15.56 32.57 12.27
N THR A 696 -15.22 31.38 11.78
CA THR A 696 -15.30 30.16 12.58
C THR A 696 -14.78 28.99 11.77
N ASP A 697 -14.42 27.92 12.46
CA ASP A 697 -14.23 26.62 11.82
C ASP A 697 -15.58 25.91 11.72
N LYS A 698 -15.59 24.76 11.05
CA LYS A 698 -16.85 24.06 10.81
C LYS A 698 -17.51 23.62 12.12
N ILE A 699 -16.70 23.17 13.09
CA ILE A 699 -17.26 22.75 14.37
C ILE A 699 -17.98 23.91 15.05
N GLY A 700 -17.36 25.09 15.05
CA GLY A 700 -18.02 26.26 15.58
C GLY A 700 -19.26 26.64 14.80
N LEU A 701 -19.27 26.35 13.50
CA LEU A 701 -20.47 26.55 12.70
C LEU A 701 -21.62 25.69 13.22
N ARG A 702 -21.34 24.42 13.50
CA ARG A 702 -22.39 23.53 14.01
C ARG A 702 -22.81 23.90 15.42
N LEU A 703 -21.86 24.18 16.31
CA LEU A 703 -22.21 24.37 17.71
C LEU A 703 -22.81 25.75 17.99
N ASP A 704 -22.34 26.79 17.31
CA ASP A 704 -22.72 28.16 17.62
C ASP A 704 -23.63 28.81 16.59
N TYR A 705 -23.26 28.74 15.30
CA TYR A 705 -23.98 29.52 14.29
C TYR A 705 -25.34 28.90 13.94
N LEU A 706 -25.36 27.60 13.64
CA LEU A 706 -26.56 26.98 13.10
C LEU A 706 -27.81 27.22 13.96
N PRO A 707 -27.75 27.18 15.29
CA PRO A 707 -28.96 27.50 16.07
C PRO A 707 -29.56 28.87 15.78
N THR A 708 -28.74 29.90 15.52
CA THR A 708 -29.27 31.20 15.14
C THR A 708 -29.74 31.24 13.69
N PHE A 709 -29.04 30.54 12.80
CA PHE A 709 -29.52 30.41 11.43
C PHE A 709 -30.90 29.78 11.40
N ARG A 710 -31.19 28.87 12.33
CA ARG A 710 -32.52 28.26 12.38
C ARG A 710 -33.59 29.30 12.66
N LYS A 711 -33.29 30.27 13.52
CA LYS A 711 -34.26 31.32 13.84
C LYS A 711 -34.38 32.33 12.71
N ARG A 712 -33.32 32.51 11.93
CA ARG A 712 -33.41 33.41 10.78
C ARG A 712 -33.97 32.73 9.52
N LEU A 713 -34.03 31.40 9.49
CA LEU A 713 -34.36 30.67 8.26
C LEU A 713 -35.62 29.84 8.33
N LEU A 714 -36.04 29.41 9.52
CA LEU A 714 -37.18 28.52 9.68
C LEU A 714 -38.30 29.16 10.49
N ASP A 715 -38.00 29.67 11.69
CA ASP A 715 -39.05 30.21 12.56
C ASP A 715 -39.88 31.30 11.89
N PRO A 716 -39.32 32.20 11.07
CA PRO A 716 -40.17 33.17 10.39
C PRO A 716 -41.27 32.54 9.56
N PHE A 717 -41.02 31.38 8.95
CA PHE A 717 -42.09 30.66 8.28
C PHE A 717 -43.23 30.36 9.24
N LEU A 718 -42.89 29.81 10.41
CA LEU A 718 -43.93 29.42 11.37
C LEU A 718 -44.74 30.62 11.80
N LYS A 719 -44.08 31.74 12.09
CA LYS A 719 -44.81 32.89 12.59
C LYS A 719 -45.45 33.75 11.50
N GLN A 720 -45.11 33.57 10.23
CA GLN A 720 -45.64 34.47 9.20
C GLN A 720 -46.02 33.84 7.87
N GLY A 721 -46.15 32.53 7.75
CA GLY A 721 -46.57 31.96 6.48
C GLY A 721 -45.66 32.38 5.34
N ALA A 722 -46.26 32.82 4.25
CA ALA A 722 -45.52 33.16 3.04
C ALA A 722 -44.97 34.57 3.05
N ASP A 723 -45.22 35.35 4.10
CA ASP A 723 -44.67 36.70 4.16
C ASP A 723 -43.18 36.71 4.48
N ALA A 724 -42.65 35.62 5.02
CA ALA A 724 -41.25 35.52 5.39
C ALA A 724 -40.36 35.04 4.25
N ILE A 725 -40.95 34.74 3.09
CA ILE A 725 -40.16 34.20 1.98
C ILE A 725 -39.03 35.16 1.61
N SER A 726 -39.35 36.44 1.44
CA SER A 726 -38.35 37.40 0.99
C SER A 726 -37.23 37.55 2.01
N SER A 727 -37.55 37.64 3.29
CA SER A 727 -36.53 37.79 4.32
C SER A 727 -35.62 36.55 4.37
N VAL A 728 -36.21 35.36 4.27
CA VAL A 728 -35.41 34.14 4.28
C VAL A 728 -34.47 34.13 3.08
N ILE A 729 -34.99 34.54 1.91
CA ILE A 729 -34.16 34.58 0.71
C ILE A 729 -33.03 35.58 0.88
N GLU A 730 -33.31 36.72 1.51
CA GLU A 730 -32.27 37.72 1.72
C GLU A 730 -31.13 37.15 2.58
N VAL A 731 -31.47 36.44 3.65
CA VAL A 731 -30.43 35.85 4.49
C VAL A 731 -29.64 34.81 3.69
N MET A 732 -30.35 33.92 2.98
CA MET A 732 -29.68 32.90 2.19
C MET A 732 -28.71 33.52 1.20
N ASP A 733 -29.11 34.61 0.55
CA ASP A 733 -28.22 35.30 -0.38
C ASP A 733 -27.01 35.89 0.34
N ASP A 734 -27.24 36.51 1.50
CA ASP A 734 -26.12 37.07 2.26
C ASP A 734 -25.08 36.00 2.56
N TYR A 735 -25.49 34.75 2.76
CA TYR A 735 -24.53 33.70 3.14
C TYR A 735 -24.29 32.67 2.03
N TYR A 736 -24.63 32.99 0.77
CA TYR A 736 -24.36 32.11 -0.37
C TYR A 736 -24.94 30.71 -0.16
N LEU A 737 -26.18 30.65 0.31
CA LEU A 737 -26.84 29.39 0.62
C LEU A 737 -27.84 29.02 -0.47
N THR A 738 -27.88 27.73 -0.81
CA THR A 738 -28.85 27.17 -1.73
C THR A 738 -30.01 26.53 -0.98
N LYS A 739 -31.06 26.16 -1.72
CA LYS A 739 -32.16 25.39 -1.13
C LYS A 739 -31.65 24.07 -0.54
N GLU A 740 -30.69 23.45 -1.22
CA GLU A 740 -30.09 22.24 -0.68
C GLU A 740 -29.43 22.51 0.67
N ASP A 741 -28.71 23.63 0.79
CA ASP A 741 -28.14 24.01 2.08
C ASP A 741 -29.25 24.18 3.12
N TRP A 742 -30.38 24.75 2.73
CA TRP A 742 -31.50 24.90 3.66
C TRP A 742 -31.92 23.54 4.23
N ASP A 743 -32.14 22.56 3.34
CA ASP A 743 -32.51 21.23 3.79
C ASP A 743 -31.44 20.63 4.70
N SER A 744 -30.18 20.70 4.27
CA SER A 744 -29.09 20.15 5.07
C SER A 744 -29.06 20.76 6.45
N ILE A 745 -29.13 22.09 6.53
CA ILE A 745 -29.06 22.78 7.81
C ILE A 745 -30.16 22.29 8.73
N MET A 746 -31.40 22.25 8.22
CA MET A 746 -32.48 21.80 9.07
C MET A 746 -32.31 20.36 9.52
N GLU A 747 -31.56 19.54 8.78
CA GLU A 747 -31.36 18.15 9.21
C GLU A 747 -30.47 18.03 10.46
N PHE A 748 -29.66 19.03 10.78
CA PHE A 748 -28.59 18.85 11.75
C PHE A 748 -29.08 18.81 13.20
N PHE A 749 -30.22 19.43 13.50
CA PHE A 749 -30.59 19.69 14.88
C PHE A 749 -31.10 18.43 15.57
N VAL A 750 -30.86 18.35 16.89
CA VAL A 750 -31.19 17.20 17.71
C VAL A 750 -32.03 17.64 18.90
N GLY A 751 -32.55 16.65 19.63
CA GLY A 751 -33.28 16.89 20.86
C GLY A 751 -34.57 17.64 20.64
N PRO A 752 -34.82 18.66 21.47
CA PRO A 752 -36.07 19.43 21.32
C PRO A 752 -36.11 20.30 20.08
N ASP A 753 -35.01 20.40 19.33
CA ASP A 753 -34.93 21.25 18.15
C ASP A 753 -35.06 20.47 16.85
N VAL A 754 -35.41 19.18 16.90
CA VAL A 754 -35.62 18.42 15.67
C VAL A 754 -36.69 19.09 14.84
N THR A 755 -36.49 19.10 13.51
CA THR A 755 -37.31 19.90 12.60
C THR A 755 -38.25 19.10 11.73
N THR A 756 -38.07 17.78 11.61
CA THR A 756 -38.81 17.01 10.61
C THR A 756 -40.32 17.24 10.74
N ALA A 757 -40.85 17.09 11.94
CA ALA A 757 -42.30 17.23 12.13
C ALA A 757 -42.75 18.68 11.96
N ILE A 758 -41.91 19.64 12.33
CA ILE A 758 -42.28 21.05 12.17
C ILE A 758 -42.42 21.39 10.69
N ILE A 759 -41.45 20.97 9.88
CA ILE A 759 -41.47 21.28 8.47
C ILE A 759 -42.57 20.50 7.74
N LYS A 760 -42.77 19.24 8.13
CA LYS A 760 -43.88 18.48 7.55
C LYS A 760 -45.20 19.23 7.72
N LYS A 761 -45.35 19.97 8.82
CA LYS A 761 -46.58 20.69 9.10
C LYS A 761 -46.72 21.97 8.28
N ILE A 762 -45.63 22.50 7.71
CA ILE A 762 -45.75 23.78 7.00
C ILE A 762 -46.64 23.58 5.78
N PRO A 763 -47.60 24.47 5.51
CA PRO A 763 -48.50 24.26 4.37
C PRO A 763 -47.74 24.17 3.06
N ALA A 764 -48.25 23.33 2.16
CA ALA A 764 -47.62 23.16 0.85
C ALA A 764 -47.57 24.46 0.08
N THR A 765 -48.51 25.38 0.34
CA THR A 765 -48.49 26.66 -0.34
C THR A 765 -47.19 27.41 -0.03
N VAL A 766 -46.80 27.44 1.24
CA VAL A 766 -45.60 28.17 1.64
C VAL A 766 -44.37 27.53 1.01
N LYS A 767 -44.27 26.21 1.05
CA LYS A 767 -43.10 25.54 0.46
C LYS A 767 -43.02 25.77 -1.04
N SER A 768 -44.14 25.64 -1.74
CA SER A 768 -44.15 25.86 -3.18
C SER A 768 -43.79 27.31 -3.52
N GLY A 769 -44.34 28.27 -2.77
CA GLY A 769 -43.98 29.66 -3.01
C GLY A 769 -42.51 29.92 -2.73
N PHE A 770 -41.98 29.34 -1.64
CA PHE A 770 -40.57 29.47 -1.34
C PHE A 770 -39.72 28.99 -2.51
N THR A 771 -39.99 27.77 -2.98
CA THR A 771 -39.20 27.22 -4.07
C THR A 771 -39.36 28.02 -5.35
N ARG A 772 -40.58 28.49 -5.64
CA ARG A 772 -40.81 29.23 -6.87
C ARG A 772 -40.08 30.57 -6.85
N LYS A 773 -40.23 31.33 -5.77
CA LYS A 773 -39.54 32.59 -5.67
C LYS A 773 -38.02 32.39 -5.73
N TYR A 774 -37.51 31.34 -5.07
CA TYR A 774 -36.08 31.09 -5.11
C TYR A 774 -35.62 30.80 -6.53
N ASN A 775 -36.33 29.94 -7.24
CA ASN A 775 -35.93 29.60 -8.61
C ASN A 775 -36.20 30.72 -9.60
N SER A 776 -36.94 31.76 -9.21
CA SER A 776 -37.26 32.83 -10.14
C SER A 776 -36.14 33.84 -10.31
N MET A 777 -35.11 33.84 -9.46
CA MET A 777 -34.05 34.83 -9.51
C MET A 777 -32.68 34.14 -9.53
N THR A 778 -31.67 34.93 -9.79
CA THR A 778 -30.29 34.51 -9.68
C THR A 778 -29.84 34.60 -8.23
N HIS A 779 -28.75 33.90 -7.92
CA HIS A 779 -28.23 33.85 -6.58
C HIS A 779 -26.72 33.80 -6.65
N PRO A 780 -26.01 34.51 -5.78
CA PRO A 780 -24.55 34.52 -5.85
C PRO A 780 -23.99 33.14 -5.50
N VAL A 781 -22.83 32.85 -6.04
CA VAL A 781 -22.17 31.56 -5.87
C VAL A 781 -20.81 31.79 -5.21
N ALA A 782 -20.49 30.94 -4.24
CA ALA A 782 -19.23 31.05 -3.53
C ALA A 782 -18.11 30.24 -4.19
N ILE A 783 -18.44 29.06 -4.72
CA ILE A 783 -17.45 28.17 -5.31
C ILE A 783 -18.06 27.46 -6.50
N TYR A 784 -17.69 27.89 -7.71
CA TYR A 784 -18.20 27.24 -8.91
C TYR A 784 -17.44 25.95 -9.17
N ARG A 785 -18.19 24.87 -9.42
CA ARG A 785 -17.63 23.56 -9.74
C ARG A 785 -16.70 23.07 -8.62
N THR A 786 -17.32 22.82 -7.47
CA THR A 786 -16.60 22.28 -6.31
C THR A 786 -16.10 20.87 -6.61
N LEU B 7 29.03 -30.00 -4.51
CA LEU B 7 28.75 -30.33 -3.12
C LEU B 7 28.06 -31.68 -2.97
N GLN B 8 28.14 -32.23 -1.77
CA GLN B 8 27.40 -33.43 -1.42
C GLN B 8 26.05 -33.07 -0.81
N LEU B 9 25.10 -33.97 -0.98
CA LEU B 9 23.75 -33.71 -0.52
C LEU B 9 23.71 -33.55 1.00
N PRO B 10 22.99 -32.55 1.52
CA PRO B 10 22.71 -32.54 2.97
C PRO B 10 21.94 -33.79 3.36
N TRP B 11 22.17 -34.24 4.60
CA TRP B 11 21.56 -35.48 5.04
C TRP B 11 20.04 -35.42 4.96
N VAL B 12 19.45 -34.24 5.18
CA VAL B 12 18.00 -34.11 5.11
C VAL B 12 17.50 -34.53 3.74
N GLU B 13 18.19 -34.12 2.68
CA GLU B 13 17.80 -34.54 1.34
C GLU B 13 18.36 -35.91 0.97
N LYS B 14 19.57 -36.24 1.45
CA LYS B 14 20.14 -37.52 1.13
C LYS B 14 19.28 -38.66 1.66
N TYR B 15 18.71 -38.50 2.85
CA TYR B 15 17.94 -39.55 3.50
C TYR B 15 16.43 -39.27 3.49
N ARG B 16 15.97 -38.53 2.50
CA ARG B 16 14.53 -38.39 2.29
C ARG B 16 13.96 -39.74 1.86
N PRO B 17 12.94 -40.25 2.54
CA PRO B 17 12.37 -41.54 2.13
C PRO B 17 11.87 -41.51 0.69
N GLN B 18 12.07 -42.63 0.00
CA GLN B 18 11.55 -42.81 -1.34
C GLN B 18 10.40 -43.80 -1.40
N VAL B 19 10.17 -44.58 -0.35
CA VAL B 19 9.08 -45.53 -0.26
C VAL B 19 8.35 -45.31 1.06
N LEU B 20 7.06 -45.63 1.06
CA LEU B 20 6.23 -45.34 2.24
C LEU B 20 6.72 -46.06 3.48
N SER B 21 7.34 -47.24 3.31
CA SER B 21 7.77 -48.03 4.46
C SER B 21 8.95 -47.41 5.21
N ASP B 22 9.57 -46.36 4.67
CA ASP B 22 10.66 -45.67 5.35
C ASP B 22 10.20 -44.46 6.15
N ILE B 23 8.91 -44.12 6.11
CA ILE B 23 8.37 -43.01 6.87
C ILE B 23 7.99 -43.51 8.26
N VAL B 24 8.49 -42.82 9.29
CA VAL B 24 8.19 -43.18 10.67
C VAL B 24 7.03 -42.34 11.17
N GLY B 25 6.35 -42.85 12.19
CA GLY B 25 5.25 -42.14 12.83
C GLY B 25 3.97 -42.22 12.04
N ASN B 26 2.90 -41.75 12.67
CA ASN B 26 1.56 -41.75 12.07
C ASN B 26 1.26 -43.12 11.45
N LYS B 27 1.43 -44.15 12.27
CA LYS B 27 1.53 -45.52 11.75
C LYS B 27 0.26 -45.92 10.98
N GLU B 28 -0.91 -45.70 11.58
CA GLU B 28 -2.13 -46.16 10.94
C GLU B 28 -2.36 -45.47 9.60
N THR B 29 -2.12 -44.16 9.54
CA THR B 29 -2.31 -43.44 8.28
C THR B 29 -1.33 -43.93 7.21
N ILE B 30 -0.06 -44.13 7.59
CA ILE B 30 0.92 -44.62 6.63
C ILE B 30 0.52 -46.00 6.13
N ASP B 31 -0.02 -46.83 7.03
CA ASP B 31 -0.50 -48.15 6.61
C ASP B 31 -1.65 -48.03 5.61
N ARG B 32 -2.58 -47.11 5.85
CA ARG B 32 -3.66 -46.89 4.89
C ARG B 32 -3.10 -46.44 3.55
N LEU B 33 -2.09 -45.56 3.57
CA LEU B 33 -1.50 -45.09 2.32
C LEU B 33 -0.82 -46.23 1.57
N GLN B 34 -0.12 -47.12 2.27
CA GLN B 34 0.47 -48.29 1.61
C GLN B 34 -0.63 -49.17 1.00
N GLN B 35 -1.71 -49.38 1.74
CA GLN B 35 -2.83 -50.15 1.21
C GLN B 35 -3.35 -49.54 -0.08
N ILE B 36 -3.57 -48.22 -0.08
CA ILE B 36 -4.05 -47.53 -1.27
C ILE B 36 -3.07 -47.68 -2.42
N ALA B 37 -1.78 -47.50 -2.14
CA ALA B 37 -0.77 -47.59 -3.19
C ALA B 37 -0.77 -48.99 -3.80
N LYS B 38 -1.05 -50.01 -3.00
CA LYS B 38 -1.09 -51.37 -3.53
C LYS B 38 -2.35 -51.62 -4.34
N ASP B 39 -3.50 -51.10 -3.91
CA ASP B 39 -4.78 -51.42 -4.52
C ASP B 39 -5.41 -50.29 -5.34
N GLY B 40 -4.72 -49.16 -5.50
CA GLY B 40 -5.29 -48.12 -6.34
C GLY B 40 -6.52 -47.44 -5.75
N ASN B 41 -7.26 -46.75 -6.61
CA ASN B 41 -8.45 -45.98 -6.24
C ASN B 41 -8.12 -44.97 -5.12
N MET B 42 -7.22 -44.07 -5.44
CA MET B 42 -6.79 -43.04 -4.49
C MET B 42 -7.89 -42.00 -4.30
N PRO B 43 -8.36 -41.75 -3.09
CA PRO B 43 -9.34 -40.69 -2.88
C PRO B 43 -8.69 -39.32 -2.94
N HIS B 44 -9.52 -38.30 -3.11
CA HIS B 44 -9.07 -36.95 -2.79
C HIS B 44 -8.68 -36.94 -1.32
N MET B 45 -7.60 -36.25 -0.99
CA MET B 45 -7.13 -36.28 0.39
C MET B 45 -6.48 -34.96 0.77
N ILE B 46 -6.60 -34.62 2.05
CA ILE B 46 -5.92 -33.47 2.65
C ILE B 46 -5.03 -33.99 3.77
N ILE B 47 -3.74 -33.72 3.67
CA ILE B 47 -2.75 -34.10 4.68
C ILE B 47 -2.33 -32.82 5.40
N SER B 48 -2.49 -32.80 6.73
CA SER B 48 -2.17 -31.60 7.49
C SER B 48 -1.37 -31.95 8.75
N GLY B 49 -0.63 -30.96 9.24
CA GLY B 49 0.14 -31.14 10.45
C GLY B 49 1.27 -30.13 10.55
N MET B 50 2.10 -30.33 11.56
CA MET B 50 3.20 -29.42 11.90
C MET B 50 4.37 -29.57 10.94
N PRO B 51 5.30 -28.60 10.95
CA PRO B 51 6.43 -28.65 10.02
C PRO B 51 7.30 -29.89 10.17
N GLY B 52 7.75 -30.41 9.04
CA GLY B 52 8.82 -31.40 9.02
C GLY B 52 8.48 -32.76 9.59
N ILE B 53 7.26 -33.25 9.36
CA ILE B 53 6.82 -34.53 9.90
C ILE B 53 6.50 -35.55 8.81
N GLY B 54 6.69 -35.22 7.55
CA GLY B 54 6.57 -36.17 6.47
C GLY B 54 5.36 -36.02 5.54
N LYS B 55 4.79 -34.82 5.42
CA LYS B 55 3.60 -34.63 4.60
C LYS B 55 3.95 -34.67 3.11
N THR B 56 4.83 -33.76 2.67
CA THR B 56 5.29 -33.76 1.28
C THR B 56 5.90 -35.11 0.91
N THR B 57 6.68 -35.68 1.82
CA THR B 57 7.30 -36.98 1.56
C THR B 57 6.24 -38.05 1.29
N SER B 58 5.20 -38.09 2.13
CA SER B 58 4.18 -39.11 1.96
C SER B 58 3.44 -38.93 0.64
N VAL B 59 3.05 -37.71 0.29
CA VAL B 59 2.31 -37.53 -0.96
C VAL B 59 3.17 -37.93 -2.15
N HIS B 60 4.45 -37.54 -2.16
CA HIS B 60 5.30 -37.87 -3.30
C HIS B 60 5.55 -39.38 -3.38
N CYS B 61 5.79 -40.03 -2.24
CA CYS B 61 5.99 -41.47 -2.24
C CYS B 61 4.76 -42.20 -2.77
N LEU B 62 3.58 -41.79 -2.31
CA LEU B 62 2.35 -42.42 -2.78
C LEU B 62 2.19 -42.25 -4.28
N ALA B 63 2.44 -41.03 -4.78
CA ALA B 63 2.29 -40.79 -6.22
C ALA B 63 3.26 -41.66 -7.01
N HIS B 64 4.52 -41.72 -6.57
CA HIS B 64 5.52 -42.52 -7.30
C HIS B 64 5.11 -43.99 -7.33
N GLU B 65 4.71 -44.54 -6.19
CA GLU B 65 4.33 -45.95 -6.17
C GLU B 65 3.10 -46.21 -7.03
N LEU B 66 2.12 -45.29 -7.00
CA LEU B 66 0.91 -45.50 -7.78
C LEU B 66 1.20 -45.50 -9.28
N LEU B 67 1.98 -44.51 -9.75
CA LEU B 67 2.05 -44.25 -11.18
C LEU B 67 3.27 -44.86 -11.85
N GLY B 68 4.29 -45.30 -11.12
CA GLY B 68 5.43 -45.92 -11.77
C GLY B 68 6.05 -44.98 -12.80
N ARG B 69 6.31 -45.52 -14.00
CA ARG B 69 6.98 -44.76 -15.04
C ARG B 69 6.07 -43.68 -15.64
N SER B 70 4.76 -43.75 -15.43
CA SER B 70 3.84 -42.73 -15.88
C SER B 70 3.87 -41.48 -15.02
N TYR B 71 4.81 -41.38 -14.08
CA TYR B 71 4.83 -40.24 -13.17
C TYR B 71 4.96 -38.91 -13.91
N ALA B 72 5.81 -38.88 -14.95
CA ALA B 72 6.11 -37.61 -15.61
C ALA B 72 4.87 -37.01 -16.27
N ASP B 73 4.04 -37.83 -16.90
CA ASP B 73 2.86 -37.32 -17.58
C ASP B 73 1.61 -37.33 -16.70
N GLY B 74 1.59 -38.11 -15.62
CA GLY B 74 0.41 -38.30 -14.83
C GLY B 74 0.32 -37.52 -13.54
N VAL B 75 1.28 -36.64 -13.27
CA VAL B 75 1.30 -35.87 -12.02
C VAL B 75 1.47 -34.39 -12.37
N LEU B 76 0.60 -33.55 -11.81
CA LEU B 76 0.75 -32.11 -11.90
C LEU B 76 0.98 -31.60 -10.48
N GLU B 77 2.18 -31.11 -10.21
CA GLU B 77 2.55 -30.60 -8.90
C GLU B 77 2.59 -29.07 -8.94
N LEU B 78 1.90 -28.45 -8.00
CA LEU B 78 1.96 -27.00 -7.82
C LEU B 78 2.11 -26.70 -6.33
N ASN B 79 2.93 -25.70 -6.02
CA ASN B 79 3.22 -25.33 -4.65
C ASN B 79 3.29 -23.81 -4.58
N ALA B 80 3.69 -23.29 -3.42
CA ALA B 80 3.70 -21.85 -3.20
C ALA B 80 4.64 -21.11 -4.15
N SER B 81 5.68 -21.78 -4.66
CA SER B 81 6.57 -21.14 -5.62
C SER B 81 5.95 -21.02 -7.01
N ASP B 82 4.74 -21.52 -7.19
CA ASP B 82 4.04 -21.47 -8.47
C ASP B 82 2.90 -20.45 -8.41
N ASP B 83 2.48 -20.02 -9.58
CA ASP B 83 1.28 -19.20 -9.71
C ASP B 83 0.04 -20.12 -9.58
N ARG B 84 -0.85 -19.79 -8.65
CA ARG B 84 -2.02 -20.63 -8.40
C ARG B 84 -3.27 -19.78 -8.22
N GLY B 85 -3.39 -18.71 -9.00
CA GLY B 85 -4.57 -17.87 -8.95
C GLY B 85 -5.76 -18.52 -9.62
N ILE B 86 -6.87 -17.79 -9.64
CA ILE B 86 -8.11 -18.33 -10.19
C ILE B 86 -7.92 -18.68 -11.66
N ASP B 87 -7.11 -17.91 -12.39
CA ASP B 87 -6.88 -18.20 -13.79
C ASP B 87 -6.21 -19.57 -13.99
N VAL B 88 -5.19 -19.86 -13.18
CA VAL B 88 -4.51 -21.15 -13.29
C VAL B 88 -5.48 -22.28 -12.99
N VAL B 89 -6.28 -22.13 -11.93
CA VAL B 89 -7.23 -23.17 -11.57
C VAL B 89 -8.24 -23.39 -12.69
N ARG B 90 -8.73 -22.31 -13.29
CA ARG B 90 -9.75 -22.45 -14.33
C ARG B 90 -9.19 -22.92 -15.66
N ASN B 91 -7.89 -22.79 -15.91
CA ASN B 91 -7.34 -23.21 -17.19
C ASN B 91 -6.37 -24.37 -17.09
N GLN B 92 -5.24 -24.23 -16.41
CA GLN B 92 -4.22 -25.28 -16.46
C GLN B 92 -4.68 -26.54 -15.75
N ILE B 93 -5.20 -26.38 -14.53
CA ILE B 93 -5.62 -27.55 -13.76
C ILE B 93 -6.83 -28.22 -14.41
N LYS B 94 -7.78 -27.41 -14.89
CA LYS B 94 -8.94 -27.96 -15.59
C LYS B 94 -8.52 -28.76 -16.81
N HIS B 95 -7.60 -28.22 -17.61
CA HIS B 95 -7.14 -28.94 -18.80
C HIS B 95 -6.43 -30.24 -18.43
N PHE B 96 -5.57 -30.18 -17.41
CA PHE B 96 -4.89 -31.40 -16.97
C PHE B 96 -5.90 -32.45 -16.50
N ALA B 97 -6.97 -32.02 -15.83
CA ALA B 97 -8.01 -32.95 -15.42
C ALA B 97 -8.74 -33.54 -16.60
N GLN B 98 -8.90 -32.78 -17.68
CA GLN B 98 -9.64 -33.23 -18.86
C GLN B 98 -8.82 -34.06 -19.85
N LYS B 99 -7.50 -34.11 -19.70
CA LYS B 99 -6.67 -34.68 -20.76
C LYS B 99 -6.73 -36.21 -20.77
N LYS B 100 -6.53 -36.76 -21.96
CA LYS B 100 -6.40 -38.19 -22.16
C LYS B 100 -5.11 -38.71 -21.56
N LEU B 101 -5.21 -39.84 -20.84
CA LEU B 101 -4.02 -40.57 -20.40
C LEU B 101 -4.45 -41.98 -20.02
N HIS B 102 -3.97 -42.96 -20.77
CA HIS B 102 -4.26 -44.37 -20.46
C HIS B 102 -3.31 -44.86 -19.37
N LEU B 103 -3.88 -45.29 -18.26
CA LEU B 103 -3.15 -45.86 -17.15
C LEU B 103 -3.74 -47.23 -16.84
N PRO B 104 -3.02 -48.07 -16.11
CA PRO B 104 -3.56 -49.38 -15.73
C PRO B 104 -4.77 -49.23 -14.83
N PRO B 105 -5.64 -50.25 -14.76
CA PRO B 105 -6.85 -50.14 -13.95
C PRO B 105 -6.52 -49.84 -12.50
N GLY B 106 -7.33 -48.97 -11.90
CA GLY B 106 -7.12 -48.54 -10.53
C GLY B 106 -6.16 -47.38 -10.36
N LYS B 107 -5.59 -46.85 -11.43
CA LYS B 107 -4.68 -45.73 -11.37
C LYS B 107 -5.31 -44.50 -12.02
N HIS B 108 -4.97 -43.33 -11.49
CA HIS B 108 -5.50 -42.07 -11.96
C HIS B 108 -4.39 -41.04 -12.05
N LYS B 109 -4.62 -40.01 -12.84
CA LYS B 109 -3.77 -38.83 -12.78
C LYS B 109 -3.89 -38.21 -11.39
N ILE B 110 -2.82 -37.54 -10.94
CA ILE B 110 -2.78 -36.96 -9.62
C ILE B 110 -2.38 -35.50 -9.72
N VAL B 111 -3.18 -34.64 -9.08
CA VAL B 111 -2.85 -33.23 -8.89
C VAL B 111 -2.41 -33.05 -7.45
N ILE B 112 -1.15 -32.65 -7.25
CA ILE B 112 -0.60 -32.37 -5.94
C ILE B 112 -0.57 -30.86 -5.75
N LEU B 113 -1.25 -30.38 -4.72
CA LEU B 113 -1.26 -28.97 -4.35
C LEU B 113 -0.58 -28.85 -2.99
N ASP B 114 0.74 -28.71 -3.01
CA ASP B 114 1.51 -28.58 -1.79
C ASP B 114 1.37 -27.17 -1.23
N GLU B 115 1.40 -27.07 0.09
CA GLU B 115 1.26 -25.78 0.77
C GLU B 115 -0.05 -25.12 0.36
N ALA B 116 -1.11 -25.93 0.27
CA ALA B 116 -2.39 -25.47 -0.24
C ALA B 116 -3.04 -24.41 0.65
N ASP B 117 -2.58 -24.27 1.89
CA ASP B 117 -3.19 -23.29 2.79
C ASP B 117 -2.91 -21.84 2.37
N SER B 118 -2.01 -21.61 1.41
CA SER B 118 -1.77 -20.26 0.92
C SER B 118 -2.61 -19.91 -0.30
N MET B 119 -3.48 -20.81 -0.76
CA MET B 119 -4.33 -20.54 -1.91
C MET B 119 -5.54 -19.71 -1.49
N THR B 120 -5.95 -18.80 -2.36
CA THR B 120 -7.06 -17.91 -2.03
C THR B 120 -8.38 -18.67 -2.03
N ALA B 121 -9.36 -18.11 -1.31
CA ALA B 121 -10.66 -18.76 -1.21
C ALA B 121 -11.34 -18.88 -2.57
N GLY B 122 -11.26 -17.83 -3.40
CA GLY B 122 -11.85 -17.91 -4.73
C GLY B 122 -11.24 -19.02 -5.57
N ALA B 123 -9.91 -19.14 -5.55
CA ALA B 123 -9.26 -20.21 -6.29
C ALA B 123 -9.74 -21.58 -5.81
N GLN B 124 -9.89 -21.74 -4.49
CA GLN B 124 -10.42 -22.99 -3.96
C GLN B 124 -11.84 -23.25 -4.44
N GLN B 125 -12.68 -22.22 -4.44
CA GLN B 125 -14.04 -22.38 -4.95
C GLN B 125 -14.02 -22.88 -6.39
N ALA B 126 -13.07 -22.38 -7.19
CA ALA B 126 -13.00 -22.79 -8.59
C ALA B 126 -12.66 -24.27 -8.77
N LEU B 127 -12.19 -24.95 -7.73
CA LEU B 127 -11.77 -26.36 -7.85
C LEU B 127 -12.89 -27.36 -7.62
N ARG B 128 -14.02 -26.95 -7.05
CA ARG B 128 -15.00 -27.91 -6.53
C ARG B 128 -15.55 -28.79 -7.65
N ARG B 129 -16.05 -28.18 -8.71
CA ARG B 129 -16.68 -28.97 -9.75
C ARG B 129 -15.66 -29.67 -10.63
N THR B 130 -14.46 -29.12 -10.77
CA THR B 130 -13.42 -29.87 -11.47
C THR B 130 -13.08 -31.15 -10.71
N MET B 131 -13.01 -31.07 -9.38
CA MET B 131 -12.79 -32.27 -8.59
C MET B 131 -13.92 -33.26 -8.78
N GLU B 132 -15.16 -32.78 -8.79
CA GLU B 132 -16.30 -33.69 -8.88
C GLU B 132 -16.44 -34.32 -10.27
N LEU B 133 -16.29 -33.52 -11.32
CA LEU B 133 -16.64 -33.97 -12.68
C LEU B 133 -15.63 -34.94 -13.27
N TYR B 134 -14.36 -34.82 -12.91
CA TYR B 134 -13.29 -35.58 -13.56
C TYR B 134 -12.66 -36.61 -12.62
N SER B 135 -13.37 -37.01 -11.56
CA SER B 135 -12.81 -37.92 -10.57
C SER B 135 -12.58 -39.32 -11.12
N ASN B 136 -13.22 -39.70 -12.22
CA ASN B 136 -12.94 -41.00 -12.80
C ASN B 136 -11.58 -41.09 -13.45
N SER B 137 -10.86 -39.96 -13.59
CA SER B 137 -9.51 -39.98 -14.16
C SER B 137 -8.49 -39.16 -13.38
N THR B 138 -8.91 -38.33 -12.44
CA THR B 138 -8.00 -37.44 -11.72
C THR B 138 -8.36 -37.40 -10.25
N ARG B 139 -7.36 -37.43 -9.39
CA ARG B 139 -7.53 -37.36 -7.95
C ARG B 139 -6.59 -36.30 -7.37
N PHE B 140 -7.05 -35.60 -6.34
CA PHE B 140 -6.36 -34.43 -5.79
C PHE B 140 -5.80 -34.73 -4.40
N ALA B 141 -4.56 -34.30 -4.18
CA ALA B 141 -3.90 -34.41 -2.88
C ALA B 141 -3.45 -33.01 -2.45
N PHE B 142 -3.98 -32.55 -1.32
CA PHE B 142 -3.59 -31.29 -0.72
C PHE B 142 -2.68 -31.58 0.47
N ALA B 143 -1.67 -30.73 0.66
CA ALA B 143 -0.85 -30.77 1.86
C ALA B 143 -0.79 -29.35 2.44
N CYS B 144 -1.01 -29.24 3.74
CA CYS B 144 -1.03 -27.93 4.37
C CYS B 144 -0.58 -28.03 5.82
N ASN B 145 -0.23 -26.88 6.39
CA ASN B 145 0.11 -26.78 7.80
C ASN B 145 -1.08 -26.40 8.66
N GLN B 146 -2.00 -25.58 8.15
CA GLN B 146 -3.17 -25.11 8.90
C GLN B 146 -4.42 -25.55 8.14
N SER B 147 -5.00 -26.67 8.55
CA SER B 147 -6.10 -27.25 7.78
C SER B 147 -7.34 -26.36 7.78
N ASN B 148 -7.49 -25.48 8.77
CA ASN B 148 -8.66 -24.61 8.82
C ASN B 148 -8.66 -23.57 7.70
N LYS B 149 -7.56 -23.45 6.95
CA LYS B 149 -7.49 -22.53 5.82
C LYS B 149 -7.99 -23.14 4.52
N ILE B 150 -8.34 -24.42 4.50
CA ILE B 150 -9.00 -25.04 3.36
C ILE B 150 -10.50 -24.94 3.55
N ILE B 151 -11.21 -24.38 2.56
CA ILE B 151 -12.63 -24.11 2.73
C ILE B 151 -13.41 -25.41 2.92
N GLU B 152 -14.51 -25.31 3.66
CA GLU B 152 -15.30 -26.49 3.97
C GLU B 152 -15.77 -27.27 2.75
N PRO B 153 -16.25 -26.64 1.67
CA PRO B 153 -16.66 -27.44 0.51
C PRO B 153 -15.55 -28.33 -0.02
N LEU B 154 -14.29 -27.90 0.05
CA LEU B 154 -13.20 -28.75 -0.38
C LEU B 154 -12.91 -29.85 0.64
N GLN B 155 -12.98 -29.53 1.94
CA GLN B 155 -12.83 -30.56 2.95
C GLN B 155 -13.88 -31.64 2.82
N SER B 156 -15.08 -31.28 2.35
CA SER B 156 -16.16 -32.24 2.19
C SER B 156 -15.80 -33.30 1.15
N ARG B 157 -15.12 -32.90 0.07
CA ARG B 157 -14.81 -33.82 -1.00
C ARG B 157 -13.57 -34.67 -0.73
N CYS B 158 -12.89 -34.49 0.41
CA CYS B 158 -11.59 -35.09 0.64
C CYS B 158 -11.61 -36.05 1.83
N ALA B 159 -10.67 -37.00 1.81
CA ALA B 159 -10.35 -37.78 3.00
C ALA B 159 -9.43 -36.96 3.89
N ILE B 160 -9.76 -36.89 5.18
CA ILE B 160 -9.08 -36.03 6.14
C ILE B 160 -7.99 -36.84 6.83
N LEU B 161 -6.72 -36.45 6.61
CA LEU B 161 -5.56 -37.12 7.20
C LEU B 161 -4.76 -36.08 7.98
N ARG B 162 -4.99 -36.02 9.29
CA ARG B 162 -4.30 -35.10 10.17
C ARG B 162 -3.10 -35.82 10.78
N TYR B 163 -1.89 -35.39 10.45
CA TYR B 163 -0.69 -36.00 10.99
C TYR B 163 -0.40 -35.42 12.37
N SER B 164 0.05 -36.28 13.28
CA SER B 164 0.50 -35.85 14.60
C SER B 164 2.02 -35.68 14.59
N LYS B 165 2.50 -34.94 15.58
CA LYS B 165 3.94 -34.73 15.73
C LYS B 165 4.63 -36.06 15.99
N LEU B 166 5.90 -36.13 15.61
CA LEU B 166 6.67 -37.35 15.83
C LEU B 166 7.07 -37.49 17.29
N SER B 167 6.94 -38.71 17.80
CA SER B 167 7.31 -39.00 19.18
C SER B 167 8.80 -39.30 19.29
N ASP B 168 9.32 -39.23 20.51
CA ASP B 168 10.75 -39.43 20.73
C ASP B 168 11.21 -40.77 20.17
N GLU B 169 10.35 -41.79 20.19
CA GLU B 169 10.75 -43.12 19.74
C GLU B 169 10.89 -43.16 18.21
N ASP B 170 9.95 -42.54 17.48
CA ASP B 170 10.06 -42.51 16.02
C ASP B 170 11.32 -41.79 15.58
N VAL B 171 11.57 -40.62 16.17
CA VAL B 171 12.76 -39.86 15.84
C VAL B 171 14.01 -40.66 16.17
N LEU B 172 14.03 -41.33 17.33
CA LEU B 172 15.18 -42.15 17.70
C LEU B 172 15.41 -43.26 16.67
N LYS B 173 14.34 -43.92 16.23
CA LYS B 173 14.49 -45.02 15.27
C LYS B 173 15.07 -44.52 13.94
N ARG B 174 14.51 -43.44 13.40
CA ARG B 174 15.02 -42.92 12.14
C ARG B 174 16.47 -42.46 12.29
N LEU B 175 16.78 -41.78 13.39
CA LEU B 175 18.15 -41.32 13.63
C LEU B 175 19.11 -42.50 13.71
N LEU B 176 18.71 -43.60 14.36
CA LEU B 176 19.59 -44.76 14.44
C LEU B 176 19.84 -45.35 13.06
N GLN B 177 18.81 -45.39 12.22
CA GLN B 177 19.03 -45.85 10.85
C GLN B 177 20.08 -45.00 10.15
N ILE B 178 19.92 -43.67 10.19
CA ILE B 178 20.87 -42.80 9.51
C ILE B 178 22.27 -42.95 10.13
N ILE B 179 22.33 -43.10 11.45
CA ILE B 179 23.61 -43.18 12.16
C ILE B 179 24.37 -44.43 11.74
N LYS B 180 23.67 -45.55 11.64
CA LYS B 180 24.34 -46.76 11.17
C LYS B 180 24.78 -46.62 9.72
N LEU B 181 23.95 -45.98 8.89
CA LEU B 181 24.34 -45.79 7.50
C LEU B 181 25.56 -44.89 7.36
N GLU B 182 25.75 -43.94 8.27
CA GLU B 182 26.82 -42.96 8.16
C GLU B 182 28.01 -43.24 9.08
N ASP B 183 27.93 -44.28 9.92
CA ASP B 183 29.04 -44.64 10.81
C ASP B 183 29.33 -43.52 11.81
N VAL B 184 28.29 -43.08 12.52
CA VAL B 184 28.40 -41.98 13.47
C VAL B 184 28.59 -42.56 14.87
N LYS B 185 29.57 -42.02 15.60
CA LYS B 185 29.78 -42.39 16.99
C LYS B 185 28.95 -41.48 17.88
N TYR B 186 28.34 -42.07 18.91
CA TYR B 186 27.34 -41.35 19.70
C TYR B 186 27.24 -41.96 21.08
N THR B 187 26.61 -41.22 21.98
CA THR B 187 26.19 -41.71 23.28
C THR B 187 24.70 -41.46 23.43
N ASN B 188 24.06 -42.24 24.31
CA ASN B 188 22.62 -42.12 24.50
C ASN B 188 22.23 -40.70 24.89
N ASP B 189 23.01 -40.07 25.76
CA ASP B 189 22.72 -38.69 26.14
C ASP B 189 22.78 -37.76 24.94
N GLY B 190 23.69 -38.02 24.01
CA GLY B 190 23.77 -37.18 22.83
C GLY B 190 22.53 -37.25 21.96
N LEU B 191 22.05 -38.47 21.70
CA LEU B 191 20.83 -38.60 20.90
C LEU B 191 19.62 -38.06 21.66
N GLU B 192 19.58 -38.22 22.98
CA GLU B 192 18.50 -37.62 23.74
C GLU B 192 18.53 -36.09 23.67
N ALA B 193 19.73 -35.51 23.67
CA ALA B 193 19.84 -34.06 23.49
C ALA B 193 19.36 -33.64 22.10
N ILE B 194 19.70 -34.41 21.08
CA ILE B 194 19.21 -34.12 19.73
C ILE B 194 17.69 -34.13 19.72
N ILE B 195 17.09 -35.19 20.28
CA ILE B 195 15.62 -35.29 20.30
C ILE B 195 15.02 -34.14 21.09
N PHE B 196 15.62 -33.81 22.24
CA PHE B 196 15.13 -32.71 23.07
C PHE B 196 15.11 -31.39 22.29
N THR B 197 16.19 -31.09 21.57
CA THR B 197 16.25 -29.83 20.84
C THR B 197 15.45 -29.84 19.54
N ALA B 198 15.11 -31.01 19.00
CA ALA B 198 14.35 -31.06 17.76
C ALA B 198 12.87 -30.74 17.96
N GLU B 199 12.29 -31.13 19.11
CA GLU B 199 10.88 -30.86 19.41
C GLU B 199 9.94 -31.52 18.39
N GLY B 200 10.28 -32.73 17.97
CA GLY B 200 9.41 -33.50 17.09
C GLY B 200 9.48 -33.15 15.62
N ASP B 201 10.41 -32.30 15.21
CA ASP B 201 10.62 -31.96 13.80
C ASP B 201 11.82 -32.78 13.31
N MET B 202 11.55 -33.75 12.43
CA MET B 202 12.61 -34.64 11.96
C MET B 202 13.66 -33.88 11.18
N ARG B 203 13.23 -32.91 10.36
CA ARG B 203 14.17 -32.09 9.61
C ARG B 203 15.20 -31.48 10.55
N GLN B 204 14.75 -30.88 11.65
CA GLN B 204 15.66 -30.25 12.60
C GLN B 204 16.54 -31.29 13.29
N ALA B 205 15.99 -32.46 13.60
CA ALA B 205 16.80 -33.51 14.22
C ALA B 205 17.98 -33.89 13.33
N ILE B 206 17.71 -34.11 12.04
CA ILE B 206 18.78 -34.50 11.12
C ILE B 206 19.75 -33.34 10.90
N ASN B 207 19.23 -32.12 10.78
CA ASN B 207 20.13 -30.98 10.60
C ASN B 207 21.08 -30.83 11.78
N ASN B 208 20.56 -30.96 13.00
CA ASN B 208 21.41 -30.80 14.16
C ASN B 208 22.36 -31.99 14.33
N LEU B 209 21.94 -33.19 13.91
CA LEU B 209 22.87 -34.31 13.92
C LEU B 209 24.05 -34.06 12.98
N GLN B 210 23.76 -33.62 11.74
CA GLN B 210 24.84 -33.26 10.84
C GLN B 210 25.72 -32.17 11.43
N SER B 211 25.12 -31.14 12.02
CA SER B 211 25.91 -30.03 12.55
C SER B 211 26.83 -30.52 13.66
N THR B 212 26.32 -31.33 14.59
CA THR B 212 27.15 -31.84 15.67
C THR B 212 28.27 -32.72 15.14
N VAL B 213 27.97 -33.60 14.17
CA VAL B 213 29.00 -34.49 13.64
C VAL B 213 30.08 -33.69 12.95
N ALA B 214 29.68 -32.75 12.09
CA ALA B 214 30.65 -31.87 11.43
C ALA B 214 31.48 -31.11 12.45
N GLY B 215 30.85 -30.54 13.46
CA GLY B 215 31.58 -29.76 14.44
C GLY B 215 32.59 -30.55 15.25
N HIS B 216 32.12 -31.56 15.98
CA HIS B 216 32.92 -32.18 17.03
C HIS B 216 33.04 -33.69 16.91
N GLY B 217 32.59 -34.28 15.80
CA GLY B 217 32.81 -35.69 15.58
C GLY B 217 31.89 -36.61 16.35
N LEU B 218 31.97 -36.56 17.69
CA LEU B 218 31.24 -37.49 18.56
C LEU B 218 29.97 -36.84 19.06
N VAL B 219 28.87 -37.57 19.01
CA VAL B 219 27.55 -37.06 19.37
C VAL B 219 27.29 -37.45 20.82
N ASN B 220 27.72 -36.59 21.74
CA ASN B 220 27.34 -36.67 23.14
C ASN B 220 26.65 -35.35 23.53
N ALA B 221 26.10 -35.33 24.74
CA ALA B 221 25.27 -34.20 25.14
C ALA B 221 26.04 -32.89 25.10
N ASP B 222 27.27 -32.89 25.63
CA ASP B 222 28.05 -31.66 25.70
C ASP B 222 28.37 -31.11 24.31
N ASN B 223 28.78 -31.99 23.38
CA ASN B 223 29.04 -31.53 22.02
C ASN B 223 27.78 -31.03 21.34
N VAL B 224 26.64 -31.68 21.58
CA VAL B 224 25.39 -31.21 21.00
C VAL B 224 25.08 -29.80 21.49
N PHE B 225 25.15 -29.58 22.80
CA PHE B 225 24.78 -28.29 23.34
C PHE B 225 25.84 -27.22 23.12
N LYS B 226 27.04 -27.59 22.66
CA LYS B 226 27.99 -26.55 22.26
C LYS B 226 27.47 -25.74 21.07
N ILE B 227 26.76 -26.38 20.15
CA ILE B 227 26.33 -25.72 18.94
C ILE B 227 24.81 -25.57 18.86
N VAL B 228 24.04 -26.43 19.51
CA VAL B 228 22.59 -26.39 19.44
C VAL B 228 22.03 -25.77 20.72
N ASP B 229 21.11 -24.82 20.56
CA ASP B 229 20.49 -24.16 21.69
C ASP B 229 19.28 -24.95 22.18
N SER B 230 19.10 -24.99 23.49
CA SER B 230 17.86 -25.52 24.03
C SER B 230 16.71 -24.61 23.61
N PRO B 231 15.56 -25.16 23.22
CA PRO B 231 14.50 -24.32 22.64
C PRO B 231 14.07 -23.22 23.60
N HIS B 232 14.19 -21.98 23.14
CA HIS B 232 13.95 -20.83 24.01
C HIS B 232 12.49 -20.72 24.48
N PRO B 233 11.50 -21.30 23.79
CA PRO B 233 10.16 -21.33 24.41
C PRO B 233 10.13 -22.04 25.75
N LEU B 234 10.92 -23.10 25.92
CA LEU B 234 10.97 -23.79 27.20
C LEU B 234 11.66 -22.93 28.27
N ILE B 235 12.70 -22.20 27.87
CA ILE B 235 13.34 -21.25 28.79
C ILE B 235 12.34 -20.18 29.23
N VAL B 236 11.58 -19.65 28.27
CA VAL B 236 10.59 -18.63 28.58
C VAL B 236 9.52 -19.17 29.52
N LYS B 237 9.09 -20.43 29.30
CA LYS B 237 8.14 -21.06 30.20
C LYS B 237 8.70 -21.15 31.61
N LYS B 238 9.96 -21.57 31.72
CA LYS B 238 10.60 -21.59 33.03
C LYS B 238 10.60 -20.22 33.67
N MET B 239 10.88 -19.18 32.88
CA MET B 239 10.88 -17.82 33.40
C MET B 239 9.51 -17.44 33.93
N LEU B 240 8.45 -17.77 33.17
CA LEU B 240 7.11 -17.37 33.56
C LEU B 240 6.62 -18.14 34.80
N LEU B 241 7.11 -19.36 35.01
CA LEU B 241 6.63 -20.18 36.11
C LEU B 241 7.44 -20.01 37.40
N ALA B 242 8.51 -19.21 37.40
CA ALA B 242 9.35 -19.10 38.58
C ALA B 242 8.57 -18.52 39.76
N SER B 243 8.90 -18.99 40.96
CA SER B 243 8.11 -18.66 42.14
C SER B 243 8.38 -17.26 42.67
N ASN B 244 9.61 -16.78 42.61
CA ASN B 244 9.96 -15.45 43.11
C ASN B 244 10.54 -14.61 41.98
N LEU B 245 10.42 -13.29 42.13
CA LEU B 245 10.80 -12.38 41.06
C LEU B 245 12.28 -12.48 40.72
N GLU B 246 13.13 -12.67 41.74
CA GLU B 246 14.57 -12.66 41.50
C GLU B 246 15.01 -13.81 40.60
N ASP B 247 14.44 -15.01 40.80
CA ASP B 247 14.82 -16.14 39.95
C ASP B 247 14.33 -15.95 38.51
N SER B 248 13.12 -15.42 38.34
CA SER B 248 12.63 -15.14 36.99
C SER B 248 13.51 -14.11 36.30
N ILE B 249 13.90 -13.06 37.02
CA ILE B 249 14.80 -12.06 36.44
C ILE B 249 16.15 -12.67 36.14
N GLN B 250 16.62 -13.58 36.98
CA GLN B 250 17.90 -14.24 36.74
C GLN B 250 17.85 -15.07 35.46
N ILE B 251 16.75 -15.79 35.23
CA ILE B 251 16.60 -16.55 33.99
C ILE B 251 16.58 -15.59 32.80
N LEU B 252 15.79 -14.52 32.90
CA LEU B 252 15.75 -13.53 31.82
C LEU B 252 17.15 -13.02 31.51
N ARG B 253 17.91 -12.65 32.54
CA ARG B 253 19.21 -12.05 32.33
C ARG B 253 20.20 -13.02 31.72
N THR B 254 20.31 -14.22 32.29
CA THR B 254 21.38 -15.14 31.93
C THR B 254 21.08 -15.98 30.70
N ASP B 255 19.86 -16.51 30.59
CA ASP B 255 19.56 -17.48 29.56
C ASP B 255 18.99 -16.87 28.29
N LEU B 256 18.46 -15.64 28.36
CA LEU B 256 17.84 -15.01 27.20
C LEU B 256 18.56 -13.73 26.78
N TRP B 257 18.66 -12.74 27.67
CA TRP B 257 19.15 -11.43 27.26
C TRP B 257 20.63 -11.47 26.90
N LYS B 258 21.43 -12.19 27.69
CA LYS B 258 22.86 -12.23 27.45
C LYS B 258 23.27 -13.31 26.46
N LYS B 259 22.33 -14.07 25.93
CA LYS B 259 22.59 -14.95 24.80
C LYS B 259 22.32 -14.28 23.45
N GLY B 260 21.75 -13.08 23.45
CA GLY B 260 21.51 -12.32 22.24
C GLY B 260 20.10 -12.39 21.68
N TYR B 261 19.17 -13.04 22.36
CA TYR B 261 17.78 -13.05 21.91
C TYR B 261 17.21 -11.63 21.98
N SER B 262 16.53 -11.21 20.90
CA SER B 262 15.99 -9.86 20.85
C SER B 262 14.82 -9.71 21.81
N SER B 263 14.58 -8.46 22.23
CA SER B 263 13.47 -8.18 23.13
C SER B 263 12.13 -8.52 22.47
N ILE B 264 12.00 -8.26 21.17
CA ILE B 264 10.76 -8.58 20.47
C ILE B 264 10.54 -10.10 20.43
N ASP B 265 11.61 -10.87 20.21
CA ASP B 265 11.50 -12.32 20.25
C ASP B 265 11.07 -12.81 21.63
N ILE B 266 11.69 -12.26 22.68
CA ILE B 266 11.35 -12.66 24.05
C ILE B 266 9.88 -12.36 24.34
N VAL B 267 9.40 -11.17 23.96
CA VAL B 267 8.04 -10.79 24.32
C VAL B 267 7.01 -11.59 23.51
N THR B 268 7.25 -11.80 22.22
CA THR B 268 6.30 -12.60 21.43
C THR B 268 6.26 -14.04 21.92
N THR B 269 7.41 -14.61 22.27
CA THR B 269 7.41 -15.96 22.82
C THR B 269 6.69 -16.00 24.16
N SER B 270 6.86 -14.96 24.99
CA SER B 270 6.14 -14.91 26.26
C SER B 270 4.64 -14.95 26.03
N PHE B 271 4.14 -14.17 25.06
CA PHE B 271 2.71 -14.20 24.74
C PHE B 271 2.28 -15.60 24.32
N ARG B 272 3.02 -16.19 23.37
CA ARG B 272 2.61 -17.50 22.85
C ARG B 272 2.61 -18.56 23.94
N VAL B 273 3.61 -18.53 24.83
CA VAL B 273 3.70 -19.53 25.88
C VAL B 273 2.60 -19.32 26.91
N THR B 274 2.37 -18.06 27.33
CA THR B 274 1.32 -17.79 28.30
C THR B 274 -0.03 -18.26 27.77
N LYS B 275 -0.28 -18.06 26.48
CA LYS B 275 -1.53 -18.52 25.89
C LYS B 275 -1.79 -19.99 26.17
N ASN B 276 -0.74 -20.81 26.13
CA ASN B 276 -0.87 -22.26 26.17
C ASN B 276 -0.60 -22.87 27.55
N LEU B 277 -0.44 -22.05 28.60
CA LEU B 277 -0.12 -22.55 29.94
C LEU B 277 -1.38 -23.14 30.57
N ALA B 278 -1.71 -24.37 30.16
CA ALA B 278 -2.97 -24.97 30.56
C ALA B 278 -3.09 -25.15 32.07
N GLN B 279 -1.98 -25.15 32.80
CA GLN B 279 -2.00 -25.36 34.24
C GLN B 279 -2.30 -24.10 35.04
N VAL B 280 -2.27 -22.92 34.42
CA VAL B 280 -2.62 -21.67 35.07
C VAL B 280 -4.05 -21.32 34.64
N LYS B 281 -4.88 -20.93 35.60
CA LYS B 281 -6.28 -20.65 35.28
C LYS B 281 -6.37 -19.52 34.25
N GLU B 282 -7.41 -19.58 33.44
CA GLU B 282 -7.46 -18.78 32.21
C GLU B 282 -7.52 -17.29 32.53
N SER B 283 -8.23 -16.89 33.58
CA SER B 283 -8.33 -15.47 33.91
C SER B 283 -6.96 -14.87 34.23
N VAL B 284 -6.14 -15.61 34.98
CA VAL B 284 -4.78 -15.16 35.26
C VAL B 284 -4.00 -15.00 33.97
N ARG B 285 -4.12 -15.95 33.05
CA ARG B 285 -3.43 -15.83 31.77
C ARG B 285 -3.90 -14.61 31.00
N LEU B 286 -5.19 -14.26 31.10
CA LEU B 286 -5.67 -13.07 30.42
C LEU B 286 -5.02 -11.81 31.01
N GLU B 287 -4.91 -11.74 32.34
CA GLU B 287 -4.20 -10.61 32.96
C GLU B 287 -2.74 -10.55 32.51
N MET B 288 -2.06 -11.70 32.54
CA MET B 288 -0.67 -11.75 32.09
C MET B 288 -0.55 -11.31 30.64
N ILE B 289 -1.49 -11.72 29.79
CA ILE B 289 -1.45 -11.36 28.38
C ILE B 289 -1.59 -9.85 28.23
N LYS B 290 -2.46 -9.23 29.03
CA LYS B 290 -2.58 -7.79 29.00
C LYS B 290 -1.24 -7.12 29.30
N GLU B 291 -0.56 -7.57 30.36
CA GLU B 291 0.71 -6.95 30.71
C GLU B 291 1.76 -7.18 29.62
N ILE B 292 1.83 -8.40 29.10
CA ILE B 292 2.77 -8.73 28.03
C ILE B 292 2.51 -7.84 26.82
N GLY B 293 1.24 -7.62 26.49
CA GLY B 293 0.92 -6.79 25.34
C GLY B 293 1.29 -5.33 25.54
N LEU B 294 1.12 -4.82 26.77
CA LEU B 294 1.62 -3.48 27.06
C LEU B 294 3.11 -3.38 26.75
N THR B 295 3.89 -4.34 27.26
CA THR B 295 5.33 -4.31 26.99
C THR B 295 5.63 -4.46 25.50
N HIS B 296 4.90 -5.34 24.82
CA HIS B 296 5.08 -5.54 23.38
C HIS B 296 4.89 -4.23 22.62
N MET B 297 3.83 -3.49 22.96
CA MET B 297 3.57 -2.22 22.29
C MET B 297 4.70 -1.23 22.55
N ARG B 298 5.19 -1.17 23.79
CA ARG B 298 6.32 -0.28 24.08
C ARG B 298 7.54 -0.67 23.25
N ILE B 299 7.84 -1.96 23.15
CA ILE B 299 8.98 -2.40 22.36
C ILE B 299 8.82 -2.00 20.89
N LEU B 300 7.62 -2.19 20.34
CA LEU B 300 7.38 -1.79 18.96
C LEU B 300 7.54 -0.29 18.74
N GLU B 301 7.29 0.51 19.77
CA GLU B 301 7.61 1.93 19.64
C GLU B 301 9.10 2.21 19.61
N GLY B 302 9.94 1.23 19.93
CA GLY B 302 11.38 1.40 19.90
C GLY B 302 12.05 1.49 21.26
N VAL B 303 11.40 1.03 22.33
CA VAL B 303 11.93 1.17 23.68
C VAL B 303 12.28 -0.23 24.19
N GLY B 304 12.74 -1.10 23.30
CA GLY B 304 13.04 -2.47 23.66
C GLY B 304 14.29 -2.67 24.49
N THR B 305 14.27 -2.27 25.75
CA THR B 305 15.40 -2.40 26.66
C THR B 305 15.16 -3.52 27.66
N TYR B 306 16.24 -3.90 28.35
CA TYR B 306 16.13 -4.93 29.38
C TYR B 306 15.24 -4.48 30.53
N LEU B 307 15.22 -3.18 30.81
CA LEU B 307 14.39 -2.66 31.90
C LEU B 307 12.91 -2.90 31.61
N GLN B 308 12.48 -2.74 30.36
CA GLN B 308 11.09 -2.97 30.02
C GLN B 308 10.69 -4.43 30.26
N LEU B 309 11.55 -5.38 29.89
CA LEU B 309 11.26 -6.79 30.13
C LEU B 309 11.26 -7.12 31.61
N ALA B 310 12.21 -6.55 32.37
CA ALA B 310 12.21 -6.74 33.82
C ALA B 310 10.92 -6.20 34.45
N SER B 311 10.45 -5.05 33.98
CA SER B 311 9.20 -4.50 34.49
C SER B 311 8.02 -5.41 34.15
N MET B 312 8.01 -5.97 32.94
CA MET B 312 7.00 -6.95 32.57
C MET B 312 6.97 -8.11 33.56
N LEU B 313 8.16 -8.63 33.89
CA LEU B 313 8.23 -9.75 34.83
C LEU B 313 7.72 -9.33 36.20
N ALA B 314 8.07 -8.13 36.64
CA ALA B 314 7.60 -7.64 37.94
C ALA B 314 6.07 -7.56 37.97
N LYS B 315 5.47 -7.06 36.90
CA LYS B 315 4.02 -6.97 36.85
C LYS B 315 3.36 -8.35 36.85
N ILE B 316 3.91 -9.29 36.07
CA ILE B 316 3.38 -10.65 36.11
C ILE B 316 3.48 -11.20 37.53
N HIS B 317 4.58 -10.92 38.22
CA HIS B 317 4.72 -11.38 39.58
C HIS B 317 3.67 -10.77 40.50
N LYS B 318 3.39 -9.48 40.33
CA LYS B 318 2.33 -8.84 41.11
C LYS B 318 1.01 -9.54 40.87
N LEU B 319 0.69 -9.84 39.61
CA LEU B 319 -0.53 -10.57 39.29
C LEU B 319 -0.57 -11.90 40.03
N ASN B 320 0.34 -12.81 39.68
CA ASN B 320 0.37 -14.15 40.26
C ASN B 320 0.90 -14.09 41.70
N ASN B 321 0.10 -13.47 42.56
CA ASN B 321 0.46 -13.30 43.96
C ASN B 321 -0.78 -12.98 44.80
N GLU C 6 34.60 2.29 -2.93
CA GLU C 6 35.93 2.64 -2.46
C GLU C 6 36.45 3.88 -3.17
N LYS C 7 37.33 4.63 -2.50
CA LYS C 7 37.98 5.76 -3.13
C LYS C 7 39.22 6.13 -2.31
N ARG C 8 40.32 6.35 -3.02
CA ARG C 8 41.63 6.60 -2.39
C ARG C 8 41.98 5.34 -1.58
N SER C 9 42.59 5.48 -0.42
CA SER C 9 43.02 4.33 0.36
C SER C 9 41.93 3.87 1.32
N LYS C 10 42.14 2.69 1.90
CA LYS C 10 41.28 2.23 2.98
C LYS C 10 41.41 3.09 4.22
N GLU C 11 42.42 3.96 4.30
CA GLU C 11 42.55 4.89 5.42
C GLU C 11 41.47 5.97 5.40
N ASN C 12 40.75 6.13 4.31
CA ASN C 12 39.62 7.05 4.24
C ASN C 12 38.32 6.44 4.75
N LEU C 13 38.33 5.16 5.13
CA LEU C 13 37.09 4.52 5.52
C LEU C 13 36.81 4.68 7.00
N PRO C 14 35.54 4.66 7.42
CA PRO C 14 35.24 4.55 8.84
C PRO C 14 35.83 3.27 9.42
N TRP C 15 36.26 3.33 10.68
CA TRP C 15 36.90 2.17 11.29
C TRP C 15 35.99 0.94 11.27
N VAL C 16 34.68 1.12 11.38
CA VAL C 16 33.77 -0.02 11.37
C VAL C 16 33.85 -0.76 10.03
N GLU C 17 34.19 -0.07 8.95
CA GLU C 17 34.36 -0.71 7.65
C GLU C 17 35.81 -1.01 7.31
N LYS C 18 36.76 -0.19 7.80
CA LYS C 18 38.16 -0.47 7.53
C LYS C 18 38.62 -1.77 8.18
N TYR C 19 38.00 -2.16 9.29
CA TYR C 19 38.40 -3.35 10.04
C TYR C 19 37.42 -4.51 9.85
N ARG C 20 36.64 -4.50 8.77
CA ARG C 20 35.75 -5.60 8.48
C ARG C 20 36.57 -6.87 8.21
N PRO C 21 36.30 -7.98 8.88
CA PRO C 21 37.08 -9.20 8.62
C PRO C 21 37.07 -9.58 7.14
N GLU C 22 38.24 -9.98 6.64
CA GLU C 22 38.38 -10.44 5.27
C GLU C 22 38.36 -11.95 5.14
N THR C 23 38.82 -12.67 6.17
CA THR C 23 38.83 -14.12 6.17
C THR C 23 38.25 -14.61 7.49
N LEU C 24 37.94 -15.90 7.53
CA LEU C 24 37.33 -16.48 8.71
C LEU C 24 38.22 -16.38 9.94
N ASP C 25 39.53 -16.33 9.77
CA ASP C 25 40.44 -16.22 10.91
C ASP C 25 40.37 -14.85 11.58
N GLU C 26 39.78 -13.85 10.94
CA GLU C 26 39.65 -12.51 11.51
C GLU C 26 38.29 -12.28 12.15
N VAL C 27 37.42 -13.29 12.19
CA VAL C 27 36.17 -13.21 12.93
C VAL C 27 36.41 -13.71 14.35
N TYR C 28 36.08 -12.89 15.33
CA TYR C 28 36.42 -13.14 16.73
C TYR C 28 35.18 -13.41 17.55
N GLY C 29 35.34 -14.26 18.56
CA GLY C 29 34.31 -14.48 19.55
C GLY C 29 33.14 -15.34 19.12
N GLN C 30 33.28 -16.09 18.03
CA GLN C 30 32.23 -16.98 17.54
C GLN C 30 32.84 -18.34 17.16
N ASN C 31 33.69 -18.86 18.05
CA ASN C 31 34.59 -19.94 17.67
C ASN C 31 33.84 -21.20 17.27
N GLU C 32 32.81 -21.58 18.02
CA GLU C 32 32.09 -22.81 17.69
C GLU C 32 31.49 -22.73 16.29
N VAL C 33 30.85 -21.60 15.98
CA VAL C 33 30.27 -21.42 14.66
C VAL C 33 31.34 -21.47 13.58
N ILE C 34 32.45 -20.76 13.79
CA ILE C 34 33.50 -20.69 12.77
C ILE C 34 34.07 -22.07 12.51
N THR C 35 34.38 -22.82 13.58
CA THR C 35 34.89 -24.17 13.42
C THR C 35 33.93 -25.03 12.64
N THR C 36 32.64 -25.04 13.04
CA THR C 36 31.68 -25.89 12.36
C THR C 36 31.57 -25.55 10.88
N VAL C 37 31.46 -24.27 10.54
CA VAL C 37 31.23 -23.89 9.14
C VAL C 37 32.49 -24.13 8.32
N ARG C 38 33.67 -23.88 8.89
CA ARG C 38 34.89 -24.13 8.15
C ARG C 38 35.02 -25.61 7.83
N LYS C 39 34.65 -26.48 8.77
CA LYS C 39 34.75 -27.91 8.45
C LYS C 39 33.60 -28.37 7.56
N PHE C 40 32.43 -27.72 7.60
CA PHE C 40 31.44 -27.91 6.56
C PHE C 40 32.06 -27.69 5.18
N VAL C 41 32.75 -26.55 5.01
CA VAL C 41 33.35 -26.25 3.71
C VAL C 41 34.42 -27.27 3.38
N ASP C 42 35.28 -27.60 4.35
CA ASP C 42 36.38 -28.52 4.09
C ASP C 42 35.87 -29.85 3.57
N GLU C 43 34.81 -30.39 4.17
CA GLU C 43 34.32 -31.71 3.77
C GLU C 43 33.36 -31.66 2.59
N GLY C 44 33.03 -30.47 2.08
CA GLY C 44 32.08 -30.37 1.00
C GLY C 44 30.64 -30.53 1.41
N LYS C 45 30.33 -30.48 2.71
CA LYS C 45 28.98 -30.61 3.23
C LYS C 45 28.53 -29.25 3.73
N LEU C 46 27.93 -28.46 2.84
CA LEU C 46 27.34 -27.19 3.21
C LEU C 46 25.83 -27.31 3.25
N PRO C 47 25.20 -27.25 4.42
CA PRO C 47 23.73 -27.25 4.47
C PRO C 47 23.20 -25.82 4.30
N HIS C 48 21.88 -25.71 4.26
CA HIS C 48 21.24 -24.41 4.29
C HIS C 48 21.43 -23.80 5.68
N LEU C 49 21.96 -22.58 5.73
CA LEU C 49 22.38 -21.97 6.98
C LEU C 49 21.42 -20.86 7.42
N LEU C 50 21.31 -20.69 8.74
CA LEU C 50 20.69 -19.52 9.33
C LEU C 50 21.64 -18.95 10.37
N PHE C 51 21.98 -17.66 10.23
CA PHE C 51 22.78 -16.94 11.20
C PHE C 51 21.84 -15.98 11.93
N TYR C 52 21.64 -16.22 13.23
CA TYR C 52 20.73 -15.42 14.05
C TYR C 52 21.52 -14.71 15.13
N GLY C 53 21.32 -13.41 15.28
CA GLY C 53 22.01 -12.71 16.35
C GLY C 53 21.80 -11.21 16.42
N PRO C 54 22.28 -10.60 17.49
CA PRO C 54 22.10 -9.14 17.68
C PRO C 54 23.07 -8.35 16.83
N PRO C 55 22.86 -7.02 16.73
CA PRO C 55 23.65 -6.21 15.79
C PRO C 55 25.14 -6.25 16.06
N GLY C 56 25.92 -6.21 14.99
CA GLY C 56 27.36 -6.07 15.08
C GLY C 56 28.09 -7.21 15.75
N THR C 57 27.62 -8.45 15.57
CA THR C 57 28.29 -9.62 16.12
C THR C 57 29.03 -10.44 15.08
N GLY C 58 28.89 -10.12 13.79
CA GLY C 58 29.73 -10.71 12.76
C GLY C 58 29.03 -11.60 11.75
N LYS C 59 27.71 -11.48 11.60
CA LYS C 59 26.97 -12.39 10.72
C LYS C 59 27.31 -12.13 9.24
N THR C 60 27.11 -10.90 8.78
CA THR C 60 27.42 -10.58 7.39
C THR C 60 28.89 -10.81 7.10
N SER C 61 29.77 -10.40 8.03
CA SER C 61 31.20 -10.64 7.87
C SER C 61 31.48 -12.11 7.64
N THR C 62 30.87 -12.98 8.46
CA THR C 62 31.15 -14.41 8.36
C THR C 62 30.66 -14.97 7.04
N ILE C 63 29.44 -14.63 6.62
CA ILE C 63 28.94 -15.24 5.38
C ILE C 63 29.75 -14.77 4.18
N VAL C 64 30.15 -13.50 4.17
CA VAL C 64 30.96 -13.01 3.05
C VAL C 64 32.34 -13.65 3.07
N ALA C 65 32.93 -13.84 4.25
CA ALA C 65 34.20 -14.54 4.35
C ALA C 65 34.08 -15.99 3.87
N LEU C 66 32.96 -16.64 4.20
CA LEU C 66 32.73 -17.99 3.72
C LEU C 66 32.67 -18.04 2.20
N ALA C 67 31.92 -17.10 1.60
CA ALA C 67 31.84 -17.06 0.14
C ALA C 67 33.22 -16.83 -0.46
N ARG C 68 34.00 -15.92 0.13
CA ARG C 68 35.36 -15.66 -0.37
C ARG C 68 36.21 -16.92 -0.31
N GLU C 69 36.13 -17.66 0.80
CA GLU C 69 36.91 -18.89 0.93
C GLU C 69 36.47 -19.95 -0.08
N ILE C 70 35.16 -20.13 -0.25
CA ILE C 70 34.65 -21.16 -1.14
C ILE C 70 35.03 -20.86 -2.58
N TYR C 71 34.80 -19.63 -3.03
CA TYR C 71 34.90 -19.28 -4.43
C TYR C 71 36.15 -18.49 -4.79
N GLY C 72 36.98 -18.13 -3.81
CA GLY C 72 38.15 -17.32 -4.08
C GLY C 72 37.82 -15.84 -4.20
N LYS C 73 38.74 -15.11 -4.81
CA LYS C 73 38.61 -13.66 -4.91
C LYS C 73 37.47 -13.24 -5.84
N ASN C 74 37.07 -14.09 -6.77
CA ASN C 74 35.99 -13.78 -7.71
C ASN C 74 34.64 -14.26 -7.22
N TYR C 75 34.41 -14.26 -5.91
CA TYR C 75 33.15 -14.75 -5.36
C TYR C 75 31.97 -13.87 -5.76
N SER C 76 32.18 -12.57 -5.91
CA SER C 76 31.05 -11.64 -6.05
C SER C 76 30.23 -11.91 -7.30
N ASN C 77 30.82 -12.49 -8.34
CA ASN C 77 30.09 -12.82 -9.55
C ASN C 77 29.58 -14.27 -9.55
N MET C 78 29.72 -14.97 -8.44
CA MET C 78 29.33 -16.37 -8.33
C MET C 78 28.26 -16.63 -7.28
N VAL C 79 27.84 -15.60 -6.53
CA VAL C 79 26.80 -15.72 -5.52
C VAL C 79 25.69 -14.74 -5.87
N LEU C 80 24.51 -15.00 -5.34
CA LEU C 80 23.38 -14.08 -5.42
C LEU C 80 23.12 -13.53 -4.03
N GLU C 81 23.49 -12.27 -3.81
CA GLU C 81 23.34 -11.61 -2.51
C GLU C 81 22.18 -10.63 -2.59
N LEU C 82 21.19 -10.82 -1.71
CA LEU C 82 20.05 -9.92 -1.62
C LEU C 82 19.83 -9.52 -0.17
N ASN C 83 19.43 -8.26 0.04
CA ASN C 83 19.22 -7.73 1.38
C ASN C 83 17.99 -6.83 1.36
N ALA C 84 17.73 -6.15 2.48
CA ALA C 84 16.53 -5.33 2.62
C ALA C 84 16.52 -4.12 1.70
N SER C 85 17.68 -3.74 1.14
CA SER C 85 17.72 -2.66 0.15
C SER C 85 17.19 -3.09 -1.20
N ASP C 86 16.91 -4.38 -1.40
CA ASP C 86 16.37 -4.90 -2.65
C ASP C 86 14.92 -5.31 -2.48
N ASP C 87 14.15 -5.19 -3.56
CA ASP C 87 12.82 -5.78 -3.62
C ASP C 87 12.94 -7.30 -3.60
N ARG C 88 12.18 -7.94 -2.73
CA ARG C 88 12.17 -9.39 -2.63
C ARG C 88 10.74 -9.89 -2.45
N GLY C 89 9.83 -9.35 -3.25
CA GLY C 89 8.46 -9.83 -3.26
C GLY C 89 8.34 -11.21 -3.88
N ILE C 90 7.09 -11.67 -3.95
CA ILE C 90 6.84 -13.00 -4.50
C ILE C 90 7.37 -13.11 -5.92
N ASP C 91 7.22 -12.04 -6.71
CA ASP C 91 7.69 -12.06 -8.08
C ASP C 91 9.20 -12.25 -8.16
N VAL C 92 9.95 -11.59 -7.27
CA VAL C 92 11.40 -11.75 -7.28
C VAL C 92 11.77 -13.18 -6.92
N VAL C 93 11.09 -13.76 -5.92
CA VAL C 93 11.36 -15.15 -5.55
C VAL C 93 11.11 -16.07 -6.73
N ARG C 94 9.99 -15.86 -7.44
CA ARG C 94 9.62 -16.78 -8.50
C ARG C 94 10.48 -16.60 -9.75
N ASN C 95 11.00 -15.40 -9.99
CA ASN C 95 11.80 -15.19 -11.20
C ASN C 95 13.29 -15.16 -10.92
N GLN C 96 13.78 -14.16 -10.19
CA GLN C 96 15.22 -13.99 -10.06
C GLN C 96 15.84 -15.12 -9.24
N ILE C 97 15.29 -15.36 -8.06
CA ILE C 97 15.88 -16.36 -7.17
C ILE C 97 15.73 -17.75 -7.77
N LYS C 98 14.54 -18.08 -8.30
CA LYS C 98 14.34 -19.42 -8.85
C LYS C 98 15.21 -19.64 -10.09
N ASP C 99 15.40 -18.62 -10.92
CA ASP C 99 16.26 -18.76 -12.09
C ASP C 99 17.71 -18.99 -11.67
N PHE C 100 18.21 -18.20 -10.73
CA PHE C 100 19.58 -18.39 -10.28
C PHE C 100 19.76 -19.77 -9.66
N ALA C 101 18.77 -20.23 -8.88
CA ALA C 101 18.90 -21.53 -8.21
C ALA C 101 18.93 -22.68 -9.20
N SER C 102 18.24 -22.57 -10.33
CA SER C 102 18.06 -23.69 -11.25
C SER C 102 19.01 -23.66 -12.43
N THR C 103 20.00 -22.77 -12.45
CA THR C 103 20.86 -22.58 -13.61
C THR C 103 22.33 -22.67 -13.20
N ARG C 104 23.16 -23.09 -14.15
CA ARG C 104 24.58 -23.23 -13.92
C ARG C 104 25.24 -21.86 -13.79
N GLN C 105 26.48 -21.87 -13.28
CA GLN C 105 27.26 -20.65 -13.17
C GLN C 105 27.70 -20.15 -14.54
N ILE C 106 27.72 -18.82 -14.70
CA ILE C 106 28.26 -18.23 -15.92
C ILE C 106 29.78 -18.34 -15.94
N PHE C 107 30.44 -17.98 -14.84
CA PHE C 107 31.88 -17.71 -14.87
C PHE C 107 32.70 -18.96 -14.61
N SER C 108 32.42 -19.66 -13.51
CA SER C 108 33.18 -20.85 -13.15
C SER C 108 32.23 -21.93 -12.67
N LYS C 109 32.47 -23.17 -13.12
CA LYS C 109 31.63 -24.28 -12.72
C LYS C 109 31.63 -24.46 -11.22
N GLY C 110 30.48 -24.83 -10.68
CA GLY C 110 30.35 -25.10 -9.27
C GLY C 110 28.93 -24.85 -8.80
N PHE C 111 28.69 -25.18 -7.54
CA PHE C 111 27.38 -24.99 -6.94
C PHE C 111 27.11 -23.50 -6.71
N LYS C 112 25.82 -23.19 -6.57
CA LYS C 112 25.36 -21.82 -6.39
C LYS C 112 25.15 -21.52 -4.90
N LEU C 113 25.40 -20.27 -4.53
CA LEU C 113 25.14 -19.79 -3.17
C LEU C 113 24.23 -18.58 -3.24
N ILE C 114 23.12 -18.63 -2.51
CA ILE C 114 22.17 -17.52 -2.39
C ILE C 114 22.19 -17.05 -0.95
N ILE C 115 22.47 -15.77 -0.76
CA ILE C 115 22.57 -15.16 0.56
C ILE C 115 21.40 -14.19 0.71
N LEU C 116 20.48 -14.51 1.61
CA LEU C 116 19.35 -13.62 1.94
C LEU C 116 19.68 -12.92 3.25
N ASP C 117 20.45 -11.84 3.15
CA ASP C 117 20.77 -11.03 4.32
C ASP C 117 19.53 -10.27 4.78
N GLU C 118 19.40 -10.10 6.09
CA GLU C 118 18.30 -9.35 6.67
C GLU C 118 16.95 -9.94 6.21
N ALA C 119 16.86 -11.26 6.26
CA ALA C 119 15.69 -11.96 5.76
C ALA C 119 14.43 -11.65 6.58
N ASP C 120 14.58 -11.10 7.78
CA ASP C 120 13.41 -10.76 8.58
C ASP C 120 12.63 -9.61 7.95
N ALA C 121 13.14 -9.03 6.86
CA ALA C 121 12.45 -7.99 6.13
C ALA C 121 11.54 -8.51 5.02
N MET C 122 11.53 -9.82 4.77
CA MET C 122 10.71 -10.39 3.71
C MET C 122 9.31 -10.72 4.21
N THR C 123 8.33 -10.64 3.31
CA THR C 123 6.95 -10.90 3.67
C THR C 123 6.72 -12.41 3.85
N ASN C 124 5.59 -12.74 4.47
CA ASN C 124 5.22 -14.14 4.67
C ASN C 124 5.04 -14.86 3.34
N ALA C 125 4.39 -14.21 2.37
CA ALA C 125 4.13 -14.86 1.09
C ALA C 125 5.42 -15.21 0.36
N ALA C 126 6.38 -14.29 0.33
CA ALA C 126 7.67 -14.57 -0.30
C ALA C 126 8.39 -15.71 0.42
N GLN C 127 8.39 -15.69 1.75
CA GLN C 127 9.05 -16.75 2.51
C GLN C 127 8.42 -18.10 2.21
N ASN C 128 7.09 -18.16 2.10
CA ASN C 128 6.43 -19.42 1.78
C ASN C 128 6.76 -19.86 0.36
N ALA C 129 6.83 -18.93 -0.58
CA ALA C 129 7.27 -19.28 -1.93
C ALA C 129 8.67 -19.87 -1.93
N LEU C 130 9.51 -19.45 -0.98
CA LEU C 130 10.88 -19.97 -0.92
C LEU C 130 10.96 -21.45 -0.54
N ARG C 131 9.95 -22.01 0.11
CA ARG C 131 10.10 -23.32 0.74
C ARG C 131 10.51 -24.39 -0.28
N ARG C 132 9.74 -24.54 -1.35
CA ARG C 132 10.03 -25.59 -2.31
C ARG C 132 11.13 -25.20 -3.28
N VAL C 133 11.45 -23.91 -3.40
CA VAL C 133 12.67 -23.53 -4.12
C VAL C 133 13.89 -24.04 -3.36
N ILE C 134 13.91 -23.85 -2.05
CA ILE C 134 15.02 -24.33 -1.23
C ILE C 134 15.13 -25.84 -1.32
N GLU C 135 14.00 -26.55 -1.19
CA GLU C 135 14.06 -28.00 -1.18
C GLU C 135 14.37 -28.58 -2.56
N ARG C 136 13.79 -28.04 -3.62
CA ARG C 136 13.87 -28.68 -4.93
C ARG C 136 15.27 -28.57 -5.54
N TYR C 137 15.98 -27.47 -5.32
CA TYR C 137 17.27 -27.24 -5.96
C TYR C 137 18.44 -27.42 -5.00
N THR C 138 18.26 -28.21 -3.94
CA THR C 138 19.33 -28.40 -2.97
C THR C 138 20.57 -29.03 -3.59
N LYS C 139 20.40 -29.88 -4.60
CA LYS C 139 21.56 -30.60 -5.15
C LYS C 139 22.63 -29.64 -5.63
N ASN C 140 22.22 -28.51 -6.22
CA ASN C 140 23.16 -27.58 -6.81
C ASN C 140 23.23 -26.22 -6.12
N THR C 141 22.29 -25.92 -5.21
CA THR C 141 22.18 -24.59 -4.62
C THR C 141 22.03 -24.69 -3.11
N ARG C 142 22.66 -23.75 -2.39
CA ARG C 142 22.52 -23.64 -0.95
C ARG C 142 22.19 -22.21 -0.55
N PHE C 143 21.26 -22.08 0.40
CA PHE C 143 20.78 -20.80 0.88
C PHE C 143 21.40 -20.49 2.24
N CYS C 144 21.72 -19.21 2.46
CA CYS C 144 22.08 -18.72 3.78
C CYS C 144 21.18 -17.54 4.13
N VAL C 145 20.51 -17.65 5.28
CA VAL C 145 19.58 -16.65 5.78
C VAL C 145 20.21 -15.99 7.00
N LEU C 146 20.07 -14.66 7.11
CA LEU C 146 20.63 -13.91 8.23
C LEU C 146 19.52 -13.08 8.87
N ALA C 147 19.49 -13.04 10.20
CA ALA C 147 18.41 -12.33 10.88
C ALA C 147 18.80 -11.87 12.28
N ASN C 148 18.18 -10.76 12.69
CA ASN C 148 18.18 -10.29 14.07
C ASN C 148 16.91 -10.69 14.84
N TYR C 149 15.83 -11.00 14.14
CA TYR C 149 14.53 -11.23 14.77
C TYR C 149 13.91 -12.51 14.21
N ALA C 150 13.94 -13.58 15.00
CA ALA C 150 13.42 -14.85 14.53
C ALA C 150 11.90 -14.83 14.34
N HIS C 151 11.19 -13.97 15.09
CA HIS C 151 9.73 -14.02 15.07
C HIS C 151 9.13 -13.62 13.73
N LYS C 152 9.86 -12.89 12.90
CA LYS C 152 9.37 -12.56 11.57
C LYS C 152 9.68 -13.62 10.53
N LEU C 153 10.38 -14.70 10.91
CA LEU C 153 10.64 -15.82 10.03
C LEU C 153 9.61 -16.92 10.26
N THR C 154 9.09 -17.48 9.17
CA THR C 154 8.03 -18.48 9.28
C THR C 154 8.58 -19.78 9.89
N PRO C 155 7.72 -20.55 10.56
CA PRO C 155 8.18 -21.87 11.05
C PRO C 155 8.71 -22.76 9.94
N ALA C 156 8.11 -22.73 8.76
CA ALA C 156 8.56 -23.59 7.66
C ALA C 156 9.96 -23.19 7.18
N LEU C 157 10.25 -21.89 7.11
CA LEU C 157 11.59 -21.47 6.72
C LEU C 157 12.61 -21.85 7.80
N LEU C 158 12.24 -21.68 9.07
CA LEU C 158 13.16 -22.02 10.16
C LEU C 158 13.46 -23.52 10.16
N SER C 159 12.46 -24.34 9.86
CA SER C 159 12.67 -25.79 9.86
C SER C 159 13.75 -26.20 8.85
N ARG C 160 13.80 -25.53 7.70
CA ARG C 160 14.66 -25.96 6.62
C ARG C 160 16.11 -25.52 6.77
N CYS C 161 16.42 -24.66 7.73
CA CYS C 161 17.76 -24.12 7.88
C CYS C 161 18.46 -24.73 9.09
N THR C 162 19.78 -24.84 9.01
CA THR C 162 20.61 -25.22 10.15
C THR C 162 20.95 -23.94 10.91
N ARG C 163 20.54 -23.85 12.17
CA ARG C 163 20.60 -22.61 12.92
C ARG C 163 21.93 -22.45 13.65
N PHE C 164 22.46 -21.24 13.62
CA PHE C 164 23.66 -20.87 14.36
C PHE C 164 23.44 -19.51 14.99
N ARG C 165 23.58 -19.45 16.32
CA ARG C 165 23.38 -18.23 17.08
C ARG C 165 24.72 -17.53 17.28
N PHE C 166 24.81 -16.28 16.84
CA PHE C 166 25.96 -15.43 17.12
C PHE C 166 25.72 -14.72 18.44
N GLN C 167 26.61 -14.96 19.40
CA GLN C 167 26.49 -14.40 20.73
C GLN C 167 26.96 -12.95 20.76
N PRO C 168 26.49 -12.17 21.73
CA PRO C 168 27.16 -10.90 22.03
C PRO C 168 28.62 -11.17 22.31
N LEU C 169 29.49 -10.36 21.72
CA LEU C 169 30.91 -10.69 21.74
C LEU C 169 31.43 -10.64 23.17
N PRO C 170 32.08 -11.70 23.65
CA PRO C 170 32.58 -11.70 25.03
C PRO C 170 33.80 -10.78 25.17
N GLN C 171 34.20 -10.61 26.43
CA GLN C 171 35.23 -9.61 26.75
C GLN C 171 36.55 -9.91 26.04
N GLU C 172 36.96 -11.18 26.03
CA GLU C 172 38.28 -11.53 25.53
C GLU C 172 38.40 -11.23 24.03
N ALA C 173 37.37 -11.54 23.25
CA ALA C 173 37.40 -11.26 21.82
C ALA C 173 37.50 -9.75 21.55
N ILE C 174 36.71 -8.96 22.25
CA ILE C 174 36.78 -7.51 22.09
C ILE C 174 38.15 -7.00 22.47
N GLU C 175 38.73 -7.54 23.54
CA GLU C 175 40.06 -7.13 23.95
C GLU C 175 41.10 -7.42 22.88
N ARG C 176 41.04 -8.61 22.27
CA ARG C 176 42.00 -8.93 21.22
C ARG C 176 41.82 -8.02 20.00
N ARG C 177 40.57 -7.77 19.60
CA ARG C 177 40.35 -6.89 18.47
C ARG C 177 40.86 -5.49 18.76
N ILE C 178 40.65 -5.01 19.98
CA ILE C 178 41.14 -3.69 20.36
C ILE C 178 42.66 -3.66 20.29
N ALA C 179 43.32 -4.74 20.74
CA ALA C 179 44.78 -4.78 20.65
C ALA C 179 45.23 -4.64 19.20
N ASN C 180 44.59 -5.37 18.28
CA ASN C 180 44.93 -5.24 16.87
C ASN C 180 44.78 -3.79 16.40
N VAL C 181 43.64 -3.18 16.73
CA VAL C 181 43.39 -1.81 16.29
C VAL C 181 44.44 -0.86 16.85
N LEU C 182 44.77 -1.00 18.14
CA LEU C 182 45.76 -0.11 18.75
C LEU C 182 47.10 -0.23 18.03
N VAL C 183 47.51 -1.46 17.73
CA VAL C 183 48.78 -1.63 17.02
C VAL C 183 48.71 -0.91 15.68
N HIS C 184 47.61 -1.10 14.94
CA HIS C 184 47.57 -0.54 13.59
C HIS C 184 47.47 0.99 13.59
N GLU C 185 46.82 1.57 14.59
CA GLU C 185 46.62 3.01 14.66
C GLU C 185 47.68 3.73 15.45
N LYS C 186 48.63 3.01 16.07
CA LYS C 186 49.62 3.61 16.96
C LYS C 186 48.94 4.36 18.10
N LEU C 187 47.96 3.71 18.71
CA LEU C 187 47.16 4.29 19.78
C LEU C 187 47.53 3.65 21.11
N LYS C 188 47.34 4.41 22.19
CA LYS C 188 47.50 3.91 23.55
C LYS C 188 46.15 3.98 24.27
N LEU C 189 45.88 2.98 25.08
CA LEU C 189 44.60 2.87 25.80
C LEU C 189 44.87 2.35 27.20
N SER C 190 44.38 3.10 28.21
CA SER C 190 44.59 2.70 29.60
C SER C 190 43.68 1.53 29.98
N PRO C 191 44.05 0.78 31.02
CA PRO C 191 43.19 -0.36 31.41
C PRO C 191 41.78 0.02 31.82
N ASN C 192 41.62 1.08 32.63
CA ASN C 192 40.29 1.54 33.00
C ASN C 192 39.50 2.01 31.79
N ALA C 193 40.17 2.68 30.85
CA ALA C 193 39.49 3.11 29.63
C ALA C 193 39.01 1.90 28.83
N GLU C 194 39.83 0.85 28.74
CA GLU C 194 39.41 -0.36 28.04
C GLU C 194 38.21 -1.00 28.74
N LYS C 195 38.23 -1.03 30.08
CA LYS C 195 37.09 -1.56 30.81
C LYS C 195 35.81 -0.76 30.52
N ALA C 196 35.92 0.57 30.55
CA ALA C 196 34.75 1.40 30.27
C ALA C 196 34.22 1.17 28.87
N LEU C 197 35.13 1.08 27.89
CA LEU C 197 34.74 0.83 26.51
C LEU C 197 33.99 -0.49 26.38
N ILE C 198 34.56 -1.56 26.93
CA ILE C 198 33.91 -2.86 26.86
C ILE C 198 32.54 -2.81 27.54
N GLU C 199 32.46 -2.13 28.68
CA GLU C 199 31.19 -2.07 29.40
C GLU C 199 30.12 -1.37 28.57
N LEU C 200 30.47 -0.26 27.93
CA LEU C 200 29.45 0.50 27.19
C LEU C 200 29.13 -0.12 25.83
N SER C 201 29.94 -1.03 25.33
CA SER C 201 29.68 -1.59 23.99
C SER C 201 28.58 -2.64 23.97
N ASN C 202 28.21 -3.21 25.12
CA ASN C 202 27.20 -4.28 25.19
C ASN C 202 27.48 -5.40 24.19
N GLY C 203 28.75 -5.70 23.95
CA GLY C 203 29.12 -6.76 23.04
C GLY C 203 28.79 -6.49 21.58
N ASP C 204 28.85 -5.23 21.15
CA ASP C 204 28.65 -4.85 19.76
C ASP C 204 29.95 -4.21 19.26
N MET C 205 30.63 -4.89 18.33
CA MET C 205 31.94 -4.42 17.87
C MET C 205 31.85 -3.07 17.17
N ARG C 206 30.73 -2.78 16.51
CA ARG C 206 30.59 -1.49 15.85
C ARG C 206 30.69 -0.35 16.86
N ARG C 207 30.04 -0.51 18.02
CA ARG C 207 30.14 0.51 19.06
C ARG C 207 31.58 0.70 19.52
N VAL C 208 32.30 -0.41 19.73
CA VAL C 208 33.70 -0.31 20.15
C VAL C 208 34.49 0.50 19.15
N LEU C 209 34.39 0.15 17.87
CA LEU C 209 35.22 0.81 16.86
C LEU C 209 34.83 2.28 16.69
N ASN C 210 33.52 2.59 16.68
CA ASN C 210 33.10 3.98 16.54
C ASN C 210 33.60 4.83 17.70
N VAL C 211 33.45 4.32 18.93
CA VAL C 211 33.90 5.08 20.08
C VAL C 211 35.42 5.26 20.03
N LEU C 212 36.15 4.22 19.65
CA LEU C 212 37.61 4.32 19.62
C LEU C 212 38.06 5.36 18.59
N GLN C 213 37.42 5.38 17.41
CA GLN C 213 37.75 6.40 16.43
C GLN C 213 37.47 7.80 16.97
N SER C 214 36.33 7.99 17.63
CA SER C 214 36.03 9.30 18.21
C SER C 214 37.07 9.68 19.27
N CYS C 215 37.48 8.72 20.10
CA CYS C 215 38.47 9.00 21.13
C CYS C 215 39.79 9.43 20.52
N LYS C 216 40.23 8.74 19.47
CA LYS C 216 41.47 9.15 18.80
C LYS C 216 41.32 10.57 18.25
N ALA C 217 40.17 10.87 17.64
CA ALA C 217 39.94 12.22 17.15
C ALA C 217 39.96 13.25 18.28
N THR C 218 39.60 12.85 19.49
CA THR C 218 39.50 13.77 20.62
C THR C 218 40.86 14.08 21.27
N LEU C 219 41.89 13.30 21.00
CA LEU C 219 43.20 13.58 21.57
C LEU C 219 43.84 14.78 20.90
N ASP C 220 44.68 15.49 21.65
CA ASP C 220 45.47 16.56 21.06
C ASP C 220 46.61 16.00 20.21
N ASN C 221 47.46 15.17 20.81
CA ASN C 221 48.51 14.46 20.10
C ASN C 221 48.31 12.97 20.29
N PRO C 222 47.68 12.27 19.34
CA PRO C 222 47.45 10.83 19.51
C PRO C 222 48.72 10.01 19.60
N ASP C 223 49.88 10.56 19.22
CA ASP C 223 51.13 9.81 19.34
C ASP C 223 51.56 9.70 20.80
N GLU C 224 51.46 10.79 21.56
CA GLU C 224 51.86 10.80 22.96
C GLU C 224 50.68 10.73 23.92
N ASP C 225 49.57 11.36 23.58
CA ASP C 225 48.41 11.34 24.46
C ASP C 225 47.87 9.93 24.59
N GLU C 226 47.35 9.62 25.77
CA GLU C 226 46.81 8.30 26.08
C GLU C 226 45.30 8.40 26.31
N ILE C 227 44.54 7.51 25.68
CA ILE C 227 43.10 7.48 25.88
C ILE C 227 42.82 6.97 27.29
N SER C 228 42.37 7.87 28.16
CA SER C 228 41.92 7.53 29.50
C SER C 228 40.39 7.49 29.55
N ASP C 229 39.86 6.89 30.61
CA ASP C 229 38.40 6.80 30.74
C ASP C 229 37.76 8.19 30.70
N ASP C 230 38.47 9.21 31.20
CA ASP C 230 37.98 10.57 31.09
C ASP C 230 37.68 10.93 29.64
N VAL C 231 38.57 10.56 28.72
CA VAL C 231 38.37 10.86 27.30
C VAL C 231 37.12 10.14 26.80
N ILE C 232 36.96 8.86 27.17
CA ILE C 232 35.80 8.10 26.72
C ILE C 232 34.52 8.78 27.15
N TYR C 233 34.43 9.13 28.44
CA TYR C 233 33.22 9.78 28.94
C TYR C 233 33.01 11.13 28.27
N GLU C 234 34.09 11.87 28.01
CA GLU C 234 33.95 13.16 27.33
C GLU C 234 33.33 12.99 25.95
N CYS C 235 33.89 12.08 25.13
CA CYS C 235 33.40 11.99 23.76
C CYS C 235 32.03 11.36 23.69
N CYS C 236 31.72 10.43 24.60
CA CYS C 236 30.39 9.83 24.64
C CYS C 236 29.38 10.70 25.38
N GLY C 237 29.81 11.75 26.06
CA GLY C 237 28.89 12.54 26.86
C GLY C 237 28.14 11.69 27.87
N ALA C 238 28.84 10.78 28.54
CA ALA C 238 28.24 9.82 29.44
C ALA C 238 28.64 10.09 30.90
N PRO C 239 27.83 9.66 31.86
CA PRO C 239 28.20 9.86 33.27
C PRO C 239 29.37 9.00 33.69
N ARG C 240 30.24 9.56 34.52
CA ARG C 240 31.24 8.77 35.21
C ARG C 240 30.56 7.90 36.28
N PRO C 241 31.12 6.73 36.58
CA PRO C 241 30.54 5.92 37.67
C PRO C 241 30.43 6.67 38.98
N SER C 242 31.41 7.54 39.26
CA SER C 242 31.38 8.33 40.49
C SER C 242 30.17 9.25 40.53
N ASP C 243 29.81 9.86 39.40
CA ASP C 243 28.61 10.70 39.35
C ASP C 243 27.37 9.89 39.67
N LEU C 244 27.25 8.71 39.05
CA LEU C 244 26.10 7.86 39.30
C LEU C 244 25.99 7.52 40.78
N LYS C 245 27.11 7.13 41.40
CA LYS C 245 27.07 6.78 42.80
C LYS C 245 26.74 7.98 43.68
N ALA C 246 27.27 9.16 43.34
CA ALA C 246 26.94 10.35 44.11
C ALA C 246 25.45 10.64 44.06
N VAL C 247 24.87 10.59 42.86
CA VAL C 247 23.43 10.85 42.73
C VAL C 247 22.63 9.83 43.52
N LEU C 248 22.97 8.55 43.39
CA LEU C 248 22.19 7.51 44.06
C LEU C 248 22.31 7.64 45.57
N LYS C 249 23.51 7.91 46.08
CA LYS C 249 23.69 8.13 47.51
C LYS C 249 22.84 9.30 47.99
N SER C 250 22.88 10.41 47.26
CA SER C 250 22.09 11.57 47.66
C SER C 250 20.59 11.24 47.68
N ILE C 251 20.14 10.45 46.71
CA ILE C 251 18.72 10.10 46.67
C ILE C 251 18.35 9.21 47.84
N LEU C 252 19.22 8.26 48.18
CA LEU C 252 18.88 7.28 49.21
C LEU C 252 19.07 7.81 50.64
N GLU C 253 19.87 8.85 50.83
CA GLU C 253 20.26 9.26 52.18
C GLU C 253 19.96 10.71 52.54
N ASP C 254 19.64 11.57 51.58
CA ASP C 254 19.48 12.99 51.84
C ASP C 254 18.03 13.41 51.73
N ASP C 255 17.74 14.61 52.22
CA ASP C 255 16.41 15.18 52.12
C ASP C 255 16.14 15.62 50.69
N TRP C 256 14.88 15.96 50.42
CA TRP C 256 14.46 16.22 49.05
C TRP C 256 15.20 17.42 48.45
N GLY C 257 15.34 18.50 49.22
CA GLY C 257 16.05 19.66 48.71
C GLY C 257 17.47 19.34 48.29
N THR C 258 18.19 18.61 49.14
CA THR C 258 19.57 18.26 48.83
C THR C 258 19.66 17.28 47.67
N ALA C 259 18.73 16.34 47.58
CA ALA C 259 18.77 15.37 46.48
C ALA C 259 18.48 16.05 45.14
N HIS C 260 17.49 16.93 45.11
CA HIS C 260 17.19 17.71 43.91
C HIS C 260 18.39 18.56 43.51
N TYR C 261 18.99 19.25 44.48
CA TYR C 261 20.17 20.05 44.21
C TYR C 261 21.30 19.19 43.65
N THR C 262 21.54 18.01 44.25
CA THR C 262 22.63 17.16 43.81
C THR C 262 22.40 16.63 42.40
N LEU C 263 21.19 16.17 42.09
CA LEU C 263 20.89 15.72 40.75
C LEU C 263 21.15 16.85 39.74
N ASN C 264 20.61 18.04 40.02
CA ASN C 264 20.76 19.14 39.08
C ASN C 264 22.22 19.52 38.91
N LYS C 265 22.99 19.57 40.01
CA LYS C 265 24.38 20.00 39.92
C LYS C 265 25.24 18.97 39.17
N VAL C 266 25.08 17.68 39.49
CA VAL C 266 25.81 16.66 38.77
C VAL C 266 25.49 16.71 37.28
N ARG C 267 24.20 16.84 36.95
CA ARG C 267 23.84 16.90 35.53
C ARG C 267 24.44 18.13 34.86
N SER C 268 24.41 19.28 35.54
CA SER C 268 24.93 20.50 34.96
C SER C 268 26.45 20.44 34.77
N ALA C 269 27.14 19.64 35.58
CA ALA C 269 28.59 19.59 35.52
C ALA C 269 29.09 19.32 34.11
N LYS C 270 28.57 18.26 33.47
CA LYS C 270 29.00 17.89 32.13
C LYS C 270 27.83 17.78 31.16
N GLY C 271 26.69 18.37 31.48
CA GLY C 271 25.52 18.29 30.62
C GLY C 271 25.04 16.87 30.39
N LEU C 272 24.91 16.10 31.47
CA LEU C 272 24.50 14.71 31.37
C LEU C 272 23.02 14.59 31.03
N ALA C 273 22.68 13.57 30.25
CA ALA C 273 21.29 13.25 29.94
C ALA C 273 20.68 12.43 31.07
N LEU C 274 19.37 12.61 31.27
CA LEU C 274 18.67 11.92 32.36
C LEU C 274 18.58 10.42 32.11
N ILE C 275 18.34 10.02 30.87
CA ILE C 275 18.14 8.60 30.57
C ILE C 275 19.42 7.82 30.88
N ASP C 276 20.58 8.42 30.62
CA ASP C 276 21.84 7.75 30.94
C ASP C 276 22.00 7.54 32.44
N LEU C 277 21.63 8.54 33.24
CA LEU C 277 21.65 8.36 34.69
C LEU C 277 20.72 7.24 35.11
N ILE C 278 19.52 7.17 34.50
CA ILE C 278 18.57 6.12 34.85
C ILE C 278 19.15 4.75 34.52
N GLU C 279 19.73 4.60 33.34
CA GLU C 279 20.33 3.31 32.97
C GLU C 279 21.42 2.91 33.96
N GLY C 280 22.34 3.85 34.25
CA GLY C 280 23.42 3.53 35.17
C GLY C 280 22.93 3.15 36.56
N ILE C 281 21.94 3.89 37.07
CA ILE C 281 21.42 3.61 38.41
C ILE C 281 20.69 2.27 38.42
N VAL C 282 19.99 1.93 37.34
CA VAL C 282 19.34 0.63 37.28
C VAL C 282 20.39 -0.48 37.35
N LYS C 283 21.48 -0.32 36.59
CA LYS C 283 22.54 -1.32 36.63
C LYS C 283 23.11 -1.46 38.04
N ILE C 284 23.29 -0.33 38.73
CA ILE C 284 23.79 -0.39 40.11
C ILE C 284 22.79 -1.09 41.02
N LEU C 285 21.51 -0.74 40.91
CA LEU C 285 20.50 -1.25 41.83
C LEU C 285 20.24 -2.73 41.61
N GLU C 286 20.48 -3.24 40.40
CA GLU C 286 20.28 -4.66 40.17
C GLU C 286 21.11 -5.52 41.12
N ASP C 287 22.28 -5.05 41.53
CA ASP C 287 23.15 -5.82 42.43
C ASP C 287 22.78 -5.66 43.89
N TYR C 288 21.83 -4.79 44.23
CA TYR C 288 21.45 -4.62 45.63
C TYR C 288 20.74 -5.87 46.13
N GLU C 289 21.01 -6.24 47.37
CA GLU C 289 20.25 -7.25 48.08
C GLU C 289 19.12 -6.55 48.84
N LEU C 290 17.88 -6.91 48.53
CA LEU C 290 16.72 -6.25 49.08
C LEU C 290 15.90 -7.24 49.92
N GLN C 291 15.48 -6.78 51.10
CA GLN C 291 14.65 -7.62 51.96
C GLN C 291 13.30 -7.90 51.31
N ASN C 292 12.69 -6.88 50.73
CA ASN C 292 11.31 -6.96 50.26
C ASN C 292 11.28 -7.01 48.74
N GLU C 293 10.58 -8.00 48.19
CA GLU C 293 10.36 -8.06 46.76
C GLU C 293 9.56 -6.87 46.26
N GLU C 294 8.74 -6.28 47.13
CA GLU C 294 7.94 -5.13 46.72
C GLU C 294 8.82 -3.95 46.34
N THR C 295 9.97 -3.80 46.99
CA THR C 295 10.92 -2.75 46.62
C THR C 295 11.35 -2.92 45.17
N ARG C 296 11.77 -4.14 44.80
CA ARG C 296 12.17 -4.40 43.43
C ARG C 296 11.02 -4.14 42.46
N VAL C 297 9.81 -4.58 42.83
CA VAL C 297 8.66 -4.40 41.94
C VAL C 297 8.41 -2.91 41.67
N HIS C 298 8.33 -2.11 42.74
CA HIS C 298 8.07 -0.69 42.57
C HIS C 298 9.17 -0.03 41.76
N LEU C 299 10.44 -0.31 42.10
CA LEU C 299 11.54 0.30 41.38
C LEU C 299 11.42 0.02 39.88
N LEU C 300 11.28 -1.26 39.51
CA LEU C 300 11.30 -1.62 38.11
C LEU C 300 10.12 -1.00 37.36
N THR C 301 8.92 -1.12 37.92
CA THR C 301 7.75 -0.61 37.20
C THR C 301 7.82 0.90 37.03
N LYS C 302 8.12 1.64 38.10
CA LYS C 302 8.16 3.09 37.99
C LYS C 302 9.27 3.56 37.07
N LEU C 303 10.46 2.96 37.15
CA LEU C 303 11.56 3.40 36.31
C LEU C 303 11.28 3.08 34.84
N ALA C 304 10.66 1.93 34.56
CA ALA C 304 10.27 1.64 33.17
C ALA C 304 9.26 2.65 32.66
N ASP C 305 8.30 3.05 33.49
CA ASP C 305 7.35 4.08 33.08
C ASP C 305 8.08 5.39 32.75
N ILE C 306 9.03 5.78 33.59
CA ILE C 306 9.77 7.03 33.34
C ILE C 306 10.57 6.93 32.05
N GLU C 307 11.23 5.81 31.81
CA GLU C 307 11.99 5.64 30.57
C GLU C 307 11.06 5.76 29.36
N TYR C 308 9.89 5.12 29.41
CA TYR C 308 8.97 5.20 28.29
C TYR C 308 8.52 6.64 28.07
N SER C 309 8.19 7.37 29.13
CA SER C 309 7.76 8.75 28.97
C SER C 309 8.87 9.61 28.40
N ILE C 310 10.12 9.38 28.83
CA ILE C 310 11.25 10.13 28.29
C ILE C 310 11.39 9.88 26.79
N SER C 311 11.12 8.65 26.34
CA SER C 311 11.28 8.36 24.91
C SER C 311 10.41 9.25 24.03
N LYS C 312 9.34 9.83 24.57
CA LYS C 312 8.45 10.71 23.82
C LYS C 312 8.72 12.19 24.07
N GLY C 313 9.80 12.53 24.76
CA GLY C 313 10.09 13.92 25.07
C GLY C 313 9.73 14.30 26.49
N GLY C 314 8.78 15.20 26.66
CA GLY C 314 8.30 15.58 27.98
C GLY C 314 9.15 16.64 28.66
N ASN C 315 8.80 16.88 29.93
CA ASN C 315 9.47 17.88 30.76
C ASN C 315 10.61 17.23 31.53
N ASP C 316 11.85 17.65 31.24
CA ASP C 316 13.02 17.01 31.84
C ASP C 316 13.04 17.17 33.36
N GLN C 317 12.75 18.37 33.86
CA GLN C 317 12.79 18.62 35.31
C GLN C 317 11.80 17.73 36.05
N ILE C 318 10.57 17.66 35.54
CA ILE C 318 9.54 16.83 36.15
C ILE C 318 9.96 15.37 36.14
N GLN C 319 10.60 14.92 35.06
CA GLN C 319 11.02 13.53 34.97
C GLN C 319 12.14 13.22 35.97
N GLY C 320 13.08 14.16 36.16
CA GLY C 320 14.10 13.96 37.19
C GLY C 320 13.51 13.85 38.58
N SER C 321 12.56 14.75 38.90
CA SER C 321 11.90 14.65 40.20
C SER C 321 11.15 13.33 40.32
N ALA C 322 10.55 12.87 39.23
CA ALA C 322 9.88 11.57 39.24
C ALA C 322 10.86 10.46 39.60
N VAL C 323 12.07 10.49 39.04
CA VAL C 323 13.06 9.47 39.37
C VAL C 323 13.39 9.50 40.86
N ILE C 324 13.64 10.69 41.39
CA ILE C 324 13.97 10.80 42.82
C ILE C 324 12.85 10.21 43.66
N GLY C 325 11.61 10.62 43.37
CA GLY C 325 10.48 10.15 44.17
C GLY C 325 10.27 8.65 44.04
N ALA C 326 10.43 8.12 42.83
CA ALA C 326 10.27 6.68 42.63
C ALA C 326 11.24 5.91 43.51
N ILE C 327 12.52 6.29 43.48
CA ILE C 327 13.51 5.53 44.25
C ILE C 327 13.22 5.65 45.75
N LYS C 328 12.95 6.86 46.23
CA LYS C 328 12.69 7.04 47.66
C LYS C 328 11.47 6.23 48.10
N ALA C 329 10.36 6.34 47.37
CA ALA C 329 9.15 5.63 47.75
C ALA C 329 9.35 4.12 47.72
N SER C 330 10.05 3.61 46.71
CA SER C 330 10.29 2.18 46.65
C SER C 330 11.13 1.71 47.84
N PHE C 331 12.16 2.48 48.21
CA PHE C 331 12.97 2.03 49.33
C PHE C 331 12.29 2.22 50.67
N GLU C 332 11.25 3.04 50.74
CA GLU C 332 10.44 3.08 51.95
C GLU C 332 9.95 1.68 52.33
N ASN C 333 9.63 0.85 51.34
CA ASN C 333 9.19 -0.52 51.63
C ASN C 333 10.27 -1.34 52.33
N GLU C 334 11.53 -0.93 52.25
CA GLU C 334 12.59 -1.70 52.87
C GLU C 334 12.52 -1.65 54.39
N THR C 335 11.86 -0.65 54.95
CA THR C 335 11.74 -0.50 56.40
C THR C 335 13.11 -0.60 57.07
N LEU D 22 19.75 40.62 6.59
CA LEU D 22 20.00 41.68 7.57
C LEU D 22 18.70 42.09 8.25
N ALA D 23 17.95 42.98 7.61
CA ALA D 23 16.66 43.43 8.12
C ALA D 23 15.49 42.60 7.60
N GLN D 24 15.76 41.55 6.83
CA GLN D 24 14.73 40.72 6.22
C GLN D 24 14.62 39.34 6.85
N GLN D 25 15.64 38.92 7.64
CA GLN D 25 15.72 37.65 8.34
C GLN D 25 15.20 37.75 9.76
N PRO D 26 14.31 36.84 10.18
CA PRO D 26 14.14 36.59 11.61
C PRO D 26 15.49 36.21 12.22
N TRP D 27 15.68 36.61 13.48
CA TRP D 27 16.99 36.50 14.09
C TRP D 27 17.49 35.06 14.16
N VAL D 28 16.57 34.09 14.29
CA VAL D 28 17.01 32.69 14.40
C VAL D 28 17.73 32.26 13.13
N GLU D 29 17.22 32.65 11.96
CA GLU D 29 17.91 32.37 10.71
C GLU D 29 19.05 33.34 10.44
N LYS D 30 18.92 34.59 10.88
CA LYS D 30 19.96 35.59 10.62
C LYS D 30 21.27 35.20 11.30
N TYR D 31 21.19 34.62 12.50
CA TYR D 31 22.37 34.30 13.30
C TYR D 31 22.64 32.80 13.34
N ARG D 32 22.20 32.08 12.31
CA ARG D 32 22.58 30.68 12.18
C ARG D 32 24.10 30.59 12.03
N PRO D 33 24.78 29.72 12.78
CA PRO D 33 26.23 29.59 12.63
C PRO D 33 26.64 29.34 11.19
N LYS D 34 27.67 30.05 10.75
CA LYS D 34 28.19 29.91 9.39
C LYS D 34 29.27 28.85 9.29
N ASN D 35 30.02 28.62 10.37
CA ASN D 35 31.11 27.66 10.37
C ASN D 35 31.10 26.91 11.70
N LEU D 36 31.98 25.93 11.83
CA LEU D 36 31.97 25.07 13.01
C LEU D 36 32.39 25.81 14.27
N ASP D 37 33.21 26.85 14.14
CA ASP D 37 33.64 27.60 15.31
C ASP D 37 32.53 28.47 15.90
N GLU D 38 31.42 28.65 15.19
CA GLU D 38 30.30 29.44 15.69
C GLU D 38 29.30 28.62 16.51
N VAL D 39 29.35 27.29 16.43
CA VAL D 39 28.55 26.44 17.30
C VAL D 39 29.11 26.53 18.71
N THR D 40 28.25 26.79 19.70
CA THR D 40 28.74 27.32 20.97
C THR D 40 29.09 26.26 22.01
N ALA D 41 28.19 25.32 22.31
CA ALA D 41 28.33 24.49 23.51
C ALA D 41 28.39 22.99 23.21
N GLN D 42 28.79 22.59 22.01
CA GLN D 42 28.84 21.18 21.64
C GLN D 42 30.26 20.77 21.28
N ASP D 43 31.24 21.27 22.05
CA ASP D 43 32.64 21.02 21.73
C ASP D 43 32.96 19.53 21.69
N HIS D 44 32.35 18.74 22.58
CA HIS D 44 32.66 17.32 22.64
C HIS D 44 32.44 16.64 21.30
N ALA D 45 31.51 17.14 20.48
CA ALA D 45 31.25 16.60 19.16
C ALA D 45 31.90 17.41 18.03
N VAL D 46 31.88 18.74 18.18
CA VAL D 46 32.44 19.61 17.16
C VAL D 46 33.94 19.36 17.02
N THR D 47 34.63 19.04 18.12
CA THR D 47 36.05 18.73 18.05
C THR D 47 36.31 17.49 17.20
N VAL D 48 35.56 16.42 17.46
CA VAL D 48 35.69 15.21 16.66
C VAL D 48 35.47 15.53 15.18
N LEU D 49 34.42 16.28 14.89
CA LEU D 49 34.13 16.61 13.50
C LEU D 49 35.26 17.42 12.87
N LYS D 50 35.77 18.42 13.60
CA LYS D 50 36.85 19.25 13.07
C LYS D 50 38.10 18.44 12.76
N LYS D 51 38.35 17.38 13.51
CA LYS D 51 39.52 16.55 13.22
C LYS D 51 39.45 15.87 11.86
N THR D 52 38.25 15.64 11.33
CA THR D 52 38.12 14.94 10.05
C THR D 52 38.45 15.82 8.87
N LEU D 53 38.56 17.14 9.06
CA LEU D 53 39.08 18.00 8.02
C LEU D 53 40.51 17.62 7.65
N LYS D 54 41.21 16.95 8.55
CA LYS D 54 42.56 16.45 8.30
C LYS D 54 42.64 14.94 8.18
N SER D 55 41.89 14.20 9.00
CA SER D 55 41.96 12.74 8.92
C SER D 55 41.20 12.21 7.69
N ALA D 56 40.16 12.92 7.25
CA ALA D 56 39.43 12.57 6.03
C ALA D 56 38.89 11.13 6.06
N ASN D 57 38.38 10.71 7.21
CA ASN D 57 37.73 9.41 7.36
C ASN D 57 36.44 9.56 8.15
N LEU D 58 35.62 10.53 7.75
CA LEU D 58 34.39 10.83 8.46
C LEU D 58 33.52 9.58 8.59
N PRO D 59 33.08 9.22 9.79
CA PRO D 59 32.18 8.06 9.93
C PRO D 59 30.73 8.44 9.62
N HIS D 60 29.91 7.41 9.49
CA HIS D 60 28.46 7.62 9.50
C HIS D 60 28.07 8.23 10.84
N MET D 61 27.23 9.25 10.81
CA MET D 61 26.91 10.06 11.99
C MET D 61 25.44 9.96 12.34
N LEU D 62 25.16 9.95 13.64
CA LEU D 62 23.80 10.07 14.17
C LEU D 62 23.81 11.22 15.18
N PHE D 63 23.32 12.38 14.76
CA PHE D 63 23.11 13.51 15.66
C PHE D 63 21.77 13.33 16.35
N TYR D 64 21.75 13.38 17.68
CA TYR D 64 20.47 13.35 18.36
C TYR D 64 20.47 14.31 19.54
N GLY D 65 19.31 14.91 19.76
CA GLY D 65 19.12 15.76 20.92
C GLY D 65 17.87 16.61 20.87
N PRO D 66 17.63 17.37 21.94
CA PRO D 66 16.37 18.11 22.06
C PRO D 66 16.33 19.31 21.11
N PRO D 67 15.17 19.93 20.96
CA PRO D 67 15.00 20.98 19.94
C PRO D 67 15.93 22.17 20.12
N GLY D 68 16.34 22.74 18.99
CA GLY D 68 17.07 23.99 18.98
C GLY D 68 18.41 23.95 19.67
N THR D 69 19.16 22.86 19.51
CA THR D 69 20.46 22.72 20.14
C THR D 69 21.64 22.79 19.16
N GLY D 70 21.38 22.74 17.85
CA GLY D 70 22.42 23.00 16.87
C GLY D 70 22.77 21.88 15.92
N LYS D 71 21.88 20.89 15.78
CA LYS D 71 22.19 19.71 14.97
C LYS D 71 22.22 20.06 13.47
N THR D 72 21.12 20.63 12.96
CA THR D 72 21.07 21.01 11.55
C THR D 72 22.15 22.03 11.23
N SER D 73 22.33 23.02 12.10
CA SER D 73 23.38 24.01 11.91
C SER D 73 24.74 23.34 11.79
N THR D 74 25.01 22.36 12.67
CA THR D 74 26.31 21.71 12.66
C THR D 74 26.55 20.96 11.35
N ILE D 75 25.57 20.18 10.89
CA ILE D 75 25.82 19.41 9.67
C ILE D 75 26.02 20.34 8.47
N LEU D 76 25.22 21.41 8.40
CA LEU D 76 25.39 22.35 7.28
C LEU D 76 26.76 23.01 7.31
N ALA D 77 27.20 23.46 8.50
CA ALA D 77 28.51 24.10 8.61
C ALA D 77 29.63 23.13 8.27
N LEU D 78 29.50 21.87 8.69
CA LEU D 78 30.51 20.87 8.35
C LEU D 78 30.61 20.68 6.84
N THR D 79 29.47 20.55 6.16
CA THR D 79 29.53 20.35 4.72
C THR D 79 30.18 21.54 4.02
N LYS D 80 29.83 22.75 4.46
CA LYS D 80 30.49 23.93 3.90
C LYS D 80 31.99 23.87 4.12
N GLU D 81 32.43 23.60 5.34
CA GLU D 81 33.87 23.55 5.61
C GLU D 81 34.56 22.47 4.79
N LEU D 82 33.87 21.36 4.51
CA LEU D 82 34.51 20.26 3.80
C LEU D 82 34.63 20.54 2.30
N TYR D 83 33.61 21.16 1.69
CA TYR D 83 33.55 21.23 0.23
C TYR D 83 33.61 22.62 -0.37
N GLY D 84 33.57 23.70 0.43
CA GLY D 84 33.50 25.03 -0.13
C GLY D 84 32.16 25.31 -0.77
N PRO D 85 31.85 26.59 -0.98
CA PRO D 85 30.52 26.95 -1.49
C PRO D 85 30.20 26.39 -2.88
N ASP D 86 31.19 26.27 -3.75
CA ASP D 86 30.93 25.89 -5.14
C ASP D 86 30.66 24.40 -5.30
N LEU D 87 31.43 23.57 -4.60
CA LEU D 87 31.36 22.11 -4.77
C LEU D 87 30.33 21.45 -3.86
N MET D 88 29.76 22.18 -2.90
CA MET D 88 28.82 21.58 -1.94
C MET D 88 27.65 20.91 -2.65
N LYS D 89 26.99 21.64 -3.54
CA LYS D 89 25.71 21.16 -4.09
C LYS D 89 25.87 19.80 -4.73
N SER D 90 26.96 19.57 -5.46
CA SER D 90 27.18 18.29 -6.11
C SER D 90 27.60 17.18 -5.15
N ARG D 91 27.92 17.50 -3.90
CA ARG D 91 28.38 16.50 -2.94
C ARG D 91 27.36 16.19 -1.85
N ILE D 92 26.18 16.76 -1.89
CA ILE D 92 25.20 16.62 -0.81
C ILE D 92 23.86 16.13 -1.37
N LEU D 93 23.21 15.23 -0.64
CA LEU D 93 21.80 14.91 -0.86
C LEU D 93 21.07 15.08 0.46
N GLU D 94 20.23 16.11 0.55
CA GLU D 94 19.49 16.41 1.78
C GLU D 94 18.04 15.99 1.61
N LEU D 95 17.56 15.13 2.52
CA LEU D 95 16.18 14.70 2.54
C LEU D 95 15.66 14.81 3.97
N ASN D 96 14.53 15.49 4.14
CA ASN D 96 14.00 15.77 5.47
C ASN D 96 12.52 15.39 5.49
N ALA D 97 11.85 15.73 6.58
CA ALA D 97 10.46 15.32 6.78
C ALA D 97 9.51 15.94 5.74
N SER D 98 9.92 17.02 5.08
CA SER D 98 9.09 17.60 4.03
C SER D 98 9.13 16.81 2.73
N ASP D 99 10.07 15.87 2.58
CA ASP D 99 10.23 15.08 1.37
C ASP D 99 9.62 13.69 1.55
N GLU D 100 9.25 13.08 0.43
CA GLU D 100 8.73 11.72 0.44
C GLU D 100 9.89 10.75 0.63
N ARG D 101 9.79 9.88 1.64
CA ARG D 101 10.91 9.02 2.01
C ARG D 101 10.45 7.59 2.28
N GLY D 102 9.51 7.10 1.50
CA GLY D 102 9.06 5.73 1.64
C GLY D 102 10.12 4.74 1.20
N ILE D 103 9.79 3.46 1.37
CA ILE D 103 10.75 2.40 1.08
C ILE D 103 11.20 2.44 -0.38
N SER D 104 10.28 2.78 -1.29
CA SER D 104 10.66 2.87 -2.70
C SER D 104 11.67 3.99 -2.93
N ILE D 105 11.49 5.13 -2.28
CA ILE D 105 12.47 6.22 -2.38
C ILE D 105 13.83 5.76 -1.87
N VAL D 106 13.86 5.11 -0.71
CA VAL D 106 15.13 4.66 -0.15
C VAL D 106 15.79 3.63 -1.08
N ARG D 107 15.00 2.76 -1.68
CA ARG D 107 15.56 1.71 -2.53
C ARG D 107 15.99 2.21 -3.89
N GLU D 108 15.47 3.35 -4.36
CA GLU D 108 15.86 3.84 -5.68
C GLU D 108 16.64 5.13 -5.63
N LYS D 109 16.06 6.23 -5.14
CA LYS D 109 16.74 7.52 -5.23
C LYS D 109 17.99 7.55 -4.35
N VAL D 110 17.83 7.17 -3.08
CA VAL D 110 18.93 7.22 -2.13
C VAL D 110 20.03 6.25 -2.54
N LYS D 111 19.65 5.02 -2.90
CA LYS D 111 20.62 4.03 -3.34
C LYS D 111 21.38 4.54 -4.57
N ASN D 112 20.66 5.09 -5.55
CA ASN D 112 21.32 5.55 -6.76
C ASN D 112 22.31 6.67 -6.46
N PHE D 113 21.93 7.61 -5.60
CA PHE D 113 22.89 8.67 -5.26
C PHE D 113 24.09 8.11 -4.53
N ALA D 114 23.87 7.17 -3.61
CA ALA D 114 24.99 6.57 -2.88
C ALA D 114 25.93 5.81 -3.81
N ARG D 115 25.42 5.32 -4.93
CA ARG D 115 26.24 4.53 -5.86
C ARG D 115 27.19 5.39 -6.68
N LEU D 116 26.87 6.67 -6.88
CA LEU D 116 27.55 7.45 -7.91
C LEU D 116 29.01 7.74 -7.57
N THR D 117 29.80 7.93 -8.63
CA THR D 117 31.13 8.53 -8.51
C THR D 117 31.00 9.95 -7.94
N VAL D 118 31.96 10.35 -7.11
CA VAL D 118 31.93 11.69 -6.52
C VAL D 118 32.30 12.72 -7.58
N SER D 119 31.57 13.84 -7.57
CA SER D 119 31.82 14.92 -8.51
C SER D 119 33.29 15.32 -8.49
N LYS D 120 33.82 15.63 -9.66
CA LYS D 120 35.21 16.04 -9.76
C LYS D 120 35.38 17.43 -9.16
N PRO D 121 36.36 17.65 -8.28
CA PRO D 121 36.63 19.00 -7.78
C PRO D 121 37.52 19.79 -8.74
N SER D 122 37.25 21.09 -8.79
CA SER D 122 38.09 22.00 -9.58
C SER D 122 39.43 22.23 -8.87
N LYS D 123 40.39 22.76 -9.62
CA LYS D 123 41.71 23.04 -9.06
C LYS D 123 41.62 24.05 -7.92
N HIS D 124 40.84 25.11 -8.12
CA HIS D 124 40.67 26.10 -7.07
C HIS D 124 40.07 25.48 -5.82
N ASP D 125 39.06 24.63 -6.03
CA ASP D 125 38.44 23.93 -4.91
C ASP D 125 39.47 23.08 -4.17
N LEU D 126 40.31 22.38 -4.91
CA LEU D 126 41.32 21.52 -4.30
C LEU D 126 42.35 22.33 -3.55
N GLU D 127 42.62 23.55 -4.00
CA GLU D 127 43.57 24.40 -3.30
C GLU D 127 42.99 24.93 -1.99
N ASN D 128 41.71 25.29 -1.98
CA ASN D 128 41.15 26.02 -0.85
C ASN D 128 40.32 25.17 0.11
N TYR D 129 40.15 23.87 -0.14
CA TYR D 129 39.28 23.06 0.73
C TYR D 129 39.79 21.64 0.81
N PRO D 130 39.56 20.93 1.92
CA PRO D 130 40.08 19.56 2.05
C PRO D 130 39.57 18.59 1.00
N CYS D 131 38.33 18.72 0.56
CA CYS D 131 37.79 17.91 -0.53
C CYS D 131 37.99 16.40 -0.30
N PRO D 132 37.35 15.84 0.72
CA PRO D 132 37.47 14.40 0.97
C PRO D 132 36.86 13.60 -0.16
N PRO D 133 37.29 12.36 -0.38
CA PRO D 133 36.82 11.56 -1.52
C PRO D 133 35.49 10.84 -1.29
N TYR D 134 34.51 11.55 -0.74
CA TYR D 134 33.19 10.98 -0.57
C TYR D 134 32.15 12.11 -0.59
N LYS D 135 30.89 11.71 -0.74
CA LYS D 135 29.74 12.61 -0.68
C LYS D 135 28.95 12.32 0.59
N ILE D 136 27.96 13.18 0.88
CA ILE D 136 27.23 13.10 2.14
C ILE D 136 25.73 13.09 1.87
N ILE D 137 25.03 12.18 2.52
CA ILE D 137 23.58 12.09 2.49
C ILE D 137 23.06 12.46 3.87
N ILE D 138 22.27 13.53 3.95
CA ILE D 138 21.74 14.04 5.20
C ILE D 138 20.27 13.67 5.28
N LEU D 139 19.94 12.78 6.22
CA LEU D 139 18.55 12.40 6.50
C LEU D 139 18.12 13.15 7.77
N ASP D 140 17.78 14.42 7.61
CA ASP D 140 17.30 15.22 8.72
C ASP D 140 15.93 14.74 9.15
N GLU D 141 15.66 14.81 10.45
CA GLU D 141 14.39 14.33 11.01
C GLU D 141 14.16 12.86 10.66
N ALA D 142 15.21 12.06 10.81
CA ALA D 142 15.15 10.65 10.45
C ALA D 142 14.22 9.86 11.37
N ASP D 143 13.83 10.40 12.52
CA ASP D 143 12.93 9.67 13.39
C ASP D 143 11.50 9.63 12.86
N SER D 144 11.20 10.34 11.79
CA SER D 144 9.90 10.26 11.13
C SER D 144 9.85 9.20 10.02
N MET D 145 10.94 8.48 9.78
CA MET D 145 10.99 7.45 8.74
C MET D 145 10.47 6.13 9.30
N THR D 146 9.74 5.39 8.47
CA THR D 146 9.20 4.11 8.90
C THR D 146 10.32 3.10 9.15
N ALA D 147 10.04 2.14 10.03
CA ALA D 147 11.04 1.13 10.37
C ALA D 147 11.51 0.37 9.13
N ASP D 148 10.60 0.13 8.17
CA ASP D 148 10.96 -0.65 6.98
C ASP D 148 11.92 0.12 6.06
N ALA D 149 11.68 1.42 5.86
CA ALA D 149 12.62 2.23 5.09
C ALA D 149 13.99 2.30 5.78
N GLN D 150 13.99 2.46 7.10
CA GLN D 150 15.24 2.42 7.84
C GLN D 150 15.96 1.10 7.61
N SER D 151 15.23 -0.01 7.66
CA SER D 151 15.83 -1.30 7.37
C SER D 151 16.44 -1.32 5.97
N ALA D 152 15.75 -0.72 5.00
CA ALA D 152 16.27 -0.68 3.64
C ALA D 152 17.55 0.16 3.53
N LEU D 153 17.82 1.04 4.50
CA LEU D 153 19.08 1.79 4.45
C LEU D 153 20.32 0.97 4.84
N ARG D 154 20.14 -0.17 5.52
CA ARG D 154 21.22 -0.76 6.29
C ARG D 154 22.41 -1.17 5.41
N ARG D 155 22.15 -1.95 4.36
CA ARG D 155 23.27 -2.44 3.57
C ARG D 155 23.75 -1.40 2.58
N THR D 156 22.90 -0.46 2.18
CA THR D 156 23.37 0.66 1.37
C THR D 156 24.43 1.44 2.13
N MET D 157 24.23 1.66 3.43
CA MET D 157 25.22 2.39 4.21
C MET D 157 26.58 1.70 4.18
N GLU D 158 26.59 0.37 4.29
CA GLU D 158 27.85 -0.36 4.39
C GLU D 158 28.51 -0.56 3.03
N THR D 159 27.74 -0.97 2.02
CA THR D 159 28.33 -1.35 0.74
C THR D 159 28.99 -0.17 0.03
N TYR D 160 28.45 1.04 0.19
CA TYR D 160 28.95 2.21 -0.51
C TYR D 160 29.65 3.19 0.42
N SER D 161 30.15 2.72 1.56
CA SER D 161 30.90 3.59 2.46
C SER D 161 32.11 4.19 1.77
N GLY D 162 32.65 3.51 0.76
CA GLY D 162 33.83 4.01 0.07
C GLY D 162 33.63 5.38 -0.54
N VAL D 163 32.41 5.71 -0.96
CA VAL D 163 32.14 6.96 -1.66
C VAL D 163 31.02 7.77 -1.03
N THR D 164 30.41 7.30 0.07
CA THR D 164 29.25 7.98 0.63
C THR D 164 29.25 7.82 2.15
N ARG D 165 28.90 8.90 2.85
CA ARG D 165 28.72 8.88 4.30
C ARG D 165 27.35 9.45 4.63
N PHE D 166 26.68 8.82 5.61
CA PHE D 166 25.32 9.18 6.00
C PHE D 166 25.33 9.98 7.29
N CYS D 167 24.40 10.93 7.40
CA CYS D 167 24.17 11.68 8.62
C CYS D 167 22.68 11.68 8.93
N LEU D 168 22.29 10.95 9.96
CA LEU D 168 20.91 10.92 10.44
C LEU D 168 20.79 11.89 11.61
N ILE D 169 19.73 12.69 11.62
CA ILE D 169 19.49 13.68 12.67
C ILE D 169 18.12 13.43 13.28
N CYS D 170 18.04 13.43 14.61
CA CYS D 170 16.77 13.15 15.28
C CYS D 170 16.68 13.80 16.64
N ASN D 171 15.45 13.94 17.12
CA ASN D 171 15.16 14.34 18.49
C ASN D 171 14.93 13.15 19.41
N TYR D 172 14.40 12.05 18.89
CA TYR D 172 14.05 10.87 19.67
C TYR D 172 14.87 9.70 19.13
N VAL D 173 15.96 9.37 19.84
CA VAL D 173 16.90 8.36 19.36
C VAL D 173 16.27 6.98 19.36
N THR D 174 15.30 6.72 20.25
CA THR D 174 14.64 5.41 20.27
C THR D 174 13.81 5.15 19.03
N ARG D 175 13.52 6.16 18.22
CA ARG D 175 12.80 5.97 16.98
C ARG D 175 13.69 5.43 15.85
N ILE D 176 15.01 5.40 16.05
CA ILE D 176 15.92 4.82 15.08
C ILE D 176 16.15 3.35 15.43
N ILE D 177 16.00 2.47 14.45
CA ILE D 177 16.11 1.05 14.70
C ILE D 177 17.54 0.69 15.11
N ASP D 178 17.66 -0.34 15.95
CA ASP D 178 18.96 -0.67 16.53
C ASP D 178 20.05 -0.92 15.50
N PRO D 179 19.81 -1.63 14.39
CA PRO D 179 20.91 -1.83 13.41
C PRO D 179 21.49 -0.53 12.88
N LEU D 180 20.63 0.47 12.58
CA LEU D 180 21.15 1.73 12.08
C LEU D 180 21.92 2.49 13.17
N ALA D 181 21.40 2.49 14.40
CA ALA D 181 22.12 3.11 15.49
C ALA D 181 23.50 2.48 15.66
N SER D 182 23.56 1.15 15.54
CA SER D 182 24.84 0.46 15.60
C SER D 182 25.79 0.91 14.49
N ARG D 183 25.28 1.03 13.26
CA ARG D 183 26.15 1.45 12.17
C ARG D 183 26.69 2.86 12.36
N CYS D 184 25.94 3.74 13.02
CA CYS D 184 26.29 5.14 13.10
C CYS D 184 27.12 5.46 14.34
N SER D 185 27.94 6.50 14.21
CA SER D 185 28.68 7.07 15.33
C SER D 185 27.81 8.13 15.98
N LYS D 186 27.55 8.00 17.28
CA LYS D 186 26.55 8.79 17.95
C LYS D 186 27.14 10.10 18.47
N PHE D 187 26.41 11.19 18.26
CA PHE D 187 26.76 12.51 18.78
C PHE D 187 25.53 13.08 19.47
N ARG D 188 25.57 13.15 20.80
CA ARG D 188 24.48 13.72 21.58
C ARG D 188 24.70 15.23 21.72
N PHE D 189 23.68 16.00 21.37
CA PHE D 189 23.73 17.44 21.54
C PHE D 189 23.07 17.81 22.87
N LYS D 190 23.82 18.55 23.69
CA LYS D 190 23.37 18.88 25.04
C LYS D 190 22.38 20.05 25.03
N ALA D 191 21.53 20.07 26.05
CA ALA D 191 20.65 21.22 26.25
C ALA D 191 21.46 22.49 26.47
N LEU D 192 20.96 23.60 25.94
CA LEU D 192 21.65 24.88 26.05
C LEU D 192 20.99 25.73 27.13
N ASP D 193 21.77 26.10 28.15
CA ASP D 193 21.25 26.86 29.28
C ASP D 193 22.11 28.09 29.54
N ALA D 194 21.83 28.82 30.64
CA ALA D 194 22.59 30.02 30.94
C ALA D 194 24.07 29.74 31.10
N SER D 195 24.43 28.55 31.59
CA SER D 195 25.84 28.26 31.82
C SER D 195 26.63 28.23 30.51
N ASN D 196 26.06 27.65 29.45
CA ASN D 196 26.84 27.36 28.24
C ASN D 196 26.39 28.09 26.98
N ALA D 197 25.33 28.92 27.02
CA ALA D 197 24.89 29.66 25.83
C ALA D 197 24.76 31.15 26.06
N ILE D 198 25.08 31.65 27.26
CA ILE D 198 24.91 33.07 27.55
C ILE D 198 25.84 33.89 26.67
N ASP D 199 27.04 33.37 26.38
CA ASP D 199 27.97 34.12 25.56
C ASP D 199 27.38 34.40 24.18
N ARG D 200 26.83 33.36 23.54
CA ARG D 200 26.23 33.54 22.22
C ARG D 200 25.03 34.49 22.29
N LEU D 201 24.19 34.32 23.31
CA LEU D 201 23.01 35.19 23.40
C LEU D 201 23.42 36.64 23.62
N ARG D 202 24.43 36.87 24.45
CA ARG D 202 24.92 38.23 24.68
C ARG D 202 25.55 38.81 23.41
N PHE D 203 26.27 37.99 22.66
CA PHE D 203 26.80 38.43 21.38
C PHE D 203 25.67 38.91 20.47
N ILE D 204 24.62 38.11 20.33
CA ILE D 204 23.49 38.52 19.49
C ILE D 204 22.86 39.80 20.02
N SER D 205 22.70 39.89 21.35
CA SER D 205 22.09 41.08 21.94
C SER D 205 22.90 42.33 21.63
N GLU D 206 24.23 42.22 21.70
CA GLU D 206 25.08 43.37 21.40
C GLU D 206 25.02 43.73 19.91
N GLN D 207 25.04 42.72 19.04
CA GLN D 207 24.97 42.99 17.61
C GLN D 207 23.70 43.76 17.24
N GLU D 208 22.60 43.47 17.93
CA GLU D 208 21.31 44.09 17.62
C GLU D 208 21.01 45.31 18.47
N ASN D 209 21.94 45.72 19.34
CA ASN D 209 21.75 46.89 20.20
C ASN D 209 20.45 46.77 21.00
N VAL D 210 20.40 45.75 21.87
CA VAL D 210 19.27 45.53 22.76
C VAL D 210 19.73 45.84 24.18
N LYS D 211 19.08 46.80 24.81
CA LYS D 211 19.41 47.21 26.18
C LYS D 211 18.62 46.37 27.17
N CYS D 212 19.32 45.75 28.11
CA CYS D 212 18.70 44.85 29.07
C CYS D 212 19.26 45.09 30.46
N ASP D 213 18.41 44.90 31.46
CA ASP D 213 18.86 44.86 32.85
C ASP D 213 19.68 43.60 33.10
N ASP D 214 20.55 43.68 34.10
CA ASP D 214 21.29 42.51 34.53
C ASP D 214 20.32 41.43 34.99
N GLY D 215 20.57 40.19 34.56
CA GLY D 215 19.71 39.08 34.87
C GLY D 215 18.74 38.70 33.76
N VAL D 216 18.50 39.59 32.80
CA VAL D 216 17.44 39.37 31.82
C VAL D 216 17.84 38.27 30.84
N LEU D 217 19.07 38.30 30.33
CA LEU D 217 19.49 37.27 29.38
C LEU D 217 19.53 35.90 30.05
N GLU D 218 20.03 35.83 31.29
CA GLU D 218 20.05 34.55 32.01
C GLU D 218 18.63 34.07 32.28
N ARG D 219 17.71 35.00 32.57
CA ARG D 219 16.31 34.64 32.74
C ARG D 219 15.70 34.10 31.44
N ILE D 220 16.04 34.72 30.31
CA ILE D 220 15.59 34.20 29.02
C ILE D 220 16.03 32.76 28.86
N LEU D 221 17.31 32.49 29.11
CA LEU D 221 17.81 31.14 28.90
C LEU D 221 17.22 30.17 29.92
N ASP D 222 16.90 30.63 31.12
CA ASP D 222 16.20 29.78 32.09
C ASP D 222 14.80 29.42 31.59
N ILE D 223 14.08 30.39 31.04
CA ILE D 223 12.74 30.13 30.53
C ILE D 223 12.79 29.20 29.33
N SER D 224 13.78 29.37 28.46
CA SER D 224 13.84 28.60 27.23
C SER D 224 13.96 27.11 27.51
N ALA D 225 14.51 26.73 28.65
CA ALA D 225 14.57 25.34 29.09
C ALA D 225 15.31 24.46 28.08
N GLY D 226 16.49 24.91 27.67
CA GLY D 226 17.39 24.12 26.86
C GLY D 226 17.36 24.40 25.37
N ASP D 227 16.57 25.36 24.91
CA ASP D 227 16.31 25.59 23.48
C ASP D 227 16.77 26.99 23.12
N LEU D 228 17.88 27.10 22.38
CA LEU D 228 18.43 28.42 22.06
C LEU D 228 17.64 29.13 20.95
N ARG D 229 17.00 28.37 20.04
CA ARG D 229 16.12 29.00 19.06
C ARG D 229 15.02 29.79 19.77
N ARG D 230 14.39 29.17 20.77
CA ARG D 230 13.33 29.86 21.52
C ARG D 230 13.87 31.09 22.24
N GLY D 231 15.05 30.98 22.84
CA GLY D 231 15.63 32.12 23.52
C GLY D 231 15.89 33.30 22.59
N ILE D 232 16.41 33.02 21.40
CA ILE D 232 16.67 34.10 20.44
C ILE D 232 15.35 34.73 20.00
N THR D 233 14.33 33.91 19.73
CA THR D 233 13.05 34.46 19.31
C THR D 233 12.45 35.33 20.40
N LEU D 234 12.58 34.90 21.67
CA LEU D 234 12.10 35.71 22.78
C LEU D 234 12.85 37.04 22.87
N LEU D 235 14.17 37.00 22.67
CA LEU D 235 14.93 38.25 22.68
C LEU D 235 14.47 39.18 21.57
N GLN D 236 14.21 38.64 20.38
CA GLN D 236 13.75 39.49 19.28
C GLN D 236 12.38 40.10 19.60
N SER D 237 11.47 39.32 20.17
CA SER D 237 10.16 39.88 20.52
C SER D 237 10.29 40.98 21.56
N ALA D 238 11.16 40.78 22.56
CA ALA D 238 11.35 41.80 23.59
C ALA D 238 11.95 43.08 22.99
N SER D 239 12.92 42.93 22.09
CA SER D 239 13.51 44.11 21.47
C SER D 239 12.49 44.84 20.59
N LYS D 240 11.63 44.09 19.89
CA LYS D 240 10.57 44.74 19.13
C LYS D 240 9.66 45.54 20.05
N GLY D 241 9.28 44.97 21.20
CA GLY D 241 8.47 45.71 22.15
C GLY D 241 9.16 47.00 22.61
N ALA D 242 10.45 46.89 22.97
CA ALA D 242 11.17 48.06 23.46
C ALA D 242 11.28 49.13 22.38
N GLN D 243 11.59 48.73 21.14
CA GLN D 243 11.68 49.70 20.06
C GLN D 243 10.35 50.38 19.81
N TYR D 244 9.25 49.61 19.83
CA TYR D 244 7.94 50.21 19.65
C TYR D 244 7.63 51.21 20.75
N LEU D 245 8.01 50.87 22.00
CA LEU D 245 7.78 51.80 23.10
C LEU D 245 8.57 53.10 22.90
N GLY D 246 9.74 53.02 22.28
CA GLY D 246 10.49 54.21 21.92
C GLY D 246 10.83 55.09 23.10
N ASP D 247 11.19 54.50 24.23
CA ASP D 247 11.50 55.24 25.44
C ASP D 247 12.95 55.07 25.91
N GLY D 248 13.72 54.18 25.29
CA GLY D 248 15.11 54.01 25.64
C GLY D 248 15.37 53.26 26.93
N LYS D 249 14.33 52.72 27.56
CA LYS D 249 14.52 52.02 28.83
C LYS D 249 15.05 50.61 28.57
N ASN D 250 15.45 49.96 29.64
CA ASN D 250 15.91 48.58 29.57
C ASN D 250 14.72 47.63 29.54
N ILE D 251 14.91 46.52 28.83
CA ILE D 251 13.97 45.40 28.94
C ILE D 251 14.13 44.78 30.31
N THR D 252 13.01 44.49 30.97
CA THR D 252 13.01 43.91 32.30
C THR D 252 12.70 42.42 32.23
N SER D 253 12.86 41.75 33.37
CA SER D 253 12.52 40.32 33.44
C SER D 253 11.02 40.10 33.46
N THR D 254 10.26 41.01 34.09
CA THR D 254 8.80 40.90 34.07
C THR D 254 8.28 40.98 32.64
N GLN D 255 8.84 41.87 31.83
CA GLN D 255 8.43 41.95 30.43
C GLN D 255 8.73 40.66 29.68
N VAL D 256 9.93 40.10 29.89
CA VAL D 256 10.30 38.87 29.22
C VAL D 256 9.37 37.73 29.64
N GLU D 257 9.04 37.66 30.93
CA GLU D 257 8.14 36.62 31.41
C GLU D 257 6.75 36.79 30.82
N GLU D 258 6.29 38.03 30.68
CA GLU D 258 5.00 38.26 30.03
C GLU D 258 5.05 37.77 28.57
N LEU D 259 6.15 38.05 27.87
CA LEU D 259 6.27 37.58 26.49
C LEU D 259 6.33 36.05 26.41
N ALA D 260 6.86 35.39 27.43
CA ALA D 260 7.09 33.96 27.41
C ALA D 260 5.91 33.15 27.91
N GLY D 261 4.80 33.79 28.24
CA GLY D 261 3.63 33.06 28.72
C GLY D 261 3.81 32.43 30.08
N VAL D 262 4.65 33.02 30.93
CA VAL D 262 4.83 32.54 32.29
C VAL D 262 3.72 33.11 33.18
N VAL D 263 3.19 32.27 34.06
CA VAL D 263 2.10 32.71 34.95
C VAL D 263 2.66 33.65 36.01
N PRO D 264 2.06 34.81 36.25
CA PRO D 264 2.55 35.70 37.31
C PRO D 264 2.55 35.02 38.67
N HIS D 265 3.54 35.37 39.49
CA HIS D 265 3.71 34.69 40.77
C HIS D 265 2.47 34.82 41.65
N ASP D 266 1.78 35.96 41.57
CA ASP D 266 0.56 36.14 42.37
C ASP D 266 -0.52 35.13 42.00
N ILE D 267 -0.72 34.91 40.69
CA ILE D 267 -1.73 33.93 40.26
C ILE D 267 -1.35 32.54 40.78
N LEU D 268 -0.08 32.18 40.68
CA LEU D 268 0.37 30.88 41.17
C LEU D 268 0.14 30.74 42.66
N ILE D 269 0.36 31.82 43.42
CA ILE D 269 0.09 31.78 44.85
C ILE D 269 -1.40 31.58 45.11
N GLU D 270 -2.25 32.24 44.31
CA GLU D 270 -3.68 32.02 44.44
C GLU D 270 -4.03 30.54 44.23
N ILE D 271 -3.44 29.92 43.21
CA ILE D 271 -3.68 28.50 42.95
C ILE D 271 -3.24 27.67 44.15
N VAL D 272 -2.05 27.97 44.68
CA VAL D 272 -1.51 27.20 45.80
C VAL D 272 -2.43 27.31 47.01
N GLU D 273 -2.95 28.51 47.28
CA GLU D 273 -3.84 28.68 48.42
C GLU D 273 -5.16 27.94 48.22
N LYS D 274 -5.71 27.97 47.00
CA LYS D 274 -6.91 27.20 46.74
C LYS D 274 -6.68 25.71 46.96
N VAL D 275 -5.51 25.22 46.54
CA VAL D 275 -5.17 23.81 46.76
C VAL D 275 -5.06 23.54 48.26
N LYS D 276 -4.45 24.46 49.00
CA LYS D 276 -4.31 24.30 50.45
C LYS D 276 -5.67 24.19 51.12
N SER D 277 -6.64 25.00 50.69
CA SER D 277 -7.96 24.97 51.30
C SER D 277 -8.65 23.62 51.08
N GLY D 278 -8.53 23.06 49.87
CA GLY D 278 -9.00 21.72 49.61
C GLY D 278 -10.47 21.58 49.26
N ASP D 279 -11.22 22.68 49.11
CA ASP D 279 -12.63 22.61 48.77
C ASP D 279 -12.79 22.36 47.28
N PHE D 280 -13.42 21.24 46.91
CA PHE D 280 -13.50 20.85 45.51
C PHE D 280 -14.17 21.93 44.68
N ASP D 281 -15.32 22.44 45.14
CA ASP D 281 -16.06 23.40 44.35
C ASP D 281 -15.27 24.69 44.15
N GLU D 282 -14.59 25.15 45.19
CA GLU D 282 -13.79 26.37 45.06
C GLU D 282 -12.67 26.18 44.04
N ILE D 283 -11.97 25.04 44.12
CA ILE D 283 -10.91 24.77 43.14
C ILE D 283 -11.50 24.73 41.74
N LYS D 284 -12.64 24.07 41.57
CA LYS D 284 -13.27 23.97 40.26
C LYS D 284 -13.58 25.35 39.69
N LYS D 285 -14.23 26.21 40.49
CA LYS D 285 -14.59 27.53 40.01
C LYS D 285 -13.36 28.36 39.69
N TYR D 286 -12.34 28.30 40.56
CA TYR D 286 -11.13 29.06 40.28
C TYR D 286 -10.46 28.58 39.00
N VAL D 287 -10.41 27.27 38.77
CA VAL D 287 -9.78 26.74 37.57
C VAL D 287 -10.57 27.18 36.33
N ASN D 288 -11.89 27.16 36.41
CA ASN D 288 -12.69 27.60 35.28
C ASN D 288 -12.39 29.05 34.93
N THR D 289 -12.31 29.91 35.94
CA THR D 289 -11.94 31.30 35.67
C THR D 289 -10.52 31.39 35.11
N PHE D 290 -9.60 30.60 35.65
CA PHE D 290 -8.19 30.66 35.25
C PHE D 290 -8.01 30.30 33.78
N MET D 291 -8.75 29.30 33.30
CA MET D 291 -8.56 28.86 31.92
C MET D 291 -8.86 29.97 30.93
N LYS D 292 -9.75 30.90 31.28
CA LYS D 292 -10.12 31.96 30.36
C LYS D 292 -8.95 32.87 29.99
N SER D 293 -7.87 32.84 30.76
CA SER D 293 -6.72 33.67 30.42
C SER D 293 -5.81 33.05 29.36
N GLY D 294 -6.01 31.77 29.04
CA GLY D 294 -5.24 31.13 27.99
C GLY D 294 -3.88 30.61 28.40
N TRP D 295 -3.56 30.61 29.69
CA TRP D 295 -2.30 30.06 30.17
C TRP D 295 -2.11 28.64 29.67
N SER D 296 -0.92 28.36 29.14
CA SER D 296 -0.60 27.00 28.72
C SER D 296 -0.47 26.09 29.93
N ALA D 297 -1.17 24.95 29.89
CA ALA D 297 -1.18 24.07 31.05
C ALA D 297 0.21 23.52 31.35
N ALA D 298 1.02 23.29 30.32
CA ALA D 298 2.36 22.76 30.54
C ALA D 298 3.22 23.73 31.36
N SER D 299 3.15 25.02 31.05
CA SER D 299 3.88 26.01 31.83
C SER D 299 3.38 26.06 33.26
N VAL D 300 2.07 25.95 33.45
CA VAL D 300 1.50 25.95 34.79
C VAL D 300 2.03 24.75 35.59
N VAL D 301 2.04 23.57 34.98
CA VAL D 301 2.53 22.39 35.67
C VAL D 301 4.01 22.53 36.00
N ASN D 302 4.79 23.07 35.06
CA ASN D 302 6.21 23.29 35.33
C ASN D 302 6.41 24.20 36.54
N GLN D 303 5.66 25.30 36.59
CA GLN D 303 5.82 26.24 37.69
C GLN D 303 5.36 25.63 39.01
N LEU D 304 4.28 24.84 39.01
CA LEU D 304 3.86 24.16 40.22
C LEU D 304 4.93 23.18 40.69
N HIS D 305 5.54 22.45 39.75
CA HIS D 305 6.63 21.55 40.11
C HIS D 305 7.74 22.32 40.82
N GLU D 306 8.18 23.43 40.22
CA GLU D 306 9.23 24.21 40.84
C GLU D 306 8.82 24.69 42.22
N TYR D 307 7.57 25.16 42.36
CA TYR D 307 7.14 25.71 43.63
C TYR D 307 7.14 24.65 44.73
N TYR D 308 6.62 23.46 44.43
CA TYR D 308 6.43 22.47 45.50
C TYR D 308 7.72 21.70 45.81
N ILE D 309 8.48 21.29 44.79
CA ILE D 309 9.62 20.42 45.04
C ILE D 309 10.75 21.13 45.78
N THR D 310 10.82 22.46 45.68
CA THR D 310 11.85 23.25 46.35
C THR D 310 11.27 24.05 47.53
N ASN D 311 10.31 23.48 48.24
CA ASN D 311 9.63 24.16 49.33
C ASN D 311 9.95 23.42 50.63
N ASP D 312 10.62 24.12 51.55
CA ASP D 312 11.01 23.51 52.81
C ASP D 312 9.83 23.21 53.72
N ASN D 313 8.64 23.67 53.39
CA ASN D 313 7.46 23.49 54.24
C ASN D 313 6.75 22.16 54.01
N PHE D 314 7.14 21.40 53.00
CA PHE D 314 6.52 20.12 52.70
C PHE D 314 7.51 19.00 52.97
N ASP D 315 7.00 17.87 53.48
CA ASP D 315 7.85 16.79 53.94
C ASP D 315 8.05 15.75 52.82
N THR D 316 8.79 14.69 53.16
CA THR D 316 9.25 13.75 52.14
C THR D 316 8.11 12.98 51.48
N ASN D 317 7.17 12.48 52.28
CA ASN D 317 6.06 11.70 51.73
C ASN D 317 5.24 12.52 50.75
N PHE D 318 4.92 13.77 51.14
CA PHE D 318 4.16 14.66 50.26
C PHE D 318 4.87 14.88 48.94
N LYS D 319 6.20 15.06 48.99
CA LYS D 319 6.95 15.36 47.77
C LYS D 319 7.07 14.12 46.88
N ASN D 320 7.24 12.95 47.46
CA ASN D 320 7.19 11.72 46.67
C ASN D 320 5.88 11.63 45.90
N GLN D 321 4.76 11.77 46.63
CA GLN D 321 3.46 11.63 45.98
C GLN D 321 3.24 12.70 44.91
N ILE D 322 3.61 13.95 45.19
CA ILE D 322 3.37 15.00 44.21
C ILE D 322 4.29 14.84 43.00
N SER D 323 5.52 14.36 43.20
CA SER D 323 6.39 14.12 42.06
C SER D 323 5.75 13.13 41.11
N TRP D 324 5.17 12.04 41.65
CA TRP D 324 4.49 11.12 40.75
C TRP D 324 3.26 11.76 40.10
N LEU D 325 2.50 12.57 40.85
CA LEU D 325 1.32 13.20 40.27
C LEU D 325 1.70 14.10 39.09
N LEU D 326 2.71 14.94 39.29
CA LEU D 326 3.16 15.84 38.23
C LEU D 326 3.68 15.06 37.03
N PHE D 327 4.43 13.98 37.27
CA PHE D 327 4.89 13.15 36.17
C PHE D 327 3.70 12.63 35.37
N THR D 328 2.68 12.10 36.05
CA THR D 328 1.53 11.53 35.37
C THR D 328 0.80 12.58 34.54
N THR D 329 0.57 13.75 35.12
CA THR D 329 -0.16 14.80 34.39
C THR D 329 0.66 15.31 33.19
N ASP D 330 1.96 15.51 33.37
CA ASP D 330 2.79 15.95 32.26
C ASP D 330 2.78 14.92 31.12
N SER D 331 2.86 13.64 31.47
CA SER D 331 2.79 12.59 30.45
C SER D 331 1.45 12.67 29.71
N ARG D 332 0.35 12.81 30.44
CA ARG D 332 -0.95 12.86 29.78
C ARG D 332 -1.08 14.09 28.89
N LEU D 333 -0.53 15.22 29.31
CA LEU D 333 -0.55 16.41 28.47
C LEU D 333 0.29 16.25 27.21
N ASN D 334 1.38 15.47 27.29
CA ASN D 334 2.21 15.24 26.12
C ASN D 334 1.46 14.53 25.00
N ASN D 335 0.34 13.87 25.30
CA ASN D 335 -0.45 13.15 24.31
C ASN D 335 -1.52 14.02 23.65
N GLY D 336 -1.58 15.30 23.96
CA GLY D 336 -2.52 16.20 23.29
C GLY D 336 -3.90 16.26 23.91
N THR D 337 -3.99 16.12 25.24
CA THR D 337 -5.27 16.01 25.92
C THR D 337 -5.87 17.40 26.22
N ASN D 338 -7.09 17.39 26.76
CA ASN D 338 -7.78 18.63 27.13
C ASN D 338 -7.12 19.24 28.36
N GLU D 339 -6.63 20.47 28.23
CA GLU D 339 -5.84 21.08 29.29
C GLU D 339 -6.68 21.35 30.54
N HIS D 340 -7.92 21.80 30.36
CA HIS D 340 -8.78 22.09 31.52
C HIS D 340 -8.97 20.84 32.37
N ILE D 341 -9.35 19.72 31.74
CA ILE D 341 -9.61 18.49 32.48
C ILE D 341 -8.37 18.04 33.24
N GLN D 342 -7.23 18.00 32.53
CA GLN D 342 -6.00 17.51 33.16
C GLN D 342 -5.57 18.41 34.31
N LEU D 343 -5.64 19.73 34.13
CA LEU D 343 -5.22 20.64 35.21
C LEU D 343 -6.13 20.50 36.42
N LEU D 344 -7.45 20.42 36.21
CA LEU D 344 -8.34 20.28 37.35
C LEU D 344 -8.10 18.97 38.10
N ASN D 345 -7.89 17.88 37.36
CA ASN D 345 -7.60 16.61 38.00
C ASN D 345 -6.33 16.71 38.85
N LEU D 346 -5.28 17.31 38.29
CA LEU D 346 -4.03 17.45 39.03
C LEU D 346 -4.23 18.23 40.32
N LEU D 347 -4.94 19.37 40.24
CA LEU D 347 -5.12 20.21 41.42
C LEU D 347 -5.95 19.49 42.49
N VAL D 348 -7.02 18.80 42.09
CA VAL D 348 -7.80 18.05 43.06
C VAL D 348 -6.92 17.02 43.77
N LYS D 349 -6.12 16.29 42.99
CA LYS D 349 -5.29 15.26 43.59
C LYS D 349 -4.25 15.85 44.55
N ILE D 350 -3.65 16.99 44.20
CA ILE D 350 -2.73 17.63 45.14
C ILE D 350 -3.47 18.04 46.40
N SER D 351 -4.67 18.59 46.24
CA SER D 351 -5.42 19.07 47.40
C SER D 351 -5.72 17.94 48.38
N GLN D 352 -5.89 16.72 47.89
CA GLN D 352 -6.21 15.61 48.78
C GLN D 352 -4.97 14.90 49.33
N LEU D 353 -3.78 15.46 49.14
CA LEU D 353 -2.57 14.87 49.74
C LEU D 353 -2.53 15.12 51.24
N MET E 1 -21.33 39.50 7.38
CA MET E 1 -22.66 39.27 6.74
C MET E 1 -23.78 39.79 7.63
N SER E 2 -25.00 39.29 7.44
CA SER E 2 -26.16 39.93 8.06
C SER E 2 -26.24 39.63 9.56
N LEU E 3 -25.83 38.43 10.00
CA LEU E 3 -25.87 38.14 11.42
C LEU E 3 -24.97 39.09 12.19
N TRP E 4 -25.40 39.49 13.39
CA TRP E 4 -24.72 40.55 14.12
C TRP E 4 -23.30 40.16 14.51
N VAL E 5 -23.05 38.87 14.75
CA VAL E 5 -21.70 38.44 15.07
C VAL E 5 -20.75 38.74 13.91
N ASP E 6 -21.25 38.78 12.69
CA ASP E 6 -20.46 39.08 11.50
C ASP E 6 -20.55 40.54 11.08
N LYS E 7 -21.73 41.15 11.19
CA LYS E 7 -21.92 42.50 10.69
C LYS E 7 -20.97 43.49 11.35
N TYR E 8 -20.66 43.30 12.64
CA TYR E 8 -19.89 44.27 13.41
C TYR E 8 -18.50 43.77 13.78
N ARG E 9 -18.00 42.74 13.12
CA ARG E 9 -16.65 42.25 13.41
C ARG E 9 -15.62 43.32 13.02
N PRO E 10 -14.68 43.66 13.89
CA PRO E 10 -13.71 44.71 13.55
C PRO E 10 -12.76 44.30 12.43
N LYS E 11 -12.33 45.30 11.65
CA LYS E 11 -11.50 45.08 10.48
C LYS E 11 -10.10 45.71 10.58
N SER E 12 -9.69 46.16 11.76
CA SER E 12 -8.37 46.75 11.92
C SER E 12 -7.97 46.72 13.39
N LEU E 13 -6.66 46.82 13.63
CA LEU E 13 -6.16 46.82 15.00
C LEU E 13 -6.70 48.00 15.80
N ASN E 14 -7.07 49.10 15.11
CA ASN E 14 -7.62 50.24 15.82
C ASN E 14 -9.06 49.99 16.27
N ALA E 15 -9.78 49.11 15.59
CA ALA E 15 -11.17 48.81 15.92
C ALA E 15 -11.32 47.67 16.90
N LEU E 16 -10.23 47.05 17.35
CA LEU E 16 -10.33 46.05 18.40
C LEU E 16 -10.74 46.71 19.71
N SER E 17 -11.46 45.97 20.56
CA SER E 17 -12.09 46.59 21.71
C SER E 17 -12.00 45.75 23.00
N HIS E 18 -11.12 44.75 23.05
CA HIS E 18 -10.82 44.09 24.32
C HIS E 18 -9.36 43.65 24.32
N ASN E 19 -8.80 43.49 25.52
CA ASN E 19 -7.41 43.09 25.71
C ASN E 19 -6.44 44.07 25.04
N GLU E 20 -6.42 45.27 25.62
CA GLU E 20 -5.64 46.37 25.03
C GLU E 20 -4.15 46.07 24.96
N GLU E 21 -3.60 45.39 25.98
CA GLU E 21 -2.18 45.08 25.96
C GLU E 21 -1.82 44.20 24.76
N LEU E 22 -2.66 43.21 24.46
CA LEU E 22 -2.43 42.38 23.27
C LEU E 22 -2.49 43.23 22.01
N THR E 23 -3.39 44.20 21.95
CA THR E 23 -3.44 45.10 20.81
C THR E 23 -2.14 45.86 20.65
N ASN E 24 -1.59 46.37 21.75
CA ASN E 24 -0.31 47.07 21.68
C ASN E 24 0.80 46.15 21.20
N PHE E 25 0.82 44.92 21.71
CA PHE E 25 1.83 43.97 21.25
C PHE E 25 1.72 43.72 19.75
N LEU E 26 0.50 43.56 19.25
CA LEU E 26 0.31 43.31 17.82
C LEU E 26 0.75 44.51 16.99
N LYS E 27 0.45 45.72 17.47
CA LYS E 27 0.93 46.92 16.79
C LYS E 27 2.46 46.96 16.78
N SER E 28 3.08 46.54 17.87
CA SER E 28 4.54 46.50 17.91
C SER E 28 5.09 45.53 16.88
N LEU E 29 4.45 44.37 16.73
CA LEU E 29 4.88 43.43 15.70
C LEU E 29 4.71 44.03 14.31
N SER E 30 3.61 44.74 14.07
CA SER E 30 3.33 45.30 12.75
C SER E 30 4.12 46.58 12.47
N ASP E 31 4.84 47.12 13.45
CA ASP E 31 5.61 48.34 13.22
C ASP E 31 6.67 48.12 12.15
N GLN E 32 7.49 47.09 12.29
CA GLN E 32 8.57 46.76 11.36
C GLN E 32 8.43 45.30 10.97
N PRO E 33 7.57 44.99 10.00
CA PRO E 33 7.19 43.59 9.75
C PRO E 33 8.09 42.83 8.80
N ARG E 34 9.27 43.33 8.45
CA ARG E 34 10.09 42.62 7.47
C ARG E 34 10.76 41.38 8.08
N ASP E 35 11.20 41.46 9.34
CA ASP E 35 11.80 40.31 10.02
C ASP E 35 10.81 39.64 10.97
N LEU E 36 9.52 39.74 10.70
CA LEU E 36 8.51 39.11 11.53
C LEU E 36 8.75 37.60 11.59
N PRO E 37 8.84 37.01 12.78
CA PRO E 37 8.93 35.55 12.85
C PRO E 37 7.59 34.89 12.55
N HIS E 38 7.63 33.58 12.36
CA HIS E 38 6.40 32.81 12.30
C HIS E 38 5.64 32.94 13.61
N LEU E 39 4.31 33.01 13.52
CA LEU E 39 3.46 33.27 14.67
C LEU E 39 2.57 32.07 14.97
N LEU E 40 2.28 31.89 16.26
CA LEU E 40 1.32 30.88 16.71
C LEU E 40 0.42 31.53 17.75
N LEU E 41 -0.82 31.80 17.38
CA LEU E 41 -1.82 32.37 18.28
C LEU E 41 -2.55 31.25 19.01
N TYR E 42 -2.65 31.36 20.33
CA TYR E 42 -3.36 30.36 21.12
C TYR E 42 -4.22 31.05 22.17
N GLY E 43 -5.32 30.38 22.52
CA GLY E 43 -6.27 30.90 23.48
C GLY E 43 -7.62 30.21 23.36
N PRO E 44 -8.54 30.52 24.25
CA PRO E 44 -9.85 29.83 24.25
C PRO E 44 -10.66 30.18 23.01
N ASN E 45 -11.61 29.29 22.71
CA ASN E 45 -12.42 29.43 21.51
C ASN E 45 -13.25 30.72 21.55
N GLY E 46 -13.42 31.32 20.37
CA GLY E 46 -14.38 32.41 20.21
C GLY E 46 -14.01 33.71 20.89
N THR E 47 -12.72 33.96 21.13
CA THR E 47 -12.29 35.18 21.80
C THR E 47 -11.80 36.25 20.84
N GLY E 48 -11.51 35.92 19.59
CA GLY E 48 -11.08 36.91 18.62
C GLY E 48 -9.71 36.66 18.03
N LYS E 49 -9.28 35.40 17.99
CA LYS E 49 -7.95 35.09 17.48
C LYS E 49 -7.87 35.33 15.97
N LYS E 50 -8.84 34.82 15.21
CA LYS E 50 -8.82 35.03 13.76
C LYS E 50 -9.08 36.49 13.41
N THR E 51 -9.96 37.16 14.17
CA THR E 51 -10.15 38.59 14.01
C THR E 51 -8.82 39.33 14.11
N ARG E 52 -8.00 38.95 15.10
CA ARG E 52 -6.74 39.63 15.32
C ARG E 52 -5.70 39.24 14.26
N CYS E 53 -5.72 37.99 13.80
CA CYS E 53 -4.82 37.61 12.72
C CYS E 53 -5.12 38.43 11.47
N MET E 54 -6.40 38.60 11.14
CA MET E 54 -6.77 39.41 9.98
C MET E 54 -6.42 40.88 10.19
N ALA E 55 -6.60 41.40 11.41
CA ALA E 55 -6.24 42.79 11.68
C ALA E 55 -4.74 43.00 11.54
N LEU E 56 -3.93 42.06 12.02
CA LEU E 56 -2.48 42.16 11.84
C LEU E 56 -2.11 42.16 10.37
N LEU E 57 -2.72 41.25 9.60
CA LEU E 57 -2.42 41.20 8.17
C LEU E 57 -2.84 42.49 7.49
N GLU E 58 -3.96 43.06 7.89
CA GLU E 58 -4.38 44.36 7.35
C GLU E 58 -3.34 45.43 7.67
N SER E 59 -2.84 45.44 8.90
CA SER E 59 -1.84 46.42 9.29
C SER E 59 -0.56 46.27 8.46
N ILE E 60 -0.23 45.05 8.05
CA ILE E 60 0.99 44.84 7.28
C ILE E 60 0.78 45.14 5.80
N PHE E 61 -0.33 44.70 5.22
CA PHE E 61 -0.51 44.71 3.77
C PHE E 61 -1.63 45.62 3.27
N GLY E 62 -2.47 46.18 4.16
CA GLY E 62 -3.55 47.03 3.73
C GLY E 62 -4.88 46.31 3.67
N PRO E 63 -5.96 47.05 3.40
CA PRO E 63 -7.31 46.44 3.44
C PRO E 63 -7.53 45.33 2.43
N GLY E 64 -6.74 45.28 1.36
CA GLY E 64 -6.87 44.23 0.36
C GLY E 64 -6.89 42.82 0.93
N VAL E 65 -6.41 42.64 2.16
CA VAL E 65 -6.40 41.31 2.75
C VAL E 65 -7.80 40.77 2.97
N TYR E 66 -8.81 41.63 2.96
CA TYR E 66 -10.19 41.19 3.18
C TYR E 66 -10.95 40.88 1.89
N ARG E 67 -10.30 41.01 0.72
CA ARG E 67 -10.93 40.67 -0.56
C ARG E 67 -10.63 39.22 -0.86
N LEU E 68 -11.47 38.33 -0.34
CA LEU E 68 -11.20 36.90 -0.34
C LEU E 68 -11.95 36.19 -1.47
N LYS E 69 -11.33 35.14 -2.00
CA LYS E 69 -12.02 34.21 -2.89
C LYS E 69 -11.58 32.79 -2.55
N ILE E 70 -12.43 31.83 -2.90
CA ILE E 70 -12.19 30.42 -2.63
C ILE E 70 -11.86 29.71 -3.92
N ASP E 71 -10.96 28.73 -3.84
CA ASP E 71 -10.56 27.94 -5.00
C ASP E 71 -10.32 26.50 -4.58
N VAL E 72 -10.60 25.57 -5.49
CA VAL E 72 -10.45 24.14 -5.24
C VAL E 72 -9.11 23.69 -5.81
N ARG E 73 -8.28 23.07 -4.96
CA ARG E 73 -7.02 22.50 -5.37
C ARG E 73 -7.11 20.97 -5.31
N GLN E 74 -6.54 20.32 -6.32
CA GLN E 74 -6.60 18.87 -6.46
C GLN E 74 -5.30 18.23 -5.99
N PHE E 75 -5.43 17.04 -5.41
CA PHE E 75 -4.27 16.22 -5.06
C PHE E 75 -4.61 14.75 -5.29
N VAL E 76 -3.56 13.95 -5.41
CA VAL E 76 -3.67 12.51 -5.61
C VAL E 76 -2.84 11.81 -4.54
N THR E 77 -3.39 10.74 -3.98
CA THR E 77 -2.66 9.95 -3.00
C THR E 77 -1.84 8.87 -3.72
N ALA E 78 -0.97 8.20 -2.96
CA ALA E 78 -0.18 7.12 -3.52
C ALA E 78 -1.08 6.03 -4.08
N SER E 79 -2.21 5.78 -3.43
CA SER E 79 -3.18 4.82 -3.92
C SER E 79 -3.99 5.33 -5.11
N ASN E 80 -3.69 6.54 -5.59
CA ASN E 80 -4.32 7.13 -6.77
C ASN E 80 -5.71 7.70 -6.50
N ARG E 81 -6.05 7.94 -5.23
CA ARG E 81 -7.35 8.48 -4.88
C ARG E 81 -7.34 10.00 -5.00
N LYS E 82 -8.42 10.55 -5.55
CA LYS E 82 -8.54 11.99 -5.77
C LYS E 82 -9.02 12.68 -4.50
N LEU E 83 -8.42 13.83 -4.20
CA LEU E 83 -8.78 14.62 -3.04
C LEU E 83 -8.82 16.09 -3.42
N GLU E 84 -9.73 16.84 -2.79
CA GLU E 84 -9.91 18.26 -3.05
C GLU E 84 -9.75 19.04 -1.76
N LEU E 85 -9.13 20.22 -1.86
CA LEU E 85 -8.97 21.12 -0.73
C LEU E 85 -9.46 22.50 -1.13
N ASN E 86 -10.36 23.07 -0.32
CA ASN E 86 -10.78 24.45 -0.52
C ASN E 86 -9.75 25.38 0.09
N VAL E 87 -9.27 26.33 -0.69
CA VAL E 87 -8.23 27.28 -0.29
C VAL E 87 -8.82 28.68 -0.40
N VAL E 88 -8.76 29.43 0.68
CA VAL E 88 -9.17 30.82 0.71
C VAL E 88 -7.95 31.69 0.45
N SER E 89 -8.11 32.73 -0.35
CA SER E 89 -6.96 33.55 -0.71
C SER E 89 -7.37 35.00 -0.93
N SER E 90 -6.44 35.88 -0.61
CA SER E 90 -6.47 37.29 -0.96
C SER E 90 -5.26 37.54 -1.85
N PRO E 91 -5.07 38.76 -2.38
CA PRO E 91 -3.83 39.02 -3.12
C PRO E 91 -2.58 38.87 -2.28
N TYR E 92 -2.67 38.89 -0.95
CA TYR E 92 -1.51 38.91 -0.09
C TYR E 92 -1.30 37.64 0.75
N HIS E 93 -2.30 36.78 0.88
CA HIS E 93 -2.15 35.63 1.76
C HIS E 93 -3.05 34.49 1.32
N LEU E 94 -2.73 33.30 1.82
CA LEU E 94 -3.56 32.11 1.67
C LEU E 94 -4.04 31.68 3.05
N GLU E 95 -5.18 30.98 3.09
CA GLU E 95 -5.68 30.38 4.31
C GLU E 95 -6.07 28.93 4.03
N ILE E 96 -5.53 27.99 4.80
CA ILE E 96 -5.81 26.58 4.59
C ILE E 96 -6.18 25.92 5.92
N THR E 97 -6.97 24.84 5.82
CA THR E 97 -7.30 23.96 6.94
C THR E 97 -6.91 22.56 6.51
N PRO E 98 -5.63 22.19 6.61
CA PRO E 98 -5.20 20.88 6.11
C PRO E 98 -5.94 19.72 6.74
N SER E 99 -6.40 19.86 7.98
CA SER E 99 -7.15 18.80 8.64
C SER E 99 -8.42 18.45 7.87
N ASP E 100 -8.86 19.30 6.94
CA ASP E 100 -9.97 18.94 6.07
C ASP E 100 -9.73 17.61 5.38
N MET E 101 -8.47 17.32 5.03
CA MET E 101 -8.11 16.09 4.35
C MET E 101 -7.68 14.99 5.32
N GLY E 102 -8.02 15.12 6.60
CA GLY E 102 -7.78 14.04 7.54
C GLY E 102 -6.32 13.63 7.59
N ASN E 103 -6.09 12.31 7.61
CA ASN E 103 -4.74 11.79 7.69
C ASN E 103 -3.91 12.10 6.46
N ASN E 104 -4.54 12.56 5.37
CA ASN E 104 -3.81 12.99 4.18
C ASN E 104 -3.39 14.46 4.26
N ASP E 105 -3.60 15.11 5.40
CA ASP E 105 -3.18 16.50 5.55
C ASP E 105 -1.69 16.66 5.25
N ARG E 106 -0.90 15.63 5.52
CA ARG E 106 0.53 15.70 5.24
C ARG E 106 0.79 16.07 3.79
N ILE E 107 0.01 15.51 2.86
CA ILE E 107 0.19 15.84 1.45
C ILE E 107 0.09 17.34 1.24
N VAL E 108 -0.93 17.95 1.87
CA VAL E 108 -1.13 19.39 1.72
C VAL E 108 0.14 20.14 2.13
N ILE E 109 0.78 19.69 3.21
CA ILE E 109 2.00 20.38 3.65
C ILE E 109 3.13 20.11 2.68
N GLN E 110 3.26 18.87 2.21
CA GLN E 110 4.45 18.51 1.45
C GLN E 110 4.44 19.02 0.02
N GLU E 111 3.26 19.29 -0.54
CA GLU E 111 3.14 19.71 -1.94
C GLU E 111 2.66 21.15 -2.08
N LEU E 112 1.49 21.48 -1.54
CA LEU E 112 0.96 22.82 -1.71
C LEU E 112 1.83 23.85 -1.00
N LEU E 113 1.96 23.73 0.33
CA LEU E 113 2.73 24.72 1.07
C LEU E 113 4.13 24.87 0.52
N LYS E 114 4.84 23.74 0.35
CA LYS E 114 6.18 23.80 -0.22
C LYS E 114 6.21 24.59 -1.52
N GLU E 115 5.24 24.34 -2.41
CA GLU E 115 5.22 25.06 -3.67
C GLU E 115 5.13 26.56 -3.44
N VAL E 116 4.21 26.99 -2.57
CA VAL E 116 4.10 28.42 -2.31
C VAL E 116 5.43 28.97 -1.83
N ALA E 117 6.18 28.16 -1.09
CA ALA E 117 7.44 28.62 -0.52
C ALA E 117 8.51 28.81 -1.59
N GLN E 118 8.45 28.01 -2.66
CA GLN E 118 9.55 28.00 -3.63
C GLN E 118 9.34 28.93 -4.81
N MET E 119 8.19 29.61 -4.90
CA MET E 119 7.85 30.40 -6.07
C MET E 119 7.74 31.88 -5.73
N GLU E 120 8.12 32.71 -6.69
CA GLU E 120 7.77 34.12 -6.66
C GLU E 120 6.39 34.31 -7.31
N GLN E 121 5.77 35.43 -6.99
CA GLN E 121 4.42 35.71 -7.45
C GLN E 121 4.40 36.99 -8.27
N VAL E 122 3.50 37.03 -9.24
CA VAL E 122 3.28 38.23 -10.04
C VAL E 122 2.29 39.13 -9.32
N ASP E 123 2.34 40.42 -9.64
CA ASP E 123 1.43 41.40 -9.06
C ASP E 123 1.42 42.61 -9.97
N PHE E 124 0.29 42.86 -10.62
CA PHE E 124 0.12 43.97 -11.55
C PHE E 124 -0.83 45.02 -11.00
N GLN E 125 -0.91 45.15 -9.68
CA GLN E 125 -1.73 46.17 -9.03
C GLN E 125 -0.98 46.95 -7.97
N ASP E 126 0.18 46.49 -7.52
CA ASP E 126 0.96 47.17 -6.49
C ASP E 126 2.44 47.28 -6.83
N SER E 127 2.95 46.49 -7.76
CA SER E 127 4.37 46.45 -8.11
C SER E 127 4.57 47.05 -9.49
N LYS E 128 5.64 47.83 -9.63
CA LYS E 128 5.94 48.49 -10.90
C LYS E 128 6.62 47.58 -11.90
N ASP E 129 7.15 46.43 -11.47
CA ASP E 129 7.86 45.51 -12.35
C ASP E 129 7.14 44.18 -12.51
N GLY E 130 5.89 44.08 -12.07
CA GLY E 130 5.12 42.87 -12.24
C GLY E 130 5.38 41.76 -11.24
N LEU E 131 6.41 41.88 -10.41
CA LEU E 131 6.70 40.89 -9.38
C LEU E 131 6.34 41.45 -8.01
N ALA E 132 5.83 40.57 -7.15
CA ALA E 132 5.49 40.95 -5.78
C ALA E 132 6.76 41.01 -4.93
N HIS E 133 7.05 42.18 -4.37
CA HIS E 133 8.22 42.37 -3.52
C HIS E 133 7.76 42.31 -2.06
N ARG E 134 7.55 41.07 -1.60
CA ARG E 134 7.10 40.82 -0.23
C ARG E 134 7.07 39.32 0.00
N TYR E 135 7.19 38.90 1.26
CA TYR E 135 7.03 37.48 1.56
C TYR E 135 5.56 37.08 1.41
N LYS E 136 5.35 35.80 1.16
CA LYS E 136 4.01 35.23 1.10
C LYS E 136 3.58 34.82 2.51
N CYS E 137 2.29 35.00 2.80
CA CYS E 137 1.73 34.71 4.10
C CYS E 137 0.72 33.55 3.98
N VAL E 138 0.82 32.58 4.87
CA VAL E 138 -0.08 31.44 4.91
C VAL E 138 -0.63 31.31 6.32
N ILE E 139 -1.95 31.37 6.45
CA ILE E 139 -2.64 31.10 7.70
C ILE E 139 -3.03 29.62 7.72
N ILE E 140 -2.69 28.93 8.80
CA ILE E 140 -3.08 27.54 9.00
C ILE E 140 -4.04 27.50 10.17
N ASN E 141 -5.31 27.26 9.86
CA ASN E 141 -6.35 27.18 10.88
C ASN E 141 -6.38 25.78 11.50
N GLU E 142 -6.83 25.72 12.75
CA GLU E 142 -6.95 24.46 13.47
C GLU E 142 -5.62 23.71 13.45
N ALA E 143 -4.53 24.45 13.70
CA ALA E 143 -3.20 23.88 13.57
C ALA E 143 -2.99 22.72 14.54
N ASN E 144 -3.66 22.74 15.69
CA ASN E 144 -3.53 21.62 16.63
C ASN E 144 -4.25 20.36 16.15
N SER E 145 -4.94 20.40 15.02
CA SER E 145 -5.54 19.21 14.45
C SER E 145 -4.63 18.49 13.45
N LEU E 146 -3.51 19.09 13.07
CA LEU E 146 -2.58 18.44 12.16
C LEU E 146 -2.00 17.18 12.79
N THR E 147 -1.84 16.14 11.98
CA THR E 147 -1.16 14.93 12.45
C THR E 147 0.33 15.22 12.65
N LYS E 148 0.97 14.35 13.43
CA LYS E 148 2.38 14.56 13.73
C LYS E 148 3.23 14.58 12.46
N ASP E 149 2.88 13.75 11.48
CA ASP E 149 3.64 13.73 10.23
C ASP E 149 3.55 15.07 9.50
N ALA E 150 2.36 15.67 9.44
CA ALA E 150 2.23 16.97 8.77
C ALA E 150 3.01 18.06 9.50
N GLN E 151 2.91 18.09 10.83
CA GLN E 151 3.69 19.03 11.61
C GLN E 151 5.18 18.86 11.34
N ALA E 152 5.65 17.61 11.28
CA ALA E 152 7.05 17.37 10.93
C ALA E 152 7.37 17.93 9.56
N ALA E 153 6.48 17.73 8.59
CA ALA E 153 6.72 18.24 7.24
C ALA E 153 6.86 19.76 7.22
N LEU E 154 6.30 20.46 8.22
CA LEU E 154 6.44 21.91 8.28
C LEU E 154 7.85 22.38 8.67
N ARG E 155 8.63 21.55 9.38
CA ARG E 155 9.77 22.03 10.13
C ARG E 155 10.82 22.70 9.24
N ARG E 156 11.29 22.01 8.21
CA ARG E 156 12.38 22.56 7.42
C ARG E 156 11.88 23.58 6.41
N THR E 157 10.62 23.50 5.99
CA THR E 157 10.06 24.55 5.15
C THR E 157 10.07 25.89 5.87
N MET E 158 9.76 25.88 7.17
CA MET E 158 9.77 27.14 7.91
C MET E 158 11.16 27.76 7.99
N GLU E 159 12.22 26.96 7.98
CA GLU E 159 13.58 27.50 8.12
C GLU E 159 14.22 27.83 6.78
N LYS E 160 14.15 26.90 5.82
CA LYS E 160 14.86 27.06 4.56
C LYS E 160 14.36 28.26 3.76
N TYR E 161 13.05 28.46 3.72
CA TYR E 161 12.44 29.46 2.85
C TYR E 161 11.91 30.67 3.62
N SER E 162 12.46 30.93 4.80
CA SER E 162 11.98 32.05 5.62
C SER E 162 12.01 33.37 4.85
N LYS E 163 12.93 33.50 3.89
CA LYS E 163 12.95 34.66 3.01
C LYS E 163 11.58 34.91 2.38
N ASN E 164 10.95 33.86 1.87
CA ASN E 164 9.85 34.00 0.94
C ASN E 164 8.49 33.75 1.56
N ILE E 165 8.41 33.20 2.77
CA ILE E 165 7.13 32.79 3.36
C ILE E 165 7.16 33.00 4.86
N ARG E 166 6.01 33.39 5.42
CA ARG E 166 5.80 33.46 6.85
C ARG E 166 4.49 32.77 7.19
N LEU E 167 4.49 32.01 8.29
CA LEU E 167 3.33 31.23 8.70
C LEU E 167 2.68 31.86 9.93
N ILE E 168 1.35 31.89 9.94
CA ILE E 168 0.57 32.25 11.11
C ILE E 168 -0.33 31.05 11.41
N MET E 169 -0.06 30.37 12.50
CA MET E 169 -0.85 29.22 12.92
C MET E 169 -1.75 29.65 14.07
N VAL E 170 -3.01 29.18 14.02
CA VAL E 170 -4.01 29.53 15.03
C VAL E 170 -4.51 28.23 15.66
N CYS E 171 -4.58 28.20 16.98
CA CYS E 171 -5.06 27.01 17.67
C CYS E 171 -5.71 27.41 18.98
N ASP E 172 -6.62 26.55 19.46
CA ASP E 172 -7.24 26.76 20.75
C ASP E 172 -6.48 26.10 21.91
N SER E 173 -5.55 25.20 21.61
CA SER E 173 -4.69 24.60 22.62
C SER E 173 -3.38 24.20 21.97
N MET E 174 -2.29 24.36 22.73
CA MET E 174 -0.97 23.98 22.24
C MET E 174 -0.57 22.56 22.63
N SER E 175 -1.40 21.87 23.41
CA SER E 175 -1.06 20.52 23.85
C SER E 175 -0.73 19.58 22.69
N PRO E 176 -1.44 19.57 21.57
CA PRO E 176 -1.07 18.67 20.47
C PRO E 176 -0.02 19.19 19.51
N ILE E 177 0.52 20.39 19.74
CA ILE E 177 1.58 20.93 18.88
C ILE E 177 2.91 20.35 19.31
N ILE E 178 3.62 19.70 18.37
CA ILE E 178 4.89 19.07 18.72
C ILE E 178 5.92 20.14 19.10
N ALA E 179 6.87 19.75 19.96
CA ALA E 179 7.83 20.70 20.48
C ALA E 179 8.66 21.41 19.41
N PRO E 180 9.14 20.73 18.36
CA PRO E 180 9.90 21.46 17.33
C PRO E 180 9.13 22.58 16.66
N ILE E 181 7.82 22.43 16.47
CA ILE E 181 7.05 23.50 15.82
C ILE E 181 6.91 24.70 16.76
N LYS E 182 6.62 24.45 18.03
CA LYS E 182 6.54 25.56 18.98
C LYS E 182 7.87 26.27 19.11
N SER E 183 8.97 25.51 19.06
CA SER E 183 10.30 26.13 19.07
C SER E 183 10.47 27.12 17.93
N ARG E 184 9.82 26.87 16.79
CA ARG E 184 9.99 27.71 15.60
C ARG E 184 9.05 28.90 15.56
N CYS E 185 8.19 29.10 16.56
CA CYS E 185 7.13 30.10 16.49
C CYS E 185 7.26 31.11 17.62
N LEU E 186 6.87 32.35 17.31
CA LEU E 186 6.55 33.33 18.34
C LEU E 186 5.14 33.05 18.86
N LEU E 187 5.03 32.70 20.13
CA LEU E 187 3.77 32.27 20.72
C LEU E 187 3.02 33.47 21.29
N ILE E 188 1.79 33.68 20.83
CA ILE E 188 0.98 34.84 21.21
C ILE E 188 -0.24 34.32 21.97
N ARG E 189 -0.30 34.65 23.27
CA ARG E 189 -1.42 34.27 24.11
C ARG E 189 -2.56 35.25 23.92
N CYS E 190 -3.76 34.72 23.64
CA CYS E 190 -4.95 35.53 23.35
C CYS E 190 -6.01 35.22 24.40
N PRO E 191 -6.07 36.00 25.49
CA PRO E 191 -7.04 35.70 26.56
C PRO E 191 -8.46 36.09 26.17
N ALA E 192 -9.41 35.49 26.86
CA ALA E 192 -10.80 35.83 26.67
C ALA E 192 -11.10 37.23 27.22
N PRO E 193 -12.06 37.93 26.64
CA PRO E 193 -12.46 39.23 27.20
C PRO E 193 -13.16 39.06 28.54
N SER E 194 -13.02 40.09 29.38
CA SER E 194 -13.77 40.13 30.63
C SER E 194 -15.26 40.29 30.35
N ASP E 195 -16.07 40.13 31.40
CA ASP E 195 -17.51 40.28 31.22
C ASP E 195 -17.89 41.72 30.95
N SER E 196 -17.16 42.69 31.50
CA SER E 196 -17.42 44.08 31.19
C SER E 196 -17.15 44.41 29.72
N GLU E 197 -16.05 43.89 29.17
CA GLU E 197 -15.77 44.11 27.76
C GLU E 197 -16.86 43.50 26.88
N ILE E 198 -17.32 42.30 27.23
CA ILE E 198 -18.40 41.67 26.49
C ILE E 198 -19.67 42.50 26.59
N SER E 199 -19.98 43.00 27.78
CA SER E 199 -21.16 43.82 27.95
C SER E 199 -21.08 45.08 27.10
N THR E 200 -19.90 45.70 27.04
CA THR E 200 -19.75 46.89 26.20
C THR E 200 -19.98 46.56 24.73
N ILE E 201 -19.41 45.45 24.26
CA ILE E 201 -19.60 45.06 22.86
C ILE E 201 -21.09 44.80 22.57
N LEU E 202 -21.73 44.03 23.46
CA LEU E 202 -23.14 43.71 23.27
C LEU E 202 -24.00 44.97 23.30
N SER E 203 -23.66 45.92 24.18
CA SER E 203 -24.41 47.17 24.25
C SER E 203 -24.27 47.98 22.97
N ASP E 204 -23.05 48.00 22.40
CA ASP E 204 -22.88 48.66 21.12
C ASP E 204 -23.78 48.04 20.06
N VAL E 205 -23.85 46.71 20.02
CA VAL E 205 -24.74 46.05 19.08
C VAL E 205 -26.20 46.41 19.35
N VAL E 206 -26.60 46.40 20.62
CA VAL E 206 -27.98 46.72 20.98
C VAL E 206 -28.34 48.11 20.49
N THR E 207 -27.40 49.05 20.60
CA THR E 207 -27.67 50.41 20.15
C THR E 207 -27.76 50.48 18.62
N ASN E 208 -26.81 49.86 17.92
CA ASN E 208 -26.81 49.95 16.46
C ASN E 208 -27.98 49.19 15.81
N GLU E 209 -28.61 48.25 16.52
CA GLU E 209 -29.71 47.48 15.97
C GLU E 209 -31.08 47.92 16.51
N ARG E 210 -31.13 48.97 17.31
CA ARG E 210 -32.38 49.49 17.86
C ARG E 210 -33.18 48.38 18.55
N ILE E 211 -32.53 47.71 19.50
CA ILE E 211 -33.17 46.68 20.32
C ILE E 211 -33.60 47.30 21.63
N GLN E 212 -34.87 47.12 22.00
CA GLN E 212 -35.34 47.57 23.29
C GLN E 212 -34.78 46.68 24.38
N LEU E 213 -34.38 47.30 25.49
CA LEU E 213 -33.63 46.62 26.54
C LEU E 213 -34.09 47.17 27.88
N GLU E 214 -34.78 46.34 28.66
CA GLU E 214 -35.34 46.83 29.92
C GLU E 214 -34.25 47.27 30.88
N THR E 215 -33.19 46.49 31.00
CA THR E 215 -32.08 46.83 31.88
C THR E 215 -30.79 46.29 31.29
N LYS E 216 -29.68 46.96 31.60
CA LYS E 216 -28.37 46.50 31.15
C LYS E 216 -27.97 45.18 31.79
N ASP E 217 -28.52 44.85 32.95
CA ASP E 217 -28.18 43.61 33.62
C ASP E 217 -28.35 42.40 32.70
N ILE E 218 -29.34 42.46 31.80
CA ILE E 218 -29.57 41.36 30.87
C ILE E 218 -28.27 41.02 30.14
N LEU E 219 -27.60 42.03 29.60
CA LEU E 219 -26.35 41.79 28.88
C LEU E 219 -25.36 41.07 29.77
N LYS E 220 -25.23 41.53 31.03
CA LYS E 220 -24.34 40.87 31.98
C LYS E 220 -24.68 39.39 32.09
N ARG E 221 -25.97 39.06 32.23
CA ARG E 221 -26.35 37.65 32.28
C ARG E 221 -25.83 36.91 31.05
N ILE E 222 -26.09 37.46 29.86
CA ILE E 222 -25.57 36.84 28.64
C ILE E 222 -24.06 36.68 28.76
N ALA E 223 -23.37 37.76 29.14
CA ALA E 223 -21.93 37.71 29.26
C ALA E 223 -21.49 36.59 30.19
N GLN E 224 -22.24 36.38 31.27
CA GLN E 224 -21.86 35.34 32.21
C GLN E 224 -22.16 33.95 31.67
N ALA E 225 -23.24 33.81 30.91
CA ALA E 225 -23.61 32.49 30.40
C ALA E 225 -22.72 32.04 29.25
N SER E 226 -21.98 32.96 28.63
CA SER E 226 -21.12 32.59 27.51
C SER E 226 -19.74 32.12 27.94
N ASN E 227 -19.39 32.28 29.22
CA ASN E 227 -18.11 31.79 29.75
C ASN E 227 -16.92 32.32 28.95
N GLY E 228 -16.96 33.60 28.61
CA GLY E 228 -15.88 34.24 27.90
C GLY E 228 -15.88 34.05 26.40
N ASN E 229 -16.81 33.28 25.85
CA ASN E 229 -16.89 33.05 24.40
C ASN E 229 -17.70 34.19 23.78
N LEU E 230 -17.00 35.11 23.12
CA LEU E 230 -17.64 36.30 22.59
C LEU E 230 -18.54 35.98 21.40
N ARG E 231 -18.12 35.05 20.54
CA ARG E 231 -18.97 34.60 19.45
C ARG E 231 -20.29 34.05 20.00
N VAL E 232 -20.20 33.20 21.02
CA VAL E 232 -21.40 32.62 21.62
C VAL E 232 -22.30 33.72 22.18
N SER E 233 -21.71 34.72 22.84
CA SER E 233 -22.50 35.77 23.46
C SER E 233 -23.23 36.61 22.41
N LEU E 234 -22.56 36.94 21.30
CA LEU E 234 -23.23 37.72 20.26
C LEU E 234 -24.35 36.92 19.61
N LEU E 235 -24.10 35.64 19.32
CA LEU E 235 -25.16 34.82 18.72
C LEU E 235 -26.33 34.63 19.68
N MET E 236 -26.05 34.47 20.97
CA MET E 236 -27.12 34.34 21.95
C MET E 236 -27.93 35.61 22.08
N LEU E 237 -27.27 36.77 22.04
CA LEU E 237 -28.01 38.03 22.05
C LEU E 237 -28.97 38.10 20.87
N GLU E 238 -28.48 37.77 19.68
CA GLU E 238 -29.34 37.80 18.50
C GLU E 238 -30.52 36.85 18.66
N SER E 239 -30.26 35.63 19.13
CA SER E 239 -31.34 34.64 19.26
C SER E 239 -32.38 35.09 20.28
N MET E 240 -31.93 35.63 21.41
CA MET E 240 -32.86 36.11 22.44
C MET E 240 -33.71 37.25 21.91
N ALA E 241 -33.09 38.19 21.18
CA ALA E 241 -33.86 39.28 20.58
C ALA E 241 -34.89 38.74 19.59
N LEU E 242 -34.48 37.79 18.75
CA LEU E 242 -35.41 37.23 17.77
C LEU E 242 -36.59 36.56 18.46
N ASN E 243 -36.35 35.85 19.56
CA ASN E 243 -37.42 35.15 20.25
C ASN E 243 -38.27 36.06 21.12
N ASN E 244 -37.80 37.26 21.46
CA ASN E 244 -38.59 38.20 22.26
C ASN E 244 -38.98 39.42 21.43
N GLU E 245 -39.22 39.24 20.14
CA GLU E 245 -39.69 40.30 19.26
C GLU E 245 -38.81 41.55 19.35
N LEU E 246 -37.50 41.33 19.27
CA LEU E 246 -36.54 42.43 19.29
C LEU E 246 -36.72 43.32 20.51
N ALA E 247 -37.05 42.70 21.65
CA ALA E 247 -37.29 43.44 22.88
C ALA E 247 -36.93 42.52 24.05
N LEU E 248 -35.74 42.70 24.60
CA LEU E 248 -35.28 41.87 25.69
C LEU E 248 -35.83 42.36 27.02
N LYS E 249 -36.14 41.42 27.90
CA LYS E 249 -36.69 41.71 29.21
C LYS E 249 -35.85 41.03 30.27
N SER E 250 -35.95 41.54 31.50
CA SER E 250 -35.23 40.94 32.61
C SER E 250 -35.63 39.48 32.81
N SER E 251 -36.88 39.14 32.50
CA SER E 251 -37.34 37.77 32.59
C SER E 251 -36.97 36.92 31.38
N SER E 252 -36.51 37.54 30.30
CA SER E 252 -36.21 36.81 29.08
C SER E 252 -35.12 35.76 29.38
N PRO E 253 -35.36 34.49 29.09
CA PRO E 253 -34.39 33.45 29.48
C PRO E 253 -33.28 33.27 28.47
N ILE E 254 -32.17 32.77 28.98
CA ILE E 254 -30.98 32.49 28.17
C ILE E 254 -31.23 31.21 27.37
N ILE E 255 -30.93 31.25 26.08
CA ILE E 255 -31.22 30.16 25.17
C ILE E 255 -29.96 29.30 25.06
N LYS E 256 -30.08 28.01 25.39
CA LYS E 256 -28.97 27.09 25.23
C LYS E 256 -29.11 26.29 23.94
N PRO E 257 -28.01 25.93 23.28
CA PRO E 257 -28.11 25.17 22.04
C PRO E 257 -28.62 23.76 22.29
N ASP E 258 -29.17 23.17 21.22
CA ASP E 258 -29.83 21.87 21.32
C ASP E 258 -28.91 20.80 21.91
N TRP E 259 -27.66 20.75 21.44
CA TRP E 259 -26.75 19.68 21.89
C TRP E 259 -26.46 19.81 23.38
N ILE E 260 -26.38 21.04 23.89
CA ILE E 260 -26.19 21.26 25.32
C ILE E 260 -27.37 20.71 26.11
N ILE E 261 -28.60 20.96 25.62
CA ILE E 261 -29.78 20.46 26.30
C ILE E 261 -29.76 18.92 26.34
N VAL E 262 -29.39 18.31 25.22
CA VAL E 262 -29.32 16.85 25.19
C VAL E 262 -28.29 16.34 26.21
N ILE E 263 -27.13 16.99 26.29
CA ILE E 263 -26.08 16.52 27.20
C ILE E 263 -26.52 16.69 28.66
N HIS E 264 -27.20 17.79 28.97
CA HIS E 264 -27.70 17.96 30.34
C HIS E 264 -28.73 16.90 30.69
N LYS E 265 -29.61 16.57 29.74
CA LYS E 265 -30.55 15.47 29.96
C LYS E 265 -29.80 14.16 30.23
N LEU E 266 -28.75 13.90 29.46
CA LEU E 266 -27.95 12.70 29.67
C LEU E 266 -27.33 12.68 31.07
N THR E 267 -26.87 13.85 31.54
CA THR E 267 -26.30 13.93 32.87
C THR E 267 -27.34 13.58 33.93
N ARG E 268 -28.54 14.16 33.82
CA ARG E 268 -29.59 13.83 34.78
C ARG E 268 -29.91 12.34 34.74
N LYS E 269 -29.94 11.75 33.54
CA LYS E 269 -30.21 10.32 33.41
C LYS E 269 -29.13 9.50 34.12
N ILE E 270 -27.86 9.79 33.84
CA ILE E 270 -26.77 9.04 34.47
C ILE E 270 -26.89 9.14 35.98
N VAL E 271 -27.20 10.33 36.50
CA VAL E 271 -27.26 10.50 37.95
C VAL E 271 -28.43 9.73 38.54
N LYS E 272 -29.56 9.67 37.82
CA LYS E 272 -30.76 9.05 38.38
C LYS E 272 -30.68 7.53 38.33
N GLU E 273 -30.21 6.95 37.22
CA GLU E 273 -30.26 5.50 37.02
C GLU E 273 -28.89 4.98 36.65
N ARG E 274 -28.32 4.15 37.52
CA ARG E 274 -27.04 3.48 37.29
C ARG E 274 -27.33 2.00 37.07
N SER E 275 -27.35 1.57 35.81
CA SER E 275 -27.66 0.18 35.49
C SER E 275 -27.29 -0.08 34.03
N VAL E 276 -27.27 -1.36 33.68
CA VAL E 276 -26.89 -1.76 32.32
C VAL E 276 -27.91 -1.24 31.31
N ASN E 277 -29.20 -1.35 31.62
CA ASN E 277 -30.23 -0.82 30.73
C ASN E 277 -30.05 0.68 30.51
N SER E 278 -29.79 1.41 31.59
CA SER E 278 -29.51 2.84 31.46
C SER E 278 -28.31 3.08 30.56
N LEU E 279 -27.27 2.25 30.69
CA LEU E 279 -26.08 2.40 29.86
C LEU E 279 -26.41 2.20 28.39
N ILE E 280 -27.30 1.26 28.08
CA ILE E 280 -27.72 1.03 26.70
C ILE E 280 -28.44 2.26 26.15
N GLU E 281 -29.37 2.82 26.93
CA GLU E 281 -30.04 4.04 26.49
C GLU E 281 -29.03 5.18 26.29
N CYS E 282 -28.03 5.25 27.17
CA CYS E 282 -26.99 6.27 27.04
C CYS E 282 -26.21 6.09 25.73
N ARG E 283 -25.90 4.84 25.38
CA ARG E 283 -25.25 4.58 24.10
C ARG E 283 -26.08 5.15 22.96
N ALA E 284 -27.40 4.96 23.02
CA ALA E 284 -28.26 5.53 21.98
C ALA E 284 -28.10 7.04 21.90
N VAL E 285 -28.12 7.71 23.06
CA VAL E 285 -27.97 9.17 23.08
C VAL E 285 -26.63 9.58 22.47
N LEU E 286 -25.55 8.86 22.83
CA LEU E 286 -24.22 9.21 22.36
C LEU E 286 -24.12 9.05 20.85
N TYR E 287 -24.69 7.97 20.31
CA TYR E 287 -24.70 7.80 18.86
C TYR E 287 -25.44 8.94 18.19
N ASP E 288 -26.58 9.35 18.76
CA ASP E 288 -27.32 10.47 18.19
C ASP E 288 -26.46 11.73 18.14
N LEU E 289 -25.78 12.03 19.24
CA LEU E 289 -24.94 13.24 19.26
C LEU E 289 -23.80 13.15 18.24
N LEU E 290 -23.11 12.01 18.22
CA LEU E 290 -21.95 11.88 17.33
C LEU E 290 -22.36 11.95 15.86
N ALA E 291 -23.52 11.37 15.52
CA ALA E 291 -23.95 11.30 14.13
C ALA E 291 -24.25 12.69 13.56
N HIS E 292 -24.59 13.65 14.40
CA HIS E 292 -24.95 14.99 13.96
C HIS E 292 -23.83 16.01 14.19
N CYS E 293 -22.58 15.55 14.18
CA CYS E 293 -21.40 16.42 14.13
C CYS E 293 -21.11 17.11 15.46
N ILE E 294 -21.41 16.47 16.58
CA ILE E 294 -20.92 16.91 17.88
C ILE E 294 -19.67 16.10 18.19
N PRO E 295 -18.48 16.72 18.19
CA PRO E 295 -17.24 15.93 18.36
C PRO E 295 -17.18 15.24 19.71
N ALA E 296 -16.46 14.12 19.74
CA ALA E 296 -16.36 13.32 20.95
C ALA E 296 -15.71 14.08 22.10
N ASN E 297 -14.65 14.83 21.82
CA ASN E 297 -13.98 15.58 22.87
C ASN E 297 -14.92 16.62 23.48
N ILE E 298 -15.71 17.29 22.65
CA ILE E 298 -16.70 18.24 23.16
C ILE E 298 -17.70 17.54 24.06
N ILE E 299 -18.17 16.36 23.63
CA ILE E 299 -19.16 15.63 24.44
C ILE E 299 -18.56 15.28 25.80
N LEU E 300 -17.34 14.76 25.81
CA LEU E 300 -16.70 14.38 27.07
C LEU E 300 -16.55 15.59 27.99
N LYS E 301 -16.05 16.70 27.45
CA LYS E 301 -15.86 17.89 28.28
C LYS E 301 -17.19 18.37 28.86
N GLU E 302 -18.21 18.49 28.01
CA GLU E 302 -19.50 19.00 28.47
C GLU E 302 -20.12 18.08 29.50
N LEU E 303 -20.06 16.76 29.26
CA LEU E 303 -20.62 15.80 30.21
C LEU E 303 -19.90 15.85 31.55
N THR E 304 -18.57 15.90 31.53
CA THR E 304 -17.80 15.96 32.76
C THR E 304 -18.19 17.17 33.59
N PHE E 305 -18.22 18.35 32.96
CA PHE E 305 -18.47 19.56 33.74
C PHE E 305 -19.95 19.74 34.06
N SER E 306 -20.85 19.05 33.35
CA SER E 306 -22.24 19.00 33.78
C SER E 306 -22.38 18.12 35.02
N LEU E 307 -21.71 16.97 35.03
CA LEU E 307 -21.75 16.09 36.18
C LEU E 307 -21.20 16.78 37.42
N LEU E 308 -20.06 17.46 37.27
CA LEU E 308 -19.45 18.09 38.43
C LEU E 308 -20.32 19.21 39.00
N ASP E 309 -21.30 19.70 38.24
CA ASP E 309 -22.22 20.72 38.74
C ASP E 309 -23.39 20.14 39.52
N VAL E 310 -23.60 18.82 39.49
CA VAL E 310 -24.75 18.23 40.17
C VAL E 310 -24.64 18.47 41.66
N GLU E 311 -25.71 19.04 42.25
CA GLU E 311 -25.64 19.46 43.65
C GLU E 311 -25.65 18.27 44.60
N THR E 312 -26.23 17.14 44.21
CA THR E 312 -26.41 16.02 45.13
C THR E 312 -25.16 15.19 45.34
N LEU E 313 -24.11 15.36 44.54
CA LEU E 313 -22.92 14.54 44.65
C LEU E 313 -21.96 15.07 45.71
N ASN E 314 -21.17 14.17 46.29
CA ASN E 314 -20.21 14.51 47.31
C ASN E 314 -18.81 14.60 46.71
N THR E 315 -17.84 14.98 47.54
CA THR E 315 -16.48 15.22 47.05
C THR E 315 -15.88 13.94 46.46
N THR E 316 -16.13 12.79 47.09
CA THR E 316 -15.58 11.53 46.60
C THR E 316 -16.07 11.23 45.19
N ASN E 317 -17.37 11.36 44.96
CA ASN E 317 -17.92 11.13 43.63
C ASN E 317 -17.25 12.05 42.61
N LYS E 318 -17.13 13.34 42.94
CA LYS E 318 -16.62 14.31 41.99
C LYS E 318 -15.15 14.03 41.66
N SER E 319 -14.35 13.69 42.66
CA SER E 319 -12.94 13.36 42.41
C SER E 319 -12.82 12.12 41.52
N SER E 320 -13.66 11.10 41.77
CA SER E 320 -13.66 9.95 40.88
C SER E 320 -14.01 10.37 39.46
N ILE E 321 -15.01 11.24 39.30
CA ILE E 321 -15.46 11.62 37.97
C ILE E 321 -14.34 12.34 37.22
N ILE E 322 -13.64 13.26 37.88
CA ILE E 322 -12.60 14.01 37.18
C ILE E 322 -11.41 13.11 36.85
N GLU E 323 -11.06 12.16 37.72
CA GLU E 323 -10.04 11.17 37.37
C GLU E 323 -10.42 10.37 36.13
N TYR E 324 -11.66 9.84 36.10
CA TYR E 324 -12.09 9.06 34.96
C TYR E 324 -12.10 9.91 33.69
N SER E 325 -12.50 11.17 33.81
CA SER E 325 -12.49 12.06 32.67
C SER E 325 -11.07 12.24 32.13
N SER E 326 -10.09 12.43 33.02
CA SER E 326 -8.71 12.55 32.56
C SER E 326 -8.27 11.30 31.79
N VAL E 327 -8.52 10.13 32.38
CA VAL E 327 -8.08 8.88 31.76
C VAL E 327 -8.70 8.71 30.38
N PHE E 328 -10.02 8.89 30.28
CA PHE E 328 -10.67 8.63 29.00
C PHE E 328 -10.49 9.75 28.00
N ASP E 329 -10.13 10.96 28.45
CA ASP E 329 -9.72 11.99 27.50
C ASP E 329 -8.41 11.59 26.82
N GLU E 330 -7.47 11.04 27.59
CA GLU E 330 -6.27 10.49 26.96
C GLU E 330 -6.64 9.34 26.00
N ARG E 331 -7.55 8.46 26.43
CA ARG E 331 -7.97 7.37 25.55
C ARG E 331 -8.50 7.90 24.22
N LEU E 332 -9.36 8.93 24.29
CA LEU E 332 -9.91 9.53 23.08
C LEU E 332 -8.79 10.05 22.19
N SER E 333 -7.78 10.67 22.80
CA SER E 333 -6.66 11.15 22.00
C SER E 333 -5.96 10.00 21.29
N LEU E 334 -5.79 8.86 21.95
CA LEU E 334 -4.97 7.77 21.40
C LEU E 334 -5.73 6.81 20.48
N GLY E 335 -7.05 6.87 20.40
CA GLY E 335 -7.85 5.87 19.72
C GLY E 335 -8.57 6.40 18.50
N ASN E 336 -9.42 5.54 17.93
CA ASN E 336 -10.23 5.88 16.76
C ASN E 336 -11.72 5.95 17.06
N LYS E 337 -12.31 4.87 17.56
CA LYS E 337 -13.77 4.79 17.70
C LYS E 337 -14.20 5.45 19.00
N ALA E 338 -14.77 6.65 18.88
CA ALA E 338 -15.02 7.49 20.06
C ALA E 338 -16.06 6.87 20.98
N ILE E 339 -17.10 6.24 20.42
CA ILE E 339 -18.19 5.72 21.24
C ILE E 339 -17.65 4.71 22.25
N PHE E 340 -16.63 3.94 21.87
CA PHE E 340 -16.03 2.99 22.81
C PHE E 340 -15.59 3.69 24.08
N HIS E 341 -14.82 4.77 23.94
CA HIS E 341 -14.25 5.44 25.10
C HIS E 341 -15.30 6.21 25.88
N LEU E 342 -16.24 6.85 25.18
CA LEU E 342 -17.33 7.54 25.87
C LEU E 342 -18.16 6.56 26.70
N GLU E 343 -18.46 5.38 26.14
CA GLU E 343 -19.21 4.38 26.88
C GLU E 343 -18.42 3.89 28.09
N GLY E 344 -17.10 3.66 27.91
CA GLY E 344 -16.29 3.27 29.06
C GLY E 344 -16.33 4.29 30.18
N PHE E 345 -16.23 5.58 29.83
CA PHE E 345 -16.31 6.64 30.83
C PHE E 345 -17.65 6.61 31.56
N ILE E 346 -18.75 6.51 30.80
CA ILE E 346 -20.07 6.53 31.45
C ILE E 346 -20.22 5.32 32.37
N ALA E 347 -19.71 4.16 31.95
CA ALA E 347 -19.82 2.95 32.78
C ALA E 347 -19.06 3.12 34.09
N LYS E 348 -17.82 3.63 34.02
CA LYS E 348 -17.06 3.85 35.25
C LYS E 348 -17.76 4.85 36.16
N VAL E 349 -18.30 5.92 35.58
CA VAL E 349 -19.00 6.93 36.39
C VAL E 349 -20.20 6.31 37.08
N MET E 350 -20.99 5.53 36.34
CA MET E 350 -22.13 4.86 36.96
C MET E 350 -21.68 3.98 38.11
N CYS E 351 -20.59 3.24 37.93
CA CYS E 351 -20.08 2.41 39.02
C CYS E 351 -19.73 3.25 40.24
N CYS E 352 -19.09 4.39 40.03
CA CYS E 352 -18.61 5.19 41.16
C CYS E 352 -19.75 5.81 41.96
N LEU E 353 -20.91 6.04 41.35
CA LEU E 353 -22.02 6.68 42.07
C LEU E 353 -22.79 5.66 42.90
N SER F 1 39.24 16.56 -25.40
CA SER F 1 39.19 15.80 -24.12
C SER F 1 39.97 14.49 -24.23
N MET F 2 40.08 13.77 -23.12
CA MET F 2 40.86 12.55 -23.10
C MET F 2 40.24 11.49 -24.01
N LEU F 3 38.92 11.35 -23.97
CA LEU F 3 38.19 10.44 -24.85
C LEU F 3 37.23 11.27 -25.70
N GLU F 4 37.32 11.08 -27.02
CA GLU F 4 36.41 11.72 -27.97
C GLU F 4 36.09 10.69 -29.06
N ALA F 5 34.82 10.32 -29.16
CA ALA F 5 34.38 9.30 -30.11
C ALA F 5 33.13 9.78 -30.82
N LYS F 6 33.23 10.04 -32.12
CA LYS F 6 32.14 10.65 -32.88
C LYS F 6 31.46 9.61 -33.76
N PHE F 7 30.17 9.38 -33.50
CA PHE F 7 29.29 8.66 -34.40
C PHE F 7 28.72 9.64 -35.43
N GLU F 8 28.96 9.33 -36.71
CA GLU F 8 28.35 10.07 -37.81
C GLU F 8 26.88 10.36 -37.56
N GLU F 9 26.11 9.35 -37.14
CA GLU F 9 24.71 9.52 -36.83
C GLU F 9 24.42 8.79 -35.53
N ALA F 10 23.63 9.44 -34.66
CA ALA F 10 23.34 8.84 -33.37
C ALA F 10 22.54 7.55 -33.48
N SER F 11 21.94 7.28 -34.65
CA SER F 11 21.11 6.09 -34.80
C SER F 11 21.92 4.81 -34.63
N LEU F 12 23.18 4.80 -35.06
CA LEU F 12 24.01 3.61 -34.89
C LEU F 12 24.11 3.21 -33.43
N PHE F 13 24.50 4.14 -32.56
CA PHE F 13 24.65 3.84 -31.15
C PHE F 13 23.32 3.48 -30.52
N LYS F 14 22.24 4.17 -30.92
CA LYS F 14 20.93 3.87 -30.36
C LYS F 14 20.51 2.44 -30.69
N ARG F 15 20.69 2.01 -31.94
CA ARG F 15 20.33 0.64 -32.29
C ARG F 15 21.20 -0.35 -31.55
N ILE F 16 22.50 -0.07 -31.43
CA ILE F 16 23.37 -0.99 -30.70
C ILE F 16 22.90 -1.13 -29.25
N ILE F 17 22.58 -0.01 -28.60
CA ILE F 17 22.12 -0.06 -27.21
C ILE F 17 20.78 -0.80 -27.11
N ASP F 18 19.85 -0.51 -28.02
CA ASP F 18 18.57 -1.19 -28.01
C ASP F 18 18.71 -2.68 -28.28
N GLY F 19 19.85 -3.11 -28.83
CA GLY F 19 20.07 -4.52 -29.09
C GLY F 19 20.20 -5.38 -27.85
N PHE F 20 20.51 -4.79 -26.69
CA PHE F 20 20.64 -5.55 -25.45
C PHE F 20 20.03 -4.83 -24.26
N LYS F 21 19.27 -3.77 -24.48
CA LYS F 21 18.75 -2.96 -23.39
C LYS F 21 17.87 -3.77 -22.45
N ASP F 22 17.00 -4.62 -23.00
CA ASP F 22 15.96 -5.26 -22.21
C ASP F 22 16.47 -6.34 -21.27
N CYS F 23 17.72 -6.81 -21.45
CA CYS F 23 18.20 -7.92 -20.64
C CYS F 23 18.94 -7.48 -19.38
N VAL F 24 19.57 -6.30 -19.38
CA VAL F 24 20.43 -5.89 -18.29
C VAL F 24 20.09 -4.45 -17.91
N GLN F 25 20.61 -4.02 -16.76
CA GLN F 25 20.38 -2.67 -16.24
C GLN F 25 21.66 -1.84 -16.22
N LEU F 26 22.72 -2.34 -15.58
CA LEU F 26 23.96 -1.60 -15.43
C LEU F 26 25.00 -2.14 -16.41
N VAL F 27 25.73 -1.22 -17.06
CA VAL F 27 26.70 -1.57 -18.09
C VAL F 27 28.02 -0.88 -17.79
N ASN F 28 29.12 -1.58 -18.04
CA ASN F 28 30.46 -1.05 -17.83
C ASN F 28 31.17 -1.00 -19.18
N PHE F 29 31.49 0.21 -19.64
CA PHE F 29 32.25 0.44 -20.87
C PHE F 29 33.71 0.67 -20.54
N GLN F 30 34.61 -0.06 -21.19
CA GLN F 30 36.03 0.25 -21.19
C GLN F 30 36.43 0.75 -22.57
N CYS F 31 36.93 1.98 -22.63
CA CYS F 31 37.39 2.58 -23.86
C CYS F 31 38.91 2.58 -23.87
N LYS F 32 39.48 2.08 -24.97
CA LYS F 32 40.91 2.00 -25.18
C LYS F 32 41.20 2.47 -26.60
N GLU F 33 42.49 2.57 -26.94
CA GLU F 33 42.87 3.10 -28.24
C GLU F 33 42.29 2.29 -29.39
N ASP F 34 42.08 0.99 -29.21
CA ASP F 34 41.56 0.14 -30.28
C ASP F 34 40.04 0.11 -30.30
N GLY F 35 39.35 0.83 -29.42
CA GLY F 35 37.91 0.93 -29.47
C GLY F 35 37.29 0.72 -28.10
N ILE F 36 35.99 0.47 -28.09
CA ILE F 36 35.21 0.40 -26.86
C ILE F 36 34.63 -1.00 -26.69
N ILE F 37 34.86 -1.62 -25.54
CA ILE F 37 34.24 -2.87 -25.18
C ILE F 37 33.34 -2.62 -23.98
N ALA F 38 32.31 -3.46 -23.82
CA ALA F 38 31.36 -3.26 -22.75
C ALA F 38 30.87 -4.60 -22.24
N GLN F 39 30.59 -4.66 -20.95
CA GLN F 39 30.01 -5.86 -20.37
C GLN F 39 28.88 -5.50 -19.41
N ALA F 40 27.92 -6.41 -19.32
CA ALA F 40 26.81 -6.29 -18.39
C ALA F 40 26.33 -7.68 -18.03
N VAL F 41 25.70 -7.80 -16.86
CA VAL F 41 25.16 -9.07 -16.37
C VAL F 41 23.75 -8.84 -15.87
N ASP F 42 22.84 -9.75 -16.22
CA ASP F 42 21.44 -9.57 -15.88
C ASP F 42 21.22 -9.75 -14.38
N ASP F 43 20.01 -9.38 -13.93
CA ASP F 43 19.74 -9.30 -12.51
C ASP F 43 19.91 -10.66 -11.85
N SER F 44 19.41 -11.73 -12.49
CA SER F 44 19.50 -13.07 -11.95
C SER F 44 20.88 -13.71 -12.14
N ARG F 45 21.81 -13.02 -12.81
CA ARG F 45 23.17 -13.50 -13.02
C ARG F 45 23.19 -14.76 -13.90
N VAL F 46 22.19 -14.90 -14.77
CA VAL F 46 22.11 -16.02 -15.69
C VAL F 46 22.60 -15.66 -17.09
N LEU F 47 22.61 -14.38 -17.45
CA LEU F 47 22.94 -13.92 -18.79
C LEU F 47 24.00 -12.82 -18.70
N LEU F 48 24.97 -12.88 -19.59
CA LEU F 48 26.02 -11.86 -19.67
C LEU F 48 26.09 -11.34 -21.10
N VAL F 49 26.14 -10.03 -21.25
CA VAL F 49 26.24 -9.38 -22.55
C VAL F 49 27.61 -8.76 -22.69
N SER F 50 28.23 -8.96 -23.86
CA SER F 50 29.57 -8.46 -24.17
C SER F 50 29.54 -7.79 -25.53
N LEU F 51 29.82 -6.50 -25.57
CA LEU F 51 29.77 -5.70 -26.79
C LEU F 51 31.17 -5.25 -27.17
N GLU F 52 31.45 -5.24 -28.47
CA GLU F 52 32.71 -4.72 -28.99
C GLU F 52 32.43 -3.79 -30.16
N ILE F 53 32.96 -2.57 -30.07
CA ILE F 53 32.87 -1.58 -31.13
C ILE F 53 34.29 -1.17 -31.48
N GLY F 54 34.68 -1.40 -32.73
CA GLY F 54 36.00 -1.02 -33.19
C GLY F 54 36.04 0.42 -33.68
N VAL F 55 37.26 0.89 -33.93
CA VAL F 55 37.45 2.27 -34.34
C VAL F 55 36.78 2.56 -35.67
N GLU F 56 36.47 1.52 -36.45
CA GLU F 56 35.89 1.73 -37.77
C GLU F 56 34.42 2.13 -37.70
N ALA F 57 33.73 1.83 -36.60
CA ALA F 57 32.37 2.30 -36.40
C ALA F 57 32.30 3.81 -36.22
N PHE F 58 33.42 4.48 -35.97
CA PHE F 58 33.43 5.89 -35.64
C PHE F 58 33.99 6.69 -36.82
N GLN F 59 33.39 7.86 -37.06
CA GLN F 59 33.98 8.81 -37.99
C GLN F 59 35.34 9.27 -37.49
N GLU F 60 35.43 9.56 -36.19
CA GLU F 60 36.68 9.94 -35.55
C GLU F 60 36.71 9.32 -34.16
N TYR F 61 37.90 8.92 -33.71
CA TYR F 61 38.05 8.26 -32.43
C TYR F 61 39.40 8.61 -31.83
N ARG F 62 39.41 8.84 -30.51
CA ARG F 62 40.65 9.13 -29.81
C ARG F 62 40.46 8.79 -28.34
N CYS F 63 41.35 7.95 -27.81
CA CYS F 63 41.32 7.54 -26.41
C CYS F 63 42.77 7.48 -25.95
N ASP F 64 43.23 8.53 -25.26
CA ASP F 64 44.64 8.64 -24.92
C ASP F 64 45.06 7.54 -23.96
N HIS F 65 44.24 7.21 -22.98
CA HIS F 65 44.52 6.16 -22.01
C HIS F 65 43.23 5.40 -21.71
N PRO F 66 43.34 4.15 -21.29
CA PRO F 66 42.13 3.37 -21.00
C PRO F 66 41.28 4.04 -19.94
N VAL F 67 39.96 3.92 -20.09
CA VAL F 67 39.03 4.53 -19.13
C VAL F 67 37.81 3.66 -19.00
N THR F 68 37.23 3.63 -17.80
CA THR F 68 36.07 2.81 -17.49
C THR F 68 34.91 3.70 -17.08
N LEU F 69 33.75 3.47 -17.71
CA LEU F 69 32.54 4.26 -17.51
C LEU F 69 31.39 3.32 -17.18
N GLY F 70 30.94 3.35 -15.92
CA GLY F 70 29.80 2.55 -15.50
C GLY F 70 28.54 3.40 -15.46
N MET F 71 27.46 2.86 -16.03
CA MET F 71 26.23 3.63 -16.11
C MET F 71 25.01 2.73 -16.15
N ASP F 72 23.87 3.32 -15.79
CA ASP F 72 22.57 2.66 -15.88
C ASP F 72 22.03 2.80 -17.30
N LEU F 73 21.52 1.70 -17.85
CA LEU F 73 21.08 1.70 -19.24
C LEU F 73 19.79 2.50 -19.45
N THR F 74 18.90 2.54 -18.44
CA THR F 74 17.68 3.30 -18.60
C THR F 74 17.95 4.79 -18.74
N SER F 75 18.85 5.33 -17.91
CA SER F 75 19.21 6.74 -18.02
C SER F 75 19.88 7.02 -19.37
N LEU F 76 20.79 6.14 -19.79
CA LEU F 76 21.47 6.34 -21.06
C LEU F 76 20.47 6.33 -22.22
N SER F 77 19.52 5.39 -22.22
CA SER F 77 18.53 5.33 -23.29
C SER F 77 17.61 6.54 -23.27
N LYS F 78 17.23 6.99 -22.07
CA LYS F 78 16.45 8.21 -21.95
C LYS F 78 17.17 9.38 -22.61
N ILE F 79 18.47 9.53 -22.33
CA ILE F 79 19.24 10.61 -22.93
C ILE F 79 19.34 10.44 -24.43
N LEU F 80 19.65 9.21 -24.88
CA LEU F 80 19.77 8.96 -26.32
C LEU F 80 18.50 9.34 -27.05
N ARG F 81 17.35 9.17 -26.39
CA ARG F 81 16.08 9.55 -27.01
C ARG F 81 15.97 11.06 -27.16
N CYS F 82 16.51 11.83 -26.21
CA CYS F 82 16.42 13.29 -26.27
C CYS F 82 17.15 13.86 -27.48
N GLY F 83 18.03 13.09 -28.13
CA GLY F 83 18.74 13.55 -29.30
C GLY F 83 18.16 12.98 -30.58
N ASN F 84 18.49 13.59 -31.72
CA ASN F 84 17.90 13.21 -32.99
C ASN F 84 18.75 12.16 -33.68
N ASN F 85 18.07 11.25 -34.38
CA ASN F 85 18.77 10.17 -35.07
C ASN F 85 19.74 10.69 -36.13
N THR F 86 19.52 11.91 -36.64
CA THR F 86 20.36 12.45 -37.71
C THR F 86 21.58 13.19 -37.20
N ASP F 87 21.53 13.77 -36.00
CA ASP F 87 22.64 14.57 -35.51
C ASP F 87 23.88 13.70 -35.33
N THR F 88 25.04 14.35 -35.36
CA THR F 88 26.28 13.68 -35.02
C THR F 88 26.39 13.58 -33.50
N LEU F 89 26.77 12.39 -33.01
CA LEU F 89 26.83 12.12 -31.58
C LEU F 89 28.27 11.92 -31.16
N THR F 90 28.77 12.79 -30.30
CA THR F 90 30.14 12.68 -29.80
C THR F 90 30.10 12.30 -28.33
N LEU F 91 30.71 11.16 -27.99
CA LEU F 91 30.93 10.77 -26.61
C LEU F 91 32.26 11.35 -26.15
N ILE F 92 32.22 12.10 -25.05
CA ILE F 92 33.40 12.80 -24.54
C ILE F 92 33.56 12.42 -23.06
N ALA F 93 34.81 12.12 -22.68
CA ALA F 93 35.12 11.87 -21.29
C ALA F 93 36.50 12.44 -20.96
N ASP F 94 36.67 12.81 -19.69
CA ASP F 94 37.92 13.32 -19.18
C ASP F 94 38.54 12.30 -18.22
N ASN F 95 39.80 12.52 -17.89
CA ASN F 95 40.51 11.58 -17.03
C ASN F 95 39.88 11.54 -15.65
N THR F 96 39.72 10.35 -15.10
CA THR F 96 39.07 10.12 -13.82
C THR F 96 37.70 10.82 -13.78
N PRO F 97 36.79 10.44 -14.68
CA PRO F 97 35.58 11.24 -14.87
C PRO F 97 34.45 10.89 -13.93
N ASP F 98 33.65 11.91 -13.62
CA ASP F 98 32.42 11.73 -12.86
C ASP F 98 31.19 11.61 -13.74
N SER F 99 31.33 11.83 -15.04
CA SER F 99 30.19 11.79 -15.96
C SER F 99 30.70 11.51 -17.36
N ILE F 100 29.77 11.11 -18.21
CA ILE F 100 30.02 10.91 -19.64
C ILE F 100 29.20 11.96 -20.38
N ILE F 101 29.83 12.66 -21.33
CA ILE F 101 29.17 13.70 -22.10
C ILE F 101 28.69 13.12 -23.43
N LEU F 102 27.42 13.29 -23.71
CA LEU F 102 26.82 12.97 -25.00
C LEU F 102 26.49 14.28 -25.69
N LEU F 103 27.18 14.56 -26.79
CA LEU F 103 27.10 15.83 -27.49
C LEU F 103 26.42 15.61 -28.84
N PHE F 104 25.18 16.09 -28.97
CA PHE F 104 24.42 16.02 -30.21
C PHE F 104 24.62 17.33 -30.94
N GLU F 105 25.27 17.28 -32.12
CA GLU F 105 25.48 18.48 -32.91
C GLU F 105 25.11 18.20 -34.36
N ASP F 106 24.33 19.12 -34.94
CA ASP F 106 23.93 19.06 -36.33
C ASP F 106 24.66 20.13 -37.11
N THR F 107 25.28 19.75 -38.22
CA THR F 107 26.05 20.70 -39.02
C THR F 107 25.17 21.71 -39.74
N LYS F 108 23.90 21.37 -39.99
CA LYS F 108 23.04 22.28 -40.74
C LYS F 108 22.86 23.60 -40.00
N LYS F 109 22.68 23.55 -38.69
CA LYS F 109 22.56 24.73 -37.84
C LYS F 109 23.73 24.77 -36.87
N ASP F 110 23.71 25.75 -35.98
CA ASP F 110 24.71 25.91 -34.93
C ASP F 110 24.16 25.48 -33.58
N ARG F 111 23.35 24.43 -33.55
CA ARG F 111 22.69 23.98 -32.33
C ARG F 111 23.49 22.82 -31.73
N ILE F 112 23.98 23.04 -30.50
CA ILE F 112 24.66 22.02 -29.73
C ILE F 112 23.76 21.64 -28.56
N ALA F 113 23.56 20.33 -28.36
CA ALA F 113 22.87 19.81 -27.17
C ALA F 113 23.84 18.91 -26.43
N GLU F 114 24.22 19.31 -25.22
CA GLU F 114 25.20 18.59 -24.42
C GLU F 114 24.52 18.01 -23.19
N TYR F 115 24.59 16.69 -23.06
CA TYR F 115 24.08 15.99 -21.88
C TYR F 115 25.26 15.41 -21.12
N SER F 116 25.15 15.40 -19.79
CA SER F 116 26.15 14.80 -18.92
C SER F 116 25.44 13.80 -18.03
N LEU F 117 25.82 12.53 -18.15
CA LEU F 117 25.25 11.46 -17.33
C LEU F 117 26.26 11.08 -16.25
N LYS F 118 25.84 11.17 -14.99
CA LYS F 118 26.72 10.80 -13.89
C LYS F 118 27.00 9.31 -13.91
N LEU F 119 28.25 8.95 -13.65
CA LEU F 119 28.72 7.58 -13.76
C LEU F 119 28.69 6.88 -12.40
N MET F 120 28.58 5.56 -12.44
CA MET F 120 28.61 4.76 -11.22
C MET F 120 30.01 4.24 -10.95
N ASP F 121 30.25 3.95 -9.67
CA ASP F 121 31.50 3.31 -9.24
C ASP F 121 31.33 1.79 -9.31
N ILE F 122 31.21 1.30 -10.54
CA ILE F 122 31.00 -0.12 -10.80
C ILE F 122 32.37 -0.76 -11.00
N ASP F 123 32.87 -1.44 -9.97
CA ASP F 123 34.16 -2.10 -10.01
C ASP F 123 33.92 -3.60 -10.19
N ALA F 124 34.08 -4.07 -11.42
CA ALA F 124 33.87 -5.48 -11.73
C ALA F 124 34.70 -5.85 -12.94
N ASP F 125 35.35 -7.02 -12.88
CA ASP F 125 36.16 -7.50 -13.99
C ASP F 125 35.28 -8.13 -15.06
N PHE F 126 35.83 -8.21 -16.27
CA PHE F 126 35.12 -8.80 -17.40
C PHE F 126 35.49 -10.26 -17.65
N LEU F 127 36.72 -10.65 -17.31
CA LEU F 127 37.15 -12.04 -17.28
C LEU F 127 37.32 -12.64 -18.69
N LYS F 128 36.94 -11.89 -19.72
CA LYS F 128 37.06 -12.35 -21.10
C LYS F 128 36.58 -13.79 -21.24
N ILE F 129 35.34 -14.00 -20.80
CA ILE F 129 34.77 -15.35 -20.74
C ILE F 129 34.56 -15.85 -22.17
N GLU F 130 35.40 -16.78 -22.61
CA GLU F 130 35.20 -17.45 -23.89
C GLU F 130 36.04 -18.72 -23.90
N GLU F 131 35.38 -19.87 -23.86
CA GLU F 131 36.09 -21.13 -23.89
C GLU F 131 36.75 -21.35 -25.26
N LEU F 132 37.92 -21.98 -25.24
CA LEU F 132 38.74 -22.06 -26.44
C LEU F 132 38.08 -22.94 -27.50
N GLN F 133 37.87 -24.22 -27.20
CA GLN F 133 37.39 -25.20 -28.17
C GLN F 133 35.97 -25.62 -27.78
N TYR F 134 34.99 -24.89 -28.29
CA TYR F 134 33.60 -25.25 -28.06
C TYR F 134 33.27 -26.56 -28.75
N ASP F 135 32.33 -27.30 -28.16
CA ASP F 135 31.96 -28.61 -28.72
C ASP F 135 31.34 -28.47 -30.10
N SER F 136 30.35 -27.58 -30.23
CA SER F 136 29.65 -27.39 -31.50
C SER F 136 29.57 -25.90 -31.83
N THR F 137 29.82 -25.59 -33.10
CA THR F 137 29.73 -24.23 -33.61
C THR F 137 28.82 -24.25 -34.83
N LEU F 138 27.75 -23.46 -34.80
CA LEU F 138 26.82 -23.40 -35.91
C LEU F 138 26.48 -21.95 -36.20
N SER F 139 25.91 -21.72 -37.38
CA SER F 139 25.51 -20.39 -37.77
C SER F 139 24.32 -20.50 -38.72
N LEU F 140 23.39 -19.57 -38.61
CA LEU F 140 22.19 -19.60 -39.44
C LEU F 140 21.60 -18.19 -39.49
N PRO F 141 20.72 -17.92 -40.46
CA PRO F 141 20.11 -16.59 -40.53
C PRO F 141 19.31 -16.25 -39.28
N SER F 142 19.29 -14.96 -38.95
CA SER F 142 18.69 -14.51 -37.70
C SER F 142 17.18 -14.65 -37.71
N SER F 143 16.54 -14.41 -38.86
CA SER F 143 15.10 -14.48 -38.93
C SER F 143 14.59 -15.89 -38.62
N GLU F 144 15.30 -16.91 -39.11
CA GLU F 144 14.86 -18.28 -38.86
C GLU F 144 15.02 -18.65 -37.39
N PHE F 145 16.13 -18.26 -36.76
CA PHE F 145 16.28 -18.52 -35.34
C PHE F 145 15.20 -17.81 -34.55
N SER F 146 14.91 -16.55 -34.90
CA SER F 146 13.85 -15.82 -34.23
C SER F 146 12.52 -16.54 -34.35
N LYS F 147 12.21 -17.05 -35.56
CA LYS F 147 10.95 -17.74 -35.77
C LYS F 147 10.86 -19.02 -34.94
N ILE F 148 11.94 -19.81 -34.93
CA ILE F 148 11.94 -21.05 -34.17
C ILE F 148 11.73 -20.74 -32.68
N VAL F 149 12.47 -19.75 -32.17
CA VAL F 149 12.35 -19.41 -30.75
C VAL F 149 10.94 -18.95 -30.43
N ARG F 150 10.38 -18.08 -31.28
CA ARG F 150 9.06 -17.53 -31.00
C ARG F 150 7.99 -18.62 -31.04
N ASP F 151 8.08 -19.54 -32.00
CA ASP F 151 7.10 -20.62 -32.06
C ASP F 151 7.21 -21.52 -30.84
N LEU F 152 8.43 -21.96 -30.50
CA LEU F 152 8.57 -22.91 -29.41
C LEU F 152 8.33 -22.28 -28.04
N SER F 153 8.52 -20.97 -27.89
CA SER F 153 8.27 -20.33 -26.61
C SER F 153 6.80 -20.29 -26.23
N GLN F 154 5.90 -20.42 -27.21
CA GLN F 154 4.47 -20.48 -26.88
C GLN F 154 4.10 -21.79 -26.21
N LEU F 155 4.96 -22.81 -26.29
CA LEU F 155 4.65 -24.14 -25.77
C LEU F 155 5.24 -24.41 -24.40
N SER F 156 6.45 -23.96 -24.12
CA SER F 156 7.12 -24.28 -22.87
C SER F 156 7.95 -23.11 -22.40
N ASP F 157 8.28 -23.12 -21.11
CA ASP F 157 9.21 -22.14 -20.55
C ASP F 157 10.67 -22.51 -20.77
N SER F 158 10.95 -23.68 -21.34
CA SER F 158 12.31 -24.14 -21.57
C SER F 158 12.44 -24.70 -22.98
N ILE F 159 13.62 -24.48 -23.57
CA ILE F 159 13.92 -24.93 -24.92
C ILE F 159 15.23 -25.69 -24.90
N ASN F 160 15.23 -26.90 -25.47
CA ASN F 160 16.40 -27.75 -25.53
C ASN F 160 17.00 -27.70 -26.93
N ILE F 161 18.32 -27.53 -26.99
CA ILE F 161 19.09 -27.58 -28.23
C ILE F 161 19.93 -28.85 -28.22
N MET F 162 19.78 -29.67 -29.26
CA MET F 162 20.51 -30.93 -29.41
C MET F 162 21.26 -30.88 -30.73
N ILE F 163 22.57 -30.99 -30.68
CA ILE F 163 23.42 -31.01 -31.86
C ILE F 163 24.00 -32.40 -32.00
N THR F 164 23.76 -33.02 -33.16
CA THR F 164 24.36 -34.30 -33.49
C THR F 164 24.85 -34.23 -34.93
N LYS F 165 25.50 -35.31 -35.38
CA LYS F 165 26.14 -35.29 -36.68
C LYS F 165 25.16 -34.85 -37.77
N GLU F 166 25.41 -33.67 -38.34
CA GLU F 166 24.63 -33.16 -39.47
C GLU F 166 23.18 -32.88 -39.10
N THR F 167 22.89 -32.53 -37.85
CA THR F 167 21.50 -32.21 -37.49
C THR F 167 21.47 -31.31 -36.26
N ILE F 168 20.63 -30.27 -36.34
CA ILE F 168 20.37 -29.37 -35.22
C ILE F 168 18.90 -29.48 -34.87
N LYS F 169 18.61 -29.75 -33.60
CA LYS F 169 17.24 -30.01 -33.15
C LYS F 169 16.89 -29.06 -32.00
N PHE F 170 15.81 -28.31 -32.18
CA PHE F 170 15.21 -27.52 -31.11
C PHE F 170 13.95 -28.23 -30.63
N VAL F 171 13.77 -28.31 -29.31
CA VAL F 171 12.69 -29.07 -28.70
C VAL F 171 12.08 -28.27 -27.57
N ALA F 172 10.76 -28.32 -27.44
CA ALA F 172 10.07 -27.72 -26.30
C ALA F 172 8.86 -28.58 -25.94
N ASP F 173 8.74 -28.94 -24.67
CA ASP F 173 7.66 -29.79 -24.19
C ASP F 173 6.91 -29.08 -23.08
N GLY F 174 5.60 -28.92 -23.25
CA GLY F 174 4.80 -28.16 -22.32
C GLY F 174 3.45 -28.75 -21.99
N ASP F 175 2.55 -27.91 -21.46
CA ASP F 175 1.28 -28.40 -20.94
C ASP F 175 0.36 -28.88 -22.05
N ILE F 176 0.24 -28.10 -23.15
CA ILE F 176 -0.65 -28.49 -24.23
C ILE F 176 0.00 -29.45 -25.21
N GLY F 177 1.30 -29.69 -25.09
CA GLY F 177 1.98 -30.58 -26.01
C GLY F 177 3.41 -30.15 -26.22
N SER F 178 3.98 -30.60 -27.34
CA SER F 178 5.41 -30.43 -27.60
C SER F 178 5.65 -30.09 -29.05
N GLY F 179 6.80 -29.50 -29.30
CA GLY F 179 7.23 -29.14 -30.65
C GLY F 179 8.70 -29.44 -30.83
N SER F 180 9.06 -29.78 -32.07
CA SER F 180 10.41 -30.21 -32.40
C SER F 180 10.73 -29.76 -33.82
N VAL F 181 11.75 -28.92 -33.96
CA VAL F 181 12.22 -28.46 -35.26
C VAL F 181 13.59 -29.05 -35.51
N ILE F 182 13.77 -29.67 -36.68
CA ILE F 182 15.05 -30.26 -37.08
C ILE F 182 15.51 -29.57 -38.36
N ILE F 183 16.72 -29.04 -38.33
CA ILE F 183 17.33 -28.45 -39.51
C ILE F 183 18.64 -29.16 -39.79
N LYS F 184 19.06 -29.09 -41.05
CA LYS F 184 20.28 -29.72 -41.54
C LYS F 184 21.18 -28.68 -42.20
N PRO F 185 22.49 -28.89 -42.16
CA PRO F 185 23.39 -27.97 -42.86
C PRO F 185 23.10 -27.95 -44.35
N PHE F 186 23.35 -26.80 -44.97
CA PHE F 186 23.13 -26.66 -46.41
C PHE F 186 23.81 -25.40 -46.94
N VAL F 187 24.55 -25.54 -48.03
CA VAL F 187 25.22 -24.42 -48.68
C VAL F 187 24.51 -24.12 -49.98
N ASP F 188 24.06 -22.89 -50.14
CA ASP F 188 23.41 -22.43 -51.37
C ASP F 188 24.26 -21.30 -51.96
N MET F 189 25.05 -21.64 -52.97
CA MET F 189 25.96 -20.66 -53.57
C MET F 189 25.21 -19.50 -54.20
N GLU F 190 23.92 -19.67 -54.52
CA GLU F 190 23.14 -18.54 -55.03
C GLU F 190 22.83 -17.53 -53.94
N HIS F 191 22.56 -18.00 -52.72
CA HIS F 191 22.20 -17.13 -51.60
C HIS F 191 22.98 -17.57 -50.36
N PRO F 192 24.26 -17.19 -50.26
CA PRO F 192 25.04 -17.61 -49.09
C PRO F 192 24.45 -17.15 -47.76
N GLU F 193 23.68 -16.05 -47.75
CA GLU F 193 23.14 -15.53 -46.51
C GLU F 193 22.09 -16.46 -45.88
N THR F 194 21.51 -17.35 -46.65
CA THR F 194 20.56 -18.32 -46.13
C THR F 194 21.24 -19.61 -45.66
N SER F 195 22.56 -19.72 -45.82
CA SER F 195 23.28 -20.93 -45.48
C SER F 195 23.09 -21.28 -44.01
N ILE F 196 23.19 -22.58 -43.72
CA ILE F 196 23.21 -23.11 -42.35
C ILE F 196 24.49 -23.91 -42.21
N LYS F 197 25.37 -23.49 -41.32
CA LYS F 197 26.67 -24.11 -41.14
C LYS F 197 26.74 -24.80 -39.79
N LEU F 198 27.37 -25.96 -39.77
CA LEU F 198 27.47 -26.78 -38.56
C LEU F 198 28.81 -27.49 -38.55
N GLU F 199 29.65 -27.18 -37.58
CA GLU F 199 30.85 -27.94 -37.27
C GLU F 199 30.72 -28.44 -35.84
N MET F 200 31.23 -29.63 -35.58
CA MET F 200 30.99 -30.27 -34.29
C MET F 200 31.96 -31.41 -34.04
N ASP F 201 32.51 -31.43 -32.84
CA ASP F 201 33.35 -32.54 -32.36
C ASP F 201 32.60 -33.47 -31.43
N GLN F 202 31.96 -32.92 -30.39
CA GLN F 202 31.19 -33.69 -29.43
C GLN F 202 29.72 -33.33 -29.57
N PRO F 203 28.81 -34.30 -29.59
CA PRO F 203 27.38 -33.97 -29.60
C PRO F 203 26.98 -33.24 -28.31
N VAL F 204 25.97 -32.39 -28.41
CA VAL F 204 25.61 -31.55 -27.27
C VAL F 204 24.10 -31.59 -27.05
N ASP F 205 23.69 -31.41 -25.80
CA ASP F 205 22.27 -31.38 -25.43
C ASP F 205 22.11 -30.48 -24.22
N LEU F 206 21.54 -29.28 -24.42
CA LEU F 206 21.45 -28.29 -23.35
C LEU F 206 20.06 -27.64 -23.33
N THR F 207 19.59 -27.32 -22.15
CA THR F 207 18.30 -26.68 -21.95
C THR F 207 18.48 -25.24 -21.50
N PHE F 208 17.63 -24.34 -22.03
CA PHE F 208 17.71 -22.91 -21.75
C PHE F 208 16.34 -22.36 -21.41
N GLY F 209 16.33 -21.30 -20.59
CA GLY F 209 15.08 -20.63 -20.28
C GLY F 209 14.58 -19.83 -21.48
N ALA F 210 13.29 -19.95 -21.77
CA ALA F 210 12.73 -19.37 -22.99
C ALA F 210 12.77 -17.84 -22.96
N LYS F 211 12.48 -17.24 -21.81
CA LYS F 211 12.44 -15.77 -21.74
C LYS F 211 13.80 -15.17 -22.09
N TYR F 212 14.89 -15.82 -21.67
CA TYR F 212 16.22 -15.33 -22.02
C TYR F 212 16.46 -15.39 -23.52
N LEU F 213 16.08 -16.49 -24.17
CA LEU F 213 16.22 -16.57 -25.63
C LEU F 213 15.36 -15.52 -26.32
N LEU F 214 14.17 -15.26 -25.79
CA LEU F 214 13.31 -14.23 -26.38
C LEU F 214 13.96 -12.86 -26.29
N ASP F 215 14.68 -12.60 -25.19
CA ASP F 215 15.48 -11.37 -25.14
C ASP F 215 16.64 -11.41 -26.14
N ILE F 216 17.29 -12.56 -26.26
CA ILE F 216 18.51 -12.65 -27.06
C ILE F 216 18.21 -12.40 -28.53
N ILE F 217 17.08 -12.90 -29.03
CA ILE F 217 16.76 -12.76 -30.44
C ILE F 217 16.56 -11.31 -30.86
N LYS F 218 16.39 -10.39 -29.91
CA LYS F 218 16.27 -8.99 -30.26
C LYS F 218 17.53 -8.44 -30.91
N GLY F 219 18.64 -9.16 -30.81
CA GLY F 219 19.83 -8.78 -31.55
C GLY F 219 19.73 -8.98 -33.05
N SER F 220 18.70 -9.69 -33.51
CA SER F 220 18.57 -9.97 -34.94
C SER F 220 18.49 -8.69 -35.77
N SER F 221 18.05 -7.58 -35.15
CA SER F 221 17.99 -6.32 -35.87
C SER F 221 19.37 -5.80 -36.26
N LEU F 222 20.42 -6.27 -35.59
CA LEU F 222 21.78 -5.80 -35.83
C LEU F 222 22.59 -6.69 -36.75
N SER F 223 22.05 -7.84 -37.18
CA SER F 223 22.82 -8.76 -38.00
C SER F 223 21.88 -9.74 -38.68
N ASP F 224 22.24 -10.13 -39.90
CA ASP F 224 21.42 -11.07 -40.66
C ASP F 224 21.67 -12.52 -40.26
N ARG F 225 22.83 -12.81 -39.70
CA ARG F 225 23.19 -14.17 -39.29
C ARG F 225 23.54 -14.18 -37.81
N VAL F 226 23.19 -15.27 -37.13
CA VAL F 226 23.55 -15.50 -35.74
C VAL F 226 24.42 -16.74 -35.67
N GLY F 227 25.49 -16.65 -34.88
CA GLY F 227 26.34 -17.79 -34.58
C GLY F 227 26.08 -18.30 -33.18
N ILE F 228 26.08 -19.62 -33.03
CA ILE F 228 25.78 -20.27 -31.76
C ILE F 228 26.90 -21.25 -31.46
N ARG F 229 27.53 -21.10 -30.29
CA ARG F 229 28.59 -21.99 -29.84
C ARG F 229 28.18 -22.64 -28.52
N LEU F 230 28.26 -23.97 -28.47
CA LEU F 230 27.76 -24.75 -27.35
C LEU F 230 28.81 -25.74 -26.88
N SER F 231 28.83 -25.97 -25.57
CA SER F 231 29.70 -26.95 -24.94
C SER F 231 28.99 -27.55 -23.74
N SER F 232 29.41 -28.77 -23.38
CA SER F 232 28.78 -29.47 -22.26
C SER F 232 28.97 -28.70 -20.95
N GLU F 233 30.15 -28.11 -20.76
CA GLU F 233 30.46 -27.35 -19.54
C GLU F 233 30.95 -25.97 -19.95
N ALA F 234 29.99 -25.07 -20.24
CA ALA F 234 30.25 -23.66 -20.46
C ALA F 234 28.92 -22.97 -20.79
N PRO F 235 28.82 -21.66 -20.63
CA PRO F 235 27.64 -20.96 -21.13
C PRO F 235 27.61 -20.92 -22.66
N ALA F 236 26.40 -20.95 -23.20
CA ALA F 236 26.20 -20.89 -24.64
C ALA F 236 26.42 -19.47 -25.16
N LEU F 237 27.12 -19.37 -26.29
CA LEU F 237 27.49 -18.08 -26.88
C LEU F 237 26.63 -17.84 -28.12
N PHE F 238 25.88 -16.73 -28.11
CA PHE F 238 25.08 -16.28 -29.24
C PHE F 238 25.69 -14.96 -29.73
N GLN F 239 26.27 -14.99 -30.92
CA GLN F 239 27.04 -13.86 -31.44
C GLN F 239 26.36 -13.29 -32.68
N PHE F 240 26.15 -11.98 -32.67
CA PHE F 240 25.65 -11.22 -33.81
C PHE F 240 26.75 -10.28 -34.27
N ASP F 241 27.12 -10.37 -35.55
CA ASP F 241 28.25 -9.63 -36.08
C ASP F 241 27.80 -8.26 -36.57
N LEU F 242 28.52 -7.23 -36.16
CA LEU F 242 28.29 -5.87 -36.62
C LEU F 242 29.29 -5.55 -37.73
N LYS F 243 29.04 -4.44 -38.43
CA LYS F 243 29.93 -4.04 -39.50
C LYS F 243 31.36 -3.89 -39.00
N SER F 244 31.55 -3.54 -37.74
CA SER F 244 32.87 -3.31 -37.17
C SER F 244 33.20 -4.29 -36.05
N GLY F 245 32.28 -4.49 -35.10
CA GLY F 245 32.51 -5.37 -33.97
C GLY F 245 31.44 -6.42 -33.79
N PHE F 246 30.95 -6.60 -32.57
CA PHE F 246 30.05 -7.72 -32.32
C PHE F 246 29.22 -7.49 -31.06
N LEU F 247 28.13 -8.25 -30.97
CA LEU F 247 27.31 -8.33 -29.76
C LEU F 247 27.19 -9.80 -29.37
N GLN F 248 27.61 -10.13 -28.16
CA GLN F 248 27.64 -11.50 -27.67
C GLN F 248 26.73 -11.65 -26.45
N PHE F 249 25.97 -12.75 -26.42
CA PHE F 249 25.23 -13.15 -25.25
C PHE F 249 25.78 -14.49 -24.76
N PHE F 250 26.16 -14.56 -23.50
CA PHE F 250 26.58 -15.78 -22.83
C PHE F 250 25.47 -16.19 -21.88
N LEU F 251 24.79 -17.29 -22.20
CA LEU F 251 23.60 -17.73 -21.47
C LEU F 251 23.91 -19.08 -20.81
N ALA F 252 23.76 -19.13 -19.49
CA ALA F 252 24.00 -20.38 -18.78
C ALA F 252 22.82 -21.34 -18.97
N PRO F 253 23.08 -22.63 -19.19
CA PRO F 253 21.99 -23.60 -19.35
C PRO F 253 21.43 -24.04 -18.01
N LYS F 254 20.21 -24.58 -18.07
CA LYS F 254 19.57 -25.10 -16.87
C LYS F 254 20.34 -26.29 -16.31
N PHE F 255 20.28 -26.43 -15.00
CA PHE F 255 20.81 -27.61 -14.35
C PHE F 255 19.98 -28.84 -14.73
N ASN F 256 20.67 -29.93 -15.04
CA ASN F 256 19.98 -31.18 -15.35
C ASN F 256 19.34 -31.68 -14.07
N ASP F 257 18.02 -31.49 -13.95
CA ASP F 257 17.28 -31.88 -12.76
C ASP F 257 17.57 -33.34 -12.39
N SER G 1 2.47 -46.31 -38.15
CA SER G 1 1.39 -45.55 -37.46
C SER G 1 0.01 -46.00 -37.97
N MET G 2 -0.95 -46.14 -37.07
CA MET G 2 -2.29 -46.57 -37.46
C MET G 2 -2.98 -45.53 -38.33
N LEU G 3 -2.85 -44.25 -38.01
CA LEU G 3 -3.47 -43.19 -38.81
C LEU G 3 -2.35 -42.31 -39.38
N GLU G 4 -2.35 -42.17 -40.72
CA GLU G 4 -1.49 -41.23 -41.42
C GLU G 4 -2.32 -40.56 -42.52
N ALA G 5 -2.58 -39.27 -42.38
CA ALA G 5 -3.37 -38.51 -43.36
C ALA G 5 -2.61 -37.27 -43.76
N LYS G 6 -2.32 -37.12 -45.05
CA LYS G 6 -1.39 -36.11 -45.55
C LYS G 6 -2.11 -35.12 -46.45
N PHE G 7 -2.11 -33.84 -46.05
CA PHE G 7 -2.47 -32.74 -46.93
C PHE G 7 -1.21 -32.24 -47.63
N GLU G 8 -1.30 -32.12 -48.96
CA GLU G 8 -0.18 -31.60 -49.74
C GLU G 8 0.21 -30.20 -49.26
N GLU G 9 -0.77 -29.40 -48.86
CA GLU G 9 -0.56 -28.04 -48.39
C GLU G 9 -1.32 -27.87 -47.09
N ALA G 10 -0.60 -27.49 -46.03
CA ALA G 10 -1.22 -27.36 -44.71
C ALA G 10 -2.32 -26.30 -44.70
N SER G 11 -2.33 -25.40 -45.69
CA SER G 11 -3.30 -24.32 -45.69
C SER G 11 -4.74 -24.84 -45.68
N LEU G 12 -4.99 -26.00 -46.29
CA LEU G 12 -6.35 -26.53 -46.33
C LEU G 12 -6.90 -26.76 -44.93
N PHE G 13 -6.25 -27.65 -44.17
CA PHE G 13 -6.70 -27.91 -42.79
C PHE G 13 -6.80 -26.62 -42.00
N LYS G 14 -5.88 -25.69 -42.24
CA LYS G 14 -5.89 -24.42 -41.50
C LYS G 14 -7.16 -23.64 -41.77
N ARG G 15 -7.54 -23.51 -43.05
CA ARG G 15 -8.78 -22.80 -43.37
C ARG G 15 -9.99 -23.53 -42.81
N ILE G 16 -9.99 -24.87 -42.88
CA ILE G 16 -11.10 -25.62 -42.33
C ILE G 16 -11.28 -25.31 -40.85
N ILE G 17 -10.18 -25.39 -40.09
CA ILE G 17 -10.25 -25.13 -38.66
C ILE G 17 -10.69 -23.69 -38.39
N ASP G 18 -10.16 -22.73 -39.16
CA ASP G 18 -10.57 -21.35 -39.01
C ASP G 18 -12.05 -21.15 -39.33
N GLY G 19 -12.65 -22.07 -40.09
CA GLY G 19 -14.06 -21.94 -40.40
C GLY G 19 -14.94 -21.87 -39.17
N PHE G 20 -14.69 -22.75 -38.19
CA PHE G 20 -15.57 -22.89 -37.03
C PHE G 20 -14.83 -22.74 -35.70
N LYS G 21 -13.60 -22.24 -35.71
CA LYS G 21 -12.82 -22.17 -34.48
C LYS G 21 -13.46 -21.22 -33.47
N ASP G 22 -14.10 -20.15 -33.93
CA ASP G 22 -14.56 -19.09 -33.05
C ASP G 22 -15.91 -19.36 -32.40
N CYS G 23 -16.54 -20.50 -32.68
CA CYS G 23 -17.86 -20.80 -32.15
C CYS G 23 -17.90 -22.03 -31.25
N VAL G 24 -16.81 -22.78 -31.12
CA VAL G 24 -16.76 -23.95 -30.25
C VAL G 24 -15.36 -24.04 -29.64
N GLN G 25 -15.24 -24.84 -28.58
CA GLN G 25 -13.98 -25.01 -27.88
C GLN G 25 -13.41 -26.41 -27.97
N LEU G 26 -14.25 -27.44 -27.91
CA LEU G 26 -13.81 -28.82 -28.01
C LEU G 26 -14.45 -29.48 -29.22
N VAL G 27 -13.66 -30.25 -29.96
CA VAL G 27 -14.13 -30.91 -31.18
C VAL G 27 -13.68 -32.37 -31.13
N ASN G 28 -14.59 -33.27 -31.48
CA ASN G 28 -14.31 -34.70 -31.56
C ASN G 28 -14.19 -35.09 -33.02
N PHE G 29 -13.00 -35.54 -33.42
CA PHE G 29 -12.75 -36.06 -34.76
C PHE G 29 -12.85 -37.57 -34.73
N GLN G 30 -13.56 -38.15 -35.70
CA GLN G 30 -13.57 -39.60 -35.90
C GLN G 30 -12.97 -39.89 -37.27
N CYS G 31 -11.90 -40.67 -37.27
CA CYS G 31 -11.18 -41.04 -38.47
C CYS G 31 -11.45 -42.50 -38.78
N LYS G 32 -11.90 -42.77 -40.01
CA LYS G 32 -12.19 -44.12 -40.47
C LYS G 32 -11.63 -44.29 -41.87
N GLU G 33 -11.75 -45.51 -42.41
CA GLU G 33 -11.18 -45.80 -43.72
C GLU G 33 -11.69 -44.84 -44.79
N ASP G 34 -12.90 -44.32 -44.62
CA ASP G 34 -13.51 -43.46 -45.64
C ASP G 34 -13.18 -41.99 -45.46
N GLY G 35 -12.54 -41.60 -44.36
CA GLY G 35 -12.21 -40.20 -44.15
C GLY G 35 -12.48 -39.75 -42.72
N ILE G 36 -12.72 -38.45 -42.52
CA ILE G 36 -12.83 -37.89 -41.18
C ILE G 36 -14.16 -37.17 -41.06
N ILE G 37 -14.81 -37.37 -39.91
CA ILE G 37 -16.04 -36.66 -39.56
C ILE G 37 -15.86 -36.07 -38.17
N ALA G 38 -16.05 -34.77 -38.06
CA ALA G 38 -15.89 -34.07 -36.79
C ALA G 38 -17.22 -33.52 -36.32
N GLN G 39 -17.40 -33.50 -35.00
CA GLN G 39 -18.57 -32.90 -34.38
C GLN G 39 -18.15 -32.01 -33.23
N ALA G 40 -18.85 -30.89 -33.10
CA ALA G 40 -18.64 -29.98 -31.97
C ALA G 40 -19.98 -29.37 -31.58
N VAL G 41 -20.15 -29.15 -30.28
CA VAL G 41 -21.31 -28.45 -29.75
C VAL G 41 -20.81 -27.30 -28.89
N ASP G 42 -21.42 -26.14 -29.05
CA ASP G 42 -20.97 -24.95 -28.36
C ASP G 42 -21.38 -24.99 -26.89
N ASP G 43 -20.79 -24.09 -26.10
CA ASP G 43 -21.03 -24.10 -24.66
C ASP G 43 -22.51 -23.90 -24.36
N SER G 44 -23.17 -22.99 -25.07
CA SER G 44 -24.60 -22.74 -24.84
C SER G 44 -25.48 -23.86 -25.36
N ARG G 45 -24.94 -24.78 -26.15
CA ARG G 45 -25.72 -25.90 -26.69
C ARG G 45 -26.84 -25.41 -27.61
N VAL G 46 -26.59 -24.30 -28.31
CA VAL G 46 -27.54 -23.75 -29.28
C VAL G 46 -27.09 -24.14 -30.69
N LEU G 47 -25.79 -24.27 -30.89
CA LEU G 47 -25.21 -24.49 -32.20
C LEU G 47 -24.45 -25.81 -32.22
N LEU G 48 -24.56 -26.51 -33.35
CA LEU G 48 -23.82 -27.74 -33.59
C LEU G 48 -23.05 -27.59 -34.88
N VAL G 49 -21.80 -28.08 -34.89
CA VAL G 49 -20.92 -28.01 -36.04
C VAL G 49 -20.59 -29.43 -36.48
N SER G 50 -20.84 -29.73 -37.74
CA SER G 50 -20.54 -31.02 -38.34
C SER G 50 -19.59 -30.80 -39.49
N LEU G 51 -18.55 -31.63 -39.58
CA LEU G 51 -17.54 -31.49 -40.60
C LEU G 51 -17.31 -32.85 -41.24
N GLU G 52 -17.28 -32.90 -42.57
CA GLU G 52 -16.86 -34.12 -43.26
C GLU G 52 -15.74 -33.76 -44.23
N ILE G 53 -14.65 -34.50 -44.14
CA ILE G 53 -13.52 -34.39 -45.06
C ILE G 53 -13.29 -35.78 -45.64
N GLY G 54 -13.47 -35.91 -46.95
CA GLY G 54 -13.30 -37.19 -47.62
C GLY G 54 -11.85 -37.48 -47.96
N VAL G 55 -11.65 -38.66 -48.57
CA VAL G 55 -10.30 -39.08 -48.93
C VAL G 55 -9.74 -38.21 -50.05
N GLU G 56 -10.60 -37.64 -50.90
CA GLU G 56 -10.12 -36.86 -52.03
C GLU G 56 -9.37 -35.61 -51.59
N ALA G 57 -9.55 -35.17 -50.35
CA ALA G 57 -8.83 -34.01 -49.86
C ALA G 57 -7.40 -34.32 -49.44
N PHE G 58 -7.00 -35.59 -49.44
CA PHE G 58 -5.70 -36.00 -48.92
C PHE G 58 -4.82 -36.52 -50.05
N GLN G 59 -3.59 -35.99 -50.12
CA GLN G 59 -2.61 -36.57 -51.02
C GLN G 59 -2.40 -38.05 -50.73
N GLU G 60 -2.57 -38.46 -49.48
CA GLU G 60 -2.49 -39.85 -49.08
C GLU G 60 -3.26 -40.01 -47.79
N TYR G 61 -3.95 -41.14 -47.64
CA TYR G 61 -4.77 -41.37 -46.46
C TYR G 61 -4.77 -42.85 -46.11
N ARG G 62 -4.37 -43.17 -44.88
CA ARG G 62 -4.48 -44.52 -44.36
C ARG G 62 -4.94 -44.44 -42.91
N CYS G 63 -5.90 -45.31 -42.55
CA CYS G 63 -6.36 -45.43 -41.18
C CYS G 63 -6.83 -46.87 -40.99
N ASP G 64 -6.04 -47.66 -40.26
CA ASP G 64 -6.31 -49.09 -40.15
C ASP G 64 -7.64 -49.35 -39.46
N HIS G 65 -7.83 -48.76 -38.27
CA HIS G 65 -9.03 -48.95 -37.48
C HIS G 65 -9.61 -47.61 -37.09
N PRO G 66 -10.92 -47.51 -36.90
CA PRO G 66 -11.52 -46.22 -36.55
C PRO G 66 -10.94 -45.69 -35.24
N VAL G 67 -10.81 -44.37 -35.15
CA VAL G 67 -10.26 -43.75 -33.94
C VAL G 67 -10.94 -42.41 -33.72
N THR G 68 -11.11 -42.05 -32.45
CA THR G 68 -11.63 -40.75 -32.05
C THR G 68 -10.53 -39.94 -31.38
N LEU G 69 -10.44 -38.67 -31.75
CA LEU G 69 -9.45 -37.73 -31.24
C LEU G 69 -10.18 -36.50 -30.76
N GLY G 70 -10.18 -36.28 -29.43
CA GLY G 70 -10.77 -35.08 -28.86
C GLY G 70 -9.72 -34.00 -28.72
N MET G 71 -10.02 -32.82 -29.26
CA MET G 71 -9.03 -31.76 -29.32
C MET G 71 -9.65 -30.42 -28.93
N ASP G 72 -8.86 -29.61 -28.23
CA ASP G 72 -9.23 -28.22 -27.96
C ASP G 72 -8.85 -27.35 -29.15
N LEU G 73 -9.77 -26.46 -29.53
CA LEU G 73 -9.58 -25.68 -30.75
C LEU G 73 -8.43 -24.68 -30.60
N THR G 74 -8.30 -24.03 -29.44
CA THR G 74 -7.28 -23.01 -29.27
C THR G 74 -5.87 -23.59 -29.43
N SER G 75 -5.63 -24.74 -28.81
CA SER G 75 -4.30 -25.36 -28.87
C SER G 75 -3.95 -25.77 -30.29
N LEU G 76 -4.89 -26.45 -30.96
CA LEU G 76 -4.66 -26.84 -32.34
C LEU G 76 -4.42 -25.62 -33.21
N SER G 77 -5.13 -24.53 -32.94
CA SER G 77 -4.99 -23.33 -33.76
C SER G 77 -3.60 -22.73 -33.60
N LYS G 78 -3.11 -22.60 -32.37
CA LYS G 78 -1.77 -22.06 -32.19
C LYS G 78 -0.73 -22.97 -32.83
N ILE G 79 -0.87 -24.29 -32.67
CA ILE G 79 0.08 -25.21 -33.30
C ILE G 79 0.09 -25.02 -34.81
N LEU G 80 -1.10 -24.92 -35.41
CA LEU G 80 -1.18 -24.74 -36.86
C LEU G 80 -0.55 -23.41 -37.28
N ARG G 81 -0.78 -22.36 -36.49
CA ARG G 81 -0.14 -21.09 -36.79
C ARG G 81 1.37 -21.16 -36.64
N CYS G 82 1.90 -22.19 -35.99
CA CYS G 82 3.33 -22.46 -36.00
C CYS G 82 3.76 -23.32 -37.18
N GLY G 83 3.03 -23.27 -38.29
CA GLY G 83 3.35 -24.10 -39.44
C GLY G 83 3.28 -23.31 -40.73
N ASN G 84 4.02 -23.77 -41.72
CA ASN G 84 4.06 -23.10 -43.01
C ASN G 84 2.86 -23.51 -43.85
N ASN G 85 2.21 -22.52 -44.45
CA ASN G 85 1.03 -22.80 -45.27
C ASN G 85 1.37 -23.69 -46.46
N THR G 86 2.53 -23.47 -47.07
CA THR G 86 2.94 -24.20 -48.26
C THR G 86 3.59 -25.55 -47.93
N ASP G 87 3.73 -25.88 -46.65
CA ASP G 87 4.35 -27.14 -46.27
C ASP G 87 3.36 -28.30 -46.39
N THR G 88 3.90 -29.51 -46.36
CA THR G 88 3.09 -30.72 -46.37
C THR G 88 2.77 -31.11 -44.94
N LEU G 89 1.48 -31.30 -44.63
CA LEU G 89 1.04 -31.55 -43.27
C LEU G 89 0.53 -32.98 -43.15
N THR G 90 1.07 -33.72 -42.19
CA THR G 90 0.65 -35.10 -41.94
C THR G 90 0.10 -35.21 -40.53
N LEU G 91 -1.14 -35.67 -40.42
CA LEU G 91 -1.74 -36.04 -39.15
C LEU G 91 -1.42 -37.50 -38.89
N ILE G 92 -0.74 -37.78 -37.78
CA ILE G 92 -0.29 -39.11 -37.43
C ILE G 92 -0.82 -39.46 -36.05
N ALA G 93 -1.30 -40.69 -35.91
CA ALA G 93 -1.78 -41.19 -34.63
C ALA G 93 -1.46 -42.67 -34.52
N ASP G 94 -1.12 -43.09 -33.30
CA ASP G 94 -0.81 -44.48 -32.98
C ASP G 94 -1.95 -45.09 -32.19
N ASN G 95 -1.80 -46.38 -31.84
CA ASN G 95 -2.89 -47.13 -31.23
C ASN G 95 -3.29 -46.52 -29.89
N THR G 96 -4.59 -46.34 -29.69
CA THR G 96 -5.13 -45.79 -28.45
C THR G 96 -4.35 -44.54 -28.06
N PRO G 97 -4.34 -43.51 -28.90
CA PRO G 97 -3.40 -42.41 -28.70
C PRO G 97 -3.73 -41.58 -27.47
N ASP G 98 -2.68 -41.02 -26.88
CA ASP G 98 -2.84 -39.96 -25.91
C ASP G 98 -2.56 -38.60 -26.52
N SER G 99 -1.94 -38.56 -27.70
CA SER G 99 -1.65 -37.32 -28.40
C SER G 99 -1.75 -37.56 -29.90
N ILE G 100 -1.92 -36.47 -30.65
CA ILE G 100 -1.92 -36.48 -32.12
C ILE G 100 -0.70 -35.71 -32.60
N ILE G 101 0.00 -36.26 -33.60
CA ILE G 101 1.17 -35.61 -34.19
C ILE G 101 0.74 -34.84 -35.42
N LEU G 102 1.10 -33.57 -35.48
CA LEU G 102 1.05 -32.77 -36.71
C LEU G 102 2.48 -32.59 -37.20
N LEU G 103 2.75 -33.07 -38.40
CA LEU G 103 4.12 -33.08 -38.95
C LEU G 103 4.14 -32.19 -40.19
N PHE G 104 4.82 -31.06 -40.10
CA PHE G 104 5.02 -30.15 -41.23
C PHE G 104 6.37 -30.45 -41.86
N GLU G 105 6.39 -30.61 -43.17
CA GLU G 105 7.63 -30.85 -43.90
C GLU G 105 7.74 -29.90 -45.09
N ASP G 106 8.89 -29.27 -45.23
CA ASP G 106 9.27 -28.53 -46.43
C ASP G 106 10.47 -29.26 -47.02
N THR G 107 10.21 -30.03 -48.08
CA THR G 107 11.27 -30.79 -48.72
C THR G 107 12.14 -29.91 -49.62
N LYS G 108 11.68 -28.72 -49.99
CA LYS G 108 12.52 -27.80 -50.74
C LYS G 108 13.72 -27.36 -49.92
N LYS G 109 13.52 -27.09 -48.63
CA LYS G 109 14.58 -26.66 -47.74
C LYS G 109 15.04 -27.73 -46.77
N ASP G 110 14.44 -28.92 -46.80
CA ASP G 110 14.79 -30.01 -45.89
C ASP G 110 14.56 -29.59 -44.44
N ARG G 111 13.38 -29.05 -44.17
CA ARG G 111 13.03 -28.52 -42.85
C ARG G 111 11.78 -29.22 -42.35
N ILE G 112 11.89 -29.89 -41.19
CA ILE G 112 10.80 -30.66 -40.60
C ILE G 112 10.49 -30.07 -39.24
N ALA G 113 9.20 -29.82 -38.98
CA ALA G 113 8.72 -29.42 -37.66
C ALA G 113 7.63 -30.38 -37.23
N GLU G 114 7.86 -31.06 -36.10
CA GLU G 114 6.92 -32.04 -35.56
C GLU G 114 6.33 -31.49 -34.27
N TYR G 115 5.00 -31.39 -34.22
CA TYR G 115 4.27 -30.94 -33.03
C TYR G 115 3.40 -32.08 -32.53
N SER G 116 3.25 -32.18 -31.21
CA SER G 116 2.42 -33.19 -30.59
C SER G 116 1.41 -32.50 -29.68
N LEU G 117 0.13 -32.80 -29.90
CA LEU G 117 -0.96 -32.16 -29.18
C LEU G 117 -1.67 -33.18 -28.30
N LYS G 118 -1.81 -32.87 -27.02
CA LYS G 118 -2.41 -33.80 -26.07
C LYS G 118 -3.92 -33.84 -26.26
N LEU G 119 -4.47 -35.05 -26.32
CA LEU G 119 -5.88 -35.24 -26.55
C LEU G 119 -6.68 -35.02 -25.27
N MET G 120 -8.00 -34.90 -25.42
CA MET G 120 -8.91 -34.56 -24.33
C MET G 120 -9.93 -35.66 -24.10
N ASP G 121 -10.47 -35.67 -22.89
CA ASP G 121 -11.62 -36.50 -22.54
C ASP G 121 -12.89 -35.75 -22.88
N ILE G 122 -13.59 -36.20 -23.92
CA ILE G 122 -14.92 -35.69 -24.23
C ILE G 122 -15.91 -36.82 -24.02
N ASP G 123 -16.76 -36.67 -23.01
CA ASP G 123 -17.77 -37.67 -22.68
C ASP G 123 -19.11 -37.23 -23.28
N ALA G 124 -19.15 -37.23 -24.61
CA ALA G 124 -20.34 -36.84 -25.35
C ALA G 124 -20.38 -37.65 -26.64
N ASP G 125 -21.36 -38.53 -26.76
CA ASP G 125 -21.48 -39.36 -27.94
C ASP G 125 -21.98 -38.55 -29.13
N PHE G 126 -21.68 -39.05 -30.32
CA PHE G 126 -22.10 -38.36 -31.55
C PHE G 126 -23.62 -38.29 -31.62
N LEU G 127 -24.12 -37.14 -32.06
CA LEU G 127 -25.54 -36.95 -32.26
C LEU G 127 -25.94 -37.38 -33.66
N LYS G 128 -27.10 -38.02 -33.77
CA LYS G 128 -27.62 -38.44 -35.06
C LYS G 128 -28.21 -37.23 -35.78
N ILE G 129 -27.72 -36.96 -36.99
CA ILE G 129 -28.15 -35.81 -37.76
C ILE G 129 -28.67 -36.28 -39.11
N GLU G 130 -29.29 -37.45 -39.13
CA GLU G 130 -29.89 -37.96 -40.36
C GLU G 130 -30.72 -36.89 -41.03
N GLU G 131 -30.69 -36.88 -42.36
CA GLU G 131 -31.38 -35.84 -43.11
C GLU G 131 -32.87 -35.81 -42.77
N LEU G 132 -33.38 -34.62 -42.51
CA LEU G 132 -34.78 -34.41 -42.15
C LEU G 132 -35.57 -33.92 -43.36
N GLN G 133 -36.89 -34.06 -43.27
CA GLN G 133 -37.80 -33.62 -44.33
C GLN G 133 -38.01 -32.12 -44.17
N TYR G 134 -37.02 -31.36 -44.66
CA TYR G 134 -37.06 -29.91 -44.52
C TYR G 134 -38.20 -29.31 -45.34
N ASP G 135 -38.86 -28.30 -44.75
CA ASP G 135 -39.96 -27.65 -45.45
C ASP G 135 -39.44 -26.80 -46.62
N SER G 136 -38.34 -26.08 -46.40
CA SER G 136 -37.81 -25.16 -47.41
C SER G 136 -36.32 -25.39 -47.59
N THR G 137 -35.86 -25.26 -48.83
CA THR G 137 -34.45 -25.40 -49.17
C THR G 137 -34.07 -24.31 -50.16
N LEU G 138 -33.10 -23.48 -49.79
CA LEU G 138 -32.62 -22.41 -50.66
C LEU G 138 -31.10 -22.44 -50.71
N SER G 139 -30.55 -21.68 -51.65
CA SER G 139 -29.11 -21.60 -51.82
C SER G 139 -28.78 -20.27 -52.49
N LEU G 140 -27.68 -19.67 -52.07
CA LEU G 140 -27.31 -18.35 -52.59
C LEU G 140 -25.81 -18.14 -52.36
N PRO G 141 -25.20 -17.21 -53.09
CA PRO G 141 -23.78 -16.93 -52.88
C PRO G 141 -23.50 -16.54 -51.44
N SER G 142 -22.34 -16.98 -50.94
CA SER G 142 -22.01 -16.75 -49.54
C SER G 142 -21.89 -15.26 -49.25
N SER G 143 -21.34 -14.50 -50.20
CA SER G 143 -21.09 -13.08 -49.96
C SER G 143 -22.39 -12.34 -49.65
N GLU G 144 -23.46 -12.64 -50.40
CA GLU G 144 -24.73 -11.96 -50.15
C GLU G 144 -25.25 -12.25 -48.75
N PHE G 145 -25.16 -13.51 -48.32
CA PHE G 145 -25.61 -13.87 -46.98
C PHE G 145 -24.76 -13.17 -45.93
N SER G 146 -23.44 -13.14 -46.12
CA SER G 146 -22.57 -12.49 -45.15
C SER G 146 -22.90 -11.01 -45.04
N LYS G 147 -23.08 -10.34 -46.17
CA LYS G 147 -23.42 -8.91 -46.15
C LYS G 147 -24.77 -8.69 -45.47
N ILE G 148 -25.77 -9.50 -45.81
CA ILE G 148 -27.10 -9.32 -45.22
C ILE G 148 -27.03 -9.50 -43.71
N VAL G 149 -26.34 -10.56 -43.25
CA VAL G 149 -26.25 -10.82 -41.82
C VAL G 149 -25.52 -9.69 -41.12
N ARG G 150 -24.40 -9.25 -41.68
CA ARG G 150 -23.65 -8.16 -41.06
C ARG G 150 -24.47 -6.89 -40.99
N ASP G 151 -25.26 -6.61 -42.03
CA ASP G 151 -26.05 -5.38 -42.05
C ASP G 151 -27.21 -5.45 -41.07
N LEU G 152 -27.83 -6.62 -40.92
CA LEU G 152 -28.93 -6.76 -39.98
C LEU G 152 -28.48 -6.97 -38.55
N SER G 153 -27.19 -7.27 -38.33
CA SER G 153 -26.73 -7.51 -36.96
C SER G 153 -26.84 -6.26 -36.10
N GLN G 154 -26.51 -5.09 -36.67
CA GLN G 154 -26.49 -3.88 -35.86
C GLN G 154 -27.89 -3.44 -35.45
N LEU G 155 -28.88 -3.65 -36.32
CA LEU G 155 -30.22 -3.19 -36.01
C LEU G 155 -30.79 -3.89 -34.78
N SER G 156 -30.57 -5.20 -34.66
CA SER G 156 -31.14 -5.96 -33.55
C SER G 156 -30.24 -7.14 -33.23
N ASP G 157 -30.39 -7.65 -32.01
CA ASP G 157 -29.66 -8.82 -31.56
C ASP G 157 -30.24 -10.13 -32.07
N SER G 158 -31.37 -10.08 -32.77
CA SER G 158 -31.98 -11.27 -33.35
C SER G 158 -32.34 -10.97 -34.80
N ILE G 159 -32.46 -12.04 -35.59
CA ILE G 159 -32.83 -11.94 -37.00
C ILE G 159 -33.92 -12.96 -37.28
N ASN G 160 -34.98 -12.52 -37.94
CA ASN G 160 -36.08 -13.36 -38.37
C ASN G 160 -35.96 -13.66 -39.86
N ILE G 161 -36.25 -14.91 -40.22
CA ILE G 161 -36.22 -15.37 -41.61
C ILE G 161 -37.60 -15.92 -41.97
N MET G 162 -38.16 -15.43 -43.07
CA MET G 162 -39.43 -15.90 -43.59
C MET G 162 -39.29 -16.32 -45.04
N ILE G 163 -39.69 -17.56 -45.33
CA ILE G 163 -39.64 -18.12 -46.66
C ILE G 163 -41.08 -18.32 -47.13
N THR G 164 -41.45 -17.62 -48.21
CA THR G 164 -42.76 -17.75 -48.82
C THR G 164 -42.57 -17.98 -50.31
N LYS G 165 -43.68 -18.20 -51.02
CA LYS G 165 -43.61 -18.54 -52.44
C LYS G 165 -42.81 -17.51 -53.20
N GLU G 166 -41.65 -17.92 -53.71
CA GLU G 166 -40.78 -17.04 -54.50
C GLU G 166 -40.46 -15.75 -53.75
N THR G 167 -40.19 -15.87 -52.45
CA THR G 167 -39.83 -14.70 -51.65
C THR G 167 -39.08 -15.14 -50.41
N ILE G 168 -37.97 -14.46 -50.13
CA ILE G 168 -37.17 -14.70 -48.93
C ILE G 168 -36.98 -13.36 -48.24
N LYS G 169 -37.40 -13.27 -46.98
CA LYS G 169 -37.37 -12.03 -46.22
C LYS G 169 -36.51 -12.22 -44.97
N PHE G 170 -35.58 -11.29 -44.75
CA PHE G 170 -34.81 -11.20 -43.52
C PHE G 170 -35.22 -9.92 -42.81
N VAL G 171 -35.40 -10.00 -41.50
CA VAL G 171 -35.85 -8.84 -40.72
C VAL G 171 -35.06 -8.76 -39.43
N ALA G 172 -34.73 -7.53 -39.03
CA ALA G 172 -34.12 -7.24 -37.74
C ALA G 172 -34.89 -6.08 -37.13
N ASP G 173 -35.63 -6.35 -36.05
CA ASP G 173 -36.40 -5.34 -35.33
C ASP G 173 -35.81 -5.19 -33.94
N GLY G 174 -35.38 -3.98 -33.61
CA GLY G 174 -34.78 -3.73 -32.32
C GLY G 174 -34.52 -2.27 -32.02
N ASP G 175 -33.41 -1.99 -31.33
CA ASP G 175 -33.15 -0.65 -30.82
C ASP G 175 -33.09 0.39 -31.94
N ILE G 176 -32.71 -0.01 -33.14
CA ILE G 176 -32.53 0.93 -34.24
C ILE G 176 -33.68 0.77 -35.23
N GLY G 177 -34.84 0.34 -34.73
CA GLY G 177 -36.02 0.22 -35.57
C GLY G 177 -36.09 -1.11 -36.30
N SER G 178 -36.73 -1.13 -37.46
CA SER G 178 -36.95 -2.34 -38.23
C SER G 178 -36.24 -2.22 -39.57
N GLY G 179 -35.39 -3.20 -39.88
CA GLY G 179 -34.72 -3.28 -41.16
C GLY G 179 -35.02 -4.59 -41.86
N SER G 180 -35.40 -4.53 -43.14
CA SER G 180 -35.81 -5.70 -43.88
C SER G 180 -35.04 -5.81 -45.18
N VAL G 181 -34.78 -7.05 -45.60
CA VAL G 181 -34.14 -7.35 -46.87
C VAL G 181 -34.96 -8.43 -47.55
N ILE G 182 -35.43 -8.16 -48.77
CA ILE G 182 -36.27 -9.08 -49.52
C ILE G 182 -35.53 -9.48 -50.78
N ILE G 183 -35.49 -10.79 -51.05
CA ILE G 183 -34.85 -11.32 -52.24
C ILE G 183 -35.77 -12.36 -52.89
N LYS G 184 -35.52 -12.62 -54.15
CA LYS G 184 -36.31 -13.53 -54.97
C LYS G 184 -35.40 -14.43 -55.77
N PRO G 185 -35.88 -15.62 -56.17
CA PRO G 185 -35.05 -16.50 -57.00
C PRO G 185 -34.93 -15.95 -58.41
N PHE G 186 -33.71 -15.56 -58.79
CA PHE G 186 -33.41 -15.10 -60.14
C PHE G 186 -32.20 -15.87 -60.66
N VAL G 187 -32.26 -16.26 -61.93
CA VAL G 187 -31.21 -17.02 -62.58
C VAL G 187 -30.56 -16.12 -63.63
N ASP G 188 -29.26 -15.90 -63.48
CA ASP G 188 -28.48 -15.08 -64.40
C ASP G 188 -27.49 -15.99 -65.11
N MET G 189 -27.69 -16.19 -66.41
CA MET G 189 -26.80 -17.08 -67.15
C MET G 189 -25.42 -16.49 -67.31
N GLU G 190 -25.29 -15.15 -67.29
CA GLU G 190 -23.98 -14.53 -67.41
C GLU G 190 -23.07 -14.94 -66.26
N HIS G 191 -23.60 -14.94 -65.04
CA HIS G 191 -22.86 -15.33 -63.84
C HIS G 191 -23.71 -16.31 -63.05
N PRO G 192 -23.69 -17.59 -63.41
CA PRO G 192 -24.48 -18.58 -62.67
C PRO G 192 -24.11 -18.68 -61.20
N GLU G 193 -22.87 -18.35 -60.85
CA GLU G 193 -22.42 -18.52 -59.47
C GLU G 193 -23.21 -17.65 -58.50
N THR G 194 -23.73 -16.52 -58.97
CA THR G 194 -24.46 -15.59 -58.12
C THR G 194 -25.97 -15.79 -58.18
N SER G 195 -26.42 -16.96 -58.62
CA SER G 195 -27.85 -17.23 -58.69
C SER G 195 -28.43 -17.49 -57.32
N ILE G 196 -29.68 -17.07 -57.13
CA ILE G 196 -30.45 -17.34 -55.91
C ILE G 196 -31.47 -18.41 -56.26
N LYS G 197 -31.37 -19.57 -55.60
CA LYS G 197 -32.25 -20.69 -55.85
C LYS G 197 -33.11 -20.95 -54.63
N LEU G 198 -34.39 -21.29 -54.86
CA LEU G 198 -35.33 -21.53 -53.79
C LEU G 198 -36.23 -22.70 -54.15
N GLU G 199 -36.69 -23.41 -53.13
CA GLU G 199 -37.67 -24.49 -53.30
C GLU G 199 -38.43 -24.62 -51.99
N MET G 200 -39.71 -24.26 -52.01
CA MET G 200 -40.54 -24.18 -50.81
C MET G 200 -41.72 -25.12 -50.95
N ASP G 201 -41.95 -25.93 -49.92
CA ASP G 201 -43.15 -26.76 -49.82
C ASP G 201 -44.23 -26.12 -48.97
N GLN G 202 -43.87 -25.57 -47.82
CA GLN G 202 -44.77 -24.83 -46.95
C GLN G 202 -44.10 -23.53 -46.53
N PRO G 203 -44.89 -22.51 -46.21
CA PRO G 203 -44.28 -21.27 -45.69
C PRO G 203 -43.54 -21.54 -44.39
N VAL G 204 -42.44 -20.83 -44.19
CA VAL G 204 -41.54 -21.07 -43.07
C VAL G 204 -41.20 -19.75 -42.40
N ASP G 205 -41.09 -19.76 -41.08
CA ASP G 205 -40.75 -18.56 -40.32
C ASP G 205 -40.01 -18.95 -39.06
N LEU G 206 -38.75 -18.54 -38.95
CA LEU G 206 -37.94 -18.81 -37.75
C LEU G 206 -37.22 -17.54 -37.31
N THR G 207 -36.70 -17.58 -36.08
CA THR G 207 -35.88 -16.51 -35.54
C THR G 207 -34.61 -17.10 -34.95
N PHE G 208 -33.52 -16.34 -35.04
CA PHE G 208 -32.21 -16.81 -34.61
C PHE G 208 -31.44 -15.67 -33.98
N GLY G 209 -30.46 -16.03 -33.14
CA GLY G 209 -29.61 -15.03 -32.54
C GLY G 209 -28.60 -14.46 -33.52
N ALA G 210 -28.22 -13.21 -33.29
CA ALA G 210 -27.33 -12.53 -34.22
C ALA G 210 -25.89 -13.03 -34.08
N LYS G 211 -25.42 -13.25 -32.85
CA LYS G 211 -24.04 -13.67 -32.65
C LYS G 211 -23.80 -15.05 -33.27
N TYR G 212 -24.79 -15.94 -33.16
CA TYR G 212 -24.64 -17.26 -33.77
C TYR G 212 -24.50 -17.15 -35.28
N LEU G 213 -25.29 -16.30 -35.93
CA LEU G 213 -25.18 -16.13 -37.38
C LEU G 213 -23.89 -15.43 -37.76
N LEU G 214 -23.40 -14.50 -36.93
CA LEU G 214 -22.13 -13.86 -37.21
C LEU G 214 -21.00 -14.88 -37.18
N ASP G 215 -21.05 -15.80 -36.22
CA ASP G 215 -20.09 -16.91 -36.21
C ASP G 215 -20.26 -17.82 -37.42
N ILE G 216 -21.51 -18.08 -37.81
CA ILE G 216 -21.77 -19.02 -38.91
C ILE G 216 -21.20 -18.49 -40.22
N ILE G 217 -21.40 -17.19 -40.48
CA ILE G 217 -20.98 -16.64 -41.77
C ILE G 217 -19.48 -16.58 -41.93
N LYS G 218 -18.71 -16.83 -40.87
CA LYS G 218 -17.27 -16.92 -40.99
C LYS G 218 -16.84 -18.06 -41.89
N GLY G 219 -17.74 -19.00 -42.18
CA GLY G 219 -17.43 -20.09 -43.08
C GLY G 219 -17.49 -19.73 -44.54
N SER G 220 -17.83 -18.48 -44.86
CA SER G 220 -17.90 -18.08 -46.26
C SER G 220 -16.58 -18.30 -46.98
N SER G 221 -15.46 -18.16 -46.27
CA SER G 221 -14.15 -18.25 -46.91
C SER G 221 -13.86 -19.63 -47.48
N LEU G 222 -14.63 -20.64 -47.12
CA LEU G 222 -14.39 -22.00 -47.60
C LEU G 222 -15.20 -22.33 -48.85
N SER G 223 -16.36 -21.70 -49.02
CA SER G 223 -17.26 -22.00 -50.13
C SER G 223 -17.74 -20.69 -50.75
N ASP G 224 -17.90 -20.71 -52.07
CA ASP G 224 -18.45 -19.54 -52.76
C ASP G 224 -19.94 -19.36 -52.48
N ARG G 225 -20.68 -20.44 -52.27
CA ARG G 225 -22.11 -20.39 -52.01
C ARG G 225 -22.42 -21.04 -50.67
N VAL G 226 -23.66 -20.87 -50.23
CA VAL G 226 -24.16 -21.49 -49.01
C VAL G 226 -25.58 -21.97 -49.25
N GLY G 227 -25.91 -23.13 -48.70
CA GLY G 227 -27.25 -23.70 -48.77
C GLY G 227 -27.90 -23.65 -47.40
N ILE G 228 -29.20 -23.38 -47.37
CA ILE G 228 -29.95 -23.20 -46.14
C ILE G 228 -31.20 -24.07 -46.20
N ARG G 229 -31.46 -24.81 -45.12
CA ARG G 229 -32.62 -25.69 -45.03
C ARG G 229 -33.39 -25.38 -43.75
N LEU G 230 -34.71 -25.27 -43.87
CA LEU G 230 -35.55 -24.81 -42.77
C LEU G 230 -36.81 -25.67 -42.67
N SER G 231 -37.34 -25.74 -41.45
CA SER G 231 -38.53 -26.53 -41.14
C SER G 231 -39.41 -25.73 -40.18
N SER G 232 -40.66 -26.19 -40.04
CA SER G 232 -41.64 -25.48 -39.23
C SER G 232 -41.04 -25.03 -37.91
N GLU G 233 -40.56 -25.99 -37.11
CA GLU G 233 -39.91 -25.69 -35.83
C GLU G 233 -38.81 -26.74 -35.65
N ALA G 234 -37.60 -26.39 -36.05
CA ALA G 234 -36.50 -27.33 -36.05
C ALA G 234 -35.21 -26.53 -36.21
N PRO G 235 -34.05 -27.18 -36.05
CA PRO G 235 -32.78 -26.48 -36.27
C PRO G 235 -32.59 -26.16 -37.75
N ALA G 236 -32.17 -24.92 -38.02
CA ALA G 236 -31.85 -24.52 -39.38
C ALA G 236 -30.47 -25.04 -39.76
N LEU G 237 -30.37 -25.56 -40.99
CA LEU G 237 -29.12 -26.10 -41.48
C LEU G 237 -28.48 -25.10 -42.43
N PHE G 238 -27.20 -24.78 -42.20
CA PHE G 238 -26.42 -23.92 -43.08
C PHE G 238 -25.21 -24.72 -43.54
N GLN G 239 -25.15 -25.04 -44.82
CA GLN G 239 -24.13 -25.92 -45.37
C GLN G 239 -23.23 -25.15 -46.32
N PHE G 240 -21.92 -25.25 -46.08
CA PHE G 240 -20.90 -24.83 -47.03
C PHE G 240 -20.26 -26.07 -47.62
N ASP G 241 -20.15 -26.11 -48.94
CA ASP G 241 -19.64 -27.29 -49.65
C ASP G 241 -18.16 -27.10 -49.91
N LEU G 242 -17.35 -28.02 -49.41
CA LEU G 242 -15.93 -28.03 -49.70
C LEU G 242 -15.66 -28.88 -50.93
N LYS G 243 -14.41 -28.85 -51.38
CA LYS G 243 -14.05 -29.57 -52.59
C LYS G 243 -14.39 -31.05 -52.48
N SER G 244 -14.10 -31.67 -51.35
CA SER G 244 -14.37 -33.09 -51.14
C SER G 244 -15.21 -33.36 -49.91
N GLY G 245 -15.71 -32.34 -49.24
CA GLY G 245 -16.52 -32.53 -48.05
C GLY G 245 -17.39 -31.33 -47.81
N PHE G 246 -17.75 -31.13 -46.55
CA PHE G 246 -18.61 -29.99 -46.22
C PHE G 246 -18.46 -29.60 -44.76
N LEU G 247 -18.91 -28.38 -44.48
CA LEU G 247 -19.04 -27.84 -43.13
C LEU G 247 -20.48 -27.41 -42.93
N GLN G 248 -21.15 -28.02 -41.94
CA GLN G 248 -22.56 -27.75 -41.66
C GLN G 248 -22.70 -27.14 -40.27
N PHE G 249 -23.52 -26.11 -40.17
CA PHE G 249 -23.93 -25.51 -38.91
C PHE G 249 -25.41 -25.78 -38.70
N PHE G 250 -25.75 -26.43 -37.59
CA PHE G 250 -27.14 -26.65 -37.19
C PHE G 250 -27.44 -25.67 -36.07
N LEU G 251 -28.36 -24.74 -36.30
CA LEU G 251 -28.67 -23.68 -35.37
C LEU G 251 -30.08 -23.86 -34.82
N ALA G 252 -30.19 -24.00 -33.50
CA ALA G 252 -31.50 -24.10 -32.88
C ALA G 252 -32.18 -22.72 -32.88
N PRO G 253 -33.45 -22.63 -33.25
CA PRO G 253 -34.10 -21.33 -33.34
C PRO G 253 -34.64 -20.84 -32.00
N LYS G 254 -35.13 -19.61 -32.01
CA LYS G 254 -35.85 -19.09 -30.86
C LYS G 254 -37.20 -19.79 -30.73
N PHE G 255 -37.84 -19.59 -29.59
CA PHE G 255 -39.15 -20.17 -29.34
C PHE G 255 -40.25 -19.21 -29.77
N ASN G 256 -41.35 -19.77 -30.25
CA ASN G 256 -42.46 -18.98 -30.75
C ASN G 256 -42.10 -18.33 -32.07
N MET H 2 -26.54 42.76 -31.01
CA MET H 2 -25.69 43.87 -30.49
C MET H 2 -24.24 43.62 -30.85
N LEU H 3 -23.65 42.61 -30.21
CA LEU H 3 -22.27 42.22 -30.44
C LEU H 3 -22.26 40.95 -31.28
N GLU H 4 -21.53 40.97 -32.40
CA GLU H 4 -21.40 39.77 -33.22
C GLU H 4 -20.00 39.74 -33.82
N ALA H 5 -19.38 38.55 -33.75
CA ALA H 5 -18.03 38.35 -34.24
C ALA H 5 -17.97 37.04 -34.99
N LYS H 6 -17.71 37.10 -36.29
CA LYS H 6 -17.62 35.92 -37.14
C LYS H 6 -16.17 35.71 -37.54
N PHE H 7 -15.63 34.54 -37.19
CA PHE H 7 -14.26 34.17 -37.52
C PHE H 7 -14.19 33.60 -38.94
N GLU H 8 -13.02 33.75 -39.56
CA GLU H 8 -12.80 33.12 -40.85
C GLU H 8 -12.87 31.60 -40.74
N GLU H 9 -12.28 31.04 -39.68
CA GLU H 9 -12.29 29.61 -39.43
C GLU H 9 -12.38 29.37 -37.93
N ALA H 10 -13.18 28.36 -37.54
CA ALA H 10 -13.33 28.04 -36.13
C ALA H 10 -12.10 27.37 -35.55
N SER H 11 -11.24 26.80 -36.41
CA SER H 11 -10.04 26.14 -35.91
C SER H 11 -9.14 27.14 -35.20
N LEU H 12 -9.06 28.37 -35.70
CA LEU H 12 -8.26 29.39 -35.04
C LEU H 12 -8.74 29.61 -33.61
N PHE H 13 -10.04 29.83 -33.42
CA PHE H 13 -10.57 30.06 -32.09
C PHE H 13 -10.36 28.85 -31.20
N LYS H 14 -10.57 27.65 -31.73
CA LYS H 14 -10.35 26.46 -30.92
C LYS H 14 -8.90 26.37 -30.46
N ARG H 15 -7.95 26.66 -31.36
CA ARG H 15 -6.54 26.62 -30.98
C ARG H 15 -6.22 27.67 -29.92
N ILE H 16 -6.73 28.89 -30.10
CA ILE H 16 -6.47 29.93 -29.11
C ILE H 16 -7.00 29.50 -27.75
N ILE H 17 -8.23 28.97 -27.71
CA ILE H 17 -8.80 28.56 -26.43
C ILE H 17 -7.98 27.45 -25.80
N ASP H 18 -7.63 26.44 -26.58
CA ASP H 18 -6.82 25.35 -26.06
C ASP H 18 -5.44 25.84 -25.62
N GLY H 19 -5.00 26.99 -26.11
CA GLY H 19 -3.68 27.48 -25.74
C GLY H 19 -3.52 27.71 -24.25
N PHE H 20 -4.50 28.37 -23.64
CA PHE H 20 -4.40 28.78 -22.23
C PHE H 20 -5.49 28.20 -21.36
N LYS H 21 -6.16 27.14 -21.81
CA LYS H 21 -7.22 26.54 -21.00
C LYS H 21 -6.69 25.73 -19.83
N ASP H 22 -5.46 25.21 -19.92
CA ASP H 22 -4.88 24.46 -18.83
C ASP H 22 -4.40 25.38 -17.71
N CYS H 23 -3.92 26.57 -18.05
CA CYS H 23 -3.44 27.50 -17.03
C CYS H 23 -4.61 28.08 -16.22
N VAL H 24 -5.66 28.53 -16.89
CA VAL H 24 -6.82 29.11 -16.25
C VAL H 24 -8.08 28.46 -16.83
N GLN H 25 -9.17 28.55 -16.07
CA GLN H 25 -10.44 27.96 -16.46
C GLN H 25 -11.57 28.97 -16.60
N LEU H 26 -11.68 29.92 -15.67
CA LEU H 26 -12.68 30.96 -15.74
C LEU H 26 -12.01 32.27 -16.14
N VAL H 27 -12.60 32.97 -17.11
CA VAL H 27 -11.97 34.17 -17.64
C VAL H 27 -13.04 35.11 -18.18
N ASN H 28 -12.75 36.41 -18.13
CA ASN H 28 -13.60 37.45 -18.69
C ASN H 28 -13.00 37.94 -19.99
N PHE H 29 -13.80 37.94 -21.05
CA PHE H 29 -13.43 38.57 -22.31
C PHE H 29 -14.10 39.94 -22.38
N GLN H 30 -13.30 40.98 -22.55
CA GLN H 30 -13.81 42.36 -22.61
C GLN H 30 -13.91 42.76 -24.07
N CYS H 31 -15.03 42.37 -24.70
CA CYS H 31 -15.24 42.69 -26.11
C CYS H 31 -15.45 44.18 -26.28
N LYS H 32 -14.71 44.77 -27.21
CA LYS H 32 -14.72 46.20 -27.45
C LYS H 32 -14.71 46.44 -28.95
N GLU H 33 -14.96 47.69 -29.35
CA GLU H 33 -14.91 48.02 -30.78
C GLU H 33 -13.56 47.71 -31.39
N ASP H 34 -12.49 47.81 -30.60
CA ASP H 34 -11.17 47.44 -31.10
C ASP H 34 -11.04 45.94 -31.28
N GLY H 35 -11.55 45.16 -30.34
CA GLY H 35 -11.44 43.72 -30.40
C GLY H 35 -11.71 43.10 -29.03
N ILE H 36 -11.26 41.86 -28.87
CA ILE H 36 -11.41 41.12 -27.64
C ILE H 36 -10.10 41.16 -26.88
N ILE H 37 -10.17 41.55 -25.60
CA ILE H 37 -9.01 41.61 -24.72
C ILE H 37 -9.36 40.88 -23.43
N ALA H 38 -8.52 39.93 -23.04
CA ALA H 38 -8.73 39.15 -21.82
C ALA H 38 -7.45 39.12 -21.00
N GLN H 39 -7.60 39.04 -19.69
CA GLN H 39 -6.47 38.92 -18.79
C GLN H 39 -6.90 38.09 -17.59
N ALA H 40 -6.12 37.06 -17.27
CA ALA H 40 -6.41 36.17 -16.15
C ALA H 40 -5.14 35.91 -15.34
N VAL H 41 -5.30 35.80 -14.03
CA VAL H 41 -4.25 35.35 -13.13
C VAL H 41 -4.54 33.89 -12.76
N ASP H 42 -3.49 33.10 -12.60
CA ASP H 42 -3.70 31.71 -12.20
C ASP H 42 -3.94 31.63 -10.69
N ASP H 43 -4.42 30.46 -10.24
CA ASP H 43 -4.80 30.29 -8.85
C ASP H 43 -3.61 30.51 -7.91
N SER H 44 -2.45 29.96 -8.26
CA SER H 44 -1.25 30.14 -7.46
C SER H 44 -0.63 31.52 -7.62
N ARG H 45 -1.08 32.31 -8.60
CA ARG H 45 -0.60 33.66 -8.85
C ARG H 45 0.85 33.70 -9.32
N VAL H 46 1.33 32.61 -9.92
CA VAL H 46 2.65 32.61 -10.55
C VAL H 46 2.58 32.93 -12.04
N LEU H 47 1.38 33.05 -12.61
CA LEU H 47 1.22 33.17 -14.05
C LEU H 47 0.10 34.14 -14.37
N LEU H 48 0.33 35.00 -15.36
CA LEU H 48 -0.70 35.86 -15.93
C LEU H 48 -0.81 35.57 -17.42
N VAL H 49 -2.02 35.31 -17.88
CA VAL H 49 -2.30 35.10 -19.30
C VAL H 49 -3.02 36.33 -19.83
N SER H 50 -2.62 36.78 -21.01
CA SER H 50 -3.19 37.97 -21.63
C SER H 50 -3.45 37.71 -23.11
N LEU H 51 -4.62 38.14 -23.57
CA LEU H 51 -5.05 37.93 -24.96
C LEU H 51 -5.53 39.25 -25.53
N GLU H 52 -5.10 39.53 -26.77
CA GLU H 52 -5.45 40.78 -27.44
C GLU H 52 -5.83 40.53 -28.89
N ILE H 53 -6.73 39.56 -29.12
CA ILE H 53 -7.20 39.30 -30.48
C ILE H 53 -7.65 40.61 -31.11
N GLY H 54 -7.17 40.87 -32.33
CA GLY H 54 -7.48 42.10 -33.02
C GLY H 54 -8.70 41.98 -33.92
N VAL H 55 -9.15 43.14 -34.41
CA VAL H 55 -10.32 43.18 -35.28
C VAL H 55 -10.02 42.50 -36.62
N GLU H 56 -8.79 42.65 -37.12
CA GLU H 56 -8.44 42.05 -38.40
C GLU H 56 -8.54 40.53 -38.35
N ALA H 57 -8.33 39.94 -37.18
CA ALA H 57 -8.37 38.49 -37.07
C ALA H 57 -9.75 37.95 -37.45
N PHE H 58 -10.81 38.61 -36.99
CA PHE H 58 -12.17 38.16 -37.31
C PHE H 58 -12.48 38.40 -38.78
N GLN H 59 -13.22 37.46 -39.38
CA GLN H 59 -13.72 37.70 -40.73
C GLN H 59 -14.63 38.93 -40.75
N GLU H 60 -15.50 39.05 -39.75
CA GLU H 60 -16.32 40.25 -39.60
C GLU H 60 -16.57 40.45 -38.11
N TYR H 61 -16.81 41.69 -37.71
CA TYR H 61 -16.88 42.00 -36.28
C TYR H 61 -17.61 43.32 -36.08
N ARG H 62 -18.45 43.39 -35.05
CA ARG H 62 -19.01 44.67 -34.64
C ARG H 62 -19.62 44.53 -33.25
N CYS H 63 -19.27 45.47 -32.37
CA CYS H 63 -19.83 45.55 -31.03
C CYS H 63 -19.80 47.02 -30.64
N ASP H 64 -20.94 47.69 -30.76
CA ASP H 64 -20.99 49.14 -30.58
C ASP H 64 -20.59 49.54 -29.16
N HIS H 65 -21.16 48.88 -28.16
CA HIS H 65 -20.89 49.20 -26.76
C HIS H 65 -20.07 48.11 -26.11
N PRO H 66 -18.96 48.42 -25.44
CA PRO H 66 -18.13 47.36 -24.86
C PRO H 66 -18.92 46.51 -23.89
N VAL H 67 -18.65 45.21 -23.91
CA VAL H 67 -19.35 44.25 -23.06
C VAL H 67 -18.36 43.24 -22.52
N THR H 68 -18.49 42.92 -21.24
CA THR H 68 -17.65 41.91 -20.59
C THR H 68 -18.42 40.62 -20.43
N LEU H 69 -17.86 39.53 -20.95
CA LEU H 69 -18.48 38.21 -20.90
C LEU H 69 -17.59 37.29 -20.09
N GLY H 70 -18.07 36.87 -18.92
CA GLY H 70 -17.34 35.94 -18.09
C GLY H 70 -17.78 34.52 -18.38
N MET H 71 -16.82 33.68 -18.76
CA MET H 71 -17.12 32.32 -19.20
C MET H 71 -16.08 31.35 -18.69
N ASP H 72 -16.49 30.10 -18.55
CA ASP H 72 -15.59 29.01 -18.22
C ASP H 72 -15.08 28.37 -19.51
N LEU H 73 -13.77 28.12 -19.55
CA LEU H 73 -13.14 27.65 -20.78
C LEU H 73 -13.41 26.17 -21.05
N THR H 74 -13.77 25.38 -20.03
CA THR H 74 -14.06 23.97 -20.27
C THR H 74 -15.30 23.80 -21.14
N SER H 75 -16.37 24.52 -20.82
CA SER H 75 -17.59 24.42 -21.61
C SER H 75 -17.37 24.93 -23.02
N LEU H 76 -16.62 26.03 -23.16
CA LEU H 76 -16.32 26.55 -24.49
C LEU H 76 -15.51 25.55 -25.30
N SER H 77 -14.54 24.89 -24.67
CA SER H 77 -13.76 23.87 -25.36
C SER H 77 -14.65 22.72 -25.79
N LYS H 78 -15.56 22.29 -24.93
CA LYS H 78 -16.48 21.21 -25.31
C LYS H 78 -17.34 21.61 -26.50
N ILE H 79 -17.88 22.84 -26.47
CA ILE H 79 -18.73 23.29 -27.57
C ILE H 79 -17.93 23.37 -28.86
N LEU H 80 -16.71 23.90 -28.80
CA LEU H 80 -15.86 23.98 -29.98
C LEU H 80 -15.54 22.60 -30.52
N ARG H 81 -15.29 21.63 -29.63
CA ARG H 81 -15.08 20.26 -30.06
C ARG H 81 -16.31 19.71 -30.78
N CYS H 82 -17.50 20.04 -30.27
CA CYS H 82 -18.73 19.61 -30.95
C CYS H 82 -18.79 20.18 -32.35
N GLY H 83 -18.15 21.31 -32.61
CA GLY H 83 -18.17 21.90 -33.93
C GLY H 83 -17.29 21.15 -34.92
N ASN H 84 -17.50 21.44 -36.19
CA ASN H 84 -16.76 20.81 -37.27
C ASN H 84 -15.50 21.61 -37.60
N ASN H 85 -14.56 20.93 -38.25
CA ASN H 85 -13.31 21.60 -38.62
C ASN H 85 -13.56 22.75 -39.59
N THR H 86 -14.39 22.53 -40.60
CA THR H 86 -14.69 23.55 -41.60
C THR H 86 -15.96 24.28 -41.16
N ASP H 87 -15.79 25.45 -40.55
CA ASP H 87 -16.91 26.25 -40.10
C ASP H 87 -16.46 27.68 -39.93
N THR H 88 -17.43 28.59 -39.90
CA THR H 88 -17.18 30.01 -39.64
C THR H 88 -17.88 30.32 -38.31
N LEU H 89 -17.18 30.09 -37.21
CA LEU H 89 -17.76 30.29 -35.89
C LEU H 89 -18.17 31.75 -35.70
N THR H 90 -19.38 31.95 -35.21
CA THR H 90 -19.93 33.28 -34.94
C THR H 90 -20.38 33.34 -33.49
N LEU H 91 -19.87 34.33 -32.77
CA LEU H 91 -20.28 34.62 -31.40
C LEU H 91 -21.26 35.78 -31.42
N ILE H 92 -22.41 35.59 -30.76
CA ILE H 92 -23.49 36.57 -30.75
C ILE H 92 -23.89 36.84 -29.31
N ALA H 93 -24.06 38.12 -28.97
CA ALA H 93 -24.47 38.52 -27.64
C ALA H 93 -25.28 39.81 -27.72
N ASP H 94 -26.17 40.01 -26.75
CA ASP H 94 -27.08 41.14 -26.70
C ASP H 94 -26.58 42.18 -25.68
N ASN H 95 -27.43 43.17 -25.41
CA ASN H 95 -27.03 44.27 -24.52
C ASN H 95 -26.70 43.78 -23.12
N THR H 96 -27.56 42.93 -22.56
CA THR H 96 -27.35 42.36 -21.23
C THR H 96 -27.53 40.86 -21.31
N PRO H 97 -26.54 40.15 -21.87
CA PRO H 97 -26.73 38.71 -22.16
C PRO H 97 -26.41 37.86 -20.94
N ASP H 98 -27.32 36.94 -20.63
CA ASP H 98 -27.05 35.88 -19.67
C ASP H 98 -26.39 34.68 -20.33
N SER H 99 -26.27 34.68 -21.66
CA SER H 99 -25.63 33.60 -22.39
C SER H 99 -25.15 34.15 -23.73
N ILE H 100 -24.25 33.40 -24.37
CA ILE H 100 -23.69 33.75 -25.66
C ILE H 100 -24.06 32.66 -26.65
N ILE H 101 -24.42 33.05 -27.86
CA ILE H 101 -24.85 32.13 -28.91
C ILE H 101 -23.69 31.86 -29.84
N LEU H 102 -23.43 30.59 -30.12
CA LEU H 102 -22.37 30.16 -31.01
C LEU H 102 -23.01 29.52 -32.24
N LEU H 103 -22.72 30.07 -33.42
CA LEU H 103 -23.24 29.58 -34.69
C LEU H 103 -22.08 28.99 -35.49
N PHE H 104 -22.20 27.72 -35.84
CA PHE H 104 -21.20 27.03 -36.65
C PHE H 104 -21.74 26.92 -38.07
N GLU H 105 -21.53 27.98 -38.85
CA GLU H 105 -22.01 28.05 -40.22
C GLU H 105 -20.95 27.45 -41.15
N ASP H 106 -21.26 26.28 -41.71
CA ASP H 106 -20.34 25.62 -42.62
C ASP H 106 -20.41 26.26 -44.01
N THR H 107 -19.43 25.90 -44.85
CA THR H 107 -19.42 26.41 -46.22
C THR H 107 -20.67 25.96 -46.97
N LYS H 108 -21.06 24.70 -46.80
CA LYS H 108 -22.30 24.20 -47.38
C LYS H 108 -23.47 24.64 -46.50
N LYS H 109 -24.47 25.28 -47.12
CA LYS H 109 -25.59 25.81 -46.36
C LYS H 109 -26.41 24.73 -45.67
N ASP H 110 -26.23 23.47 -46.07
CA ASP H 110 -27.01 22.38 -45.46
C ASP H 110 -26.68 22.25 -43.98
N ARG H 111 -25.41 22.37 -43.62
CA ARG H 111 -24.97 22.16 -42.23
C ARG H 111 -25.07 23.48 -41.47
N ILE H 112 -25.99 23.53 -40.52
CA ILE H 112 -26.13 24.68 -39.62
C ILE H 112 -26.32 24.14 -38.20
N ALA H 113 -25.55 24.69 -37.26
CA ALA H 113 -25.59 24.27 -35.86
C ALA H 113 -25.67 25.49 -34.97
N GLU H 114 -26.42 25.35 -33.87
CA GLU H 114 -26.63 26.43 -32.90
C GLU H 114 -26.33 25.91 -31.51
N TYR H 115 -25.55 26.67 -30.74
CA TYR H 115 -25.26 26.33 -29.36
C TYR H 115 -25.40 27.56 -28.49
N SER H 116 -25.69 27.35 -27.21
CA SER H 116 -25.82 28.42 -26.24
C SER H 116 -24.95 28.10 -25.04
N LEU H 117 -24.15 29.07 -24.61
CA LEU H 117 -23.24 28.91 -23.47
C LEU H 117 -23.57 29.97 -22.42
N LYS H 118 -23.93 29.52 -21.22
CA LYS H 118 -24.28 30.45 -20.16
C LYS H 118 -23.05 31.23 -19.71
N LEU H 119 -23.23 32.54 -19.54
CA LEU H 119 -22.15 33.40 -19.08
C LEU H 119 -22.01 33.30 -17.56
N MET H 120 -21.13 34.13 -17.00
CA MET H 120 -20.86 34.11 -15.57
C MET H 120 -20.51 35.51 -15.11
N ASP H 121 -20.64 35.71 -13.80
CA ASP H 121 -20.30 36.98 -13.15
C ASP H 121 -19.03 36.74 -12.33
N ILE H 122 -17.88 37.05 -12.92
CA ILE H 122 -16.58 36.82 -12.30
C ILE H 122 -16.05 38.16 -11.81
N ASP H 123 -15.73 38.24 -10.52
CA ASP H 123 -15.20 39.46 -9.92
C ASP H 123 -13.73 39.59 -10.33
N ALA H 124 -13.50 40.23 -11.46
CA ALA H 124 -12.16 40.43 -12.00
C ALA H 124 -11.76 41.88 -11.79
N ASP H 125 -10.61 42.09 -11.16
CA ASP H 125 -10.11 43.43 -10.89
C ASP H 125 -9.47 44.01 -12.15
N PHE H 126 -8.85 45.17 -12.03
CA PHE H 126 -8.21 45.85 -13.14
C PHE H 126 -6.70 45.71 -13.02
N LEU H 127 -6.06 45.31 -14.11
CA LEU H 127 -4.62 45.09 -14.16
C LEU H 127 -3.99 46.11 -15.10
N LYS H 128 -2.91 46.74 -14.65
CA LYS H 128 -2.18 47.74 -15.43
C LYS H 128 -0.83 47.14 -15.81
N ILE H 129 -0.73 46.65 -17.04
CA ILE H 129 0.49 46.02 -17.54
C ILE H 129 1.26 47.08 -18.31
N GLU H 130 2.24 47.69 -17.66
CA GLU H 130 3.07 48.71 -18.27
C GLU H 130 4.23 48.07 -19.01
N GLU H 131 4.59 48.66 -20.15
CA GLU H 131 5.74 48.18 -20.91
C GLU H 131 7.02 48.44 -20.12
N LEU H 132 7.95 47.49 -20.19
CA LEU H 132 9.20 47.57 -19.45
C LEU H 132 10.37 47.36 -20.39
N GLN H 133 11.50 47.96 -20.05
CA GLN H 133 12.74 47.80 -20.80
C GLN H 133 13.42 46.53 -20.28
N TYR H 134 13.21 45.42 -20.99
CA TYR H 134 13.72 44.14 -20.55
C TYR H 134 15.24 44.05 -20.75
N ASP H 135 15.88 43.22 -19.93
CA ASP H 135 17.32 43.04 -20.04
C ASP H 135 17.69 42.36 -21.34
N SER H 136 16.86 41.44 -21.82
CA SER H 136 17.13 40.77 -23.08
C SER H 136 15.81 40.40 -23.76
N THR H 137 15.86 40.35 -25.08
CA THR H 137 14.76 39.89 -25.91
C THR H 137 15.29 38.85 -26.88
N LEU H 138 14.48 37.83 -27.16
CA LEU H 138 14.88 36.81 -28.11
C LEU H 138 13.65 36.33 -28.85
N SER H 139 13.86 35.83 -30.06
CA SER H 139 12.79 35.27 -30.87
C SER H 139 13.32 34.02 -31.56
N LEU H 140 12.50 32.97 -31.56
CA LEU H 140 12.94 31.71 -32.15
C LEU H 140 11.71 30.89 -32.52
N PRO H 141 11.87 29.87 -33.38
CA PRO H 141 10.71 29.04 -33.74
C PRO H 141 10.14 28.30 -32.54
N SER H 142 8.83 28.05 -32.59
CA SER H 142 8.14 27.44 -31.47
C SER H 142 8.38 25.94 -31.39
N SER H 143 8.54 25.25 -32.52
CA SER H 143 8.83 23.83 -32.49
C SER H 143 10.13 23.56 -31.75
N GLU H 144 11.16 24.37 -32.04
CA GLU H 144 12.45 24.20 -31.37
C GLU H 144 12.33 24.43 -29.88
N PHE H 145 11.70 25.54 -29.49
CA PHE H 145 11.57 25.85 -28.07
C PHE H 145 10.80 24.74 -27.34
N SER H 146 9.70 24.30 -27.93
CA SER H 146 8.88 23.26 -27.30
C SER H 146 9.65 21.95 -27.19
N LYS H 147 10.41 21.58 -28.21
CA LYS H 147 11.21 20.35 -28.13
C LYS H 147 12.25 20.46 -27.03
N ILE H 148 12.88 21.63 -26.92
CA ILE H 148 13.85 21.85 -25.84
C ILE H 148 13.18 21.65 -24.48
N VAL H 149 12.01 22.24 -24.31
CA VAL H 149 11.33 22.16 -23.00
C VAL H 149 10.96 20.71 -22.69
N ARG H 150 10.41 20.00 -23.68
CA ARG H 150 10.02 18.61 -23.46
C ARG H 150 11.22 17.74 -23.12
N ASP H 151 12.34 17.95 -23.81
CA ASP H 151 13.53 17.15 -23.54
C ASP H 151 14.12 17.46 -22.16
N LEU H 152 14.20 18.74 -21.80
CA LEU H 152 14.84 19.11 -20.54
C LEU H 152 13.97 18.78 -19.34
N SER H 153 12.65 18.91 -19.48
CA SER H 153 11.75 18.60 -18.36
C SER H 153 11.90 17.15 -17.91
N GLN H 154 12.32 16.26 -18.82
CA GLN H 154 12.56 14.88 -18.43
C GLN H 154 13.74 14.74 -17.48
N LEU H 155 14.57 15.77 -17.36
CA LEU H 155 15.76 15.69 -16.52
C LEU H 155 15.60 16.37 -15.17
N SER H 156 14.71 17.35 -15.04
CA SER H 156 14.63 18.13 -13.82
C SER H 156 13.27 18.77 -13.70
N ASP H 157 12.97 19.25 -12.49
CA ASP H 157 11.74 20.00 -12.25
C ASP H 157 11.88 21.48 -12.57
N SER H 158 13.10 21.98 -12.76
CA SER H 158 13.34 23.39 -13.05
C SER H 158 14.23 23.52 -14.27
N ILE H 159 13.99 24.57 -15.05
CA ILE H 159 14.78 24.87 -16.23
C ILE H 159 15.33 26.28 -16.10
N ASN H 160 16.62 26.45 -16.37
CA ASN H 160 17.30 27.73 -16.29
C ASN H 160 17.52 28.27 -17.69
N ILE H 161 17.08 29.50 -17.91
CA ILE H 161 17.30 30.21 -19.17
C ILE H 161 18.34 31.29 -18.88
N MET H 162 19.45 31.25 -19.61
CA MET H 162 20.51 32.24 -19.51
C MET H 162 20.75 32.88 -20.87
N ILE H 163 20.96 34.19 -20.86
CA ILE H 163 21.28 34.95 -22.06
C ILE H 163 22.57 35.72 -21.79
N THR H 164 23.55 35.54 -22.69
CA THR H 164 24.75 36.35 -22.69
C THR H 164 25.09 36.66 -24.15
N LYS H 165 26.24 37.31 -24.34
CA LYS H 165 26.63 37.82 -25.65
C LYS H 165 26.58 36.72 -26.71
N GLU H 166 25.68 36.86 -27.68
CA GLU H 166 25.43 35.85 -28.71
C GLU H 166 25.45 34.44 -28.13
N THR H 167 24.64 34.22 -27.09
CA THR H 167 24.49 32.88 -26.53
C THR H 167 23.18 32.81 -25.76
N ILE H 168 22.32 31.87 -26.14
CA ILE H 168 21.09 31.55 -25.42
C ILE H 168 21.21 30.11 -24.93
N LYS H 169 21.10 29.92 -23.61
CA LYS H 169 21.39 28.65 -22.97
C LYS H 169 20.19 28.17 -22.16
N PHE H 170 19.70 26.98 -22.47
CA PHE H 170 18.67 26.31 -21.69
C PHE H 170 19.31 25.14 -20.95
N VAL H 171 19.22 25.15 -19.63
CA VAL H 171 19.90 24.15 -18.81
C VAL H 171 18.89 23.51 -17.87
N ALA H 172 19.13 22.23 -17.55
CA ALA H 172 18.35 21.54 -16.53
C ALA H 172 19.27 20.55 -15.82
N ASP H 173 19.31 20.62 -14.50
CA ASP H 173 20.15 19.75 -13.68
C ASP H 173 19.26 18.84 -12.84
N GLY H 174 19.65 17.57 -12.74
CA GLY H 174 18.79 16.58 -12.11
C GLY H 174 19.56 15.43 -11.52
N ASP H 175 18.80 14.45 -11.02
CA ASP H 175 19.40 13.33 -10.30
C ASP H 175 20.37 12.56 -11.18
N ILE H 176 19.97 12.24 -12.42
CA ILE H 176 20.82 11.44 -13.29
C ILE H 176 21.86 12.27 -14.02
N GLY H 177 21.72 13.58 -14.06
CA GLY H 177 22.68 14.41 -14.76
C GLY H 177 22.05 15.73 -15.18
N SER H 178 22.67 16.35 -16.18
CA SER H 178 22.25 17.66 -16.66
C SER H 178 22.18 17.65 -18.18
N GLY H 179 21.30 18.49 -18.69
CA GLY H 179 21.20 18.72 -20.12
C GLY H 179 21.25 20.20 -20.41
N SER H 180 21.87 20.54 -21.54
CA SER H 180 22.04 21.94 -21.93
C SER H 180 21.93 22.08 -23.44
N VAL H 181 21.25 23.13 -23.86
CA VAL H 181 21.13 23.51 -25.26
C VAL H 181 21.65 24.92 -25.40
N ILE H 182 22.54 25.14 -26.38
CA ILE H 182 23.09 26.45 -26.67
C ILE H 182 22.70 26.82 -28.09
N ILE H 183 21.97 27.93 -28.23
CA ILE H 183 21.60 28.50 -29.52
C ILE H 183 22.37 29.80 -29.69
N LYS H 184 22.63 30.16 -30.94
CA LYS H 184 23.33 31.40 -31.26
C LYS H 184 22.52 32.21 -32.25
N PRO H 185 22.67 33.54 -32.24
CA PRO H 185 21.92 34.37 -33.21
C PRO H 185 22.24 34.00 -34.64
N PHE H 186 21.26 33.47 -35.36
CA PHE H 186 21.45 33.01 -36.74
C PHE H 186 20.34 33.58 -37.62
N VAL H 187 20.71 33.97 -38.83
CA VAL H 187 19.78 34.54 -39.80
C VAL H 187 19.87 33.75 -41.09
N ASP H 188 18.72 33.32 -41.60
CA ASP H 188 18.62 32.58 -42.86
C ASP H 188 17.73 33.37 -43.81
N MET H 189 18.35 33.96 -44.83
CA MET H 189 17.58 34.75 -45.79
C MET H 189 16.59 33.89 -46.57
N GLU H 190 17.01 32.68 -46.96
CA GLU H 190 16.13 31.82 -47.73
C GLU H 190 14.93 31.35 -46.91
N HIS H 191 15.13 31.12 -45.60
CA HIS H 191 14.06 30.69 -44.70
C HIS H 191 14.09 31.59 -43.47
N PRO H 192 13.60 32.83 -43.59
CA PRO H 192 13.62 33.73 -42.43
C PRO H 192 12.82 33.22 -41.25
N GLU H 193 11.78 32.43 -41.47
CA GLU H 193 10.92 31.98 -40.38
C GLU H 193 11.67 31.14 -39.35
N THR H 194 12.78 30.52 -39.73
CA THR H 194 13.55 29.67 -38.84
C THR H 194 14.71 30.40 -38.17
N SER H 195 14.85 31.69 -38.39
CA SER H 195 15.98 32.43 -37.84
C SER H 195 15.85 32.55 -36.33
N ILE H 196 16.99 32.81 -35.69
CA ILE H 196 17.07 33.04 -34.25
C ILE H 196 17.58 34.47 -34.05
N LYS H 197 16.77 35.29 -33.39
CA LYS H 197 17.09 36.70 -33.20
C LYS H 197 17.29 36.98 -31.72
N LEU H 198 18.28 37.82 -31.41
CA LEU H 198 18.64 38.11 -30.03
C LEU H 198 19.05 39.57 -29.88
N GLU H 199 18.40 40.27 -28.96
CA GLU H 199 18.79 41.60 -28.53
C GLU H 199 19.20 41.52 -27.07
N MET H 200 20.44 41.92 -26.78
CA MET H 200 21.05 41.71 -25.47
C MET H 200 21.50 43.06 -24.92
N ASP H 201 20.98 43.42 -23.76
CA ASP H 201 21.37 44.63 -23.06
C ASP H 201 22.19 44.33 -21.80
N GLN H 202 21.76 43.36 -21.00
CA GLN H 202 22.51 42.89 -19.86
C GLN H 202 22.43 41.37 -19.82
N PRO H 203 23.46 40.70 -19.27
CA PRO H 203 23.34 39.26 -19.07
C PRO H 203 22.19 38.93 -18.15
N VAL H 204 21.50 37.83 -18.43
CA VAL H 204 20.35 37.41 -17.64
C VAL H 204 20.46 35.93 -17.33
N ASP H 205 20.05 35.53 -16.13
CA ASP H 205 19.83 34.13 -15.81
C ASP H 205 18.62 34.02 -14.91
N LEU H 206 17.72 33.10 -15.23
CA LEU H 206 16.52 32.90 -14.44
C LEU H 206 16.17 31.42 -14.45
N THR H 207 15.39 31.01 -13.46
CA THR H 207 14.96 29.62 -13.34
C THR H 207 13.44 29.58 -13.24
N PHE H 208 12.84 28.60 -13.90
CA PHE H 208 11.39 28.46 -13.95
C PHE H 208 10.99 27.02 -13.69
N GLY H 209 9.82 26.85 -13.08
CA GLY H 209 9.26 25.51 -12.92
C GLY H 209 8.98 24.87 -14.26
N ALA H 210 9.34 23.59 -14.38
CA ALA H 210 9.17 22.89 -15.65
C ALA H 210 7.71 22.75 -16.02
N LYS H 211 6.85 22.44 -15.04
CA LYS H 211 5.43 22.25 -15.34
C LYS H 211 4.85 23.50 -15.99
N TYR H 212 5.25 24.69 -15.52
CA TYR H 212 4.73 25.92 -16.09
C TYR H 212 5.16 26.10 -17.54
N LEU H 213 6.43 25.84 -17.84
CA LEU H 213 6.90 25.94 -19.22
C LEU H 213 6.21 24.91 -20.12
N LEU H 214 5.96 23.72 -19.57
CA LEU H 214 5.22 22.71 -20.31
C LEU H 214 3.83 23.21 -20.65
N ASP H 215 3.16 23.84 -19.69
CA ASP H 215 1.84 24.42 -19.97
C ASP H 215 1.94 25.51 -21.03
N ILE H 216 2.98 26.35 -20.93
CA ILE H 216 3.10 27.49 -21.84
C ILE H 216 3.32 27.03 -23.27
N ILE H 217 4.17 26.03 -23.50
CA ILE H 217 4.54 25.66 -24.85
C ILE H 217 3.33 25.18 -25.67
N LYS H 218 2.19 24.94 -25.03
CA LYS H 218 0.99 24.53 -25.76
C LYS H 218 0.49 25.61 -26.71
N GLY H 219 0.92 26.86 -26.51
CA GLY H 219 0.57 27.92 -27.43
C GLY H 219 1.35 27.94 -28.71
N SER H 220 2.33 27.04 -28.86
CA SER H 220 3.16 27.03 -30.05
C SER H 220 2.34 26.95 -31.33
N SER H 221 1.21 26.25 -31.29
CA SER H 221 0.40 26.09 -32.49
C SER H 221 -0.04 27.44 -33.04
N LEU H 222 -0.29 28.41 -32.18
CA LEU H 222 -0.81 29.70 -32.64
C LEU H 222 0.17 30.40 -33.57
N SER H 223 1.46 30.39 -33.21
CA SER H 223 2.47 31.16 -33.93
C SER H 223 3.68 30.28 -34.19
N ASP H 224 4.18 30.31 -35.43
CA ASP H 224 5.39 29.58 -35.76
C ASP H 224 6.62 30.13 -35.05
N ARG H 225 6.53 31.31 -34.44
CA ARG H 225 7.63 31.90 -33.72
C ARG H 225 7.17 32.36 -32.34
N VAL H 226 8.11 32.42 -31.41
CA VAL H 226 7.86 32.83 -30.03
C VAL H 226 8.90 33.86 -29.64
N GLY H 227 8.46 34.90 -28.95
CA GLY H 227 9.34 35.91 -28.40
C GLY H 227 9.40 35.74 -26.89
N ILE H 228 10.59 35.94 -26.34
CA ILE H 228 10.82 35.81 -24.91
C ILE H 228 11.58 37.04 -24.43
N ARG H 229 11.03 37.73 -23.44
CA ARG H 229 11.65 38.91 -22.86
C ARG H 229 11.96 38.63 -21.40
N LEU H 230 13.20 38.92 -20.99
CA LEU H 230 13.68 38.57 -19.66
C LEU H 230 14.33 39.78 -19.01
N SER H 231 14.01 39.98 -17.73
CA SER H 231 14.64 41.01 -16.91
C SER H 231 14.88 40.44 -15.51
N SER H 232 15.83 41.05 -14.80
CA SER H 232 16.22 40.52 -13.49
C SER H 232 15.10 40.66 -12.47
N GLU H 233 14.25 41.68 -12.59
CA GLU H 233 13.24 41.97 -11.59
C GLU H 233 11.81 41.74 -12.07
N ALA H 234 11.59 41.51 -13.36
CA ALA H 234 10.26 41.34 -13.90
C ALA H 234 9.94 39.87 -14.06
N PRO H 235 8.67 39.54 -14.33
CA PRO H 235 8.35 38.20 -14.81
C PRO H 235 8.85 38.02 -16.23
N ALA H 236 9.06 36.76 -16.62
CA ALA H 236 9.44 36.46 -17.99
C ALA H 236 8.22 36.51 -18.89
N LEU H 237 8.38 37.13 -20.05
CA LEU H 237 7.26 37.37 -20.98
C LEU H 237 7.42 36.47 -22.20
N PHE H 238 6.44 35.60 -22.44
CA PHE H 238 6.38 34.73 -23.59
C PHE H 238 5.25 35.17 -24.51
N GLN H 239 5.58 35.54 -25.73
CA GLN H 239 4.61 36.10 -26.68
C GLN H 239 4.51 35.23 -27.91
N PHE H 240 3.29 34.83 -28.25
CA PHE H 240 2.96 34.20 -29.52
C PHE H 240 2.11 35.17 -30.32
N ASP H 241 2.63 35.62 -31.45
CA ASP H 241 1.92 36.59 -32.28
C ASP H 241 0.81 35.92 -33.08
N LEU H 242 -0.24 36.68 -33.32
CA LEU H 242 -1.38 36.25 -34.11
C LEU H 242 -1.48 37.15 -35.34
N LYS H 243 -2.56 36.97 -36.12
CA LYS H 243 -2.75 37.78 -37.32
C LYS H 243 -2.72 39.27 -36.97
N SER H 244 -3.43 39.65 -35.90
CA SER H 244 -3.39 41.02 -35.41
C SER H 244 -3.27 41.12 -33.89
N GLY H 245 -3.52 40.05 -33.14
CA GLY H 245 -3.42 40.07 -31.70
C GLY H 245 -2.19 39.33 -31.19
N PHE H 246 -2.30 38.75 -29.99
CA PHE H 246 -1.21 37.95 -29.45
C PHE H 246 -1.70 37.21 -28.21
N LEU H 247 -1.02 36.09 -27.91
CA LEU H 247 -1.20 35.36 -26.68
C LEU H 247 0.06 35.53 -25.84
N GLN H 248 -0.12 35.97 -24.60
CA GLN H 248 0.96 36.48 -23.77
C GLN H 248 0.96 35.76 -22.44
N PHE H 249 2.15 35.36 -21.97
CA PHE H 249 2.31 34.68 -20.69
C PHE H 249 3.37 35.40 -19.87
N PHE H 250 2.98 35.90 -18.70
CA PHE H 250 3.90 36.47 -17.72
C PHE H 250 4.12 35.44 -16.63
N LEU H 251 5.34 34.90 -16.56
CA LEU H 251 5.65 33.80 -15.65
C LEU H 251 6.64 34.28 -14.58
N ALA H 252 6.27 34.09 -13.32
CA ALA H 252 7.18 34.40 -12.23
C ALA H 252 8.26 33.33 -12.12
N PRO H 253 9.50 33.70 -11.79
CA PRO H 253 10.56 32.72 -11.62
C PRO H 253 10.52 32.09 -10.22
N LYS H 254 11.31 31.02 -10.07
CA LYS H 254 11.44 30.38 -8.78
C LYS H 254 12.21 31.27 -7.81
N PHE H 255 11.85 31.17 -6.53
CA PHE H 255 12.56 31.95 -5.52
C PHE H 255 13.98 31.43 -5.39
N ASN H 256 14.95 32.34 -5.48
CA ASN H 256 16.37 31.98 -5.39
C ASN H 256 16.74 31.90 -3.91
N ASP H 257 16.65 30.70 -3.35
CA ASP H 257 16.98 30.52 -1.94
C ASP H 257 18.46 30.77 -1.67
N GLU H 258 19.34 30.31 -2.55
CA GLU H 258 20.77 30.43 -2.31
C GLU H 258 21.18 31.89 -2.24
N GLU H 259 20.77 32.69 -3.23
CA GLU H 259 21.16 34.09 -3.28
C GLU H 259 20.17 34.97 -2.53
PG AGS L . -21.88 -28.74 -2.08
S1G AGS L . -20.32 -28.55 -0.98
O2G AGS L . -21.48 -28.82 -3.69
O3G AGS L . -22.93 -27.45 -1.83
PB AGS L . -24.04 -30.67 -2.32
O1B AGS L . -24.23 -30.10 -3.71
O2B AGS L . -25.18 -30.22 -1.44
O3B AGS L . -22.61 -30.14 -1.67
PA AGS L . -24.07 -33.22 -3.65
O1A AGS L . -23.15 -32.73 -4.73
O2A AGS L . -25.48 -33.16 -4.17
O3A AGS L . -23.98 -32.29 -2.35
O5' AGS L . -23.70 -34.78 -3.19
C5' AGS L . -22.41 -35.26 -3.31
C4' AGS L . -22.39 -36.72 -2.98
O4' AGS L . -22.56 -36.91 -1.69
C3' AGS L . -23.68 -37.47 -3.74
O3' AGS L . -23.28 -37.91 -5.10
C2' AGS L . -23.95 -38.44 -3.01
O2' AGS L . -23.04 -39.57 -3.27
C1' AGS L . -23.71 -37.88 -1.53
N9 AGS L . -24.76 -37.23 -1.03
C8 AGS L . -24.94 -35.99 -0.62
N7 AGS L . -26.20 -35.86 -0.20
C5 AGS L . -26.80 -37.04 -0.34
C6 AGS L . -28.08 -37.45 -0.06
N6 AGS L . -29.16 -36.62 0.50
N1 AGS L . -28.44 -38.70 -0.29
C2 AGS L . -27.55 -39.56 -0.80
N3 AGS L . -26.29 -39.16 -1.08
C4 AGS L . -25.93 -37.89 -0.84
HOG2 AGS L . -20.74 -28.39 -3.82
H21 AGS L . -22.50 -26.72 -1.86
H5'1 AGS L . -21.82 -34.78 -2.69
H5'2 AGS L . -22.09 -35.13 -4.21
H4' AGS L . -21.56 -37.13 -3.27
H3' AGS L . -24.44 -36.88 -3.79
H2' AGS L . -24.87 -38.71 -3.14
HO2' AGS L . -23.49 -40.28 -3.44
H1' AGS L . -23.44 -38.60 -0.93
H8 AGS L . -24.30 -35.31 -0.63
HN61 AGS L . -29.39 -35.90 0.10
HN62 AGS L . -29.55 -36.85 1.23
H2 AGS L . -27.80 -40.44 -0.96
MG MG M . -22.73 -29.11 -5.22
MG MG N . 6.30 -29.95 2.82
PG AGS O . 6.53 -28.65 5.80
S1G AGS O . 7.41 -27.24 6.77
O2G AGS O . 6.70 -28.41 4.17
O3G AGS O . 4.91 -28.73 6.19
PB AGS O . 6.83 -31.55 5.71
O1B AGS O . 5.79 -32.14 6.64
O2B AGS O . 6.29 -31.51 4.29
O3B AGS O . 7.28 -30.05 6.20
PA AGS O . 8.84 -33.34 4.67
O1A AGS O . 7.90 -34.44 4.30
O2A AGS O . 9.15 -32.50 3.46
O3A AGS O . 8.18 -32.43 5.82
O5' AGS O . 10.25 -33.96 5.31
C5' AGS O . 11.41 -33.18 5.31
C4' AGS O . 12.58 -34.04 5.65
O4' AGS O . 12.60 -34.34 6.92
C3' AGS O . 12.48 -35.47 4.80
O3' AGS O . 13.29 -35.34 3.56
C2' AGS O . 12.95 -36.35 5.55
O2' AGS O . 14.42 -36.44 5.39
C1' AGS O . 12.61 -35.85 7.04
N9 AGS O . 11.44 -36.24 7.52
C8 AGS O . 10.37 -35.55 7.88
N7 AGS O . 9.46 -36.40 8.32
C5 AGS O . 9.97 -37.64 8.25
C6 AGS O . 9.44 -38.88 8.57
N6 AGS O . 8.10 -39.12 9.12
N1 AGS O . 10.16 -39.96 8.39
C2 AGS O . 11.40 -39.87 7.89
N3 AGS O . 11.92 -38.66 7.56
C4 AGS O . 11.20 -37.54 7.75
HOG2 AGS O . 6.76 -27.58 4.02
H21 AGS O . 4.45 -28.70 5.48
H5'1 AGS O . 11.31 -32.48 5.97
H5'2 AGS O . 11.53 -32.80 4.44
H4' AGS O . 13.40 -33.58 5.41
H3' AGS O . 11.57 -35.69 4.58
HO3' AGS O . 13.17 -34.57 3.22
H2' AGS O . 12.53 -37.21 5.37
HO2' AGS O . 14.63 -37.25 5.19
H1' AGS O . 13.33 -36.12 7.64
H8 AGS O . 10.28 -34.63 7.83
HN61 AGS O . 8.02 -39.45 9.90
HN62 AGS O . 7.41 -38.93 8.66
H2 AGS O . 11.91 -40.63 7.76
MG MG P . 24.74 -7.74 8.89
PG AGS Q . 23.66 -6.67 11.62
S1G AGS Q . 22.89 -5.15 12.51
O2G AGS Q . 23.65 -6.42 9.98
O3G AGS Q . 22.83 -8.08 12.00
PB AGS Q . 26.28 -7.96 11.62
O1B AGS Q . 26.24 -9.16 12.55
O2B AGS Q . 26.00 -8.38 10.19
O3B AGS Q . 25.21 -6.80 12.12
PA AGS Q . 28.91 -7.27 10.65
O1A AGS Q . 29.33 -8.68 10.44
O2A AGS Q . 28.47 -6.65 9.36
O3A AGS Q . 27.72 -7.22 11.73
O5' AGS Q . 30.15 -6.40 11.35
C5' AGS Q . 30.12 -5.02 11.38
C4' AGS Q . 31.46 -4.53 11.79
O4' AGS Q . 31.64 -4.71 13.08
C3' AGS Q . 32.63 -5.42 11.00
O3' AGS Q . 33.00 -4.71 9.75
C2' AGS Q . 33.57 -5.51 11.80
O2' AGS Q . 34.46 -4.32 11.73
C1' AGS Q . 32.88 -5.55 13.25
N9 AGS Q . 32.53 -6.76 13.72
C8 AGS Q . 31.34 -7.24 14.06
N7 AGS Q . 31.50 -8.49 14.51
C5 AGS Q . 32.81 -8.77 14.44
C6 AGS Q . 33.50 -9.91 14.78
N6 AGS Q . 32.95 -11.15 15.31
N1 AGS Q . 34.81 -9.94 14.62
C2 AGS Q . 35.46 -8.86 14.14
N3 AGS Q . 34.77 -7.75 13.81
C4 AGS Q . 33.44 -7.71 13.97
HOG2 AGS Q . 23.23 -5.70 9.81
H21 AGS Q . 22.03 -8.01 11.75
H5'1 AGS Q . 29.91 -4.68 10.49
H5'2 AGS Q . 29.44 -4.71 12.01
H4' AGS Q . 31.56 -3.59 11.59
H3' AGS Q . 32.29 -6.31 10.79
HO3' AGS Q . 32.70 -5.14 9.08
H2' AGS Q . 34.07 -6.32 11.64
HO2' AGS Q . 35.26 -4.57 11.65
H1' AGS Q . 33.47 -5.12 13.90
H8 AGS Q . 30.53 -6.79 14.00
HN61 AGS Q . 33.05 -11.34 16.14
HN62 AGS Q . 32.52 -11.69 14.79
H2 AGS Q . 36.37 -8.89 14.03
MG MG R . 16.84 20.72 13.05
PG AGS S . 15.45 20.69 15.74
S1G AGS S . 13.82 21.14 16.64
O2G AGS S . 15.20 20.71 14.10
O3G AGS S . 16.02 19.20 16.20
PB AGS S . 18.13 21.89 15.71
O1B AGS S . 18.97 21.09 16.69
O2B AGS S . 18.33 21.37 14.29
O3B AGS S . 16.53 21.86 16.11
PA AGS S . 19.19 24.35 14.67
O1A AGS S . 20.55 23.80 14.36
O2A AGS S . 18.34 24.38 13.44
O3A AGS S . 18.53 23.45 15.83
O5' AGS S . 19.32 25.88 15.34
C5' AGS S . 18.23 26.73 15.31
C4' AGS S . 18.68 28.11 15.62
O4' AGS S . 18.87 28.24 16.92
C3' AGS S . 20.14 28.40 14.87
O3' AGS S . 19.88 29.05 13.56
C2' AGS S . 20.76 29.14 15.66
O2' AGS S . 20.38 30.56 15.47
C1' AGS S . 20.30 28.67 17.12
N9 AGS S . 20.99 27.67 17.64
C8 AGS S . 20.64 26.46 18.08
N7 AGS S . 21.72 25.84 18.54
C5 AGS S . 22.76 26.66 18.39
C6 AGS S . 24.09 26.51 18.69
N6 AGS S . 24.73 25.33 19.29
N1 AGS S . 24.94 27.50 18.44
C2 AGS S . 24.49 28.64 17.89
N3 AGS S . 23.18 28.77 17.59
C4 AGS S . 22.32 27.78 17.85
HOG2 AGS S . 14.36 20.74 13.95
H21 AGS S . 15.98 18.66 15.54
H5'1 AGS S . 17.57 26.44 15.95
H5'2 AGS S . 17.84 26.71 14.41
H4' AGS S . 18.02 28.75 15.32
H3' AGS S . 20.64 27.58 14.75
HO3' AGS S . 19.91 29.90 13.66
H2' AGS S . 21.72 29.03 15.54
HO2' AGS S . 21.07 31.04 15.36
H1' AGS S . 20.32 29.43 17.73
H8 AGS S . 19.78 26.12 18.07
HN61 AGS S . 24.78 24.60 18.84
HN62 AGS S . 25.06 25.38 20.08
H2 AGS S . 25.08 29.33 17.71
PB GDP T . -11.59 32.81 17.49
O1B GDP T . -10.69 33.08 18.65
O2B GDP T . -12.21 31.44 17.63
O3B GDP T . -10.82 32.89 16.20
O3A GDP T . -12.81 33.92 17.52
PA GDP T . -13.12 35.03 16.37
O1A GDP T . -11.86 35.72 15.91
O2A GDP T . -13.78 34.35 15.20
O5' GDP T . -14.15 36.14 17.03
C5' GDP T . -15.50 35.83 17.21
C4' GDP T . -16.36 37.06 17.00
O4' GDP T . -16.16 38.08 18.24
C3' GDP T . -16.02 37.73 15.92
O3' GDP T . -16.86 37.29 14.76
C2' GDP T . -16.31 39.21 16.25
O2' GDP T . -17.59 39.51 15.91
C1' GDP T . -16.14 39.30 17.78
N9 GDP T . -14.87 39.92 18.20
C8 GDP T . -13.65 39.37 18.38
N7 GDP T . -12.84 40.35 18.81
C5 GDP T . -13.53 41.48 18.89
C6 GDP T . -13.15 42.91 19.30
O6 GDP T . -12.04 43.15 19.63
N1 GDP T . -14.12 43.94 19.28
C2 GDP T . -15.47 43.64 18.88
N2 GDP T . -16.47 44.69 18.86
N3 GDP T . -15.84 42.28 18.49
C4 GDP T . -14.81 41.21 18.51
H5' GDP T . -15.76 35.14 16.59
H5'' GDP T . -15.63 35.50 18.11
H4' GDP T . -17.29 36.81 16.93
H3' GDP T . -15.08 37.62 15.71
HO3' GDP T . -16.86 36.44 14.71
H2' GDP T . -15.68 39.78 15.80
HO2' GDP T . -17.58 40.21 15.41
H1' GDP T . -16.88 39.80 18.15
H8 GDP T . -13.43 38.48 18.25
HN1 GDP T . -13.91 44.74 19.51
HN21 GDP T . -16.27 45.49 19.09
HN22 GDP T . -17.28 44.51 18.63
#